data_8FUL
#
_entry.id   8FUL
#
_cell.length_a   82.772
_cell.length_b   231.403
_cell.length_c   144.997
_cell.angle_alpha   90.000
_cell.angle_beta   92.169
_cell.angle_gamma   90.000
#
_symmetry.space_group_name_H-M   'I 1 2 1'
#
loop_
_entity.id
_entity.type
_entity.pdbx_description
1 polymer Amidohydrolase
2 polymer Amidohydrolase
3 polymer Amidohydrolase
4 non-polymer 'FE (III) ION'
5 non-polymer GLYCEROL
6 non-polymer 'MAGNESIUM ION'
7 water water
#
loop_
_entity_poly.entity_id
_entity_poly.type
_entity_poly.pdbx_seq_one_letter_code
_entity_poly.pdbx_strand_id
1 'polypeptide(L)'
;MGHHHHHHSGENLYFQSGGMVAPTSNPGVPDELDGVPAVVDCDVHAVLPSPHSLIPYLDEYWADQLVAQLAPTYEPNYHP
RGSAIAQHSDASVDENGRAATTAENLVKDVFADGFTDFAVVNCLYGVQQIHQPRREMAHARALNHWIANEWLDKDDRLRA
SIVVPQGSPRAAAEEIDFWSGDKRFVQVLLLGQSELLYGREINWPIWEAAEAAGLPVTLHIGGVFRQAPTSVGWPASHLE
WYVGQQSNIEAQLNSIISEGILQKFPKTKILLSELGFNWLPPFMWKFDKLWKSYRPDIPWVQESPLELIREHVRVTTSPS
DGAEEAGRLDSIVDRLGSDRMLVYSSDYPHKHHSGPRDIENGTHSPELLDRIYRRNAFDLYNLVVPSPGKVG
;
A,C,E,G
2 'polypeptide(L)'
;MTIIEHGSLGTLPAPSVTTGIVDADIHPVPQDGALEPYLDDRWKKHIREYGVRTTTGLQFISEYPQMYGGAMRADAWPES
GYPGSDRELLRTQLLDKHNIQLGVLQCLAPGGQTLNPAGQALNQELAAALCRATNDWQLEHLVYPDPRMRAAIPVTFETP
DYAVAEIERVGADPGVVAVLGTSKTLEPLGSRKYWPIYEASVAQNLPIQFHLSQGGGHANTGTGWTSYHTEYHTGHVQSF
QSQLLSLVLSGTFDRFPTLKVMFVEGNVAHFAPLIQRMDYTWETLRGELPDLQRKPSEYIRDHIWASTQPIDEPEKPEHL
AELLEEFCGDNVVFATDYPHFDFDDPETAFPRSFPVDLRDKILRGNGMRFFGVTNQAD
;
B,D
3 'polypeptide(L)'
;MTIIEHGSLGTLPAPSVTTGIVDADIHPVPQDGALEPYLDDRWKKHIREYGVRTTTGLQFISEYPQMYGGAMRADAWPES
GYPGSDRELLRTQLLDKHNIQLGVLQCLAPGGQTLNPAGQALNQELAAALCRATNDWQLEHLVYPDPRMRAAIPVTFETP
DYAVAEIERVGADPGVVAVLGTSKTLEPLGSRKYWPIYEASVAQNLPIQFHLSQGGGHANTGTGWTSYHTEYHTGHVQSF
QSQLLSLVLSGTFDRFPTLKVMFVEGNVAHFAPLIQRMDYTWETLRGELPDLQRKPSEYIRDHIWASTQPIDEPEKPEHL
AELLEEF(CSO)GDNVVFATDYPHFDFDDPETAFPRSFPVDLRDKILRGNGMRFFGVTNQAD
;
F,H
#
loop_
_chem_comp.id
_chem_comp.type
_chem_comp.name
_chem_comp.formula
FE non-polymer 'FE (III) ION' 'Fe 3'
GOL non-polymer GLYCEROL 'C3 H8 O3'
MG non-polymer 'MAGNESIUM ION' 'Mg 2'
#
# COMPACT_ATOMS: atom_id res chain seq x y z
N VAL A 36 38.90 45.88 3.37
CA VAL A 36 37.49 45.45 3.38
C VAL A 36 37.37 43.93 3.43
N PRO A 37 36.53 43.39 4.32
CA PRO A 37 36.38 41.93 4.41
C PRO A 37 35.76 41.35 3.15
N ALA A 38 36.30 40.20 2.73
CA ALA A 38 36.05 39.64 1.41
C ALA A 38 34.87 38.69 1.40
N VAL A 39 34.20 38.60 0.25
CA VAL A 39 33.12 37.64 0.00
C VAL A 39 33.70 36.23 -0.08
N VAL A 40 33.55 35.46 1.00
CA VAL A 40 34.05 34.09 1.10
C VAL A 40 32.89 33.13 0.93
N ASP A 41 32.96 32.29 -0.10
CA ASP A 41 32.12 31.10 -0.20
C ASP A 41 32.69 30.07 0.78
N CYS A 42 31.98 29.82 1.87
CA CYS A 42 32.60 29.13 2.97
C CYS A 42 32.55 27.63 2.84
N ASP A 43 32.01 27.09 1.75
CA ASP A 43 31.92 25.63 1.61
C ASP A 43 31.68 25.29 0.13
N VAL A 44 32.73 24.81 -0.53
CA VAL A 44 32.68 24.30 -1.90
C VAL A 44 33.49 23.01 -1.85
N HIS A 45 33.28 22.14 -2.84
CA HIS A 45 33.82 20.79 -2.74
C HIS A 45 34.77 20.46 -3.86
N ALA A 46 35.89 19.84 -3.48
CA ALA A 46 36.78 19.11 -4.38
C ALA A 46 36.46 17.62 -4.27
N VAL A 47 36.31 16.96 -5.41
CA VAL A 47 35.96 15.55 -5.45
C VAL A 47 37.14 14.76 -6.00
N LEU A 48 37.56 13.74 -5.27
CA LEU A 48 38.72 12.95 -5.70
C LEU A 48 38.35 12.10 -6.90
N PRO A 49 39.06 12.24 -8.04
CA PRO A 49 38.70 11.45 -9.22
C PRO A 49 38.77 9.95 -8.99
N SER A 50 39.86 9.45 -8.42
CA SER A 50 39.97 8.06 -8.02
C SER A 50 41.12 7.96 -7.03
N PRO A 51 41.26 6.82 -6.34
CA PRO A 51 42.39 6.68 -5.39
C PRO A 51 43.76 6.83 -6.04
N HIS A 52 43.87 6.61 -7.34
CA HIS A 52 45.16 6.76 -8.01
C HIS A 52 45.68 8.18 -7.93
N SER A 53 44.79 9.16 -7.89
CA SER A 53 45.28 10.53 -7.76
C SER A 53 46.14 10.69 -6.49
N LEU A 54 46.04 9.75 -5.55
CA LEU A 54 46.80 9.83 -4.31
C LEU A 54 48.24 9.36 -4.45
N ILE A 55 48.54 8.57 -5.49
CA ILE A 55 49.83 7.85 -5.54
C ILE A 55 51.04 8.77 -5.46
N PRO A 56 51.11 9.90 -6.18
CA PRO A 56 52.30 10.78 -6.09
C PRO A 56 52.54 11.42 -4.73
N TYR A 57 51.64 11.22 -3.77
CA TYR A 57 51.73 11.83 -2.45
C TYR A 57 51.81 10.78 -1.34
N LEU A 58 51.84 9.50 -1.69
CA LEU A 58 52.02 8.39 -0.76
C LEU A 58 53.40 7.79 -0.92
N ASP A 59 53.96 7.32 0.19
CA ASP A 59 55.16 6.52 0.17
C ASP A 59 54.96 5.25 -0.66
N GLU A 60 56.09 4.71 -1.16
CA GLU A 60 56.01 3.52 -2.02
C GLU A 60 55.31 2.37 -1.33
N TYR A 61 55.47 2.24 -0.02
CA TYR A 61 54.80 1.15 0.70
C TYR A 61 53.29 1.26 0.54
N TRP A 62 52.73 2.45 0.74
CA TRP A 62 51.30 2.67 0.52
C TRP A 62 50.94 2.76 -0.96
N ALA A 63 51.86 3.25 -1.79
CA ALA A 63 51.60 3.32 -3.22
C ALA A 63 51.56 1.92 -3.82
N ASP A 64 52.56 1.09 -3.53
CA ASP A 64 52.50 -0.31 -3.92
C ASP A 64 51.27 -0.97 -3.34
N GLN A 65 51.05 -0.78 -2.03
CA GLN A 65 49.95 -1.45 -1.34
C GLN A 65 48.61 -1.11 -1.97
N LEU A 66 48.49 0.10 -2.51
CA LEU A 66 47.23 0.54 -3.10
C LEU A 66 46.94 -0.19 -4.40
N VAL A 67 47.94 -0.30 -5.28
CA VAL A 67 47.73 -0.91 -6.60
C VAL A 67 47.43 -2.41 -6.46
N ALA A 68 47.99 -3.07 -5.43
CA ALA A 68 47.83 -4.51 -5.24
C ALA A 68 46.52 -4.86 -4.55
N GLN A 69 45.92 -3.93 -3.79
CA GLN A 69 44.54 -4.00 -3.34
C GLN A 69 43.55 -3.81 -4.47
N LEU A 70 44.05 -3.48 -5.67
CA LEU A 70 43.28 -3.08 -6.85
C LEU A 70 42.57 -1.75 -6.63
N ALA A 71 43.09 -0.97 -5.67
CA ALA A 71 42.69 0.41 -5.43
C ALA A 71 41.20 0.54 -5.11
N PRO A 72 40.75 -0.02 -3.98
CA PRO A 72 39.37 0.24 -3.57
C PRO A 72 39.21 1.72 -3.29
N THR A 73 38.10 2.29 -3.72
CA THR A 73 37.90 3.72 -3.57
C THR A 73 37.05 3.99 -2.35
N TYR A 74 37.51 4.91 -1.50
CA TYR A 74 36.74 5.33 -0.34
C TYR A 74 35.81 6.51 -0.65
N GLU A 75 35.28 6.53 -1.87
CA GLU A 75 34.33 7.54 -2.26
C GLU A 75 33.09 7.42 -1.39
N PRO A 76 32.76 8.45 -0.60
CA PRO A 76 31.66 8.33 0.38
C PRO A 76 30.31 8.27 -0.33
N ASN A 77 29.28 7.98 0.46
CA ASN A 77 27.92 7.94 -0.07
C ASN A 77 27.07 9.12 0.38
N TYR A 78 27.71 10.19 0.90
CA TYR A 78 26.96 11.32 1.44
C TYR A 78 26.23 12.09 0.36
N HIS A 79 26.76 12.07 -0.87
CA HIS A 79 26.11 12.68 -2.03
C HIS A 79 26.32 11.69 -3.16
N PRO A 80 25.45 10.69 -3.29
CA PRO A 80 25.69 9.64 -4.28
C PRO A 80 25.89 10.26 -5.65
N ARG A 81 26.93 9.79 -6.34
CA ARG A 81 27.39 10.52 -7.52
C ARG A 81 26.31 10.59 -8.60
N GLY A 82 25.37 9.64 -8.62
CA GLY A 82 24.32 9.66 -9.62
C GLY A 82 23.01 10.24 -9.15
N SER A 83 22.95 10.84 -7.97
CA SER A 83 21.70 11.36 -7.42
C SER A 83 21.57 12.85 -7.67
N ALA A 84 20.37 13.36 -7.38
CA ALA A 84 20.04 14.72 -7.80
C ALA A 84 20.95 15.74 -7.12
N ILE A 85 21.38 15.46 -5.89
CA ILE A 85 22.13 16.45 -5.13
C ILE A 85 23.60 16.52 -5.51
N ALA A 86 24.12 15.58 -6.29
CA ALA A 86 25.56 15.53 -6.50
C ALA A 86 26.06 16.78 -7.21
N GLN A 87 25.25 17.33 -8.11
CA GLN A 87 25.68 18.47 -8.92
C GLN A 87 24.48 19.03 -9.66
N HIS A 88 24.44 20.36 -9.76
CA HIS A 88 23.41 20.95 -10.59
C HIS A 88 23.79 20.77 -12.05
N SER A 89 22.77 20.70 -12.91
CA SER A 89 22.95 20.52 -14.34
C SER A 89 23.85 21.58 -14.98
N ASP A 90 24.10 22.70 -14.31
CA ASP A 90 24.97 23.75 -14.86
C ASP A 90 26.44 23.56 -14.52
N ALA A 91 26.77 22.63 -13.63
CA ALA A 91 28.15 22.43 -13.22
C ALA A 91 28.93 21.75 -14.33
N SER A 92 30.14 22.25 -14.58
CA SER A 92 31.01 21.57 -15.54
C SER A 92 31.38 20.18 -14.99
N VAL A 93 31.49 19.22 -15.90
CA VAL A 93 31.73 17.82 -15.54
C VAL A 93 32.99 17.33 -16.23
N ASP A 94 33.39 16.10 -15.89
CA ASP A 94 34.54 15.46 -16.52
C ASP A 94 34.12 14.36 -17.49
N GLU A 95 35.10 13.54 -17.89
CA GLU A 95 34.87 12.49 -18.85
C GLU A 95 33.87 11.46 -18.34
N ASN A 96 33.69 11.35 -17.02
CA ASN A 96 32.69 10.45 -16.43
C ASN A 96 31.43 11.18 -15.96
N GLY A 97 31.26 12.45 -16.30
CA GLY A 97 30.05 13.15 -15.91
C GLY A 97 30.05 13.70 -14.50
N ARG A 98 31.18 13.70 -13.84
CA ARG A 98 31.28 14.17 -12.47
C ARG A 98 31.78 15.60 -12.45
N ALA A 99 31.27 16.36 -11.49
CA ALA A 99 31.70 17.74 -11.28
C ALA A 99 32.78 17.81 -10.19
N ALA A 100 33.53 18.90 -10.22
CA ALA A 100 34.45 19.29 -9.14
C ALA A 100 35.55 18.26 -8.91
N THR A 101 35.96 17.56 -9.98
CA THR A 101 37.15 16.71 -9.91
C THR A 101 38.43 17.44 -10.30
N THR A 102 38.34 18.65 -10.85
CA THR A 102 39.52 19.47 -11.15
C THR A 102 39.27 20.89 -10.68
N ALA A 103 40.37 21.59 -10.37
CA ALA A 103 40.28 22.95 -9.86
C ALA A 103 39.80 23.91 -10.95
N GLU A 104 40.23 23.68 -12.19
CA GLU A 104 39.84 24.56 -13.28
C GLU A 104 38.33 24.51 -13.52
N ASN A 105 37.72 23.34 -13.37
CA ASN A 105 36.26 23.24 -13.52
C ASN A 105 35.53 23.94 -12.38
N LEU A 106 35.98 23.73 -11.14
CA LEU A 106 35.38 24.39 -9.99
C LEU A 106 35.57 25.90 -10.04
N VAL A 107 36.81 26.33 -10.29
CA VAL A 107 37.10 27.76 -10.29
C VAL A 107 36.32 28.46 -11.39
N LYS A 108 36.29 27.87 -12.60
CA LYS A 108 35.41 28.32 -13.67
C LYS A 108 34.00 28.58 -13.17
N ASP A 109 33.41 27.59 -12.50
CA ASP A 109 32.00 27.68 -12.15
C ASP A 109 31.77 28.65 -10.99
N VAL A 110 32.63 28.58 -9.95
CA VAL A 110 32.38 29.33 -8.71
C VAL A 110 32.60 30.84 -8.89
N PHE A 111 33.56 31.24 -9.74
CA PHE A 111 33.93 32.64 -9.83
C PHE A 111 33.45 33.31 -11.10
N ALA A 112 32.69 32.58 -11.94
CA ALA A 112 32.32 33.07 -13.27
C ALA A 112 31.72 34.47 -13.23
N ASP A 113 30.93 34.78 -12.20
CA ASP A 113 30.15 36.02 -12.18
C ASP A 113 30.76 37.10 -11.31
N GLY A 114 31.96 36.87 -10.77
CA GLY A 114 32.70 37.91 -10.11
C GLY A 114 32.23 38.24 -8.71
N PHE A 115 31.14 37.64 -8.25
CA PHE A 115 30.66 37.91 -6.91
C PHE A 115 31.64 37.44 -5.86
N THR A 116 32.21 36.24 -6.02
CA THR A 116 32.99 35.61 -4.96
C THR A 116 34.47 35.98 -5.03
N ASP A 117 35.06 36.22 -3.86
CA ASP A 117 36.45 36.56 -3.69
C ASP A 117 37.31 35.36 -3.28
N PHE A 118 36.83 34.54 -2.35
CA PHE A 118 37.52 33.32 -1.96
C PHE A 118 36.51 32.20 -1.81
N ALA A 119 36.99 30.96 -1.88
CA ALA A 119 36.14 29.80 -1.67
C ALA A 119 36.92 28.77 -0.85
N VAL A 120 36.25 28.19 0.15
CA VAL A 120 36.87 27.28 1.11
C VAL A 120 36.53 25.87 0.65
N VAL A 121 37.54 25.15 0.21
CA VAL A 121 37.38 23.88 -0.47
C VAL A 121 37.47 22.76 0.57
N ASN A 122 36.44 21.90 0.61
CA ASN A 122 36.38 20.72 1.47
C ASN A 122 36.35 19.49 0.58
N CYS A 123 37.29 18.57 0.80
CA CYS A 123 37.28 17.28 0.12
C CYS A 123 36.74 16.21 1.07
N LEU A 124 35.67 15.55 0.68
CA LEU A 124 34.96 14.61 1.54
C LEU A 124 35.38 13.16 1.32
N TYR A 125 36.45 12.92 0.55
CA TYR A 125 36.89 11.56 0.30
C TYR A 125 37.05 10.84 1.64
N GLY A 126 36.56 9.60 1.69
CA GLY A 126 36.33 8.90 2.96
C GLY A 126 37.53 8.32 3.69
N VAL A 127 38.62 9.09 3.77
CA VAL A 127 39.77 8.62 4.52
C VAL A 127 39.40 8.30 5.97
N GLN A 128 38.42 9.01 6.53
CA GLN A 128 38.01 8.73 7.91
C GLN A 128 37.25 7.40 8.06
N GLN A 129 36.87 6.75 6.95
CA GLN A 129 36.29 5.41 7.01
C GLN A 129 37.32 4.30 6.71
N ILE A 130 38.59 4.64 6.52
CA ILE A 130 39.65 3.64 6.52
C ILE A 130 39.85 3.17 7.97
N HIS A 131 39.53 1.91 8.23
CA HIS A 131 39.70 1.37 9.58
C HIS A 131 41.17 1.22 9.96
N GLN A 132 42.01 0.81 9.00
CA GLN A 132 43.42 0.59 9.27
C GLN A 132 44.04 1.94 9.64
N PRO A 133 44.47 2.11 10.90
CA PRO A 133 44.82 3.46 11.37
C PRO A 133 46.05 4.06 10.70
N ARG A 134 47.01 3.24 10.29
CA ARG A 134 48.18 3.76 9.59
C ARG A 134 47.84 4.19 8.16
N ARG A 135 46.93 3.46 7.51
CA ARG A 135 46.51 3.83 6.16
C ARG A 135 45.66 5.09 6.18
N GLU A 136 44.83 5.23 7.22
CA GLU A 136 44.08 6.47 7.42
C GLU A 136 45.01 7.68 7.55
N MET A 137 46.05 7.59 8.39
CA MET A 137 47.00 8.70 8.50
C MET A 137 47.66 8.99 7.17
N ALA A 138 48.12 7.94 6.49
CA ALA A 138 48.83 8.13 5.23
C ALA A 138 47.93 8.68 4.14
N HIS A 139 46.69 8.19 4.06
CA HIS A 139 45.80 8.64 2.98
C HIS A 139 45.30 10.07 3.22
N ALA A 140 45.00 10.42 4.47
CA ALA A 140 44.70 11.81 4.77
C ALA A 140 45.89 12.72 4.45
N ARG A 141 47.11 12.25 4.79
CA ARG A 141 48.28 13.06 4.46
C ARG A 141 48.37 13.28 2.95
N ALA A 142 48.17 12.21 2.17
CA ALA A 142 48.22 12.29 0.71
C ALA A 142 47.06 13.12 0.12
N LEU A 143 45.92 13.13 0.80
CA LEU A 143 44.81 13.94 0.30
C LEU A 143 45.10 15.43 0.47
N ASN A 144 45.57 15.82 1.66
CA ASN A 144 45.91 17.23 1.87
C ASN A 144 47.00 17.68 0.91
N HIS A 145 48.05 16.87 0.75
CA HIS A 145 49.07 17.15 -0.27
C HIS A 145 48.44 17.35 -1.64
N TRP A 146 47.42 16.56 -1.95
CA TRP A 146 46.76 16.65 -3.25
C TRP A 146 46.02 17.96 -3.38
N ILE A 147 45.24 18.32 -2.36
CA ILE A 147 44.61 19.63 -2.32
C ILE A 147 45.66 20.74 -2.51
N ALA A 148 46.80 20.61 -1.82
CA ALA A 148 47.80 21.68 -1.85
C ALA A 148 48.41 21.85 -3.23
N ASN A 149 48.74 20.73 -3.90
CA ASN A 149 49.42 20.80 -5.18
C ASN A 149 48.47 20.94 -6.37
N GLU A 150 47.30 20.32 -6.33
CA GLU A 150 46.42 20.32 -7.49
C GLU A 150 45.28 21.30 -7.37
N TRP A 151 45.19 22.03 -6.26
CA TRP A 151 44.13 23.02 -6.06
C TRP A 151 44.71 24.33 -5.55
N LEU A 152 45.27 24.32 -4.34
CA LEU A 152 45.76 25.56 -3.76
C LEU A 152 46.83 26.21 -4.64
N ASP A 153 47.80 25.42 -5.10
CA ASP A 153 48.82 25.95 -6.02
C ASP A 153 48.27 26.39 -7.37
N LYS A 154 47.04 26.03 -7.73
CA LYS A 154 46.58 26.33 -9.09
C LYS A 154 45.72 27.57 -9.17
N ASP A 155 45.17 28.04 -8.06
CA ASP A 155 44.40 29.29 -8.08
C ASP A 155 44.47 29.90 -6.70
N ASP A 156 45.05 31.10 -6.60
CA ASP A 156 45.24 31.69 -5.29
C ASP A 156 43.95 32.19 -4.66
N ARG A 157 42.80 32.06 -5.32
CA ARG A 157 41.52 32.37 -4.69
C ARG A 157 41.00 31.24 -3.82
N LEU A 158 41.67 30.10 -3.78
CA LEU A 158 41.17 28.92 -3.09
C LEU A 158 41.85 28.78 -1.74
N ARG A 159 41.06 28.49 -0.73
CA ARG A 159 41.52 28.02 0.58
C ARG A 159 40.94 26.64 0.83
N ALA A 160 41.30 26.01 1.93
CA ALA A 160 40.94 24.60 2.12
C ALA A 160 40.94 24.24 3.59
N SER A 161 40.21 23.18 3.92
CA SER A 161 40.25 22.60 5.25
C SER A 161 41.29 21.48 5.31
N ILE A 162 41.76 21.21 6.51
CA ILE A 162 42.71 20.13 6.73
C ILE A 162 41.90 18.88 7.06
N VAL A 163 42.11 17.84 6.28
CA VAL A 163 41.51 16.54 6.57
C VAL A 163 42.39 15.82 7.59
N VAL A 164 41.80 15.25 8.63
CA VAL A 164 42.58 14.64 9.70
C VAL A 164 42.19 13.18 9.92
N PRO A 165 43.12 12.32 10.33
CA PRO A 165 42.79 10.91 10.67
C PRO A 165 42.10 10.80 12.03
N GLN A 166 40.80 11.11 12.05
CA GLN A 166 40.12 11.22 13.33
C GLN A 166 39.93 9.89 14.04
N GLY A 167 40.28 8.76 13.43
CA GLY A 167 40.40 7.54 14.22
C GLY A 167 41.57 7.53 15.19
N SER A 168 42.52 8.47 15.06
CA SER A 168 43.71 8.52 15.91
C SER A 168 43.94 9.97 16.30
N PRO A 169 43.25 10.44 17.35
CA PRO A 169 43.25 11.88 17.64
C PRO A 169 44.64 12.48 17.85
N ARG A 170 45.63 11.69 18.30
CA ARG A 170 46.96 12.34 18.34
C ARG A 170 47.62 12.38 16.96
N ALA A 171 47.38 11.42 16.06
CA ALA A 171 47.72 11.63 14.64
C ALA A 171 46.95 12.81 14.06
N ALA A 172 45.67 12.97 14.41
CA ALA A 172 44.93 14.15 13.97
C ALA A 172 45.61 15.44 14.42
N ALA A 173 45.94 15.53 15.72
CA ALA A 173 46.65 16.71 16.23
C ALA A 173 47.95 16.96 15.45
N GLU A 174 48.72 15.90 15.18
CA GLU A 174 49.97 16.06 14.43
C GLU A 174 49.73 16.52 13.00
N GLU A 175 48.61 16.08 12.40
CA GLU A 175 48.34 16.46 11.03
C GLU A 175 48.02 17.95 10.93
N ILE A 176 47.17 18.45 11.82
CA ILE A 176 46.89 19.88 11.82
C ILE A 176 48.19 20.67 11.96
N ASP A 177 49.07 20.23 12.88
CA ASP A 177 50.34 20.92 13.09
C ASP A 177 51.17 20.93 11.83
N PHE A 178 51.19 19.79 11.12
CA PHE A 178 51.99 19.70 9.90
C PHE A 178 51.59 20.78 8.90
N TRP A 179 50.29 20.96 8.71
CA TRP A 179 49.82 21.92 7.72
C TRP A 179 49.68 23.33 8.26
N SER A 180 49.80 23.51 9.59
CA SER A 180 49.56 24.81 10.18
C SER A 180 50.47 25.89 9.61
N GLY A 181 51.61 25.51 9.03
CA GLY A 181 52.50 26.48 8.43
C GLY A 181 52.03 27.00 7.10
N ASP A 182 51.17 26.26 6.41
CA ASP A 182 50.60 26.68 5.13
C ASP A 182 49.33 27.48 5.42
N LYS A 183 49.39 28.79 5.23
CA LYS A 183 48.25 29.60 5.66
C LYS A 183 47.10 29.55 4.67
N ARG A 184 47.30 28.92 3.53
CA ARG A 184 46.17 28.66 2.66
C ARG A 184 45.17 27.68 3.28
N PHE A 185 45.59 26.89 4.28
CA PHE A 185 44.72 25.97 4.98
C PHE A 185 44.11 26.68 6.17
N VAL A 186 42.78 26.81 6.18
CA VAL A 186 42.13 27.81 7.03
C VAL A 186 41.19 27.20 8.05
N GLN A 187 41.06 25.87 8.10
CA GLN A 187 40.22 25.23 9.09
C GLN A 187 40.52 23.74 9.10
N VAL A 188 40.01 23.08 10.12
CA VAL A 188 40.13 21.64 10.28
C VAL A 188 38.79 21.01 9.99
N LEU A 189 38.79 19.98 9.15
CA LEU A 189 37.59 19.22 8.81
C LEU A 189 37.45 18.03 9.74
N LEU A 190 36.28 17.90 10.35
CA LEU A 190 35.80 16.72 11.04
C LEU A 190 34.42 16.39 10.46
N LEU A 191 34.03 15.12 10.54
CA LEU A 191 32.72 14.73 10.03
C LEU A 191 31.64 14.92 11.10
N GLY A 192 30.41 15.15 10.63
CA GLY A 192 29.30 15.34 11.56
C GLY A 192 29.08 14.17 12.50
N GLN A 193 29.28 12.95 12.01
CA GLN A 193 29.16 11.79 12.87
C GLN A 193 30.54 11.18 13.05
N SER A 194 30.97 11.07 14.31
CA SER A 194 32.30 10.64 14.69
C SER A 194 32.22 9.33 15.47
N GLU A 195 33.39 8.74 15.76
CA GLU A 195 33.40 7.50 16.51
C GLU A 195 32.95 7.74 17.95
N LEU A 196 33.59 8.66 18.65
CA LEU A 196 33.10 9.13 19.94
C LEU A 196 32.74 10.59 19.80
N LEU A 197 31.87 11.09 20.68
CA LEU A 197 31.45 12.49 20.59
C LEU A 197 32.66 13.41 20.72
N TYR A 198 32.64 14.53 19.97
CA TYR A 198 33.85 15.36 19.84
C TYR A 198 34.23 16.07 21.14
N GLY A 199 33.34 16.15 22.12
CA GLY A 199 33.78 16.65 23.39
C GLY A 199 34.46 15.64 24.30
N ARG A 200 34.52 14.37 23.89
CA ARG A 200 35.19 13.36 24.70
C ARG A 200 36.67 13.71 24.85
N GLU A 201 37.20 13.46 26.05
CA GLU A 201 38.60 13.78 26.31
C GLU A 201 39.51 13.07 25.32
N ILE A 202 39.11 11.90 24.84
CA ILE A 202 39.84 11.21 23.77
C ILE A 202 40.09 12.15 22.60
N ASN A 203 39.16 13.07 22.32
CA ASN A 203 39.25 13.96 21.17
C ASN A 203 39.89 15.32 21.50
N TRP A 204 40.13 15.61 22.77
CA TRP A 204 40.72 16.90 23.12
C TRP A 204 41.95 17.26 22.28
N PRO A 205 42.86 16.35 21.91
CA PRO A 205 44.04 16.78 21.15
C PRO A 205 43.71 17.57 19.91
N ILE A 206 42.60 17.23 19.24
CA ILE A 206 42.25 17.91 18.00
C ILE A 206 41.90 19.35 18.28
N TRP A 207 41.01 19.58 19.26
CA TRP A 207 40.69 20.95 19.63
C TRP A 207 41.92 21.70 20.09
N GLU A 208 42.90 21.00 20.66
CA GLU A 208 44.09 21.71 21.12
C GLU A 208 44.97 22.10 19.94
N ALA A 209 45.13 21.20 18.97
CA ALA A 209 45.94 21.51 17.80
C ALA A 209 45.30 22.61 16.95
N ALA A 210 43.99 22.53 16.75
CA ALA A 210 43.35 23.56 15.95
C ALA A 210 43.55 24.92 16.59
N GLU A 211 43.40 25.00 17.91
CA GLU A 211 43.51 26.29 18.60
C GLU A 211 44.93 26.84 18.46
N ALA A 212 45.94 26.00 18.70
CA ALA A 212 47.34 26.39 18.55
C ALA A 212 47.69 26.86 17.15
N ALA A 213 46.92 26.44 16.13
CA ALA A 213 47.15 26.82 14.75
C ALA A 213 46.32 28.03 14.33
N GLY A 214 45.51 28.58 15.23
CA GLY A 214 44.60 29.64 14.85
C GLY A 214 43.51 29.21 13.88
N LEU A 215 43.10 27.96 13.95
CA LEU A 215 42.19 27.44 12.93
C LEU A 215 40.83 27.11 13.53
N PRO A 216 39.75 27.61 12.93
CA PRO A 216 38.44 27.07 13.24
C PRO A 216 38.35 25.61 12.81
N VAL A 217 37.43 24.89 13.46
CA VAL A 217 37.07 23.52 13.13
C VAL A 217 35.71 23.53 12.43
N THR A 218 35.61 22.85 11.31
CA THR A 218 34.30 22.68 10.72
C THR A 218 33.84 21.26 10.92
N LEU A 219 32.57 21.12 11.28
CA LEU A 219 31.82 19.88 11.11
C LEU A 219 30.99 19.95 9.82
N HIS A 220 31.22 19.00 8.93
CA HIS A 220 30.54 18.92 7.65
C HIS A 220 29.73 17.64 7.60
N ILE A 221 28.59 17.68 6.90
CA ILE A 221 27.71 16.50 6.83
C ILE A 221 28.51 15.33 6.28
N GLY A 222 28.24 14.14 6.80
CA GLY A 222 29.12 13.00 6.64
C GLY A 222 29.34 12.30 7.97
N GLY A 223 30.00 11.14 7.89
CA GLY A 223 30.14 10.32 9.08
C GLY A 223 31.15 9.22 8.90
N VAL A 224 31.60 8.68 10.04
CA VAL A 224 32.45 7.50 10.03
C VAL A 224 31.63 6.23 10.12
N PHE A 225 30.33 6.35 10.40
CA PHE A 225 29.41 5.21 10.36
C PHE A 225 29.94 4.03 11.17
N ARG A 226 30.46 4.30 12.37
CA ARG A 226 30.89 3.21 13.24
C ARG A 226 29.82 2.83 14.26
N GLN A 227 28.67 3.50 14.25
CA GLN A 227 27.41 2.99 14.77
C GLN A 227 26.33 3.38 13.79
N ALA A 228 25.11 2.98 14.10
CA ALA A 228 23.94 3.49 13.40
C ALA A 228 23.93 5.01 13.45
N PRO A 229 23.68 5.69 12.33
CA PRO A 229 23.73 7.16 12.31
C PRO A 229 22.59 7.86 13.03
N THR A 230 21.64 7.14 13.65
CA THR A 230 20.67 7.73 14.54
C THR A 230 20.61 6.90 15.82
N SER A 231 20.01 7.48 16.87
CA SER A 231 19.89 6.76 18.14
C SER A 231 18.85 5.63 18.07
N VAL A 232 18.26 5.41 16.91
CA VAL A 232 17.17 4.44 16.82
C VAL A 232 17.44 3.55 15.63
N GLY A 233 18.71 3.43 15.25
CA GLY A 233 19.10 2.53 14.17
C GLY A 233 19.34 3.23 12.85
N TRP A 234 19.44 2.40 11.81
CA TRP A 234 20.00 2.79 10.52
C TRP A 234 18.92 3.34 9.59
N PRO A 235 19.05 4.57 9.09
CA PRO A 235 18.07 5.06 8.12
C PRO A 235 18.11 4.26 6.83
N ALA A 236 16.93 3.91 6.33
CA ALA A 236 16.86 3.06 5.16
C ALA A 236 17.11 3.80 3.85
N SER A 237 17.19 5.11 3.84
CA SER A 237 17.42 5.80 2.58
C SER A 237 18.42 6.93 2.80
N HIS A 238 19.02 7.38 1.69
CA HIS A 238 19.90 8.53 1.77
C HIS A 238 19.12 9.79 2.16
N LEU A 239 17.94 9.97 1.56
CA LEU A 239 17.10 11.13 1.90
C LEU A 239 16.89 11.22 3.40
N GLU A 240 16.43 10.14 4.03
CA GLU A 240 16.23 10.12 5.47
C GLU A 240 17.53 10.38 6.22
N TRP A 241 18.63 9.78 5.77
CA TRP A 241 19.90 9.98 6.47
C TRP A 241 20.32 11.43 6.40
N TYR A 242 20.28 11.99 5.20
CA TYR A 242 20.74 13.36 4.99
C TYR A 242 19.88 14.34 5.78
N VAL A 243 18.56 14.17 5.79
CA VAL A 243 17.75 15.10 6.56
C VAL A 243 18.12 15.03 8.04
N GLY A 244 18.25 13.79 8.57
CA GLY A 244 18.38 13.58 10.00
C GLY A 244 19.75 13.74 10.61
N GLN A 245 20.78 14.15 9.85
CA GLN A 245 22.10 14.32 10.45
C GLN A 245 22.16 15.53 11.38
N GLN A 246 21.21 16.46 11.23
CA GLN A 246 21.12 17.58 12.16
C GLN A 246 21.04 17.08 13.59
N SER A 247 20.43 15.90 13.81
CA SER A 247 20.30 15.42 15.17
C SER A 247 21.67 15.13 15.77
N ASN A 248 22.60 14.68 14.94
CA ASN A 248 23.96 14.45 15.39
C ASN A 248 24.70 15.74 15.68
N ILE A 249 24.38 16.83 14.97
CA ILE A 249 25.15 18.03 15.29
C ILE A 249 24.75 18.57 16.64
N GLU A 250 23.48 18.38 17.04
CA GLU A 250 23.06 18.75 18.38
C GLU A 250 23.85 17.98 19.43
N ALA A 251 23.99 16.67 19.21
CA ALA A 251 24.82 15.86 20.09
C ALA A 251 26.22 16.45 20.19
N GLN A 252 26.81 16.79 19.04
CA GLN A 252 28.19 17.28 19.00
C GLN A 252 28.34 18.61 19.73
N LEU A 253 27.45 19.56 19.45
CA LEU A 253 27.52 20.87 20.11
C LEU A 253 27.33 20.77 21.61
N ASN A 254 26.36 19.94 22.04
CA ASN A 254 26.12 19.76 23.46
C ASN A 254 27.32 19.10 24.14
N SER A 255 28.00 18.19 23.43
CA SER A 255 29.20 17.52 23.95
C SER A 255 30.37 18.47 24.04
N ILE A 256 30.70 19.14 22.93
CA ILE A 256 31.80 20.08 22.90
C ILE A 256 31.66 21.09 24.04
N ILE A 257 30.46 21.67 24.19
CA ILE A 257 30.24 22.72 25.19
C ILE A 257 30.19 22.12 26.60
N SER A 258 29.37 21.10 26.81
CA SER A 258 29.20 20.58 28.17
C SER A 258 30.51 20.03 28.71
N GLU A 259 31.25 19.31 27.86
CA GLU A 259 32.51 18.69 28.29
C GLU A 259 33.56 19.73 28.66
N GLY A 260 33.40 20.98 28.23
CA GLY A 260 34.30 22.05 28.59
C GLY A 260 35.28 22.52 27.54
N ILE A 261 35.05 22.22 26.27
CA ILE A 261 35.98 22.58 25.20
C ILE A 261 36.17 24.09 25.14
N LEU A 262 35.09 24.87 25.31
CA LEU A 262 35.15 26.32 25.14
C LEU A 262 35.74 27.04 26.35
N GLN A 263 35.86 26.40 27.51
CA GLN A 263 36.69 26.94 28.59
C GLN A 263 38.13 26.45 28.52
N LYS A 264 38.38 25.24 28.03
CA LYS A 264 39.75 24.76 28.04
C LYS A 264 40.52 25.26 26.83
N PHE A 265 39.81 25.55 25.73
CA PHE A 265 40.39 26.04 24.49
C PHE A 265 39.54 27.23 24.06
N PRO A 266 39.66 28.38 24.73
CA PRO A 266 38.64 29.43 24.65
C PRO A 266 38.68 30.28 23.38
N LYS A 267 39.61 30.00 22.47
CA LYS A 267 39.67 30.63 21.16
C LYS A 267 39.05 29.76 20.07
N THR A 268 38.43 28.64 20.44
CA THR A 268 37.81 27.74 19.48
C THR A 268 36.76 28.45 18.64
N LYS A 269 36.73 28.14 17.34
CA LYS A 269 35.63 28.53 16.46
C LYS A 269 35.09 27.31 15.72
N ILE A 270 33.78 27.11 15.81
CA ILE A 270 33.11 25.98 15.20
C ILE A 270 32.28 26.47 14.04
N LEU A 271 32.59 26.00 12.84
CA LEU A 271 31.74 26.23 11.69
C LEU A 271 30.95 24.95 11.41
N LEU A 272 29.63 25.07 11.34
CA LEU A 272 28.81 23.96 10.87
C LEU A 272 28.63 24.13 9.36
N SER A 273 29.17 23.20 8.59
CA SER A 273 29.11 23.28 7.14
C SER A 273 28.07 22.30 6.60
N GLU A 274 27.12 22.81 5.82
CA GLU A 274 26.13 21.99 5.08
C GLU A 274 25.34 21.06 6.01
N LEU A 275 24.91 21.59 7.16
CA LEU A 275 24.05 20.86 8.08
C LEU A 275 22.71 21.58 8.32
N GLY A 276 22.27 22.46 7.42
CA GLY A 276 21.17 23.32 7.86
C GLY A 276 21.53 24.26 9.02
N PHE A 277 20.49 24.91 9.56
CA PHE A 277 20.69 25.81 10.68
C PHE A 277 19.38 26.21 11.34
N ASN A 278 18.26 25.93 10.71
CA ASN A 278 17.01 26.36 11.30
C ASN A 278 16.70 25.57 12.57
N TRP A 279 17.36 24.43 12.76
CA TRP A 279 17.15 23.60 13.94
C TRP A 279 17.83 24.16 15.18
N LEU A 280 18.71 25.15 15.02
CA LEU A 280 19.54 25.59 16.14
C LEU A 280 18.73 26.26 17.25
N PRO A 281 17.84 27.20 16.97
CA PRO A 281 17.18 27.91 18.04
C PRO A 281 16.47 26.98 19.02
N PRO A 282 15.62 26.05 18.56
CA PRO A 282 14.94 25.20 19.56
C PRO A 282 15.91 24.39 20.41
N PHE A 283 16.97 23.87 19.79
CA PHE A 283 18.03 23.20 20.54
C PHE A 283 18.65 24.14 21.56
N MET A 284 18.97 25.39 21.15
CA MET A 284 19.65 26.32 22.03
C MET A 284 18.82 26.62 23.26
N TRP A 285 17.50 26.78 23.08
CA TRP A 285 16.63 27.07 24.22
C TRP A 285 16.58 25.89 25.17
N LYS A 286 16.61 24.66 24.65
CA LYS A 286 16.47 23.52 25.56
C LYS A 286 17.78 23.25 26.29
N PHE A 287 18.89 23.25 25.57
CA PHE A 287 20.21 23.23 26.19
C PHE A 287 20.31 24.30 27.30
N ASP A 288 19.80 25.52 27.04
CA ASP A 288 19.94 26.59 28.04
C ASP A 288 19.10 26.34 29.29
N LYS A 289 17.81 26.09 29.11
CA LYS A 289 16.97 25.76 30.27
C LYS A 289 17.50 24.55 31.06
N LEU A 290 18.11 23.58 30.38
CA LEU A 290 18.61 22.39 31.08
C LEU A 290 19.96 22.65 31.73
N TRP A 291 20.75 23.53 31.13
CA TRP A 291 21.92 24.08 31.82
C TRP A 291 21.53 24.65 33.18
N LYS A 292 20.47 25.49 33.23
CA LYS A 292 20.02 26.07 34.49
C LYS A 292 19.64 25.01 35.50
N SER A 293 19.08 23.89 35.03
CA SER A 293 18.72 22.79 35.90
C SER A 293 19.95 22.05 36.43
N TYR A 294 20.98 21.88 35.59
CA TYR A 294 22.09 21.00 35.88
C TYR A 294 23.40 21.74 36.13
N ARG A 295 23.35 22.95 36.72
CA ARG A 295 24.52 23.78 37.00
C ARG A 295 25.66 22.97 37.67
N PRO A 296 25.45 22.36 38.83
CA PRO A 296 26.59 21.72 39.52
C PRO A 296 27.23 20.57 38.72
N ASP A 297 26.50 19.97 37.79
CA ASP A 297 27.05 18.93 36.94
C ASP A 297 28.18 19.45 36.05
N ILE A 298 28.05 20.68 35.56
CA ILE A 298 29.09 21.23 34.68
C ILE A 298 29.53 22.59 35.24
N PRO A 299 30.20 22.62 36.40
CA PRO A 299 30.54 23.92 37.01
C PRO A 299 31.37 24.83 36.14
N TRP A 300 32.19 24.26 35.24
CA TRP A 300 33.06 25.09 34.41
C TRP A 300 32.27 25.88 33.38
N VAL A 301 31.09 25.42 32.99
CA VAL A 301 30.23 26.15 32.05
C VAL A 301 29.45 27.19 32.86
N GLN A 302 29.96 28.43 32.86
CA GLN A 302 29.37 29.51 33.64
C GLN A 302 28.62 30.53 32.81
N GLU A 303 28.85 30.52 31.50
CA GLU A 303 28.02 31.28 30.59
C GLU A 303 26.93 30.38 30.02
N SER A 304 25.76 30.97 29.81
CA SER A 304 24.66 30.26 29.18
C SER A 304 25.09 29.66 27.84
N PRO A 305 24.67 28.44 27.51
CA PRO A 305 24.94 27.91 26.16
C PRO A 305 24.40 28.77 25.03
N LEU A 306 23.37 29.58 25.25
CA LEU A 306 22.94 30.51 24.21
C LEU A 306 24.06 31.47 23.85
N GLU A 307 24.63 32.14 24.86
CA GLU A 307 25.70 33.07 24.59
C GLU A 307 26.90 32.36 23.97
N LEU A 308 27.22 31.16 24.46
CA LEU A 308 28.35 30.39 23.94
C LEU A 308 28.15 30.04 22.46
N ILE A 309 26.97 29.53 22.11
CA ILE A 309 26.72 29.14 20.72
C ILE A 309 26.71 30.37 19.83
N ARG A 310 26.21 31.50 20.33
CA ARG A 310 26.18 32.69 19.49
C ARG A 310 27.59 33.23 19.24
N GLU A 311 28.51 33.03 20.18
CA GLU A 311 29.89 33.51 20.04
C GLU A 311 30.76 32.57 19.21
N HIS A 312 30.70 31.27 19.47
CA HIS A 312 31.68 30.31 18.92
C HIS A 312 31.19 29.53 17.69
N VAL A 313 29.89 29.43 17.46
CA VAL A 313 29.35 28.61 16.37
C VAL A 313 28.99 29.49 15.18
N ARG A 314 29.47 29.11 14.00
CA ARG A 314 28.97 29.68 12.75
C ARG A 314 28.43 28.55 11.88
N VAL A 315 27.60 28.93 10.91
CA VAL A 315 26.86 27.99 10.07
C VAL A 315 26.90 28.52 8.66
N THR A 316 27.10 27.62 7.70
CA THR A 316 26.98 28.00 6.30
C THR A 316 25.52 27.97 5.88
N THR A 317 25.19 28.77 4.88
CA THR A 317 23.81 28.98 4.42
C THR A 317 23.33 28.00 3.37
N SER A 318 24.19 27.19 2.78
CA SER A 318 23.72 26.22 1.78
CA SER A 318 23.77 26.22 1.76
C SER A 318 23.83 24.82 2.36
N PRO A 319 22.70 24.07 2.45
CA PRO A 319 21.32 24.40 2.06
C PRO A 319 20.64 25.39 2.98
N SER A 320 19.69 26.17 2.47
CA SER A 320 18.99 27.14 3.30
C SER A 320 17.76 26.56 4.00
N ASP A 321 17.33 25.36 3.60
CA ASP A 321 16.22 24.67 4.28
C ASP A 321 15.01 25.57 4.55
N GLY A 322 14.62 26.39 3.56
CA GLY A 322 13.42 27.19 3.66
C GLY A 322 13.61 28.58 4.24
N ALA A 323 14.76 28.89 4.81
CA ALA A 323 14.93 30.26 5.28
C ALA A 323 15.08 31.24 4.12
N GLU A 324 15.21 30.75 2.88
CA GLU A 324 15.22 31.62 1.71
C GLU A 324 13.85 32.18 1.36
N GLU A 325 12.82 31.83 2.09
CA GLU A 325 11.47 32.28 1.75
C GLU A 325 11.14 33.59 2.46
N ALA A 326 10.21 34.35 1.87
CA ALA A 326 9.85 35.70 2.30
C ALA A 326 9.83 35.82 3.81
N GLY A 327 10.62 36.77 4.33
CA GLY A 327 10.71 37.00 5.77
C GLY A 327 11.42 35.94 6.59
N ARG A 328 11.71 34.76 6.03
CA ARG A 328 12.17 33.66 6.87
C ARG A 328 13.63 33.82 7.33
N LEU A 329 14.48 34.46 6.52
CA LEU A 329 15.84 34.72 6.98
C LEU A 329 15.82 35.68 8.17
N ASP A 330 15.09 36.79 8.04
CA ASP A 330 14.89 37.68 9.18
C ASP A 330 14.34 36.92 10.37
N SER A 331 13.42 36.00 10.12
CA SER A 331 12.84 35.25 11.23
C SER A 331 13.88 34.37 11.92
N ILE A 332 14.65 33.60 11.15
CA ILE A 332 15.55 32.67 11.82
C ILE A 332 16.66 33.42 12.54
N VAL A 333 17.11 34.56 12.00
CA VAL A 333 18.12 35.36 12.70
C VAL A 333 17.56 35.90 14.03
N ASP A 334 16.29 36.22 14.05
CA ASP A 334 15.61 36.68 15.22
C ASP A 334 15.58 35.53 16.21
N ARG A 335 15.39 34.32 15.74
CA ARG A 335 15.34 33.17 16.64
C ARG A 335 16.71 32.71 17.08
N LEU A 336 17.71 32.81 16.21
CA LEU A 336 19.08 32.59 16.68
C LEU A 336 19.47 33.63 17.72
N GLY A 337 18.89 34.82 17.64
CA GLY A 337 19.28 35.89 18.54
C GLY A 337 20.63 36.49 18.24
N SER A 338 21.19 36.20 17.08
CA SER A 338 22.46 36.79 16.67
C SER A 338 22.45 36.91 15.16
N ASP A 339 22.92 38.05 14.65
CA ASP A 339 23.15 38.19 13.22
C ASP A 339 24.56 37.81 12.83
N ARG A 340 25.30 37.21 13.75
CA ARG A 340 26.72 36.96 13.53
C ARG A 340 27.04 35.54 13.10
N MET A 341 26.04 34.66 13.00
CA MET A 341 26.30 33.23 12.89
C MET A 341 26.30 32.71 11.47
N LEU A 342 25.41 33.18 10.62
CA LEU A 342 25.32 32.66 9.26
C LEU A 342 26.44 33.22 8.40
N VAL A 343 27.14 32.33 7.69
CA VAL A 343 28.14 32.71 6.71
C VAL A 343 27.78 32.10 5.35
N TYR A 344 27.94 32.90 4.31
CA TYR A 344 27.59 32.50 2.94
C TYR A 344 28.42 31.30 2.45
N SER A 345 27.74 30.38 1.76
CA SER A 345 28.38 29.32 0.98
C SER A 345 27.47 28.98 -0.20
N SER A 346 28.05 28.40 -1.24
CA SER A 346 27.23 27.86 -2.33
C SER A 346 27.07 26.36 -2.26
N ASP A 347 27.90 25.69 -1.46
CA ASP A 347 27.99 24.23 -1.47
C ASP A 347 28.29 23.69 -2.86
N TYR A 348 29.00 24.46 -3.69
CA TYR A 348 29.32 23.98 -5.03
C TYR A 348 29.98 22.60 -4.93
N PRO A 349 29.58 21.64 -5.78
CA PRO A 349 28.68 21.80 -6.93
C PRO A 349 27.29 21.28 -6.65
N HIS A 350 26.95 21.07 -5.38
CA HIS A 350 25.74 20.33 -5.04
C HIS A 350 24.46 21.05 -5.49
N LYS A 351 23.40 20.28 -5.71
CA LYS A 351 22.09 20.80 -6.06
C LYS A 351 21.17 20.80 -4.85
N HIS A 352 20.64 21.98 -4.51
CA HIS A 352 19.71 22.19 -3.41
C HIS A 352 18.49 22.95 -3.94
N HIS A 353 17.38 22.83 -3.22
CA HIS A 353 16.12 23.37 -3.71
C HIS A 353 16.24 24.85 -4.08
N SER A 354 16.96 25.64 -3.28
CA SER A 354 17.18 27.05 -3.59
C SER A 354 18.66 27.30 -3.85
N GLY A 355 18.95 28.38 -4.57
CA GLY A 355 20.29 28.71 -5.03
C GLY A 355 21.09 29.46 -3.99
N PRO A 356 22.39 29.60 -4.26
CA PRO A 356 23.26 30.26 -3.27
C PRO A 356 22.87 31.69 -2.94
N ARG A 357 22.27 32.42 -3.87
CA ARG A 357 21.86 33.81 -3.63
C ARG A 357 20.39 33.96 -3.32
N ASP A 358 19.63 32.86 -3.31
CA ASP A 358 18.20 32.96 -3.02
C ASP A 358 17.91 33.41 -1.60
N ILE A 359 18.90 33.34 -0.71
CA ILE A 359 18.74 33.80 0.67
C ILE A 359 18.27 35.26 0.70
N GLU A 360 18.61 36.05 -0.33
CA GLU A 360 18.19 37.44 -0.40
C GLU A 360 16.68 37.59 -0.39
N ASN A 361 15.95 36.59 -0.89
CA ASN A 361 14.49 36.66 -0.86
C ASN A 361 13.92 36.56 0.55
N GLY A 362 14.67 36.06 1.52
CA GLY A 362 14.16 35.84 2.85
C GLY A 362 14.43 36.97 3.81
N THR A 363 15.09 38.03 3.33
CA THR A 363 15.38 39.21 4.12
C THR A 363 15.11 40.47 3.31
N HIS A 364 14.72 41.51 4.04
CA HIS A 364 14.59 42.86 3.51
C HIS A 364 15.73 43.76 4.01
N SER A 365 16.83 43.18 4.45
CA SER A 365 17.88 43.93 5.14
C SER A 365 19.22 43.81 4.45
N PRO A 366 19.70 44.86 3.78
CA PRO A 366 21.03 44.77 3.16
C PRO A 366 22.14 44.65 4.19
N GLU A 367 21.96 45.25 5.38
CA GLU A 367 22.94 45.06 6.46
C GLU A 367 23.16 43.58 6.72
N LEU A 368 22.08 42.82 6.90
CA LEU A 368 22.21 41.39 7.21
C LEU A 368 22.96 40.66 6.11
N LEU A 369 22.56 40.89 4.85
CA LEU A 369 23.26 40.28 3.72
C LEU A 369 24.73 40.63 3.73
N ASP A 370 25.07 41.86 4.14
CA ASP A 370 26.48 42.17 4.21
C ASP A 370 27.17 41.35 5.29
N ARG A 371 26.44 40.97 6.34
CA ARG A 371 27.01 40.12 7.37
C ARG A 371 27.21 38.71 6.86
N ILE A 372 26.23 38.18 6.12
CA ILE A 372 26.30 36.81 5.66
C ILE A 372 27.33 36.67 4.56
N TYR A 373 27.42 37.67 3.70
CA TYR A 373 28.28 37.59 2.53
C TYR A 373 29.74 37.86 2.89
N ARG A 374 30.05 38.77 3.84
CA ARG A 374 31.45 39.09 4.13
C ARG A 374 31.80 39.18 5.62
N ARG A 375 31.02 39.91 6.41
CA ARG A 375 31.60 40.25 7.71
C ARG A 375 31.54 39.10 8.71
N ASN A 376 30.60 38.15 8.62
CA ASN A 376 30.58 37.04 9.57
C ASN A 376 31.74 36.08 9.32
N ALA A 377 32.06 35.81 8.05
CA ALA A 377 33.22 34.99 7.72
C ALA A 377 34.56 35.66 8.04
N PHE A 378 34.59 36.95 8.36
CA PHE A 378 35.86 37.57 8.70
C PHE A 378 36.34 37.11 10.08
N ASP A 379 35.39 36.87 10.98
CA ASP A 379 35.68 36.22 12.25
C ASP A 379 36.42 34.89 12.07
N LEU A 380 36.22 34.21 10.95
CA LEU A 380 36.79 32.90 10.68
C LEU A 380 38.16 32.94 10.01
N TYR A 381 38.31 33.72 8.95
CA TYR A 381 39.46 33.61 8.07
C TYR A 381 40.25 34.91 7.86
N ASN A 382 39.68 36.07 8.18
CA ASN A 382 40.33 37.37 8.04
C ASN A 382 40.81 37.60 6.61
N LEU A 383 40.06 37.09 5.65
CA LEU A 383 40.40 37.30 4.25
C LEU A 383 39.90 38.68 3.82
N VAL A 384 40.81 39.55 3.37
CA VAL A 384 40.46 40.86 2.85
C VAL A 384 40.55 40.83 1.34
N VAL A 385 39.66 41.54 0.65
CA VAL A 385 39.69 41.59 -0.79
C VAL A 385 40.66 42.66 -1.28
N THR B 11 -18.17 -1.66 33.16
CA THR B 11 -18.57 -0.61 32.25
C THR B 11 -18.19 0.72 32.79
N LEU B 12 -17.70 1.49 31.85
CA LEU B 12 -17.14 2.82 31.99
C LEU B 12 -17.71 3.63 30.89
N PRO B 13 -17.94 4.89 31.12
CA PRO B 13 -18.43 5.71 30.05
C PRO B 13 -17.28 6.15 29.23
N ALA B 14 -17.57 6.40 27.98
CA ALA B 14 -16.56 6.93 27.06
C ALA B 14 -16.04 8.24 27.64
N PRO B 15 -14.74 8.52 27.52
CA PRO B 15 -14.19 9.70 28.19
C PRO B 15 -14.82 10.97 27.63
N SER B 16 -14.94 11.97 28.50
CA SER B 16 -15.65 13.19 28.17
C SER B 16 -14.82 14.38 28.63
N VAL B 17 -14.56 15.32 27.71
CA VAL B 17 -13.77 16.52 28.02
C VAL B 17 -14.62 17.76 27.68
N THR B 18 -14.95 18.53 28.70
CA THR B 18 -15.81 19.70 28.56
C THR B 18 -15.13 20.94 29.09
N THR B 19 -15.22 21.15 30.42
CA THR B 19 -14.52 22.24 31.08
C THR B 19 -13.07 21.86 31.37
N GLY B 20 -12.85 20.60 31.71
CA GLY B 20 -11.53 20.14 32.08
C GLY B 20 -10.57 20.13 30.91
N ILE B 21 -9.41 19.53 31.14
CA ILE B 21 -8.32 19.52 30.19
C ILE B 21 -7.80 18.10 30.03
N VAL B 22 -7.14 17.89 28.89
CA VAL B 22 -6.40 16.67 28.57
C VAL B 22 -5.00 16.78 29.16
N ASP B 23 -4.56 15.74 29.85
CA ASP B 23 -3.16 15.56 30.23
C ASP B 23 -2.68 14.25 29.60
N ALA B 24 -1.73 14.34 28.68
CA ALA B 24 -1.34 13.19 27.89
C ALA B 24 -0.21 12.38 28.52
N ASP B 25 0.33 12.81 29.66
CA ASP B 25 1.44 12.07 30.25
C ASP B 25 1.35 12.15 31.77
N ILE B 26 0.84 11.09 32.37
CA ILE B 26 0.87 10.89 33.82
C ILE B 26 1.66 9.61 34.10
N HIS B 27 2.51 9.62 35.13
CA HIS B 27 3.39 8.49 35.44
C HIS B 27 3.07 7.90 36.80
N PRO B 28 2.11 6.99 36.88
CA PRO B 28 1.97 6.18 38.09
C PRO B 28 2.99 5.07 38.14
N VAL B 29 3.32 4.64 39.37
CA VAL B 29 4.10 3.41 39.51
C VAL B 29 3.34 2.48 40.45
N PRO B 30 3.38 1.18 40.22
CA PRO B 30 2.81 0.25 41.19
C PRO B 30 3.59 0.29 42.49
N GLN B 31 2.86 0.18 43.61
CA GLN B 31 3.54 -0.09 44.87
C GLN B 31 4.26 -1.42 44.79
N ASP B 32 5.25 -1.59 45.67
CA ASP B 32 5.95 -2.85 45.77
C ASP B 32 4.97 -4.01 45.92
N GLY B 33 5.09 -4.99 45.02
CA GLY B 33 4.21 -6.14 45.04
C GLY B 33 2.85 -5.93 44.42
N ALA B 34 2.52 -4.71 44.00
CA ALA B 34 1.21 -4.47 43.42
C ALA B 34 0.98 -5.28 42.15
N LEU B 35 2.06 -5.57 41.40
CA LEU B 35 1.93 -6.35 40.17
C LEU B 35 1.88 -7.85 40.41
N GLU B 36 2.28 -8.32 41.59
CA GLU B 36 2.44 -9.76 41.78
C GLU B 36 1.14 -10.55 41.59
N PRO B 37 -0.05 -10.06 41.96
CA PRO B 37 -1.27 -10.82 41.65
C PRO B 37 -1.58 -10.93 40.17
N TYR B 38 -0.77 -10.30 39.31
CA TYR B 38 -0.95 -10.35 37.87
C TYR B 38 0.18 -11.04 37.13
N LEU B 39 1.26 -11.41 37.83
CA LEU B 39 2.43 -12.08 37.25
C LEU B 39 2.40 -13.55 37.60
N ASP B 40 2.60 -14.39 36.60
CA ASP B 40 3.00 -15.77 36.84
C ASP B 40 4.10 -15.83 37.88
N ASP B 41 4.15 -16.95 38.63
CA ASP B 41 5.26 -17.10 39.57
C ASP B 41 6.58 -17.27 38.85
N ARG B 42 6.57 -17.88 37.66
CA ARG B 42 7.79 -18.01 36.88
C ARG B 42 8.50 -16.67 36.79
N TRP B 43 7.78 -15.66 36.32
CA TRP B 43 8.37 -14.34 36.16
C TRP B 43 8.71 -13.72 37.51
N LYS B 44 7.89 -13.96 38.53
CA LYS B 44 8.22 -13.48 39.87
C LYS B 44 9.58 -14.03 40.31
N LYS B 45 9.84 -15.32 40.07
CA LYS B 45 11.13 -15.89 40.46
C LYS B 45 12.26 -15.40 39.55
N HIS B 46 12.01 -15.33 38.24
CA HIS B 46 13.00 -14.80 37.31
C HIS B 46 13.45 -13.40 37.72
N ILE B 47 12.49 -12.53 38.03
CA ILE B 47 12.86 -11.17 38.41
C ILE B 47 13.58 -11.15 39.74
N ARG B 48 13.22 -12.03 40.67
CA ARG B 48 13.95 -12.13 41.94
C ARG B 48 15.43 -12.43 41.68
N GLU B 49 15.71 -13.40 40.81
CA GLU B 49 17.09 -13.78 40.52
C GLU B 49 17.76 -12.80 39.57
N TYR B 50 17.21 -12.61 38.37
CA TYR B 50 17.91 -11.87 37.35
C TYR B 50 17.51 -10.42 37.28
N GLY B 51 16.46 -10.04 38.00
CA GLY B 51 15.97 -8.69 37.81
C GLY B 51 15.31 -8.58 36.44
N VAL B 52 15.27 -7.35 35.95
CA VAL B 52 14.69 -7.10 34.65
C VAL B 52 15.81 -6.67 33.73
N ARG B 53 16.49 -7.68 33.16
CA ARG B 53 17.65 -7.47 32.32
C ARG B 53 17.28 -6.73 31.04
N THR B 54 18.09 -5.74 30.69
CA THR B 54 17.88 -4.98 29.46
C THR B 54 19.26 -4.63 28.89
N THR B 55 19.30 -3.55 28.11
CA THR B 55 20.49 -3.13 27.36
C THR B 55 21.44 -2.31 28.26
N THR B 56 21.84 -2.93 29.34
CA THR B 56 22.84 -2.38 30.24
C THR B 56 23.67 -3.53 30.80
N GLY B 57 24.77 -3.22 31.44
CA GLY B 57 25.40 -4.22 32.27
C GLY B 57 25.12 -3.96 33.74
N LEU B 58 23.97 -3.36 34.02
CA LEU B 58 23.63 -2.88 35.34
C LEU B 58 22.45 -3.68 35.86
N GLN B 59 22.54 -4.06 37.14
CA GLN B 59 21.52 -4.93 37.72
C GLN B 59 20.21 -4.20 37.96
N PHE B 60 20.29 -2.95 38.44
CA PHE B 60 19.09 -2.28 38.91
C PHE B 60 18.77 -0.96 38.23
N ILE B 61 19.75 -0.24 37.69
CA ILE B 61 19.51 1.12 37.20
C ILE B 61 19.77 1.20 35.71
N SER B 62 19.12 2.16 35.05
CA SER B 62 19.40 2.37 33.64
C SER B 62 20.76 3.07 33.45
N GLU B 63 21.17 3.20 32.18
CA GLU B 63 22.48 3.72 31.86
C GLU B 63 22.65 5.18 32.28
N TYR B 64 21.56 5.94 32.38
CA TYR B 64 21.59 7.32 32.87
C TYR B 64 20.61 7.43 34.02
N PRO B 65 21.05 7.20 35.25
CA PRO B 65 20.15 7.37 36.38
C PRO B 65 19.94 8.85 36.63
N GLN B 66 18.72 9.20 37.01
CA GLN B 66 18.34 10.59 37.13
C GLN B 66 19.14 11.26 38.26
N MET B 67 19.28 12.58 38.17
CA MET B 67 20.15 13.28 39.12
C MET B 67 19.46 13.65 40.42
N TYR B 68 19.14 14.93 40.61
CA TYR B 68 18.75 15.44 41.92
C TYR B 68 17.35 14.94 42.31
N GLY B 69 17.26 14.30 43.49
CA GLY B 69 16.01 13.79 44.01
C GLY B 69 15.34 12.72 43.17
N GLY B 70 16.10 11.97 42.39
CA GLY B 70 15.50 11.03 41.45
C GLY B 70 14.72 11.69 40.35
N ALA B 71 15.01 12.96 40.06
CA ALA B 71 14.26 13.76 39.08
C ALA B 71 12.76 13.78 39.34
N MET B 72 12.35 13.52 40.57
CA MET B 72 10.96 13.56 40.97
C MET B 72 10.66 14.91 41.64
N ARG B 73 9.41 15.35 41.55
CA ARG B 73 8.97 16.54 42.27
C ARG B 73 9.28 16.40 43.76
N ALA B 74 9.96 17.40 44.33
CA ALA B 74 10.30 17.32 45.75
C ALA B 74 9.06 17.32 46.63
N ASP B 75 7.90 17.69 46.08
CA ASP B 75 6.67 17.83 46.86
C ASP B 75 5.65 16.74 46.61
N ALA B 76 5.93 15.79 45.72
CA ALA B 76 4.96 14.77 45.33
C ALA B 76 5.22 13.41 45.96
N TRP B 77 6.12 13.34 46.94
CA TRP B 77 6.38 12.05 47.58
C TRP B 77 5.27 11.73 48.59
N PRO B 78 4.78 10.49 48.61
CA PRO B 78 3.82 10.09 49.63
C PRO B 78 4.52 9.64 50.90
N GLU B 79 3.73 9.33 51.93
CA GLU B 79 4.29 9.06 53.26
C GLU B 79 5.32 7.93 53.22
N SER B 80 4.96 6.82 52.60
CA SER B 80 5.92 5.83 52.13
C SER B 80 5.57 5.48 50.70
N GLY B 81 6.59 5.12 49.94
CA GLY B 81 6.40 4.79 48.54
C GLY B 81 6.93 5.88 47.62
N TYR B 82 7.09 5.50 46.34
CA TYR B 82 7.63 6.40 45.33
C TYR B 82 6.54 7.35 44.83
N PRO B 83 6.92 8.50 44.26
CA PRO B 83 5.90 9.41 43.69
C PRO B 83 5.15 8.74 42.55
N GLY B 84 3.84 8.94 42.54
CA GLY B 84 2.98 8.27 41.60
C GLY B 84 2.49 6.91 42.04
N SER B 85 2.91 6.42 43.21
CA SER B 85 2.41 5.14 43.70
C SER B 85 1.22 5.31 44.63
N ASP B 86 0.95 6.54 45.07
CA ASP B 86 -0.15 6.85 45.99
C ASP B 86 -1.31 7.41 45.16
N ARG B 87 -2.34 6.60 44.95
CA ARG B 87 -3.53 6.86 44.15
C ARG B 87 -4.36 8.00 44.74
N GLU B 88 -4.32 8.12 46.05
CA GLU B 88 -5.00 9.23 46.70
C GLU B 88 -4.24 10.53 46.47
N LEU B 89 -2.91 10.48 46.54
CA LEU B 89 -2.11 11.67 46.27
C LEU B 89 -2.27 12.09 44.82
N LEU B 90 -2.31 11.12 43.89
CA LEU B 90 -2.50 11.47 42.49
C LEU B 90 -3.89 12.07 42.26
N ARG B 91 -4.90 11.60 43.00
CA ARG B 91 -6.23 12.19 42.88
C ARG B 91 -6.22 13.66 43.32
N THR B 92 -5.63 13.97 44.47
CA THR B 92 -5.70 15.33 44.97
C THR B 92 -4.69 16.24 44.28
N GLN B 93 -3.44 15.79 44.19
CA GLN B 93 -2.35 16.65 43.75
C GLN B 93 -2.36 16.88 42.24
N LEU B 94 -2.93 15.96 41.47
CA LEU B 94 -2.94 16.10 40.02
C LEU B 94 -4.35 16.20 39.47
N LEU B 95 -5.16 15.15 39.64
CA LEU B 95 -6.45 15.10 38.96
C LEU B 95 -7.41 16.15 39.50
N ASP B 96 -7.40 16.38 40.81
CA ASP B 96 -8.29 17.39 41.39
C ASP B 96 -7.74 18.79 41.17
N LYS B 97 -6.44 18.98 41.43
CA LYS B 97 -5.85 20.31 41.49
C LYS B 97 -5.84 21.03 40.14
N HIS B 98 -5.96 20.30 39.03
CA HIS B 98 -5.86 20.93 37.72
C HIS B 98 -7.06 20.61 36.84
N ASN B 99 -8.10 19.97 37.38
CA ASN B 99 -9.34 19.77 36.64
C ASN B 99 -9.10 18.94 35.38
N ILE B 100 -8.28 17.90 35.48
CA ILE B 100 -8.02 17.00 34.35
C ILE B 100 -9.18 16.06 34.18
N GLN B 101 -9.76 16.02 32.98
CA GLN B 101 -10.86 15.13 32.65
C GLN B 101 -10.46 13.93 31.79
N LEU B 102 -9.26 13.95 31.18
CA LEU B 102 -8.70 12.78 30.50
C LEU B 102 -7.18 12.80 30.73
N GLY B 103 -6.74 12.05 31.72
CA GLY B 103 -5.33 11.97 32.03
C GLY B 103 -4.81 10.61 31.64
N VAL B 104 -3.92 10.57 30.66
CA VAL B 104 -3.49 9.31 30.06
C VAL B 104 -2.30 8.76 30.84
N LEU B 105 -2.52 7.62 31.48
CA LEU B 105 -1.48 6.92 32.21
C LEU B 105 -0.43 6.35 31.26
N GLN B 106 0.84 6.56 31.60
CA GLN B 106 1.98 5.95 30.90
C GLN B 106 2.89 5.31 31.93
N CYS B 107 2.59 4.06 32.27
CA CYS B 107 3.40 3.36 33.26
C CYS B 107 4.74 2.93 32.63
N LEU B 108 5.84 3.46 33.15
CA LEU B 108 7.18 3.22 32.64
C LEU B 108 8.06 2.42 33.60
N ALA B 109 7.49 1.79 34.61
CA ALA B 109 8.28 0.99 35.52
C ALA B 109 7.40 -0.08 36.15
N PRO B 110 7.94 -1.23 36.49
CA PRO B 110 7.19 -2.15 37.35
C PRO B 110 7.40 -1.82 38.82
N GLY B 111 8.54 -1.23 39.16
CA GLY B 111 8.93 -1.05 40.56
C GLY B 111 8.85 0.38 41.06
N GLY B 112 9.82 0.77 41.89
CA GLY B 112 9.89 2.13 42.41
C GLY B 112 11.04 2.93 41.82
N GLN B 113 10.93 3.28 40.53
CA GLN B 113 11.97 3.96 39.77
C GLN B 113 11.31 4.95 38.81
N THR B 114 12.14 5.67 38.04
CA THR B 114 11.70 6.71 37.11
C THR B 114 11.48 6.18 35.68
N LEU B 115 12.44 5.41 35.15
CA LEU B 115 12.44 5.00 33.73
C LEU B 115 13.09 3.62 33.62
N ASN B 116 12.25 2.58 33.63
CA ASN B 116 12.68 1.20 33.48
C ASN B 116 11.61 0.42 32.73
N PRO B 117 11.43 0.66 31.43
CA PRO B 117 10.23 0.15 30.74
C PRO B 117 10.24 -1.37 30.61
N ALA B 118 9.15 -2.00 31.10
CA ALA B 118 8.84 -3.41 30.89
C ALA B 118 9.10 -3.88 29.46
N GLY B 119 8.68 -3.09 28.48
CA GLY B 119 8.87 -3.51 27.11
C GLY B 119 10.30 -3.57 26.64
N GLN B 120 11.27 -3.15 27.44
CA GLN B 120 12.67 -3.18 26.99
C GLN B 120 13.48 -4.22 27.72
N ALA B 121 12.82 -5.16 28.41
CA ALA B 121 13.55 -6.30 28.94
C ALA B 121 14.10 -7.12 27.79
N LEU B 122 15.36 -7.55 27.90
CA LEU B 122 15.90 -8.37 26.81
C LEU B 122 15.18 -9.70 26.68
N ASN B 123 14.67 -10.24 27.78
CA ASN B 123 13.85 -11.45 27.74
C ASN B 123 12.43 -11.02 27.40
N GLN B 124 12.03 -11.26 26.16
CA GLN B 124 10.81 -10.65 25.65
C GLN B 124 9.56 -11.41 26.08
N GLU B 125 9.71 -12.60 26.68
CA GLU B 125 8.55 -13.22 27.30
C GLU B 125 8.29 -12.59 28.67
N LEU B 126 9.36 -12.38 29.44
CA LEU B 126 9.24 -11.60 30.66
C LEU B 126 8.64 -10.22 30.38
N ALA B 127 9.07 -9.59 29.30
CA ALA B 127 8.62 -8.24 28.97
C ALA B 127 7.11 -8.22 28.65
N ALA B 128 6.67 -9.11 27.76
CA ALA B 128 5.24 -9.29 27.47
C ALA B 128 4.44 -9.60 28.73
N ALA B 129 4.99 -10.39 29.64
CA ALA B 129 4.29 -10.65 30.90
C ALA B 129 4.21 -9.41 31.76
N LEU B 130 5.32 -8.67 31.87
CA LEU B 130 5.32 -7.43 32.63
C LEU B 130 4.35 -6.41 32.04
N CYS B 131 4.24 -6.37 30.71
CA CYS B 131 3.27 -5.47 30.11
C CYS B 131 1.85 -5.92 30.41
N ARG B 132 1.56 -7.21 30.25
CA ARG B 132 0.23 -7.73 30.52
C ARG B 132 -0.18 -7.44 31.96
N ALA B 133 0.78 -7.52 32.88
CA ALA B 133 0.45 -7.28 34.28
C ALA B 133 0.20 -5.80 34.53
N THR B 134 1.02 -4.94 33.93
CA THR B 134 0.83 -3.52 34.11
C THR B 134 -0.54 -3.07 33.61
N ASN B 135 -1.05 -3.70 32.56
CA ASN B 135 -2.34 -3.32 31.98
C ASN B 135 -3.51 -3.84 32.80
N ASP B 136 -3.36 -5.02 33.41
CA ASP B 136 -4.40 -5.47 34.32
C ASP B 136 -4.42 -4.62 35.57
N TRP B 137 -3.25 -4.33 36.14
CA TRP B 137 -3.13 -3.50 37.32
C TRP B 137 -3.75 -2.13 37.09
N GLN B 138 -3.30 -1.41 36.06
CA GLN B 138 -3.63 0.00 35.99
C GLN B 138 -5.12 0.20 35.70
N LEU B 139 -5.72 -0.63 34.86
CA LEU B 139 -7.16 -0.59 34.68
C LEU B 139 -7.87 -0.83 36.02
N GLU B 140 -7.46 -1.88 36.72
CA GLU B 140 -8.13 -2.27 37.95
C GLU B 140 -7.93 -1.24 39.05
N HIS B 141 -6.69 -0.80 39.25
CA HIS B 141 -6.32 0.00 40.41
C HIS B 141 -6.51 1.49 40.19
N LEU B 142 -6.59 1.95 38.94
CA LEU B 142 -6.61 3.39 38.70
C LEU B 142 -7.76 3.81 37.82
N VAL B 143 -7.83 3.23 36.62
CA VAL B 143 -8.81 3.64 35.62
C VAL B 143 -10.23 3.37 36.10
N TYR B 144 -10.52 2.13 36.45
CA TYR B 144 -11.91 1.84 36.81
C TYR B 144 -12.34 2.55 38.10
N PRO B 145 -11.51 2.61 39.15
CA PRO B 145 -11.88 3.40 40.33
C PRO B 145 -11.98 4.90 40.10
N ASP B 146 -11.36 5.45 39.06
CA ASP B 146 -11.44 6.87 38.77
C ASP B 146 -11.26 7.08 37.27
N PRO B 147 -12.32 6.86 36.47
CA PRO B 147 -12.19 6.91 35.00
C PRO B 147 -11.89 8.28 34.41
N ARG B 148 -11.36 9.20 35.21
CA ARG B 148 -10.72 10.38 34.63
C ARG B 148 -9.36 10.01 34.04
N MET B 149 -8.73 8.98 34.62
CA MET B 149 -7.58 8.33 34.02
C MET B 149 -8.02 7.27 33.01
N ARG B 150 -7.28 7.18 31.91
CA ARG B 150 -7.36 6.08 30.95
C ARG B 150 -5.93 5.68 30.60
N ALA B 151 -5.75 4.45 30.19
CA ALA B 151 -4.41 3.89 30.08
C ALA B 151 -3.90 4.01 28.65
N ALA B 152 -2.61 4.33 28.53
CA ALA B 152 -1.83 3.97 27.35
C ALA B 152 -1.15 2.64 27.69
N ILE B 153 -1.43 1.60 26.93
CA ILE B 153 -1.02 0.25 27.29
C ILE B 153 0.39 0.02 26.76
N PRO B 154 1.36 -0.23 27.61
CA PRO B 154 2.68 -0.67 27.12
C PRO B 154 2.56 -2.04 26.45
N VAL B 155 3.16 -2.17 25.26
CA VAL B 155 3.31 -3.45 24.59
C VAL B 155 4.79 -3.58 24.21
N THR B 156 5.16 -4.78 23.74
CA THR B 156 6.55 -5.10 23.36
C THR B 156 6.74 -4.78 21.88
N PHE B 157 7.31 -3.61 21.57
CA PHE B 157 7.40 -3.21 20.17
C PHE B 157 8.43 -4.04 19.41
N GLU B 158 9.42 -4.57 20.13
CA GLU B 158 10.46 -5.37 19.51
C GLU B 158 10.08 -6.83 19.34
N THR B 159 8.92 -7.27 19.85
CA THR B 159 8.35 -8.58 19.51
C THR B 159 6.94 -8.37 19.01
N PRO B 160 6.75 -8.11 17.72
CA PRO B 160 5.40 -7.78 17.22
C PRO B 160 4.32 -8.79 17.59
N ASP B 161 4.61 -10.10 17.52
CA ASP B 161 3.61 -11.11 17.82
C ASP B 161 3.02 -10.89 19.20
N TYR B 162 3.88 -10.58 20.17
CA TYR B 162 3.38 -10.42 21.53
C TYR B 162 2.63 -9.10 21.68
N ALA B 163 3.11 -8.05 21.02
CA ALA B 163 2.41 -6.78 21.04
C ALA B 163 0.99 -6.93 20.51
N VAL B 164 0.85 -7.48 19.30
CA VAL B 164 -0.47 -7.69 18.71
C VAL B 164 -1.38 -8.47 19.66
N ALA B 165 -0.90 -9.60 20.18
CA ALA B 165 -1.71 -10.37 21.12
C ALA B 165 -2.21 -9.53 22.30
N GLU B 166 -1.41 -8.57 22.77
CA GLU B 166 -1.84 -7.73 23.89
C GLU B 166 -2.84 -6.65 23.46
N ILE B 167 -2.63 -6.07 22.28
CA ILE B 167 -3.65 -5.19 21.72
C ILE B 167 -4.97 -5.94 21.55
N GLU B 168 -4.92 -7.17 21.04
CA GLU B 168 -6.14 -7.97 20.93
C GLU B 168 -6.75 -8.29 22.29
N ARG B 169 -5.92 -8.66 23.26
CA ARG B 169 -6.44 -9.05 24.57
C ARG B 169 -7.22 -7.92 25.22
N VAL B 170 -6.58 -6.79 25.46
CA VAL B 170 -7.14 -5.77 26.35
C VAL B 170 -7.42 -4.44 25.65
N GLY B 171 -7.06 -4.29 24.37
CA GLY B 171 -7.06 -2.97 23.75
C GLY B 171 -8.43 -2.39 23.45
N ALA B 172 -9.47 -3.23 23.41
CA ALA B 172 -10.82 -2.74 23.18
C ALA B 172 -11.50 -2.29 24.45
N ASP B 173 -10.87 -2.48 25.60
CA ASP B 173 -11.46 -2.06 26.86
C ASP B 173 -11.71 -0.56 26.79
N PRO B 174 -12.88 -0.09 27.24
CA PRO B 174 -13.10 1.35 27.27
C PRO B 174 -12.12 2.07 28.19
N GLY B 175 -11.44 1.34 29.07
CA GLY B 175 -10.42 1.94 29.89
C GLY B 175 -9.17 2.32 29.13
N VAL B 176 -9.01 1.88 27.89
CA VAL B 176 -7.78 2.05 27.13
C VAL B 176 -8.03 3.09 26.05
N VAL B 177 -7.13 4.05 25.93
CA VAL B 177 -7.24 5.09 24.91
C VAL B 177 -6.05 5.14 23.97
N ALA B 178 -4.98 4.38 24.22
CA ALA B 178 -3.83 4.38 23.33
C ALA B 178 -2.93 3.19 23.64
N VAL B 179 -2.04 2.90 22.69
CA VAL B 179 -0.93 1.94 22.79
C VAL B 179 0.35 2.69 23.12
N LEU B 180 1.20 2.11 23.98
CA LEU B 180 2.36 2.81 24.51
C LEU B 180 3.66 2.17 24.03
N GLY B 181 4.50 2.98 23.35
CA GLY B 181 5.84 2.56 22.95
C GLY B 181 6.97 3.45 23.47
N THR B 182 8.20 3.20 23.06
CA THR B 182 9.32 4.01 23.49
C THR B 182 9.88 4.81 22.32
N SER B 183 10.58 5.90 22.65
CA SER B 183 11.22 6.70 21.61
C SER B 183 12.35 5.94 20.94
N LYS B 184 12.95 4.99 21.64
CA LYS B 184 14.17 4.34 21.18
C LYS B 184 13.88 2.89 20.84
N THR B 185 14.28 2.48 19.64
CA THR B 185 13.97 1.17 19.11
C THR B 185 15.19 0.62 18.38
N LEU B 186 15.19 -0.71 18.14
CA LEU B 186 16.31 -1.33 17.42
C LEU B 186 16.31 -0.94 15.94
N GLU B 187 15.14 -0.74 15.33
CA GLU B 187 15.10 -0.15 14.00
C GLU B 187 14.14 1.01 13.99
N PRO B 188 14.35 1.97 13.08
CA PRO B 188 13.44 3.12 13.01
C PRO B 188 11.98 2.68 12.89
N LEU B 189 11.08 3.43 13.53
CA LEU B 189 9.69 3.00 13.68
C LEU B 189 8.94 2.88 12.35
N GLY B 190 9.47 3.42 11.27
CA GLY B 190 8.83 3.22 9.99
C GLY B 190 9.15 1.91 9.33
N SER B 191 10.03 1.11 9.95
CA SER B 191 10.40 -0.18 9.41
CA SER B 191 10.40 -0.16 9.39
C SER B 191 9.22 -1.13 9.44
N ARG B 192 9.27 -2.14 8.56
CA ARG B 192 8.18 -3.10 8.44
C ARG B 192 8.05 -4.00 9.66
N LYS B 193 9.10 -4.08 10.47
CA LYS B 193 9.03 -4.88 11.68
C LYS B 193 7.83 -4.49 12.53
N TYR B 194 7.50 -3.20 12.56
CA TYR B 194 6.50 -2.68 13.50
C TYR B 194 5.11 -2.64 12.90
N TRP B 195 5.01 -2.79 11.59
CA TRP B 195 3.74 -2.70 10.89
C TRP B 195 2.66 -3.62 11.45
N PRO B 196 2.95 -4.87 11.83
CA PRO B 196 1.91 -5.69 12.47
C PRO B 196 1.32 -5.06 13.71
N ILE B 197 2.07 -4.22 14.42
CA ILE B 197 1.53 -3.50 15.57
C ILE B 197 0.65 -2.33 15.10
N TYR B 198 1.11 -1.58 14.09
CA TYR B 198 0.27 -0.51 13.59
C TYR B 198 -1.05 -1.06 13.10
N GLU B 199 -1.03 -2.26 12.52
CA GLU B 199 -2.23 -2.85 11.96
C GLU B 199 -3.23 -3.25 13.03
N ALA B 200 -2.77 -3.94 14.07
CA ALA B 200 -3.68 -4.33 15.13
C ALA B 200 -4.18 -3.12 15.92
N SER B 201 -3.40 -2.05 15.96
CA SER B 201 -3.85 -0.85 16.64
C SER B 201 -4.96 -0.17 15.84
N VAL B 202 -4.78 -0.06 14.54
CA VAL B 202 -5.85 0.46 13.69
C VAL B 202 -7.10 -0.40 13.78
N ALA B 203 -6.96 -1.70 13.99
CA ALA B 203 -8.14 -2.55 14.12
C ALA B 203 -8.86 -2.30 15.44
N GLN B 204 -8.14 -1.97 16.50
CA GLN B 204 -8.72 -1.66 17.80
C GLN B 204 -9.07 -0.17 17.95
N ASN B 205 -9.03 0.59 16.86
CA ASN B 205 -9.22 2.04 16.88
C ASN B 205 -8.44 2.68 18.03
N LEU B 206 -7.13 2.46 18.01
CA LEU B 206 -6.23 2.99 19.00
C LEU B 206 -5.14 3.80 18.33
N PRO B 207 -4.90 5.04 18.77
CA PRO B 207 -3.68 5.75 18.37
C PRO B 207 -2.51 5.23 19.17
N ILE B 208 -1.31 5.65 18.78
CA ILE B 208 -0.08 5.16 19.42
C ILE B 208 0.67 6.31 20.05
N GLN B 209 1.14 6.10 21.27
CA GLN B 209 1.98 7.08 21.96
C GLN B 209 3.39 6.51 22.14
N PHE B 210 4.38 7.30 21.73
CA PHE B 210 5.79 6.98 21.95
C PHE B 210 6.36 7.97 22.97
N HIS B 211 6.78 7.42 24.11
CA HIS B 211 7.29 8.21 25.22
C HIS B 211 8.82 8.14 25.29
N LEU B 212 9.42 9.26 25.65
CA LEU B 212 10.85 9.36 25.90
C LEU B 212 11.36 8.13 26.62
N SER B 213 12.47 7.59 26.16
CA SER B 213 13.07 6.42 26.80
C SER B 213 14.57 6.42 26.57
N GLN B 214 15.25 5.59 27.35
CA GLN B 214 16.63 5.24 27.10
C GLN B 214 16.63 3.91 26.38
N GLY B 215 17.78 3.22 26.37
CA GLY B 215 17.80 1.87 25.84
C GLY B 215 17.54 1.87 24.35
N GLY B 216 16.73 0.91 23.88
CA GLY B 216 16.46 0.71 22.46
C GLY B 216 17.47 -0.15 21.72
N GLY B 217 18.74 -0.15 22.15
CA GLY B 217 19.74 -1.00 21.54
C GLY B 217 20.91 -0.28 20.90
N HIS B 218 20.80 1.03 20.67
CA HIS B 218 21.90 1.82 20.16
C HIS B 218 22.32 2.86 21.22
N ALA B 219 23.38 3.59 20.90
CA ALA B 219 23.75 4.73 21.73
C ALA B 219 22.64 5.79 21.72
N ASN B 220 22.62 6.63 22.77
CA ASN B 220 21.56 7.62 22.90
C ASN B 220 21.70 8.81 21.95
N THR B 221 22.78 8.89 21.17
CA THR B 221 22.82 9.74 19.99
C THR B 221 23.27 8.85 18.84
N GLY B 222 23.17 9.36 17.61
CA GLY B 222 23.67 8.65 16.46
C GLY B 222 25.13 8.91 16.16
N THR B 223 25.87 9.38 17.15
CA THR B 223 27.31 9.61 17.02
C THR B 223 27.99 9.47 18.37
N GLY B 224 27.47 8.59 19.25
CA GLY B 224 28.13 8.29 20.51
C GLY B 224 27.31 8.53 21.77
N TRP B 225 27.65 7.81 22.85
CA TRP B 225 26.99 7.99 24.13
C TRP B 225 27.34 9.34 24.78
N THR B 226 26.37 9.94 25.44
CA THR B 226 26.57 11.24 26.05
C THR B 226 27.29 11.09 27.40
N SER B 227 27.96 12.16 27.83
CA SER B 227 28.66 12.22 29.12
C SER B 227 27.85 12.90 30.22
N TYR B 228 27.44 14.15 30.00
CA TYR B 228 26.84 14.95 31.08
C TYR B 228 25.33 15.04 30.90
N HIS B 229 24.64 15.36 32.00
CA HIS B 229 23.19 15.28 31.99
C HIS B 229 22.56 16.32 31.07
N THR B 230 23.25 17.45 30.85
CA THR B 230 22.79 18.37 29.81
C THR B 230 22.68 17.66 28.46
N GLU B 231 23.68 16.84 28.12
CA GLU B 231 23.72 16.02 26.90
C GLU B 231 22.62 14.96 26.86
N TYR B 232 22.58 14.14 27.91
CA TYR B 232 21.57 13.09 27.97
C TYR B 232 20.17 13.67 27.79
N HIS B 233 19.79 14.65 28.61
CA HIS B 233 18.41 15.09 28.65
C HIS B 233 18.05 15.90 27.40
N THR B 234 18.87 16.88 27.01
CA THR B 234 18.64 17.56 25.73
C THR B 234 18.61 16.58 24.58
N GLY B 235 19.48 15.55 24.62
CA GLY B 235 19.63 14.58 23.54
C GLY B 235 18.39 13.74 23.25
N HIS B 236 17.44 13.67 24.18
CA HIS B 236 16.22 12.88 23.96
C HIS B 236 15.46 13.37 22.74
N VAL B 237 15.43 14.67 22.55
CA VAL B 237 14.96 15.32 21.32
C VAL B 237 15.41 14.59 20.05
N GLN B 238 16.67 14.14 20.01
CA GLN B 238 17.21 13.59 18.75
C GLN B 238 16.56 12.28 18.34
N SER B 239 16.22 11.40 19.29
CA SER B 239 15.46 10.20 18.98
C SER B 239 14.16 10.51 18.26
N PHE B 240 13.41 11.50 18.75
CA PHE B 240 12.12 11.84 18.15
C PHE B 240 12.28 12.40 16.74
N GLN B 241 13.29 13.23 16.51
CA GLN B 241 13.59 13.68 15.15
C GLN B 241 13.80 12.50 14.23
N SER B 242 14.63 11.54 14.65
CA SER B 242 14.92 10.35 13.84
C SER B 242 13.67 9.51 13.60
N GLN B 243 12.78 9.39 14.61
CA GLN B 243 11.55 8.59 14.44
C GLN B 243 10.53 9.27 13.53
N LEU B 244 10.34 10.58 13.68
CA LEU B 244 9.43 11.30 12.79
C LEU B 244 9.81 11.05 11.34
N LEU B 245 11.09 11.27 11.01
CA LEU B 245 11.56 11.12 9.64
C LEU B 245 11.29 9.73 9.10
N SER B 246 11.46 8.72 9.95
CA SER B 246 11.26 7.34 9.54
C SER B 246 9.80 7.03 9.36
N LEU B 247 8.97 7.50 10.31
CA LEU B 247 7.54 7.24 10.20
C LEU B 247 6.96 7.93 8.97
N VAL B 248 7.37 9.18 8.69
CA VAL B 248 6.92 9.88 7.48
C VAL B 248 7.48 9.23 6.22
N LEU B 249 8.80 9.15 6.10
CA LEU B 249 9.38 8.83 4.80
C LEU B 249 9.24 7.37 4.41
N SER B 250 9.04 6.48 5.38
CA SER B 250 8.87 5.08 5.05
C SER B 250 7.55 4.81 4.32
N GLY B 251 6.65 5.80 4.27
CA GLY B 251 5.31 5.56 3.77
C GLY B 251 4.42 4.76 4.69
N THR B 252 4.79 4.62 5.97
CA THR B 252 3.93 3.95 6.94
C THR B 252 2.50 4.47 6.86
N PHE B 253 2.33 5.78 6.72
CA PHE B 253 0.99 6.36 6.68
C PHE B 253 0.34 6.23 5.31
N ASP B 254 1.09 5.84 4.28
CA ASP B 254 0.45 5.38 3.06
C ASP B 254 -0.16 4.01 3.28
N ARG B 255 0.50 3.19 4.09
CA ARG B 255 -0.04 1.87 4.37
C ARG B 255 -1.19 1.96 5.39
N PHE B 256 -1.05 2.80 6.40
CA PHE B 256 -2.06 2.99 7.44
C PHE B 256 -2.62 4.42 7.40
N PRO B 257 -3.53 4.71 6.45
CA PRO B 257 -4.08 6.08 6.34
C PRO B 257 -4.76 6.62 7.58
N THR B 258 -5.15 5.77 8.53
CA THR B 258 -5.85 6.19 9.73
C THR B 258 -5.00 6.03 10.99
N LEU B 259 -3.71 5.73 10.86
CA LEU B 259 -2.83 5.65 12.02
C LEU B 259 -2.53 7.04 12.57
N LYS B 260 -2.65 7.19 13.89
CA LYS B 260 -2.23 8.39 14.60
C LYS B 260 -1.19 8.01 15.64
N VAL B 261 -0.04 8.69 15.61
CA VAL B 261 1.00 8.53 16.61
C VAL B 261 1.24 9.87 17.28
N MET B 262 1.54 9.83 18.57
CA MET B 262 1.96 11.02 19.30
C MET B 262 3.35 10.79 19.87
N PHE B 263 4.21 11.77 19.67
CA PHE B 263 5.52 11.77 20.30
C PHE B 263 5.39 12.45 21.65
N VAL B 264 5.69 11.71 22.73
CA VAL B 264 5.45 12.19 24.09
C VAL B 264 6.78 12.51 24.75
N GLU B 265 6.91 13.76 25.22
CA GLU B 265 8.04 14.23 26.01
C GLU B 265 9.32 14.33 25.17
N GLY B 266 9.19 14.75 23.93
CA GLY B 266 10.35 14.94 23.09
C GLY B 266 10.41 16.35 22.55
N ASN B 267 9.67 17.25 23.21
CA ASN B 267 9.61 18.67 22.88
C ASN B 267 8.89 18.84 21.54
N VAL B 268 8.52 20.06 21.19
CA VAL B 268 7.63 20.27 20.05
C VAL B 268 8.25 21.19 19.02
N ALA B 269 8.80 22.33 19.46
CA ALA B 269 9.30 23.36 18.55
C ALA B 269 10.23 22.78 17.51
N HIS B 270 11.23 22.00 17.95
CA HIS B 270 12.30 21.52 17.10
C HIS B 270 11.76 20.74 15.92
N PHE B 271 10.56 20.16 16.06
CA PHE B 271 9.98 19.43 14.95
C PHE B 271 9.80 20.32 13.74
N ALA B 272 9.43 21.59 13.95
CA ALA B 272 9.02 22.43 12.83
C ALA B 272 10.16 22.70 11.88
N PRO B 273 11.30 23.28 12.30
CA PRO B 273 12.42 23.41 11.36
C PRO B 273 12.86 22.06 10.80
N LEU B 274 12.72 20.98 11.57
CA LEU B 274 13.06 19.65 11.06
C LEU B 274 12.23 19.30 9.83
N ILE B 275 10.93 19.47 9.93
CA ILE B 275 10.04 19.18 8.82
C ILE B 275 10.29 20.15 7.67
N GLN B 276 10.63 21.39 8.01
CA GLN B 276 10.98 22.35 6.97
C GLN B 276 12.21 21.88 6.21
N ARG B 277 13.21 21.34 6.93
CA ARG B 277 14.38 20.74 6.32
C ARG B 277 14.02 19.51 5.49
N MET B 278 13.13 18.65 6.03
CA MET B 278 12.72 17.45 5.30
C MET B 278 12.06 17.81 3.98
N ASP B 279 11.07 18.71 3.99
CA ASP B 279 10.44 19.15 2.75
C ASP B 279 11.48 19.68 1.77
N TYR B 280 12.29 20.66 2.21
CA TYR B 280 13.29 21.29 1.36
C TYR B 280 14.21 20.27 0.70
N THR B 281 14.67 19.27 1.47
CA THR B 281 15.55 18.24 0.92
C THR B 281 14.80 17.35 -0.07
N TRP B 282 13.57 16.97 0.29
CA TRP B 282 12.77 16.07 -0.54
C TRP B 282 12.53 16.66 -1.93
N GLU B 283 12.34 17.98 -2.04
CA GLU B 283 12.20 18.64 -3.34
C GLU B 283 13.31 18.21 -4.29
N THR B 284 14.53 18.14 -3.79
CA THR B 284 15.63 17.66 -4.62
C THR B 284 15.65 16.15 -4.70
N LEU B 285 15.52 15.47 -3.57
CA LEU B 285 15.92 14.07 -3.52
C LEU B 285 14.75 13.11 -3.58
N ARG B 286 13.53 13.63 -3.78
CA ARG B 286 12.29 12.84 -3.79
C ARG B 286 12.36 11.63 -4.71
N GLY B 287 13.20 11.66 -5.73
CA GLY B 287 13.35 10.55 -6.67
C GLY B 287 13.88 9.27 -6.02
N GLU B 288 14.44 9.33 -4.82
CA GLU B 288 14.83 8.12 -4.10
C GLU B 288 13.64 7.43 -3.46
N LEU B 289 12.54 8.17 -3.23
CA LEU B 289 11.38 7.65 -2.53
C LEU B 289 10.14 7.87 -3.39
N PRO B 290 10.03 7.14 -4.51
CA PRO B 290 8.94 7.41 -5.46
C PRO B 290 7.61 6.79 -5.05
N ASP B 291 7.61 5.87 -4.09
CA ASP B 291 6.38 5.26 -3.63
C ASP B 291 5.58 6.14 -2.67
N LEU B 292 6.22 7.18 -2.13
CA LEU B 292 5.57 8.10 -1.21
C LEU B 292 4.47 8.87 -1.93
N GLN B 293 3.28 8.86 -1.34
CA GLN B 293 2.13 9.43 -2.02
C GLN B 293 2.00 10.92 -1.80
N ARG B 294 2.47 11.46 -0.67
CA ARG B 294 2.30 12.86 -0.35
C ARG B 294 3.64 13.54 -0.16
N LYS B 295 3.64 14.86 -0.26
CA LYS B 295 4.77 15.64 0.22
C LYS B 295 4.97 15.36 1.72
N PRO B 296 6.19 15.09 2.17
CA PRO B 296 6.39 14.66 3.58
C PRO B 296 5.76 15.54 4.66
N SER B 297 5.75 16.87 4.49
CA SER B 297 5.09 17.74 5.48
C SER B 297 3.58 17.55 5.51
N GLU B 298 2.97 17.14 4.39
CA GLU B 298 1.52 16.98 4.36
C GLU B 298 1.04 15.87 5.29
N TYR B 299 1.91 14.92 5.65
CA TYR B 299 1.55 13.83 6.54
C TYR B 299 1.31 14.30 7.97
N ILE B 300 1.92 15.41 8.37
CA ILE B 300 1.89 15.84 9.78
C ILE B 300 0.45 15.90 10.30
N ARG B 301 -0.39 16.70 9.62
CA ARG B 301 -1.68 17.11 10.17
C ARG B 301 -2.55 15.92 10.53
N ASP B 302 -2.46 14.83 9.77
CA ASP B 302 -3.33 13.69 10.01
C ASP B 302 -2.69 12.60 10.85
N HIS B 303 -1.38 12.64 11.07
CA HIS B 303 -0.72 11.43 11.58
C HIS B 303 0.19 11.65 12.78
N ILE B 304 0.81 12.83 12.88
CA ILE B 304 1.83 13.09 13.89
C ILE B 304 1.30 14.13 14.87
N TRP B 305 1.19 13.75 16.14
CA TRP B 305 0.90 14.66 17.24
C TRP B 305 2.11 14.76 18.17
N ALA B 306 2.09 15.76 19.04
CA ALA B 306 3.17 15.88 20.03
C ALA B 306 2.64 16.50 21.32
N SER B 307 3.02 15.92 22.45
CA SER B 307 2.69 16.53 23.73
C SER B 307 3.71 17.64 24.03
N THR B 308 3.41 18.44 25.07
CA THR B 308 4.08 19.73 25.30
C THR B 308 5.18 19.69 26.35
N GLN B 309 5.02 18.91 27.42
CA GLN B 309 6.03 18.81 28.45
C GLN B 309 7.32 18.22 27.88
N PRO B 310 8.50 18.78 28.22
CA PRO B 310 8.65 20.04 28.97
C PRO B 310 8.54 21.22 28.01
N ILE B 311 7.66 22.18 28.31
CA ILE B 311 7.36 23.26 27.37
C ILE B 311 8.65 23.92 26.89
N ASP B 312 8.70 24.24 25.60
CA ASP B 312 9.81 25.03 25.08
C ASP B 312 9.76 26.44 25.66
N GLU B 313 10.94 27.04 25.85
CA GLU B 313 11.05 28.36 26.44
C GLU B 313 11.99 29.22 25.62
N PRO B 314 11.51 29.76 24.49
CA PRO B 314 12.35 30.66 23.68
C PRO B 314 12.76 31.90 24.48
N GLU B 315 13.82 32.53 24.01
CA GLU B 315 14.24 33.76 24.64
C GLU B 315 13.23 34.87 24.38
N LYS B 316 12.64 34.88 23.19
CA LYS B 316 11.54 35.78 22.86
C LYS B 316 10.27 34.94 22.84
N PRO B 317 9.38 35.08 23.83
CA PRO B 317 8.29 34.10 23.97
C PRO B 317 7.24 34.15 22.87
N GLU B 318 7.28 35.13 21.95
CA GLU B 318 6.35 35.03 20.84
C GLU B 318 6.74 33.91 19.89
N HIS B 319 8.00 33.45 19.93
CA HIS B 319 8.41 32.42 18.97
C HIS B 319 7.76 31.08 19.25
N LEU B 320 7.38 30.79 20.50
CA LEU B 320 6.77 29.50 20.80
C LEU B 320 5.54 29.27 19.94
N ALA B 321 4.54 30.16 20.06
CA ALA B 321 3.33 30.04 19.26
C ALA B 321 3.63 30.00 17.78
N GLU B 322 4.62 30.80 17.34
CA GLU B 322 5.02 30.78 15.94
C GLU B 322 5.52 29.41 15.51
N LEU B 323 6.31 28.77 16.38
CA LEU B 323 6.88 27.48 16.02
C LEU B 323 5.87 26.35 16.17
N LEU B 324 4.95 26.46 17.14
CA LEU B 324 3.92 25.43 17.27
C LEU B 324 3.00 25.42 16.07
N GLU B 325 2.66 26.59 15.55
CA GLU B 325 1.84 26.66 14.35
C GLU B 325 2.60 26.12 13.13
N GLU B 326 3.90 26.43 13.03
CA GLU B 326 4.68 25.97 11.90
C GLU B 326 4.79 24.46 11.87
N PHE B 327 4.74 23.82 13.03
CA PHE B 327 4.65 22.36 13.10
C PHE B 327 3.27 21.93 12.61
N CYS B 328 2.28 22.17 13.46
CA CYS B 328 0.85 22.05 13.20
C CYS B 328 0.11 22.46 14.48
N GLY B 329 -0.59 23.59 14.45
CA GLY B 329 -1.29 24.07 15.63
C GLY B 329 -2.32 23.12 16.16
N ASP B 330 -2.84 22.22 15.29
CA ASP B 330 -3.91 21.30 15.65
C ASP B 330 -3.41 20.01 16.27
N ASN B 331 -2.09 19.76 16.25
CA ASN B 331 -1.56 18.46 16.62
C ASN B 331 -0.57 18.56 17.78
N VAL B 332 -0.80 19.53 18.67
CA VAL B 332 -0.02 19.71 19.87
C VAL B 332 -0.96 19.51 21.05
N VAL B 333 -0.55 18.67 22.00
CA VAL B 333 -1.44 18.25 23.07
C VAL B 333 -0.76 18.52 24.41
N PHE B 334 -1.54 19.04 25.36
CA PHE B 334 -0.96 19.36 26.66
C PHE B 334 -0.55 18.09 27.43
N ALA B 335 0.46 18.26 28.29
CA ALA B 335 0.79 17.23 29.27
C ALA B 335 1.51 17.86 30.45
N THR B 336 1.35 17.26 31.62
CA THR B 336 2.04 17.71 32.82
C THR B 336 3.31 16.93 33.14
N ASP B 337 3.34 15.64 32.81
CA ASP B 337 4.43 14.76 33.25
C ASP B 337 4.45 14.62 34.76
N TYR B 338 3.29 14.60 35.37
CA TYR B 338 3.25 14.34 36.80
C TYR B 338 3.76 12.93 37.08
N PRO B 339 4.68 12.73 38.04
CA PRO B 339 5.22 13.69 39.01
C PRO B 339 6.70 14.06 38.82
N HIS B 340 7.19 14.11 37.58
CA HIS B 340 8.61 14.35 37.38
C HIS B 340 8.97 15.82 37.71
N PHE B 341 10.28 16.08 37.82
CA PHE B 341 10.73 17.34 38.40
C PHE B 341 10.43 18.52 37.50
N ASP B 342 10.47 18.33 36.19
CA ASP B 342 10.15 19.39 35.24
C ASP B 342 8.66 19.39 34.86
N PHE B 343 7.81 18.94 35.79
CA PHE B 343 6.36 19.05 35.70
C PHE B 343 5.93 20.41 35.17
N ASP B 344 4.93 20.41 34.28
CA ASP B 344 4.37 21.62 33.73
C ASP B 344 3.00 21.89 34.36
N ASP B 345 2.88 23.05 34.96
CA ASP B 345 1.62 23.54 35.49
C ASP B 345 0.86 24.19 34.36
N PRO B 346 -0.38 23.78 34.07
CA PRO B 346 -1.12 24.39 32.96
C PRO B 346 -1.40 25.85 33.22
N GLU B 347 -1.46 26.25 34.48
CA GLU B 347 -1.69 27.63 34.86
C GLU B 347 -0.48 28.53 34.54
N THR B 348 0.72 27.97 34.40
CA THR B 348 1.91 28.80 34.20
C THR B 348 2.77 28.39 33.01
N ALA B 349 2.47 27.28 32.32
CA ALA B 349 3.41 26.78 31.33
C ALA B 349 3.50 27.71 30.11
N PHE B 350 2.41 28.38 29.75
CA PHE B 350 2.36 29.07 28.46
C PHE B 350 2.87 30.51 28.57
N PRO B 351 3.63 30.95 27.57
CA PRO B 351 4.16 32.33 27.57
C PRO B 351 3.07 33.37 27.51
N ARG B 352 3.42 34.55 28.02
CA ARG B 352 2.33 35.50 28.25
C ARG B 352 1.70 35.97 26.94
N SER B 353 2.42 36.17 25.84
CA SER B 353 1.75 36.63 24.63
C SER B 353 1.01 35.51 23.89
N PHE B 354 0.99 34.30 24.43
CA PHE B 354 0.46 33.13 23.74
C PHE B 354 -1.02 33.33 23.42
N PRO B 355 -1.48 32.98 22.22
CA PRO B 355 -2.90 33.19 21.89
C PRO B 355 -3.79 32.12 22.51
N VAL B 356 -4.98 32.54 22.98
CA VAL B 356 -5.87 31.63 23.73
C VAL B 356 -6.43 30.53 22.84
N ASP B 357 -6.70 30.82 21.57
CA ASP B 357 -7.19 29.79 20.67
C ASP B 357 -6.25 28.59 20.70
N LEU B 358 -4.96 28.85 20.58
CA LEU B 358 -3.98 27.78 20.53
C LEU B 358 -3.89 27.04 21.88
N ARG B 359 -3.79 27.78 22.99
CA ARG B 359 -3.70 27.13 24.30
C ARG B 359 -4.90 26.22 24.57
N ASP B 360 -6.10 26.67 24.20
CA ASP B 360 -7.29 25.91 24.55
C ASP B 360 -7.46 24.67 23.70
N LYS B 361 -7.07 24.71 22.42
CA LYS B 361 -7.12 23.46 21.70
C LYS B 361 -5.97 22.55 22.09
N ILE B 362 -4.85 23.11 22.56
CA ILE B 362 -3.81 22.27 23.14
C ILE B 362 -4.34 21.57 24.37
N LEU B 363 -5.16 22.27 25.16
CA LEU B 363 -5.67 21.71 26.40
C LEU B 363 -6.85 20.76 26.18
N ARG B 364 -7.54 20.88 25.05
CA ARG B 364 -8.79 20.16 24.87
C ARG B 364 -8.86 19.50 23.49
N GLY B 365 -9.12 20.30 22.46
CA GLY B 365 -9.61 19.75 21.20
C GLY B 365 -8.63 18.87 20.46
N ASN B 366 -7.33 19.19 20.52
CA ASN B 366 -6.32 18.40 19.80
C ASN B 366 -6.14 17.03 20.46
N GLY B 367 -5.98 17.01 21.77
CA GLY B 367 -5.99 15.73 22.46
C GLY B 367 -7.29 14.99 22.25
N MET B 368 -8.40 15.70 22.18
CA MET B 368 -9.69 15.01 22.01
C MET B 368 -9.75 14.31 20.66
N ARG B 369 -9.11 14.89 19.66
CA ARG B 369 -9.18 14.35 18.31
C ARG B 369 -8.17 13.22 18.14
N PHE B 370 -7.01 13.32 18.77
CA PHE B 370 -6.04 12.23 18.75
C PHE B 370 -6.58 10.98 19.46
N PHE B 371 -7.26 11.15 20.59
CA PHE B 371 -7.86 10.02 21.29
C PHE B 371 -9.30 9.73 20.85
N GLY B 372 -9.83 10.46 19.86
CA GLY B 372 -11.23 10.28 19.50
C GLY B 372 -12.18 10.38 20.69
N VAL B 373 -12.25 11.55 21.32
CA VAL B 373 -13.14 11.75 22.47
C VAL B 373 -14.36 12.54 22.04
N VAL C 36 1.89 6.50 -58.89
CA VAL C 36 2.40 5.88 -57.67
C VAL C 36 1.54 6.29 -56.45
N PRO C 37 1.25 5.32 -55.57
CA PRO C 37 0.39 5.61 -54.41
C PRO C 37 1.11 6.43 -53.34
N ALA C 38 0.38 7.39 -52.78
CA ALA C 38 0.97 8.43 -51.93
C ALA C 38 1.19 7.96 -50.50
N VAL C 39 2.23 8.52 -49.86
CA VAL C 39 2.37 8.36 -48.42
C VAL C 39 1.22 9.11 -47.74
N VAL C 40 0.35 8.38 -47.08
CA VAL C 40 -0.80 8.96 -46.41
C VAL C 40 -0.59 8.79 -44.92
N ASP C 41 -0.74 9.89 -44.17
CA ASP C 41 -0.87 9.83 -42.73
C ASP C 41 -2.35 9.60 -42.46
N CYS C 42 -2.70 8.38 -42.08
CA CYS C 42 -4.09 7.94 -42.05
C CYS C 42 -4.86 8.40 -40.81
N ASP C 43 -4.24 9.17 -39.91
CA ASP C 43 -4.95 9.67 -38.72
C ASP C 43 -4.15 10.85 -38.16
N VAL C 44 -4.67 12.06 -38.34
CA VAL C 44 -4.17 13.24 -37.64
C VAL C 44 -5.42 13.93 -37.11
N HIS C 45 -5.22 14.95 -36.27
CA HIS C 45 -6.37 15.52 -35.57
C HIS C 45 -6.48 17.02 -35.74
N ALA C 46 -7.72 17.46 -35.89
CA ALA C 46 -8.13 18.85 -35.75
C ALA C 46 -8.87 19.02 -34.44
N VAL C 47 -8.41 19.96 -33.62
CA VAL C 47 -8.99 20.19 -32.31
C VAL C 47 -9.85 21.44 -32.39
N LEU C 48 -11.13 21.30 -32.12
CA LEU C 48 -12.02 22.45 -32.10
C LEU C 48 -11.57 23.38 -30.99
N PRO C 49 -11.24 24.64 -31.30
CA PRO C 49 -10.80 25.56 -30.22
C PRO C 49 -11.86 25.80 -29.16
N SER C 50 -13.13 25.82 -29.54
CA SER C 50 -14.24 26.13 -28.65
C SER C 50 -15.52 25.97 -29.47
N PRO C 51 -16.68 25.73 -28.84
CA PRO C 51 -17.92 25.62 -29.63
C PRO C 51 -18.28 26.90 -30.38
N HIS C 52 -17.75 28.06 -29.98
CA HIS C 52 -18.02 29.27 -30.75
C HIS C 52 -17.50 29.16 -32.18
N SER C 53 -16.59 28.23 -32.45
CA SER C 53 -16.11 28.04 -33.82
C SER C 53 -17.19 27.47 -34.73
N LEU C 54 -18.25 26.93 -34.15
CA LEU C 54 -19.33 26.34 -34.92
C LEU C 54 -20.37 27.37 -35.35
N ILE C 55 -20.35 28.58 -34.76
CA ILE C 55 -21.42 29.54 -34.99
C ILE C 55 -21.60 29.91 -36.45
N PRO C 56 -20.56 30.19 -37.25
CA PRO C 56 -20.79 30.59 -38.63
C PRO C 56 -21.42 29.52 -39.50
N TYR C 57 -21.52 28.28 -39.01
CA TYR C 57 -21.99 27.16 -39.80
C TYR C 57 -23.28 26.59 -39.22
N LEU C 58 -23.90 27.30 -38.29
CA LEU C 58 -25.12 26.90 -37.63
C LEU C 58 -26.25 27.84 -38.02
N ASP C 59 -27.47 27.32 -38.02
CA ASP C 59 -28.59 28.22 -38.23
C ASP C 59 -28.78 29.12 -37.01
N GLU C 60 -29.48 30.23 -37.27
CA GLU C 60 -29.75 31.20 -36.21
C GLU C 60 -30.39 30.52 -35.02
N TYR C 61 -31.27 29.54 -35.28
CA TYR C 61 -31.84 28.77 -34.19
C TYR C 61 -30.73 28.17 -33.32
N TRP C 62 -29.80 27.45 -33.95
CA TRP C 62 -28.76 26.77 -33.19
C TRP C 62 -27.65 27.71 -32.73
N ALA C 63 -27.34 28.77 -33.50
CA ALA C 63 -26.29 29.69 -33.10
C ALA C 63 -26.72 30.51 -31.88
N ASP C 64 -27.93 31.08 -31.93
CA ASP C 64 -28.47 31.76 -30.76
C ASP C 64 -28.54 30.82 -29.57
N GLN C 65 -29.27 29.71 -29.73
CA GLN C 65 -29.43 28.73 -28.67
C GLN C 65 -28.09 28.29 -28.12
N LEU C 66 -27.04 28.37 -28.93
CA LEU C 66 -25.67 28.07 -28.46
C LEU C 66 -25.18 29.13 -27.49
N VAL C 67 -25.41 30.41 -27.81
CA VAL C 67 -24.92 31.47 -26.93
C VAL C 67 -25.78 31.59 -25.67
N ALA C 68 -27.08 31.30 -25.78
CA ALA C 68 -27.97 31.44 -24.61
C ALA C 68 -27.73 30.33 -23.58
N GLN C 69 -27.28 29.17 -24.03
CA GLN C 69 -26.86 28.09 -23.14
C GLN C 69 -25.54 28.38 -22.44
N LEU C 70 -24.80 29.39 -22.93
CA LEU C 70 -23.51 29.87 -22.42
C LEU C 70 -22.39 28.99 -22.95
N ALA C 71 -22.65 28.34 -24.09
CA ALA C 71 -21.63 27.62 -24.86
C ALA C 71 -20.93 26.53 -24.06
N PRO C 72 -21.64 25.52 -23.58
CA PRO C 72 -20.95 24.36 -23.01
C PRO C 72 -20.17 23.67 -24.12
N THR C 73 -18.93 23.32 -23.83
CA THR C 73 -18.09 22.66 -24.82
C THR C 73 -18.19 21.15 -24.65
N TYR C 74 -18.41 20.45 -25.77
CA TYR C 74 -18.36 18.98 -25.79
C TYR C 74 -16.97 18.47 -26.10
N GLU C 75 -15.94 19.21 -25.68
CA GLU C 75 -14.59 18.71 -25.74
C GLU C 75 -14.54 17.40 -24.97
N PRO C 76 -14.16 16.29 -25.60
CA PRO C 76 -14.17 15.00 -24.91
C PRO C 76 -13.03 14.90 -23.91
N ASN C 77 -13.03 13.80 -23.15
CA ASN C 77 -11.90 13.53 -22.27
C ASN C 77 -11.03 12.37 -22.78
N TYR C 78 -11.09 12.07 -24.10
CA TYR C 78 -10.32 10.93 -24.62
C TYR C 78 -8.83 11.20 -24.58
N HIS C 79 -8.44 12.46 -24.75
CA HIS C 79 -7.05 12.87 -24.68
C HIS C 79 -7.04 14.11 -23.80
N PRO C 80 -7.06 13.94 -22.47
CA PRO C 80 -7.12 15.08 -21.56
C PRO C 80 -6.12 16.18 -21.91
N ARG C 81 -6.63 17.41 -22.02
CA ARG C 81 -5.86 18.48 -22.64
C ARG C 81 -4.54 18.74 -21.93
N GLY C 82 -4.47 18.49 -20.63
CA GLY C 82 -3.26 18.68 -19.86
C GLY C 82 -2.42 17.43 -19.62
N SER C 83 -2.85 16.28 -20.12
CA SER C 83 -2.12 15.03 -19.91
C SER C 83 -1.07 14.86 -21.01
N ALA C 84 -0.13 13.96 -20.76
CA ALA C 84 1.00 13.83 -21.66
C ALA C 84 0.62 13.33 -23.06
N ILE C 85 -0.52 12.66 -23.22
CA ILE C 85 -0.94 12.18 -24.53
C ILE C 85 -1.38 13.31 -25.46
N ALA C 86 -1.89 14.42 -24.90
CA ALA C 86 -2.67 15.36 -25.70
C ALA C 86 -1.85 15.98 -26.81
N GLN C 87 -0.58 16.29 -26.55
CA GLN C 87 0.29 16.86 -27.56
C GLN C 87 1.74 16.64 -27.15
N HIS C 88 2.57 16.21 -28.09
CA HIS C 88 4.00 16.09 -27.82
C HIS C 88 4.64 17.48 -27.79
N SER C 89 5.85 17.55 -27.27
CA SER C 89 6.46 18.83 -26.92
C SER C 89 7.08 19.57 -28.11
N ASP C 90 7.06 18.99 -29.31
CA ASP C 90 7.45 19.69 -30.52
C ASP C 90 6.26 20.25 -31.29
N ALA C 91 5.05 20.05 -30.80
CA ALA C 91 3.88 20.52 -31.51
C ALA C 91 3.70 22.01 -31.32
N SER C 92 3.46 22.72 -32.41
CA SER C 92 3.09 24.13 -32.32
C SER C 92 1.80 24.27 -31.52
N VAL C 93 1.73 25.33 -30.72
CA VAL C 93 0.64 25.57 -29.78
C VAL C 93 0.03 26.94 -30.07
N ASP C 94 -1.26 27.08 -29.78
CA ASP C 94 -1.93 28.36 -29.97
C ASP C 94 -1.70 29.25 -28.74
N GLU C 95 -2.49 30.33 -28.64
CA GLU C 95 -2.37 31.24 -27.51
C GLU C 95 -2.69 30.56 -26.20
N ASN C 96 -3.44 29.47 -26.22
CA ASN C 96 -3.90 28.79 -25.04
C ASN C 96 -3.05 27.58 -24.67
N GLY C 97 -1.96 27.32 -25.38
CA GLY C 97 -1.14 26.16 -25.14
C GLY C 97 -1.62 24.90 -25.82
N ARG C 98 -2.55 25.03 -26.77
CA ARG C 98 -3.20 23.89 -27.38
C ARG C 98 -2.67 23.69 -28.79
N ALA C 99 -2.27 22.46 -29.08
CA ALA C 99 -1.80 22.02 -30.38
C ALA C 99 -2.96 21.55 -31.23
N ALA C 100 -2.81 21.72 -32.55
CA ALA C 100 -3.75 21.26 -33.58
C ALA C 100 -5.09 22.02 -33.59
N THR C 101 -5.15 23.25 -33.06
CA THR C 101 -6.38 24.02 -33.13
C THR C 101 -6.56 24.78 -34.44
N THR C 102 -5.48 24.99 -35.19
CA THR C 102 -5.55 25.66 -36.49
C THR C 102 -4.85 24.81 -37.54
N ALA C 103 -5.32 24.93 -38.78
CA ALA C 103 -4.75 24.17 -39.88
C ALA C 103 -3.31 24.59 -40.17
N GLU C 104 -3.02 25.89 -40.08
CA GLU C 104 -1.66 26.34 -40.32
C GLU C 104 -0.70 25.59 -39.42
N ASN C 105 -1.05 25.49 -38.13
CA ASN C 105 -0.15 24.84 -37.18
C ASN C 105 0.01 23.36 -37.50
N LEU C 106 -1.09 22.69 -37.85
CA LEU C 106 -1.00 21.26 -38.19
C LEU C 106 -0.16 21.06 -39.44
N VAL C 107 -0.45 21.80 -40.50
CA VAL C 107 0.23 21.60 -41.77
C VAL C 107 1.71 21.93 -41.64
N LYS C 108 2.01 23.02 -40.94
CA LYS C 108 3.40 23.34 -40.60
C LYS C 108 4.11 22.11 -40.01
N ASP C 109 3.43 21.42 -39.08
CA ASP C 109 4.06 20.34 -38.32
C ASP C 109 4.05 19.02 -39.07
N VAL C 110 2.93 18.64 -39.69
CA VAL C 110 2.81 17.30 -40.25
C VAL C 110 3.71 17.13 -41.47
N PHE C 111 3.75 18.12 -42.36
CA PHE C 111 4.46 18.01 -43.64
C PHE C 111 5.86 18.60 -43.62
N ALA C 112 6.33 19.10 -42.48
CA ALA C 112 7.59 19.81 -42.41
C ALA C 112 8.72 19.04 -43.10
N ASP C 113 8.91 17.78 -42.73
CA ASP C 113 10.09 17.05 -43.17
C ASP C 113 9.98 16.46 -44.57
N GLY C 114 8.86 16.67 -45.27
CA GLY C 114 8.72 16.28 -46.65
C GLY C 114 8.23 14.88 -46.88
N PHE C 115 8.23 14.04 -45.84
CA PHE C 115 7.88 12.64 -46.02
C PHE C 115 6.43 12.49 -46.47
N THR C 116 5.51 13.16 -45.79
CA THR C 116 4.09 12.87 -45.92
C THR C 116 3.49 13.63 -47.09
N ASP C 117 2.64 12.94 -47.84
CA ASP C 117 1.97 13.44 -49.03
C ASP C 117 0.55 13.91 -48.71
N PHE C 118 -0.26 13.08 -48.06
CA PHE C 118 -1.61 13.45 -47.63
C PHE C 118 -1.79 13.11 -46.15
N ALA C 119 -2.74 13.80 -45.51
CA ALA C 119 -3.11 13.56 -44.12
C ALA C 119 -4.62 13.47 -43.99
N VAL C 120 -5.09 12.51 -43.20
CA VAL C 120 -6.51 12.29 -42.96
C VAL C 120 -6.84 12.85 -41.60
N VAL C 121 -7.69 13.87 -41.59
CA VAL C 121 -8.00 14.63 -40.40
C VAL C 121 -9.24 14.02 -39.74
N ASN C 122 -9.15 13.79 -38.45
CA ASN C 122 -10.28 13.41 -37.63
C ASN C 122 -10.40 14.43 -36.52
N CYS C 123 -11.59 15.01 -36.38
CA CYS C 123 -11.93 15.85 -35.25
C CYS C 123 -12.80 15.01 -34.32
N LEU C 124 -12.41 14.97 -33.05
CA LEU C 124 -13.11 14.16 -32.06
C LEU C 124 -14.03 14.98 -31.16
N TYR C 125 -14.24 16.25 -31.50
CA TYR C 125 -15.12 17.08 -30.68
C TYR C 125 -16.43 16.35 -30.45
N GLY C 126 -16.96 16.43 -29.23
CA GLY C 126 -17.86 15.40 -28.74
C GLY C 126 -19.32 15.46 -29.15
N VAL C 127 -19.61 15.66 -30.44
CA VAL C 127 -21.02 15.78 -30.86
C VAL C 127 -21.77 14.48 -30.66
N GLN C 128 -21.08 13.33 -30.70
CA GLN C 128 -21.79 12.08 -30.46
C GLN C 128 -22.25 11.92 -29.03
N GLN C 129 -21.80 12.80 -28.12
CA GLN C 129 -22.26 12.83 -26.74
C GLN C 129 -23.33 13.92 -26.49
N ILE C 130 -23.80 14.59 -27.52
CA ILE C 130 -24.98 15.46 -27.39
C ILE C 130 -26.23 14.57 -27.37
N HIS C 131 -26.94 14.54 -26.25
CA HIS C 131 -28.09 13.65 -26.15
C HIS C 131 -29.25 14.12 -27.01
N GLN C 132 -29.41 15.42 -27.15
CA GLN C 132 -30.50 16.00 -27.91
C GLN C 132 -30.30 15.70 -29.39
N PRO C 133 -31.14 14.86 -30.02
CA PRO C 133 -30.77 14.31 -31.33
C PRO C 133 -30.74 15.34 -32.44
N ARG C 134 -31.51 16.43 -32.34
CA ARG C 134 -31.47 17.47 -33.36
C ARG C 134 -30.23 18.34 -33.19
N ARG C 135 -29.82 18.61 -31.95
CA ARG C 135 -28.61 19.38 -31.72
C ARG C 135 -27.38 18.59 -32.15
N GLU C 136 -27.38 17.27 -31.93
CA GLU C 136 -26.28 16.45 -32.41
C GLU C 136 -26.22 16.48 -33.94
N MET C 137 -27.37 16.40 -34.61
CA MET C 137 -27.40 16.54 -36.06
C MET C 137 -26.84 17.89 -36.48
N ALA C 138 -27.23 18.95 -35.79
CA ALA C 138 -26.91 20.30 -36.24
C ALA C 138 -25.46 20.64 -35.96
N HIS C 139 -24.89 20.14 -34.87
CA HIS C 139 -23.49 20.41 -34.59
C HIS C 139 -22.56 19.48 -35.38
N ALA C 140 -22.99 18.25 -35.68
CA ALA C 140 -22.15 17.42 -36.54
C ALA C 140 -22.02 18.03 -37.92
N ARG C 141 -23.12 18.56 -38.45
CA ARG C 141 -23.09 19.20 -39.77
C ARG C 141 -22.28 20.49 -39.74
N ALA C 142 -22.33 21.23 -38.63
CA ALA C 142 -21.52 22.44 -38.51
C ALA C 142 -20.05 22.10 -38.35
N LEU C 143 -19.76 21.02 -37.62
CA LEU C 143 -18.39 20.56 -37.50
C LEU C 143 -17.82 20.15 -38.87
N ASN C 144 -18.58 19.42 -39.68
CA ASN C 144 -18.03 19.05 -40.98
C ASN C 144 -17.81 20.28 -41.86
N HIS C 145 -18.68 21.29 -41.76
CA HIS C 145 -18.44 22.53 -42.48
C HIS C 145 -17.15 23.19 -42.03
N TRP C 146 -16.94 23.27 -40.71
CA TRP C 146 -15.75 23.90 -40.17
C TRP C 146 -14.48 23.21 -40.67
N ILE C 147 -14.53 21.89 -40.80
CA ILE C 147 -13.41 21.19 -41.41
C ILE C 147 -13.31 21.55 -42.89
N ALA C 148 -14.45 21.50 -43.60
CA ALA C 148 -14.47 21.81 -45.03
C ALA C 148 -13.89 23.20 -45.30
N ASN C 149 -14.28 24.18 -44.51
CA ASN C 149 -13.94 25.55 -44.83
C ASN C 149 -12.62 25.99 -44.22
N GLU C 150 -12.32 25.56 -43.00
CA GLU C 150 -11.16 26.04 -42.29
C GLU C 150 -10.02 25.05 -42.29
N TRP C 151 -10.16 23.94 -43.00
CA TRP C 151 -9.06 22.98 -43.12
C TRP C 151 -8.95 22.53 -44.58
N LEU C 152 -10.00 21.87 -45.08
CA LEU C 152 -9.93 21.31 -46.43
C LEU C 152 -9.67 22.39 -47.48
N ASP C 153 -10.39 23.52 -47.39
CA ASP C 153 -10.17 24.61 -48.34
C ASP C 153 -8.78 25.25 -48.19
N LYS C 154 -8.09 24.99 -47.08
CA LYS C 154 -6.83 25.66 -46.82
C LYS C 154 -5.60 24.93 -47.34
N ASP C 155 -5.66 23.61 -47.47
CA ASP C 155 -4.49 22.86 -47.92
C ASP C 155 -5.01 21.62 -48.63
N ASP C 156 -4.67 21.48 -49.90
CA ASP C 156 -5.23 20.39 -50.67
C ASP C 156 -4.49 19.07 -50.43
N ARG C 157 -3.53 19.05 -49.49
CA ARG C 157 -2.94 17.82 -48.99
C ARG C 157 -3.72 17.22 -47.83
N LEU C 158 -4.68 17.96 -47.28
CA LEU C 158 -5.50 17.44 -46.20
C LEU C 158 -6.75 16.79 -46.77
N ARG C 159 -7.16 15.68 -46.14
CA ARG C 159 -8.45 15.03 -46.32
C ARG C 159 -9.08 14.89 -44.94
N ALA C 160 -10.34 14.47 -44.90
CA ALA C 160 -11.09 14.42 -43.65
C ALA C 160 -12.03 13.23 -43.61
N SER C 161 -12.40 12.85 -42.39
CA SER C 161 -13.54 11.96 -42.23
C SER C 161 -14.81 12.78 -42.02
N ILE C 162 -15.94 12.12 -42.21
CA ILE C 162 -17.24 12.73 -41.93
C ILE C 162 -17.64 12.37 -40.50
N VAL C 163 -17.74 13.40 -39.65
CA VAL C 163 -18.36 13.24 -38.34
C VAL C 163 -19.86 13.04 -38.54
N VAL C 164 -20.41 11.98 -37.95
CA VAL C 164 -21.81 11.66 -38.17
C VAL C 164 -22.59 11.64 -36.86
N PRO C 165 -23.90 11.96 -36.89
CA PRO C 165 -24.72 11.89 -35.67
C PRO C 165 -25.20 10.48 -35.37
N GLN C 166 -24.39 9.70 -34.64
CA GLN C 166 -24.63 8.26 -34.54
C GLN C 166 -25.77 7.86 -33.60
N GLY C 167 -26.41 8.81 -32.93
CA GLY C 167 -27.59 8.46 -32.17
C GLY C 167 -28.84 8.31 -33.01
N SER C 168 -28.78 8.79 -34.25
CA SER C 168 -29.90 8.70 -35.19
C SER C 168 -29.34 8.16 -36.50
N PRO C 169 -29.26 6.85 -36.66
CA PRO C 169 -28.62 6.31 -37.87
C PRO C 169 -29.26 6.75 -39.18
N ARG C 170 -30.51 7.24 -39.19
CA ARG C 170 -31.07 7.81 -40.42
C ARG C 170 -30.37 9.11 -40.76
N ALA C 171 -30.41 10.07 -39.82
CA ALA C 171 -29.70 11.33 -39.98
C ALA C 171 -28.21 11.11 -40.18
N ALA C 172 -27.64 10.10 -39.53
CA ALA C 172 -26.24 9.79 -39.76
C ALA C 172 -26.00 9.42 -41.22
N ALA C 173 -26.89 8.58 -41.78
CA ALA C 173 -26.77 8.22 -43.19
C ALA C 173 -26.97 9.43 -44.10
N GLU C 174 -27.93 10.30 -43.77
CA GLU C 174 -28.12 11.51 -44.55
C GLU C 174 -26.85 12.35 -44.57
N GLU C 175 -26.17 12.42 -43.42
CA GLU C 175 -24.94 13.18 -43.33
C GLU C 175 -23.88 12.59 -44.26
N ILE C 176 -23.79 11.27 -44.33
CA ILE C 176 -22.83 10.61 -45.21
C ILE C 176 -23.10 10.97 -46.67
N ASP C 177 -24.38 11.02 -47.05
CA ASP C 177 -24.76 11.34 -48.42
C ASP C 177 -24.47 12.79 -48.77
N PHE C 178 -24.77 13.70 -47.84
CA PHE C 178 -24.65 15.13 -48.11
C PHE C 178 -23.23 15.51 -48.50
N TRP C 179 -22.24 14.91 -47.84
CA TRP C 179 -20.84 15.16 -48.13
C TRP C 179 -20.21 14.15 -49.08
N SER C 180 -21.00 13.22 -49.66
CA SER C 180 -20.40 12.25 -50.58
C SER C 180 -19.84 12.94 -51.82
N GLY C 181 -20.42 14.08 -52.21
CA GLY C 181 -19.94 14.79 -53.37
C GLY C 181 -18.60 15.46 -53.20
N ASP C 182 -18.19 15.75 -51.97
CA ASP C 182 -16.89 16.36 -51.69
C ASP C 182 -15.86 15.24 -51.53
N LYS C 183 -15.08 14.98 -52.58
CA LYS C 183 -14.19 13.83 -52.46
C LYS C 183 -13.00 14.11 -51.56
N ARG C 184 -12.91 15.30 -50.99
CA ARG C 184 -11.90 15.52 -49.95
C ARG C 184 -12.28 14.82 -48.65
N PHE C 185 -13.55 14.46 -48.47
CA PHE C 185 -13.93 13.57 -47.37
C PHE C 185 -13.75 12.12 -47.79
N VAL C 186 -12.88 11.41 -47.08
CA VAL C 186 -12.40 10.11 -47.54
C VAL C 186 -12.87 8.94 -46.66
N GLN C 187 -13.62 9.20 -45.58
CA GLN C 187 -14.07 8.10 -44.72
C GLN C 187 -15.16 8.61 -43.78
N VAL C 188 -15.86 7.65 -43.14
CA VAL C 188 -16.88 7.95 -42.14
C VAL C 188 -16.27 7.72 -40.76
N LEU C 189 -16.51 8.66 -39.83
CA LEU C 189 -15.96 8.57 -38.48
C LEU C 189 -17.01 8.02 -37.53
N LEU C 190 -16.71 6.89 -36.91
CA LEU C 190 -17.49 6.30 -35.85
C LEU C 190 -16.60 6.19 -34.61
N LEU C 191 -17.22 6.21 -33.44
CA LEU C 191 -16.47 6.10 -32.19
C LEU C 191 -16.35 4.64 -31.77
N GLY C 192 -15.23 4.33 -31.13
CA GLY C 192 -15.00 2.97 -30.68
C GLY C 192 -16.14 2.39 -29.87
N GLN C 193 -16.73 3.18 -28.98
CA GLN C 193 -17.83 2.71 -28.14
C GLN C 193 -19.12 3.41 -28.56
N SER C 194 -20.08 2.62 -29.02
CA SER C 194 -21.36 3.10 -29.50
C SER C 194 -22.45 2.87 -28.46
N GLU C 195 -23.65 3.35 -28.77
CA GLU C 195 -24.80 3.07 -27.92
C GLU C 195 -25.22 1.62 -28.09
N LEU C 196 -25.50 1.21 -29.33
CA LEU C 196 -25.68 -0.19 -29.69
C LEU C 196 -24.51 -0.66 -30.56
N LEU C 197 -24.32 -1.97 -30.61
CA LEU C 197 -23.26 -2.52 -31.47
C LEU C 197 -23.52 -2.19 -32.93
N TYR C 198 -22.43 -1.97 -33.68
CA TYR C 198 -22.53 -1.45 -35.04
C TYR C 198 -23.06 -2.47 -36.04
N GLY C 199 -23.08 -3.75 -35.71
CA GLY C 199 -23.72 -4.73 -36.57
C GLY C 199 -25.22 -4.84 -36.40
N ARG C 200 -25.78 -4.15 -35.42
CA ARG C 200 -27.22 -4.21 -35.21
C ARG C 200 -27.94 -3.53 -36.35
N GLU C 201 -29.10 -4.08 -36.70
CA GLU C 201 -29.87 -3.58 -37.83
C GLU C 201 -30.10 -2.08 -37.73
N ILE C 202 -30.31 -1.59 -36.51
CA ILE C 202 -30.43 -0.16 -36.21
C ILE C 202 -29.33 0.64 -36.89
N ASN C 203 -28.14 0.08 -36.92
CA ASN C 203 -26.99 0.78 -37.49
C ASN C 203 -26.75 0.49 -38.97
N TRP C 204 -27.51 -0.43 -39.58
CA TRP C 204 -27.31 -0.72 -41.01
C TRP C 204 -27.35 0.51 -41.90
N PRO C 205 -28.19 1.53 -41.68
CA PRO C 205 -28.18 2.71 -42.57
C PRO C 205 -26.82 3.38 -42.71
N ILE C 206 -25.96 3.24 -41.69
CA ILE C 206 -24.66 3.86 -41.75
C ILE C 206 -23.72 3.07 -42.65
N TRP C 207 -23.75 1.74 -42.56
CA TRP C 207 -22.95 0.94 -43.48
C TRP C 207 -23.46 1.08 -44.91
N GLU C 208 -24.77 1.19 -45.08
CA GLU C 208 -25.33 1.30 -46.42
C GLU C 208 -24.89 2.60 -47.09
N ALA C 209 -25.07 3.71 -46.38
CA ALA C 209 -24.72 5.04 -46.91
C ALA C 209 -23.22 5.15 -47.17
N ALA C 210 -22.40 4.54 -46.33
CA ALA C 210 -20.97 4.62 -46.58
C ALA C 210 -20.59 3.82 -47.82
N GLU C 211 -21.21 2.65 -48.00
CA GLU C 211 -20.89 1.86 -49.18
C GLU C 211 -21.41 2.51 -50.46
N ALA C 212 -22.53 3.22 -50.38
CA ALA C 212 -23.04 3.88 -51.57
C ALA C 212 -22.10 5.00 -52.03
N ALA C 213 -21.26 5.50 -51.14
CA ALA C 213 -20.39 6.63 -51.42
C ALA C 213 -18.94 6.22 -51.60
N GLY C 214 -18.65 4.92 -51.61
CA GLY C 214 -17.28 4.48 -51.71
C GLY C 214 -16.42 4.92 -50.57
N LEU C 215 -17.03 5.21 -49.41
CA LEU C 215 -16.27 5.68 -48.25
C LEU C 215 -16.00 4.53 -47.29
N PRO C 216 -14.75 4.25 -46.94
CA PRO C 216 -14.47 3.37 -45.81
C PRO C 216 -15.00 3.96 -44.50
N VAL C 217 -15.30 3.07 -43.55
CA VAL C 217 -15.74 3.43 -42.20
C VAL C 217 -14.56 3.30 -41.27
N THR C 218 -14.27 4.34 -40.49
CA THR C 218 -13.21 4.23 -39.49
C THR C 218 -13.84 4.21 -38.11
N LEU C 219 -13.28 3.39 -37.24
CA LEU C 219 -13.58 3.44 -35.82
C LEU C 219 -12.37 4.04 -35.11
N HIS C 220 -12.63 5.06 -34.30
CA HIS C 220 -11.57 5.77 -33.58
C HIS C 220 -11.81 5.70 -32.08
N ILE C 221 -10.72 5.71 -31.31
CA ILE C 221 -10.85 5.60 -29.87
C ILE C 221 -11.59 6.82 -29.33
N GLY C 222 -12.53 6.57 -28.44
CA GLY C 222 -13.52 7.52 -27.98
C GLY C 222 -14.85 6.80 -27.84
N GLY C 223 -15.92 7.49 -27.44
CA GLY C 223 -17.13 6.72 -27.20
C GLY C 223 -18.29 7.62 -26.80
N VAL C 224 -19.49 7.03 -26.82
CA VAL C 224 -20.65 7.83 -26.43
C VAL C 224 -20.88 7.80 -24.93
N PHE C 225 -20.32 6.81 -24.23
CA PHE C 225 -20.44 6.75 -22.77
C PHE C 225 -21.90 6.69 -22.33
N ARG C 226 -22.67 5.83 -23.00
CA ARG C 226 -24.06 5.54 -22.66
C ARG C 226 -24.19 4.21 -21.92
N GLN C 227 -23.08 3.54 -21.66
CA GLN C 227 -22.97 2.55 -20.60
C GLN C 227 -21.56 2.61 -20.06
N ALA C 228 -21.30 1.83 -19.02
CA ALA C 228 -19.95 1.50 -18.62
C ALA C 228 -19.11 1.19 -19.84
N PRO C 229 -17.97 1.85 -20.01
CA PRO C 229 -17.07 1.55 -21.15
C PRO C 229 -16.48 0.13 -21.12
N THR C 230 -16.70 -0.67 -20.08
CA THR C 230 -16.36 -2.09 -20.09
C THR C 230 -17.54 -2.91 -19.58
N SER C 231 -17.45 -4.23 -19.76
CA SER C 231 -18.49 -5.14 -19.32
C SER C 231 -18.41 -5.39 -17.81
N VAL C 232 -17.53 -4.70 -17.11
CA VAL C 232 -17.39 -4.92 -15.67
C VAL C 232 -17.41 -3.57 -14.96
N GLY C 233 -17.95 -2.54 -15.63
CA GLY C 233 -18.11 -1.24 -15.00
C GLY C 233 -17.12 -0.20 -15.46
N TRP C 234 -17.07 0.89 -14.68
CA TRP C 234 -16.48 2.16 -15.11
C TRP C 234 -15.01 2.22 -14.76
N PRO C 235 -14.10 2.22 -15.74
CA PRO C 235 -12.68 2.38 -15.38
C PRO C 235 -12.47 3.68 -14.62
N ALA C 236 -11.61 3.62 -13.61
CA ALA C 236 -11.41 4.70 -12.66
C ALA C 236 -10.36 5.72 -13.08
N SER C 237 -9.62 5.49 -14.16
CA SER C 237 -8.61 6.45 -14.59
C SER C 237 -8.69 6.61 -16.09
N HIS C 238 -8.08 7.66 -16.61
CA HIS C 238 -8.01 7.76 -18.07
C HIS C 238 -7.11 6.66 -18.63
N LEU C 239 -6.03 6.33 -17.93
CA LEU C 239 -5.09 5.33 -18.41
C LEU C 239 -5.76 3.98 -18.59
N GLU C 240 -6.39 3.48 -17.52
CA GLU C 240 -7.15 2.24 -17.59
C GLU C 240 -8.16 2.26 -18.73
N TRP C 241 -8.90 3.38 -18.85
CA TRP C 241 -9.89 3.52 -19.93
C TRP C 241 -9.26 3.37 -21.31
N TYR C 242 -8.16 4.07 -21.53
CA TYR C 242 -7.54 4.14 -22.86
C TYR C 242 -6.99 2.78 -23.26
N VAL C 243 -6.21 2.15 -22.38
CA VAL C 243 -5.71 0.81 -22.71
C VAL C 243 -6.86 -0.13 -23.09
N GLY C 244 -7.99 -0.03 -22.39
CA GLY C 244 -8.97 -1.10 -22.52
C GLY C 244 -10.05 -0.90 -23.54
N GLN C 245 -9.97 0.16 -24.32
CA GLN C 245 -10.92 0.31 -25.39
C GLN C 245 -10.72 -0.72 -26.50
N GLN C 246 -9.57 -1.40 -26.52
CA GLN C 246 -9.36 -2.45 -27.50
C GLN C 246 -10.42 -3.55 -27.37
N SER C 247 -10.90 -3.83 -26.15
CA SER C 247 -11.91 -4.87 -25.99
C SER C 247 -13.20 -4.50 -26.69
N ASN C 248 -13.61 -3.23 -26.61
CA ASN C 248 -14.82 -2.82 -27.31
C ASN C 248 -14.66 -2.97 -28.82
N ILE C 249 -13.44 -2.90 -29.32
CA ILE C 249 -13.23 -3.06 -30.77
C ILE C 249 -13.39 -4.52 -31.18
N GLU C 250 -12.94 -5.44 -30.32
CA GLU C 250 -13.27 -6.85 -30.53
C GLU C 250 -14.78 -7.05 -30.67
N ALA C 251 -15.54 -6.48 -29.73
CA ALA C 251 -17.00 -6.62 -29.78
C ALA C 251 -17.59 -5.94 -31.01
N GLN C 252 -16.98 -4.85 -31.49
CA GLN C 252 -17.49 -4.19 -32.68
C GLN C 252 -17.24 -5.03 -33.94
N LEU C 253 -16.03 -5.56 -34.08
CA LEU C 253 -15.73 -6.40 -35.24
C LEU C 253 -16.54 -7.70 -35.23
N ASN C 254 -16.71 -8.32 -34.05
CA ASN C 254 -17.50 -9.54 -34.01
C ASN C 254 -18.94 -9.24 -34.37
N SER C 255 -19.46 -8.08 -33.94
CA SER C 255 -20.82 -7.70 -34.28
C SER C 255 -20.97 -7.41 -35.77
N ILE C 256 -20.01 -6.67 -36.33
CA ILE C 256 -20.08 -6.32 -37.75
C ILE C 256 -20.05 -7.58 -38.60
N ILE C 257 -19.13 -8.49 -38.30
CA ILE C 257 -18.99 -9.69 -39.11
C ILE C 257 -20.14 -10.67 -38.83
N SER C 258 -20.45 -10.92 -37.55
CA SER C 258 -21.46 -11.93 -37.25
C SER C 258 -22.84 -11.52 -37.75
N GLU C 259 -23.19 -10.23 -37.67
CA GLU C 259 -24.51 -9.82 -38.11
C GLU C 259 -24.63 -9.69 -39.62
N GLY C 260 -23.53 -9.72 -40.36
CA GLY C 260 -23.58 -9.80 -41.81
C GLY C 260 -23.39 -8.49 -42.54
N ILE C 261 -22.49 -7.63 -42.04
CA ILE C 261 -22.24 -6.39 -42.76
C ILE C 261 -21.52 -6.66 -44.06
N LEU C 262 -20.59 -7.60 -44.07
CA LEU C 262 -19.69 -7.82 -45.20
C LEU C 262 -20.27 -8.73 -46.30
N GLN C 263 -21.45 -9.31 -46.10
CA GLN C 263 -22.23 -9.89 -47.16
C GLN C 263 -23.33 -8.97 -47.65
N LYS C 264 -23.89 -8.16 -46.74
CA LYS C 264 -24.94 -7.26 -47.17
C LYS C 264 -24.37 -6.01 -47.81
N PHE C 265 -23.19 -5.58 -47.39
CA PHE C 265 -22.53 -4.38 -47.90
C PHE C 265 -21.09 -4.77 -48.21
N PRO C 266 -20.89 -5.60 -49.25
CA PRO C 266 -19.62 -6.30 -49.41
C PRO C 266 -18.46 -5.46 -49.98
N LYS C 267 -18.67 -4.19 -50.36
CA LYS C 267 -17.55 -3.30 -50.66
C LYS C 267 -17.06 -2.55 -49.42
N THR C 268 -17.62 -2.85 -48.25
CA THR C 268 -17.28 -2.18 -47.00
C THR C 268 -15.80 -2.32 -46.67
N LYS C 269 -15.23 -1.24 -46.16
CA LYS C 269 -13.85 -1.22 -45.70
C LYS C 269 -13.82 -0.59 -44.31
N ILE C 270 -13.15 -1.25 -43.38
CA ILE C 270 -13.13 -0.80 -41.99
C ILE C 270 -11.72 -0.40 -41.62
N LEU C 271 -11.57 0.81 -41.09
CA LEU C 271 -10.28 1.28 -40.59
C LEU C 271 -10.35 1.46 -39.09
N LEU C 272 -9.53 0.72 -38.37
CA LEU C 272 -9.39 0.92 -36.94
C LEU C 272 -8.33 1.99 -36.69
N SER C 273 -8.71 3.12 -36.10
CA SER C 273 -7.80 4.24 -35.99
C SER C 273 -7.38 4.47 -34.53
N GLU C 274 -6.08 4.36 -34.26
CA GLU C 274 -5.51 4.66 -32.95
C GLU C 274 -6.10 3.73 -31.87
N LEU C 275 -6.19 2.44 -32.17
CA LEU C 275 -6.79 1.48 -31.26
C LEU C 275 -5.89 0.26 -31.06
N GLY C 276 -4.59 0.40 -31.36
CA GLY C 276 -3.66 -0.70 -31.35
C GLY C 276 -3.94 -1.66 -32.50
N PHE C 277 -3.33 -2.83 -32.41
CA PHE C 277 -3.53 -3.90 -33.40
C PHE C 277 -2.89 -5.22 -32.97
N ASN C 278 -2.02 -5.20 -31.96
CA ASN C 278 -1.38 -6.43 -31.52
C ASN C 278 -2.39 -7.37 -30.88
N TRP C 279 -3.56 -6.87 -30.48
CA TRP C 279 -4.63 -7.74 -30.01
C TRP C 279 -5.38 -8.44 -31.15
N LEU C 280 -5.17 -8.06 -32.41
CA LEU C 280 -6.03 -8.62 -33.45
C LEU C 280 -5.87 -10.12 -33.60
N PRO C 281 -4.66 -10.68 -33.73
CA PRO C 281 -4.52 -12.11 -34.00
C PRO C 281 -5.17 -12.98 -32.93
N PRO C 282 -4.94 -12.76 -31.64
CA PRO C 282 -5.60 -13.65 -30.66
C PRO C 282 -7.11 -13.60 -30.72
N PHE C 283 -7.67 -12.44 -31.10
CA PHE C 283 -9.12 -12.32 -31.25
C PHE C 283 -9.59 -13.02 -32.50
N MET C 284 -8.77 -12.92 -33.56
CA MET C 284 -9.07 -13.56 -34.83
C MET C 284 -9.18 -15.08 -34.69
N TRP C 285 -8.23 -15.70 -33.97
CA TRP C 285 -8.25 -17.16 -33.91
C TRP C 285 -9.45 -17.68 -33.15
N LYS C 286 -9.87 -16.99 -32.07
CA LYS C 286 -11.02 -17.44 -31.29
C LYS C 286 -12.33 -17.24 -32.06
N PHE C 287 -12.53 -16.05 -32.60
CA PHE C 287 -13.62 -15.83 -33.55
C PHE C 287 -13.66 -16.98 -34.56
N ASP C 288 -12.54 -17.20 -35.26
CA ASP C 288 -12.50 -18.27 -36.26
C ASP C 288 -12.82 -19.63 -35.65
N LYS C 289 -12.26 -19.93 -34.47
CA LYS C 289 -12.58 -21.19 -33.79
C LYS C 289 -14.08 -21.31 -33.56
N LEU C 290 -14.67 -20.30 -32.93
CA LEU C 290 -16.08 -20.38 -32.59
C LEU C 290 -16.97 -20.16 -33.80
N TRP C 291 -16.41 -19.68 -34.90
CA TRP C 291 -17.13 -19.67 -36.16
C TRP C 291 -17.39 -21.10 -36.64
N LYS C 292 -16.40 -21.99 -36.51
CA LYS C 292 -16.57 -23.36 -36.95
C LYS C 292 -17.64 -24.11 -36.16
N SER C 293 -17.71 -23.90 -34.83
CA SER C 293 -18.69 -24.64 -34.04
C SER C 293 -20.09 -24.08 -34.14
N TYR C 294 -20.21 -22.75 -34.32
CA TYR C 294 -21.50 -22.07 -34.41
C TYR C 294 -21.84 -21.70 -35.86
N ARG C 295 -21.29 -22.42 -36.83
CA ARG C 295 -21.53 -22.13 -38.24
C ARG C 295 -22.99 -21.87 -38.58
N PRO C 296 -23.94 -22.73 -38.23
CA PRO C 296 -25.33 -22.51 -38.69
C PRO C 296 -26.06 -21.43 -37.93
N ASP C 297 -25.49 -20.89 -36.85
CA ASP C 297 -26.11 -19.75 -36.20
C ASP C 297 -26.02 -18.51 -37.07
N ILE C 298 -24.96 -18.40 -37.88
CA ILE C 298 -24.74 -17.25 -38.76
C ILE C 298 -24.45 -17.74 -40.18
N PRO C 299 -25.41 -18.38 -40.87
CA PRO C 299 -25.09 -19.05 -42.14
C PRO C 299 -24.62 -18.13 -43.24
N TRP C 300 -24.91 -16.83 -43.17
CA TRP C 300 -24.42 -15.92 -44.21
C TRP C 300 -22.91 -15.72 -44.16
N VAL C 301 -22.26 -16.09 -43.06
CA VAL C 301 -20.80 -15.99 -42.94
C VAL C 301 -20.22 -17.31 -43.44
N GLN C 302 -19.71 -17.31 -44.67
CA GLN C 302 -19.22 -18.54 -45.27
C GLN C 302 -17.72 -18.58 -45.43
N GLU C 303 -17.05 -17.44 -45.33
CA GLU C 303 -15.60 -17.53 -45.22
C GLU C 303 -15.20 -17.25 -43.77
N SER C 304 -14.00 -17.73 -43.47
CA SER C 304 -13.52 -17.62 -42.12
C SER C 304 -13.50 -16.16 -41.69
N PRO C 305 -13.78 -15.85 -40.41
CA PRO C 305 -13.47 -14.51 -39.88
C PRO C 305 -12.03 -14.11 -40.12
N LEU C 306 -11.10 -15.07 -40.14
CA LEU C 306 -9.72 -14.75 -40.48
C LEU C 306 -9.62 -14.08 -41.84
N GLU C 307 -10.31 -14.62 -42.85
CA GLU C 307 -10.23 -14.05 -44.20
C GLU C 307 -10.96 -12.73 -44.29
N LEU C 308 -12.15 -12.66 -43.68
CA LEU C 308 -12.94 -11.44 -43.72
C LEU C 308 -12.18 -10.28 -43.09
N ILE C 309 -11.56 -10.52 -41.92
CA ILE C 309 -10.82 -9.45 -41.25
C ILE C 309 -9.64 -9.00 -42.09
N ARG C 310 -8.78 -9.96 -42.51
CA ARG C 310 -7.62 -9.65 -43.34
C ARG C 310 -7.98 -8.87 -44.61
N GLU C 311 -9.16 -9.12 -45.17
CA GLU C 311 -9.57 -8.51 -46.42
C GLU C 311 -10.25 -7.15 -46.21
N HIS C 312 -11.05 -6.99 -45.15
CA HIS C 312 -11.86 -5.80 -44.96
C HIS C 312 -11.34 -4.83 -43.90
N VAL C 313 -10.49 -5.27 -42.98
CA VAL C 313 -10.12 -4.48 -41.83
C VAL C 313 -8.76 -3.88 -42.06
N ARG C 314 -8.59 -2.61 -41.69
CA ARG C 314 -7.28 -1.97 -41.70
C ARG C 314 -7.09 -1.21 -40.40
N VAL C 315 -5.83 -1.07 -39.99
CA VAL C 315 -5.46 -0.51 -38.70
C VAL C 315 -4.34 0.49 -38.90
N THR C 316 -4.36 1.57 -38.12
CA THR C 316 -3.30 2.57 -38.17
C THR C 316 -2.22 2.20 -37.17
N THR C 317 -1.00 2.69 -37.44
CA THR C 317 0.20 2.23 -36.75
C THR C 317 0.55 3.07 -35.53
N SER C 318 -0.19 4.13 -35.22
CA SER C 318 0.10 4.97 -34.05
CA SER C 318 0.11 4.98 -34.06
C SER C 318 -1.07 4.96 -33.09
N PRO C 319 -0.94 4.38 -31.90
CA PRO C 319 0.25 3.81 -31.28
C PRO C 319 0.59 2.43 -31.78
N SER C 320 1.87 2.06 -31.70
CA SER C 320 2.34 0.76 -32.13
C SER C 320 2.44 -0.25 -30.99
N ASP C 321 2.25 0.18 -29.75
CA ASP C 321 2.06 -0.72 -28.60
C ASP C 321 3.15 -1.78 -28.51
N GLY C 322 4.38 -1.44 -28.91
CA GLY C 322 5.49 -2.34 -28.73
C GLY C 322 5.90 -3.06 -29.99
N ALA C 323 5.10 -2.97 -31.05
CA ALA C 323 5.47 -3.58 -32.32
C ALA C 323 6.65 -2.87 -32.98
N GLU C 324 7.02 -1.67 -32.52
CA GLU C 324 8.18 -0.97 -33.05
C GLU C 324 9.50 -1.54 -32.52
N GLU C 325 9.43 -2.47 -31.58
CA GLU C 325 10.64 -3.05 -31.03
C GLU C 325 11.20 -4.11 -31.98
N ALA C 326 12.48 -4.39 -31.81
CA ALA C 326 13.24 -5.22 -32.74
C ALA C 326 12.54 -6.53 -33.11
N GLY C 327 12.21 -6.69 -34.39
CA GLY C 327 11.55 -7.88 -34.89
C GLY C 327 10.06 -7.96 -34.65
N ARG C 328 9.50 -7.09 -33.82
CA ARG C 328 8.12 -7.25 -33.37
C ARG C 328 7.10 -6.86 -34.44
N LEU C 329 7.51 -6.06 -35.42
CA LEU C 329 6.61 -5.71 -36.52
C LEU C 329 6.46 -6.87 -37.50
N ASP C 330 7.57 -7.49 -37.93
CA ASP C 330 7.49 -8.72 -38.72
C ASP C 330 6.71 -9.81 -37.99
N SER C 331 6.84 -9.84 -36.66
CA SER C 331 6.14 -10.84 -35.86
C SER C 331 4.63 -10.62 -35.89
N ILE C 332 4.17 -9.39 -35.72
CA ILE C 332 2.73 -9.20 -35.64
C ILE C 332 2.10 -9.41 -37.00
N VAL C 333 2.78 -8.97 -38.06
CA VAL C 333 2.32 -9.28 -39.41
C VAL C 333 2.21 -10.78 -39.59
N ASP C 334 3.22 -11.52 -39.13
CA ASP C 334 3.14 -12.97 -39.20
C ASP C 334 1.95 -13.50 -38.41
N ARG C 335 1.74 -12.96 -37.21
CA ARG C 335 0.58 -13.34 -36.41
C ARG C 335 -0.72 -12.96 -37.11
N LEU C 336 -0.73 -11.82 -37.80
CA LEU C 336 -1.96 -11.41 -38.48
C LEU C 336 -2.20 -12.23 -39.72
N GLY C 337 -1.16 -12.91 -40.23
CA GLY C 337 -1.28 -13.63 -41.48
C GLY C 337 -1.59 -12.75 -42.67
N SER C 338 -1.26 -11.46 -42.60
CA SER C 338 -1.54 -10.54 -43.70
C SER C 338 -0.64 -9.32 -43.57
N ASP C 339 -0.11 -8.87 -44.70
CA ASP C 339 0.71 -7.67 -44.73
C ASP C 339 -0.04 -6.49 -45.32
N ARG C 340 -1.36 -6.63 -45.49
CA ARG C 340 -2.21 -5.62 -46.13
C ARG C 340 -2.94 -4.71 -45.14
N MET C 341 -2.92 -5.02 -43.85
CA MET C 341 -3.81 -4.36 -42.91
C MET C 341 -3.22 -3.08 -42.30
N LEU C 342 -1.94 -3.10 -41.91
CA LEU C 342 -1.35 -1.94 -41.23
C LEU C 342 -1.11 -0.80 -42.22
N VAL C 343 -1.54 0.41 -41.84
CA VAL C 343 -1.37 1.63 -42.63
C VAL C 343 -0.81 2.73 -41.73
N TYR C 344 0.03 3.59 -42.31
CA TYR C 344 0.83 4.50 -41.52
C TYR C 344 -0.01 5.66 -41.00
N SER C 345 0.09 5.92 -39.69
CA SER C 345 -0.33 7.22 -39.17
C SER C 345 0.67 7.72 -38.15
N SER C 346 0.58 9.03 -37.90
CA SER C 346 1.36 9.70 -36.87
C SER C 346 0.53 10.00 -35.64
N ASP C 347 -0.80 10.07 -35.80
CA ASP C 347 -1.71 10.44 -34.72
C ASP C 347 -1.39 11.82 -34.18
N TYR C 348 -0.97 12.72 -35.09
CA TYR C 348 -0.67 14.08 -34.70
C TYR C 348 -1.90 14.72 -34.08
N PRO C 349 -1.76 15.48 -32.98
CA PRO C 349 -0.54 15.90 -32.26
C PRO C 349 -0.08 15.03 -31.11
N HIS C 350 -0.74 13.90 -30.89
CA HIS C 350 -0.60 13.16 -29.64
C HIS C 350 0.80 12.58 -29.49
N LYS C 351 1.18 12.39 -28.23
CA LYS C 351 2.47 11.82 -27.85
C LYS C 351 2.29 10.35 -27.48
N HIS C 352 3.07 9.47 -28.12
CA HIS C 352 3.11 8.07 -27.76
C HIS C 352 4.55 7.67 -27.43
N HIS C 353 4.69 6.52 -26.75
CA HIS C 353 6.01 6.08 -26.28
C HIS C 353 7.05 6.06 -27.41
N SER C 354 6.66 5.63 -28.61
CA SER C 354 7.55 5.74 -29.77
C SER C 354 6.89 6.58 -30.85
N GLY C 355 7.70 7.04 -31.82
CA GLY C 355 7.27 8.03 -32.80
C GLY C 355 6.81 7.42 -34.11
N PRO C 356 6.21 8.23 -34.98
CA PRO C 356 5.49 7.69 -36.14
C PRO C 356 6.34 6.76 -36.99
N ARG C 357 7.61 7.05 -37.13
CA ARG C 357 8.50 6.33 -38.04
C ARG C 357 9.38 5.33 -37.32
N ASP C 358 9.22 5.20 -36.00
CA ASP C 358 9.94 4.22 -35.22
C ASP C 358 9.53 2.79 -35.54
N ILE C 359 8.45 2.60 -36.32
CA ILE C 359 8.03 1.24 -36.68
C ILE C 359 9.06 0.54 -37.54
N GLU C 360 9.97 1.28 -38.17
CA GLU C 360 10.98 0.64 -39.02
C GLU C 360 11.96 -0.19 -38.22
N ASN C 361 12.08 0.09 -36.92
CA ASN C 361 12.93 -0.66 -36.02
C ASN C 361 12.40 -2.07 -35.75
N GLY C 362 11.17 -2.36 -36.13
CA GLY C 362 10.57 -3.64 -35.81
C GLY C 362 10.60 -4.59 -36.97
N THR C 363 10.99 -4.08 -38.14
CA THR C 363 10.98 -4.86 -39.37
C THR C 363 12.33 -4.80 -40.05
N HIS C 364 12.75 -5.93 -40.61
CA HIS C 364 13.93 -5.98 -41.48
C HIS C 364 13.55 -5.94 -42.95
N SER C 365 12.27 -5.72 -43.27
CA SER C 365 11.75 -5.82 -44.63
C SER C 365 11.41 -4.45 -45.19
N PRO C 366 12.02 -4.03 -46.28
CA PRO C 366 11.62 -2.76 -46.89
C PRO C 366 10.35 -2.88 -47.70
N GLU C 367 10.09 -4.08 -48.25
CA GLU C 367 8.82 -4.33 -48.91
C GLU C 367 7.65 -4.08 -47.96
N LEU C 368 7.82 -4.46 -46.68
CA LEU C 368 6.73 -4.29 -45.71
C LEU C 368 6.54 -2.81 -45.35
N LEU C 369 7.63 -2.08 -45.13
CA LEU C 369 7.52 -0.64 -44.91
C LEU C 369 6.87 0.04 -46.12
N ASP C 370 7.16 -0.44 -47.32
CA ASP C 370 6.49 0.17 -48.47
C ASP C 370 4.98 -0.05 -48.43
N ARG C 371 4.54 -1.17 -47.87
CA ARG C 371 3.11 -1.43 -47.79
C ARG C 371 2.46 -0.55 -46.72
N ILE C 372 3.06 -0.50 -45.53
CA ILE C 372 2.51 0.33 -44.46
C ILE C 372 2.50 1.79 -44.86
N TYR C 373 3.57 2.25 -45.54
CA TYR C 373 3.73 3.68 -45.77
C TYR C 373 2.83 4.21 -46.87
N ARG C 374 2.65 3.46 -47.97
CA ARG C 374 1.90 3.94 -49.14
C ARG C 374 0.79 3.02 -49.62
N ARG C 375 1.12 1.72 -49.73
CA ARG C 375 0.23 0.99 -50.64
C ARG C 375 -0.90 0.25 -49.94
N ASN C 376 -0.85 -0.15 -48.66
CA ASN C 376 -2.07 -0.63 -48.02
C ASN C 376 -3.11 0.48 -47.92
N ALA C 377 -2.67 1.71 -47.65
CA ALA C 377 -3.62 2.82 -47.62
C ALA C 377 -4.20 3.12 -48.98
N PHE C 378 -3.61 2.60 -50.06
CA PHE C 378 -4.15 2.85 -51.40
C PHE C 378 -5.48 2.14 -51.59
N ASP C 379 -5.66 0.99 -50.96
CA ASP C 379 -6.94 0.31 -50.98
C ASP C 379 -8.05 1.15 -50.35
N LEU C 380 -7.70 2.10 -49.47
CA LEU C 380 -8.66 2.89 -48.72
C LEU C 380 -9.06 4.17 -49.46
N TYR C 381 -8.07 4.98 -49.86
CA TYR C 381 -8.36 6.30 -50.42
C TYR C 381 -7.92 6.48 -51.87
N ASN C 382 -7.13 5.56 -52.41
CA ASN C 382 -6.71 5.59 -53.82
C ASN C 382 -5.90 6.83 -54.16
N LEU C 383 -5.15 7.36 -53.20
CA LEU C 383 -4.48 8.65 -53.36
C LEU C 383 -3.10 8.44 -53.98
N VAL C 384 -2.88 9.08 -55.12
CA VAL C 384 -1.63 9.04 -55.87
C VAL C 384 -0.85 10.33 -55.58
N VAL C 385 0.47 10.26 -55.71
CA VAL C 385 1.28 11.48 -55.61
C VAL C 385 1.74 11.92 -56.99
N LEU D 12 -7.33 -33.07 7.03
CA LEU D 12 -7.20 -33.80 5.78
C LEU D 12 -5.81 -33.53 5.20
N PRO D 13 -5.27 -34.51 4.47
CA PRO D 13 -4.00 -34.28 3.78
C PRO D 13 -4.12 -33.21 2.69
N ALA D 14 -3.31 -32.14 2.83
CA ALA D 14 -3.06 -31.18 1.77
C ALA D 14 -2.85 -31.94 0.46
N PRO D 15 -3.21 -31.37 -0.68
CA PRO D 15 -3.11 -32.12 -1.93
C PRO D 15 -1.65 -32.33 -2.31
N SER D 16 -1.40 -33.38 -3.08
CA SER D 16 -0.05 -33.72 -3.51
C SER D 16 -0.09 -34.12 -4.98
N VAL D 17 0.70 -33.45 -5.80
CA VAL D 17 0.77 -33.87 -7.19
C VAL D 17 2.15 -34.43 -7.45
N THR D 18 2.15 -35.55 -8.16
CA THR D 18 3.38 -36.26 -8.47
C THR D 18 3.39 -36.71 -9.93
N THR D 19 2.78 -37.85 -10.20
CA THR D 19 2.71 -38.38 -11.56
C THR D 19 1.69 -37.65 -12.40
N GLY D 20 0.58 -37.21 -11.79
CA GLY D 20 -0.57 -36.70 -12.51
C GLY D 20 -0.55 -35.20 -12.71
N ILE D 21 -1.73 -34.64 -12.95
CA ILE D 21 -1.82 -33.24 -13.33
C ILE D 21 -2.64 -32.40 -12.36
N VAL D 22 -2.74 -31.10 -12.66
CA VAL D 22 -3.66 -30.17 -12.01
C VAL D 22 -4.77 -29.88 -13.00
N ASP D 23 -6.00 -29.79 -12.51
CA ASP D 23 -7.15 -29.39 -13.32
C ASP D 23 -7.84 -28.25 -12.59
N ALA D 24 -7.71 -27.03 -13.14
CA ALA D 24 -8.15 -25.82 -12.46
C ALA D 24 -9.64 -25.53 -12.65
N ASP D 25 -10.33 -26.25 -13.53
CA ASP D 25 -11.73 -25.95 -13.82
C ASP D 25 -12.53 -27.24 -13.99
N ILE D 26 -13.23 -27.65 -12.94
CA ILE D 26 -14.18 -28.76 -12.99
C ILE D 26 -15.51 -28.24 -12.45
N HIS D 27 -16.60 -28.56 -13.16
CA HIS D 27 -17.92 -28.01 -12.90
C HIS D 27 -18.92 -29.08 -12.43
N PRO D 28 -18.90 -29.44 -11.16
CA PRO D 28 -19.96 -30.30 -10.65
C PRO D 28 -21.24 -29.50 -10.48
N VAL D 29 -22.38 -30.21 -10.50
CA VAL D 29 -23.63 -29.56 -10.11
C VAL D 29 -24.27 -30.44 -9.04
N PRO D 30 -24.85 -29.85 -8.01
CA PRO D 30 -25.56 -30.66 -7.02
C PRO D 30 -26.77 -31.30 -7.66
N GLN D 31 -27.00 -32.55 -7.28
CA GLN D 31 -28.25 -33.19 -7.62
C GLN D 31 -29.42 -32.45 -6.99
N ASP D 32 -30.59 -32.56 -7.63
CA ASP D 32 -31.87 -32.04 -7.16
C ASP D 32 -32.05 -32.32 -5.68
N GLY D 33 -31.92 -31.34 -4.81
CA GLY D 33 -32.16 -31.55 -3.40
C GLY D 33 -30.93 -31.70 -2.53
N ALA D 34 -29.75 -31.91 -3.12
CA ALA D 34 -28.54 -32.12 -2.32
C ALA D 34 -28.23 -30.93 -1.40
N LEU D 35 -28.62 -29.72 -1.78
CA LEU D 35 -28.31 -28.52 -0.98
C LEU D 35 -29.24 -28.34 0.21
N GLU D 36 -30.42 -28.94 0.21
CA GLU D 36 -31.38 -28.65 1.26
C GLU D 36 -30.91 -29.00 2.68
N PRO D 37 -30.12 -30.06 2.91
CA PRO D 37 -29.55 -30.26 4.27
C PRO D 37 -28.70 -29.09 4.77
N TYR D 38 -28.27 -28.18 3.89
CA TYR D 38 -27.32 -27.14 4.28
C TYR D 38 -27.88 -25.74 4.10
N LEU D 39 -29.18 -25.61 3.86
CA LEU D 39 -29.90 -24.35 3.84
C LEU D 39 -30.96 -24.37 4.93
N ASP D 40 -31.33 -23.19 5.39
CA ASP D 40 -32.37 -22.90 6.37
C ASP D 40 -33.72 -22.83 5.64
N ASP D 41 -34.81 -23.31 6.24
CA ASP D 41 -36.15 -23.22 5.67
C ASP D 41 -36.37 -21.96 4.84
N ARG D 42 -35.97 -20.80 5.36
CA ARG D 42 -36.27 -19.50 4.77
C ARG D 42 -35.92 -19.45 3.30
N TRP D 43 -34.71 -19.91 2.96
CA TRP D 43 -34.21 -19.82 1.60
C TRP D 43 -34.78 -20.91 0.71
N LYS D 44 -35.02 -22.10 1.25
CA LYS D 44 -35.73 -23.10 0.48
C LYS D 44 -37.15 -22.65 0.19
N LYS D 45 -37.77 -21.93 1.14
CA LYS D 45 -39.09 -21.35 0.86
C LYS D 45 -39.00 -20.25 -0.19
N HIS D 46 -37.99 -19.38 -0.07
CA HIS D 46 -37.82 -18.28 -1.00
C HIS D 46 -37.67 -18.79 -2.42
N ILE D 47 -36.71 -19.70 -2.61
CA ILE D 47 -36.44 -20.35 -3.88
C ILE D 47 -37.70 -20.97 -4.45
N ARG D 48 -38.42 -21.72 -3.62
CA ARG D 48 -39.69 -22.30 -4.04
C ARG D 48 -40.65 -21.25 -4.55
N GLU D 49 -40.74 -20.12 -3.84
CA GLU D 49 -41.64 -19.03 -4.20
C GLU D 49 -41.11 -18.20 -5.37
N TYR D 50 -39.82 -17.86 -5.37
CA TYR D 50 -39.33 -16.88 -6.33
C TYR D 50 -38.24 -17.39 -7.25
N GLY D 51 -37.85 -18.65 -7.14
CA GLY D 51 -36.60 -19.02 -7.81
C GLY D 51 -35.40 -18.25 -7.27
N VAL D 52 -34.43 -18.06 -8.14
CA VAL D 52 -33.21 -17.34 -7.80
C VAL D 52 -33.13 -16.18 -8.79
N ARG D 53 -33.79 -15.08 -8.47
CA ARG D 53 -33.77 -13.91 -9.33
C ARG D 53 -32.35 -13.38 -9.49
N THR D 54 -32.00 -12.98 -10.70
CA THR D 54 -30.68 -12.38 -10.96
C THR D 54 -30.87 -11.23 -11.97
N THR D 55 -29.78 -10.83 -12.65
CA THR D 55 -29.80 -9.71 -13.60
C THR D 55 -30.37 -10.11 -14.97
N THR D 56 -31.55 -10.74 -14.96
CA THR D 56 -32.35 -11.02 -16.14
C THR D 56 -33.78 -10.68 -15.83
N GLY D 57 -34.64 -10.84 -16.84
CA GLY D 57 -36.08 -10.79 -16.67
C GLY D 57 -36.70 -12.16 -16.91
N LEU D 58 -35.91 -13.20 -16.67
CA LEU D 58 -36.23 -14.58 -17.01
C LEU D 58 -36.24 -15.43 -15.76
N GLN D 59 -37.21 -16.34 -15.66
CA GLN D 59 -37.35 -17.16 -14.46
C GLN D 59 -36.27 -18.25 -14.37
N PHE D 60 -35.92 -18.88 -15.48
CA PHE D 60 -35.09 -20.07 -15.39
C PHE D 60 -33.76 -20.02 -16.12
N ILE D 61 -33.59 -19.18 -17.11
CA ILE D 61 -32.39 -19.26 -17.91
C ILE D 61 -31.54 -18.02 -17.68
N SER D 62 -30.25 -18.15 -18.02
CA SER D 62 -29.42 -16.96 -18.11
C SER D 62 -29.80 -16.19 -19.37
N GLU D 63 -29.26 -14.97 -19.49
CA GLU D 63 -29.63 -14.13 -20.63
C GLU D 63 -29.10 -14.68 -21.95
N TYR D 64 -27.95 -15.36 -21.94
CA TYR D 64 -27.46 -16.06 -23.13
C TYR D 64 -27.50 -17.55 -22.87
N PRO D 65 -28.62 -18.21 -23.13
CA PRO D 65 -28.68 -19.66 -22.90
C PRO D 65 -27.80 -20.41 -23.87
N GLN D 66 -27.42 -21.59 -23.44
CA GLN D 66 -26.59 -22.52 -24.15
C GLN D 66 -27.35 -23.02 -25.36
N MET D 67 -26.64 -23.24 -26.45
CA MET D 67 -27.26 -23.55 -27.72
C MET D 67 -27.28 -24.90 -28.36
N TYR D 68 -26.65 -25.90 -27.80
CA TYR D 68 -26.68 -27.21 -28.42
C TYR D 68 -26.36 -28.19 -27.37
N GLY D 69 -27.40 -28.78 -26.83
CA GLY D 69 -27.25 -29.72 -25.76
C GLY D 69 -26.63 -29.04 -24.58
N GLY D 70 -27.13 -27.87 -24.24
CA GLY D 70 -26.65 -27.11 -23.12
C GLY D 70 -25.16 -26.97 -23.03
N ALA D 71 -24.54 -26.75 -24.15
CA ALA D 71 -23.09 -26.59 -24.15
C ALA D 71 -22.42 -27.64 -23.26
N MET D 72 -22.98 -28.85 -23.24
CA MET D 72 -22.45 -29.96 -22.45
C MET D 72 -21.87 -31.05 -23.35
N ARG D 73 -20.85 -31.74 -22.83
CA ARG D 73 -20.28 -32.90 -23.52
C ARG D 73 -21.37 -33.95 -23.74
N ALA D 74 -21.67 -34.24 -25.01
CA ALA D 74 -22.76 -35.14 -25.36
C ALA D 74 -22.68 -36.50 -24.68
N ASP D 75 -21.50 -36.91 -24.25
CA ASP D 75 -21.33 -38.23 -23.64
C ASP D 75 -21.24 -38.17 -22.12
N ALA D 76 -21.51 -37.02 -21.51
CA ALA D 76 -21.25 -36.82 -20.09
C ALA D 76 -22.51 -36.87 -19.23
N TRP D 77 -23.65 -37.17 -19.80
CA TRP D 77 -24.92 -37.15 -19.07
C TRP D 77 -25.11 -38.43 -18.30
N PRO D 78 -25.39 -38.37 -16.99
CA PRO D 78 -25.59 -39.61 -16.22
C PRO D 78 -26.88 -40.32 -16.58
N GLU D 79 -27.16 -41.43 -15.89
CA GLU D 79 -28.36 -42.22 -16.19
C GLU D 79 -29.61 -41.37 -16.07
N SER D 80 -29.72 -40.63 -14.97
CA SER D 80 -30.68 -39.53 -14.81
C SER D 80 -29.95 -38.37 -14.18
N GLY D 81 -30.29 -37.16 -14.61
CA GLY D 81 -29.65 -35.97 -14.07
C GLY D 81 -28.78 -35.28 -15.11
N TYR D 82 -28.11 -34.19 -14.63
CA TYR D 82 -27.35 -33.26 -15.45
C TYR D 82 -25.87 -33.60 -15.42
N PRO D 83 -25.13 -33.23 -16.47
CA PRO D 83 -23.68 -33.47 -16.48
C PRO D 83 -23.00 -32.98 -15.22
N GLY D 84 -22.13 -33.82 -14.65
CA GLY D 84 -21.37 -33.44 -13.49
C GLY D 84 -22.10 -33.55 -12.17
N SER D 85 -23.31 -34.10 -12.16
CA SER D 85 -24.04 -34.41 -10.93
C SER D 85 -23.73 -35.79 -10.40
N ASP D 86 -23.10 -36.65 -11.20
CA ASP D 86 -22.82 -38.03 -10.84
C ASP D 86 -21.41 -38.12 -10.30
N ARG D 87 -21.29 -38.31 -8.98
CA ARG D 87 -19.98 -38.45 -8.35
C ARG D 87 -19.16 -39.57 -8.97
N GLU D 88 -19.80 -40.66 -9.38
CA GLU D 88 -19.06 -41.80 -9.92
C GLU D 88 -18.61 -41.55 -11.36
N LEU D 89 -19.49 -40.98 -12.17
CA LEU D 89 -19.15 -40.63 -13.54
C LEU D 89 -17.97 -39.65 -13.61
N LEU D 90 -17.85 -38.79 -12.61
CA LEU D 90 -16.73 -37.84 -12.59
C LEU D 90 -15.45 -38.52 -12.16
N ARG D 91 -15.53 -39.42 -11.18
CA ARG D 91 -14.35 -40.18 -10.79
C ARG D 91 -13.76 -40.96 -11.96
N THR D 92 -14.60 -41.44 -12.88
CA THR D 92 -14.13 -42.33 -13.95
C THR D 92 -14.07 -41.69 -15.32
N GLN D 93 -14.91 -40.71 -15.64
CA GLN D 93 -14.78 -40.07 -16.94
C GLN D 93 -13.78 -38.92 -16.94
N LEU D 94 -13.31 -38.51 -15.81
CA LEU D 94 -12.38 -37.42 -15.75
C LEU D 94 -11.28 -37.63 -14.78
N LEU D 95 -11.60 -37.89 -13.53
CA LEU D 95 -10.60 -38.00 -12.52
C LEU D 95 -9.77 -39.21 -12.58
N ASP D 96 -10.31 -40.25 -13.17
CA ASP D 96 -9.57 -41.47 -13.26
C ASP D 96 -8.94 -41.51 -14.60
N LYS D 97 -9.70 -41.12 -15.58
CA LYS D 97 -9.34 -41.09 -16.96
C LYS D 97 -8.27 -40.10 -17.40
N HIS D 98 -7.85 -39.19 -16.56
CA HIS D 98 -6.82 -38.27 -16.91
C HIS D 98 -5.82 -38.13 -15.83
N ASN D 99 -5.90 -38.96 -14.83
CA ASN D 99 -5.00 -39.01 -13.73
C ASN D 99 -4.84 -37.70 -13.08
N ILE D 100 -5.95 -37.08 -12.76
CA ILE D 100 -5.94 -35.81 -12.11
C ILE D 100 -5.73 -35.94 -10.63
N GLN D 101 -4.73 -35.29 -10.10
CA GLN D 101 -4.45 -35.38 -8.67
C GLN D 101 -4.80 -34.12 -7.91
N LEU D 102 -5.13 -33.03 -8.61
CA LEU D 102 -5.66 -31.80 -8.00
C LEU D 102 -6.69 -31.26 -8.98
N GLY D 103 -7.95 -31.59 -8.73
CA GLY D 103 -9.06 -31.14 -9.53
C GLY D 103 -9.83 -30.12 -8.74
N VAL D 104 -9.75 -28.86 -9.17
CA VAL D 104 -10.33 -27.75 -8.44
C VAL D 104 -11.75 -27.55 -8.92
N LEU D 105 -12.70 -27.69 -8.00
CA LEU D 105 -14.12 -27.65 -8.33
C LEU D 105 -14.60 -26.21 -8.31
N GLN D 106 -15.31 -25.83 -9.36
CA GLN D 106 -15.90 -24.50 -9.52
C GLN D 106 -17.38 -24.72 -9.78
N CYS D 107 -18.21 -24.77 -8.72
CA CYS D 107 -19.63 -25.00 -8.91
C CYS D 107 -20.29 -23.67 -9.26
N LEU D 108 -20.84 -23.58 -10.47
CA LEU D 108 -21.44 -22.32 -10.92
C LEU D 108 -22.97 -22.33 -10.87
N ALA D 109 -23.54 -23.23 -10.11
CA ALA D 109 -24.98 -23.41 -10.17
C ALA D 109 -25.44 -24.26 -9.00
N PRO D 110 -26.52 -23.88 -8.35
CA PRO D 110 -27.00 -24.67 -7.22
C PRO D 110 -27.77 -25.90 -7.66
N GLY D 111 -28.40 -25.86 -8.84
CA GLY D 111 -29.21 -26.96 -9.34
C GLY D 111 -28.62 -27.69 -10.54
N GLY D 112 -29.46 -28.12 -11.47
CA GLY D 112 -28.97 -28.74 -12.69
C GLY D 112 -28.88 -27.83 -13.91
N GLN D 113 -27.89 -26.92 -13.93
CA GLN D 113 -27.67 -25.97 -15.02
C GLN D 113 -26.17 -25.86 -15.34
N THR D 114 -25.82 -24.94 -16.25
CA THR D 114 -24.44 -24.68 -16.68
C THR D 114 -23.81 -23.47 -15.99
N LEU D 115 -24.55 -22.36 -15.93
CA LEU D 115 -24.00 -21.08 -15.53
C LEU D 115 -25.10 -20.21 -14.91
N ASN D 116 -25.40 -20.44 -13.62
CA ASN D 116 -26.29 -19.58 -12.83
C ASN D 116 -25.69 -19.42 -11.44
N PRO D 117 -24.63 -18.63 -11.32
CA PRO D 117 -23.82 -18.66 -10.10
C PRO D 117 -24.62 -18.15 -8.91
N ALA D 118 -24.49 -18.86 -7.78
CA ALA D 118 -25.18 -18.46 -6.56
C ALA D 118 -24.81 -17.03 -6.15
N GLY D 119 -23.56 -16.64 -6.38
CA GLY D 119 -23.12 -15.33 -5.96
C GLY D 119 -23.80 -14.18 -6.66
N GLN D 120 -24.54 -14.45 -7.73
CA GLN D 120 -25.12 -13.39 -8.54
C GLN D 120 -26.62 -13.27 -8.37
N ALA D 121 -27.21 -13.98 -7.43
CA ALA D 121 -28.61 -13.74 -7.08
C ALA D 121 -28.79 -12.31 -6.59
N LEU D 122 -29.90 -11.68 -6.99
CA LEU D 122 -30.09 -10.29 -6.60
C LEU D 122 -30.34 -10.17 -5.09
N ASN D 123 -31.04 -11.13 -4.51
CA ASN D 123 -31.16 -11.22 -3.06
C ASN D 123 -29.84 -11.73 -2.49
N GLN D 124 -29.03 -10.81 -1.94
CA GLN D 124 -27.67 -11.17 -1.55
C GLN D 124 -27.60 -12.02 -0.29
N GLU D 125 -28.61 -11.95 0.60
CA GLU D 125 -28.67 -12.94 1.67
C GLU D 125 -28.95 -14.32 1.11
N LEU D 126 -29.81 -14.42 0.10
CA LEU D 126 -29.98 -15.69 -0.58
C LEU D 126 -28.69 -16.10 -1.28
N ALA D 127 -28.04 -15.14 -1.94
CA ALA D 127 -26.73 -15.43 -2.54
C ALA D 127 -25.77 -16.03 -1.50
N ALA D 128 -25.69 -15.41 -0.31
CA ALA D 128 -24.76 -15.90 0.69
C ALA D 128 -25.12 -17.30 1.19
N ALA D 129 -26.42 -17.55 1.45
CA ALA D 129 -26.85 -18.86 1.90
C ALA D 129 -26.59 -19.92 0.85
N LEU D 130 -26.81 -19.60 -0.42
CA LEU D 130 -26.53 -20.56 -1.49
C LEU D 130 -25.04 -20.84 -1.60
N CYS D 131 -24.19 -19.83 -1.40
CA CYS D 131 -22.75 -20.07 -1.42
C CYS D 131 -22.35 -20.94 -0.24
N ARG D 132 -22.90 -20.68 0.95
CA ARG D 132 -22.53 -21.42 2.14
C ARG D 132 -22.92 -22.88 2.03
N ALA D 133 -24.13 -23.14 1.51
CA ALA D 133 -24.60 -24.50 1.28
C ALA D 133 -23.72 -25.25 0.28
N THR D 134 -23.40 -24.59 -0.84
CA THR D 134 -22.55 -25.19 -1.85
C THR D 134 -21.22 -25.62 -1.26
N ASN D 135 -20.66 -24.78 -0.38
CA ASN D 135 -19.37 -25.07 0.21
C ASN D 135 -19.46 -26.24 1.20
N ASP D 136 -20.51 -26.27 2.02
CA ASP D 136 -20.76 -27.42 2.88
C ASP D 136 -20.92 -28.69 2.05
N TRP D 137 -21.86 -28.66 1.11
CA TRP D 137 -22.13 -29.78 0.23
C TRP D 137 -20.85 -30.29 -0.40
N GLN D 138 -20.22 -29.48 -1.24
CA GLN D 138 -19.13 -29.98 -2.07
C GLN D 138 -17.98 -30.52 -1.24
N LEU D 139 -17.74 -29.99 -0.04
CA LEU D 139 -16.71 -30.56 0.80
C LEU D 139 -17.15 -31.91 1.38
N GLU D 140 -18.45 -32.12 1.61
CA GLU D 140 -18.92 -33.38 2.15
C GLU D 140 -19.21 -34.42 1.09
N HIS D 141 -19.81 -34.02 -0.03
CA HIS D 141 -20.21 -34.97 -1.06
C HIS D 141 -19.05 -35.34 -1.99
N LEU D 142 -18.09 -34.44 -2.21
CA LEU D 142 -17.07 -34.69 -3.23
C LEU D 142 -15.63 -34.56 -2.75
N VAL D 143 -15.30 -33.54 -1.95
CA VAL D 143 -13.90 -33.33 -1.59
C VAL D 143 -13.44 -34.39 -0.59
N TYR D 144 -14.16 -34.56 0.50
CA TYR D 144 -13.68 -35.50 1.52
C TYR D 144 -13.80 -36.96 1.09
N PRO D 145 -14.84 -37.35 0.32
CA PRO D 145 -14.81 -38.70 -0.27
C PRO D 145 -13.60 -38.96 -1.16
N ASP D 146 -13.26 -38.00 -2.02
CA ASP D 146 -12.21 -38.18 -3.02
C ASP D 146 -11.37 -36.91 -3.07
N PRO D 147 -10.40 -36.78 -2.14
CA PRO D 147 -9.65 -35.54 -2.00
C PRO D 147 -8.60 -35.28 -3.08
N ARG D 148 -8.62 -36.03 -4.16
CA ARG D 148 -8.01 -35.53 -5.38
C ARG D 148 -8.70 -34.25 -5.81
N MET D 149 -9.97 -34.09 -5.44
CA MET D 149 -10.70 -32.85 -5.61
C MET D 149 -10.49 -31.90 -4.43
N ARG D 150 -10.27 -30.63 -4.74
CA ARG D 150 -10.33 -29.57 -3.76
C ARG D 150 -11.31 -28.51 -4.26
N ALA D 151 -11.72 -27.65 -3.34
CA ALA D 151 -12.83 -26.73 -3.57
C ALA D 151 -12.29 -25.32 -3.78
N ALA D 152 -12.82 -24.64 -4.79
CA ALA D 152 -12.76 -23.18 -4.88
C ALA D 152 -14.11 -22.66 -4.38
N ILE D 153 -14.10 -21.93 -3.26
CA ILE D 153 -15.38 -21.67 -2.60
C ILE D 153 -16.08 -20.43 -3.20
N PRO D 154 -17.21 -20.60 -3.87
CA PRO D 154 -18.04 -19.41 -4.19
C PRO D 154 -18.28 -18.54 -2.97
N VAL D 155 -18.01 -17.25 -3.11
CA VAL D 155 -18.43 -16.26 -2.14
C VAL D 155 -19.14 -15.14 -2.89
N THR D 156 -19.83 -14.29 -2.16
CA THR D 156 -20.61 -13.19 -2.73
C THR D 156 -19.70 -11.98 -2.87
N PHE D 157 -19.18 -11.76 -4.08
CA PHE D 157 -18.23 -10.66 -4.25
C PHE D 157 -18.88 -9.30 -4.18
N GLU D 158 -20.17 -9.22 -4.46
CA GLU D 158 -20.86 -7.94 -4.43
C GLU D 158 -21.37 -7.58 -3.04
N THR D 159 -21.24 -8.48 -2.04
CA THR D 159 -21.53 -8.15 -0.64
C THR D 159 -20.34 -8.59 0.19
N PRO D 160 -19.33 -7.73 0.31
CA PRO D 160 -18.08 -8.14 0.98
C PRO D 160 -18.23 -8.66 2.40
N ASP D 161 -19.10 -8.06 3.21
CA ASP D 161 -19.35 -8.58 4.55
C ASP D 161 -19.62 -10.07 4.53
N TYR D 162 -20.42 -10.54 3.57
CA TYR D 162 -20.84 -11.93 3.57
C TYR D 162 -19.76 -12.85 3.00
N ALA D 163 -19.02 -12.38 2.01
CA ALA D 163 -17.85 -13.14 1.54
C ALA D 163 -16.81 -13.29 2.65
N VAL D 164 -16.53 -12.23 3.41
CA VAL D 164 -15.53 -12.33 4.49
C VAL D 164 -15.98 -13.31 5.55
N ALA D 165 -17.28 -13.27 5.92
CA ALA D 165 -17.81 -14.21 6.91
C ALA D 165 -17.61 -15.65 6.45
N GLU D 166 -17.76 -15.90 5.14
CA GLU D 166 -17.68 -17.26 4.59
C GLU D 166 -16.23 -17.72 4.48
N ILE D 167 -15.35 -16.85 4.00
CA ILE D 167 -13.94 -17.18 3.95
C ILE D 167 -13.41 -17.49 5.35
N GLU D 168 -13.82 -16.72 6.35
CA GLU D 168 -13.42 -17.03 7.72
C GLU D 168 -14.07 -18.32 8.24
N ARG D 169 -15.22 -18.71 7.69
CA ARG D 169 -15.91 -19.88 8.21
C ARG D 169 -15.25 -21.16 7.74
N VAL D 170 -15.01 -21.27 6.43
CA VAL D 170 -14.55 -22.50 5.81
C VAL D 170 -13.25 -22.32 5.02
N GLY D 171 -12.71 -21.12 4.91
CA GLY D 171 -11.52 -20.91 4.10
C GLY D 171 -10.24 -21.55 4.64
N ALA D 172 -10.21 -21.91 5.92
CA ALA D 172 -9.05 -22.60 6.47
C ALA D 172 -9.10 -24.10 6.24
N ASP D 173 -10.26 -24.63 5.88
CA ASP D 173 -10.41 -26.06 5.69
C ASP D 173 -9.45 -26.54 4.61
N PRO D 174 -8.65 -27.57 4.87
CA PRO D 174 -7.71 -28.07 3.86
C PRO D 174 -8.38 -28.63 2.64
N GLY D 175 -9.69 -28.80 2.65
CA GLY D 175 -10.38 -29.13 1.41
C GLY D 175 -10.58 -27.95 0.47
N VAL D 176 -10.30 -26.73 0.92
CA VAL D 176 -10.43 -25.53 0.10
C VAL D 176 -9.05 -25.05 -0.32
N VAL D 177 -8.93 -24.66 -1.60
CA VAL D 177 -7.65 -24.18 -2.13
C VAL D 177 -7.79 -22.80 -2.77
N ALA D 178 -9.01 -22.31 -2.98
CA ALA D 178 -9.19 -21.03 -3.64
C ALA D 178 -10.54 -20.42 -3.28
N VAL D 179 -10.62 -19.08 -3.36
CA VAL D 179 -11.90 -18.37 -3.32
C VAL D 179 -12.35 -18.19 -4.76
N LEU D 180 -13.67 -18.14 -4.98
CA LEU D 180 -14.22 -18.28 -6.33
C LEU D 180 -15.15 -17.10 -6.66
N GLY D 181 -14.70 -16.26 -7.60
CA GLY D 181 -15.51 -15.19 -8.14
C GLY D 181 -15.91 -15.43 -9.59
N THR D 182 -16.52 -14.40 -10.18
CA THR D 182 -16.99 -14.40 -11.56
C THR D 182 -16.27 -13.31 -12.35
N SER D 183 -16.23 -13.46 -13.68
CA SER D 183 -15.51 -12.47 -14.48
C SER D 183 -16.23 -11.12 -14.53
N LYS D 184 -17.53 -11.09 -14.33
CA LYS D 184 -18.30 -9.86 -14.43
C LYS D 184 -18.74 -9.39 -13.05
N THR D 185 -18.49 -8.12 -12.79
CA THR D 185 -18.79 -7.51 -11.51
C THR D 185 -19.51 -6.20 -11.78
N LEU D 186 -20.08 -5.60 -10.73
CA LEU D 186 -20.68 -4.29 -10.94
C LEU D 186 -19.63 -3.18 -10.95
N GLU D 187 -18.49 -3.38 -10.29
CA GLU D 187 -17.34 -2.49 -10.39
C GLU D 187 -16.11 -3.33 -10.73
N PRO D 188 -15.19 -2.79 -11.54
CA PRO D 188 -13.98 -3.54 -11.85
C PRO D 188 -13.27 -4.01 -10.58
N LEU D 189 -12.57 -5.13 -10.70
CA LEU D 189 -12.14 -5.88 -9.50
C LEU D 189 -11.02 -5.21 -8.73
N GLY D 190 -10.36 -4.20 -9.31
CA GLY D 190 -9.42 -3.42 -8.54
C GLY D 190 -10.05 -2.39 -7.63
N SER D 191 -11.37 -2.23 -7.70
CA SER D 191 -12.05 -1.27 -6.84
CA SER D 191 -12.05 -1.28 -6.85
C SER D 191 -11.88 -1.65 -5.37
N ARG D 192 -11.72 -0.62 -4.53
CA ARG D 192 -11.62 -0.82 -3.10
C ARG D 192 -12.79 -1.62 -2.54
N LYS D 193 -13.95 -1.60 -3.21
CA LYS D 193 -15.08 -2.40 -2.75
C LYS D 193 -14.65 -3.82 -2.41
N TYR D 194 -13.80 -4.41 -3.23
CA TYR D 194 -13.45 -5.81 -3.09
C TYR D 194 -12.27 -6.06 -2.15
N TRP D 195 -11.62 -5.01 -1.66
CA TRP D 195 -10.43 -5.23 -0.84
C TRP D 195 -10.67 -5.98 0.46
N PRO D 196 -11.80 -5.82 1.17
CA PRO D 196 -12.06 -6.69 2.33
C PRO D 196 -11.97 -8.17 1.99
N ILE D 197 -12.30 -8.55 0.76
CA ILE D 197 -12.29 -9.95 0.36
C ILE D 197 -10.85 -10.43 0.13
N TYR D 198 -10.07 -9.65 -0.62
CA TYR D 198 -8.66 -9.93 -0.80
C TYR D 198 -7.93 -9.98 0.53
N GLU D 199 -8.26 -9.04 1.43
CA GLU D 199 -7.64 -9.06 2.75
C GLU D 199 -7.92 -10.36 3.48
N ALA D 200 -9.12 -10.92 3.27
CA ALA D 200 -9.54 -12.12 3.99
C ALA D 200 -8.99 -13.38 3.32
N SER D 201 -8.96 -13.40 1.99
CA SER D 201 -8.26 -14.48 1.31
C SER D 201 -6.81 -14.53 1.73
N VAL D 202 -6.15 -13.38 1.75
CA VAL D 202 -4.75 -13.34 2.15
C VAL D 202 -4.60 -13.84 3.59
N ALA D 203 -5.45 -13.35 4.49
CA ALA D 203 -5.42 -13.78 5.88
C ALA D 203 -5.58 -15.29 6.04
N GLN D 204 -6.30 -15.94 5.12
CA GLN D 204 -6.46 -17.38 5.13
C GLN D 204 -5.55 -18.07 4.13
N ASN D 205 -4.53 -17.38 3.65
CA ASN D 205 -3.58 -17.93 2.69
C ASN D 205 -4.28 -18.61 1.52
N LEU D 206 -5.22 -17.89 0.91
CA LEU D 206 -5.97 -18.42 -0.24
C LEU D 206 -5.79 -17.56 -1.47
N PRO D 207 -5.52 -18.16 -2.63
CA PRO D 207 -5.62 -17.44 -3.91
C PRO D 207 -7.08 -17.32 -4.32
N ILE D 208 -7.32 -16.49 -5.33
CA ILE D 208 -8.69 -16.25 -5.81
C ILE D 208 -8.76 -16.60 -7.29
N GLN D 209 -9.81 -17.33 -7.67
CA GLN D 209 -10.08 -17.63 -9.06
C GLN D 209 -11.32 -16.89 -9.53
N PHE D 210 -11.26 -16.37 -10.76
CA PHE D 210 -12.38 -15.69 -11.39
C PHE D 210 -12.78 -16.46 -12.65
N HIS D 211 -13.83 -17.25 -12.53
CA HIS D 211 -14.41 -17.96 -13.66
C HIS D 211 -15.26 -17.04 -14.55
N LEU D 212 -15.12 -17.21 -15.86
CA LEU D 212 -16.05 -16.65 -16.83
C LEU D 212 -17.49 -16.70 -16.31
N SER D 213 -18.22 -15.61 -16.56
CA SER D 213 -19.65 -15.55 -16.23
C SER D 213 -20.36 -14.60 -17.18
N GLN D 214 -21.70 -14.63 -17.10
CA GLN D 214 -22.59 -13.60 -17.61
C GLN D 214 -22.95 -12.69 -16.43
N GLY D 215 -24.02 -11.91 -16.56
CA GLY D 215 -24.50 -11.06 -15.50
C GLY D 215 -23.52 -9.97 -15.11
N GLY D 216 -23.46 -9.68 -13.80
CA GLY D 216 -22.63 -8.62 -13.24
C GLY D 216 -23.27 -7.21 -13.12
N GLY D 217 -24.14 -6.86 -14.05
CA GLY D 217 -24.86 -5.60 -13.89
C GLY D 217 -24.82 -4.67 -15.09
N HIS D 218 -23.94 -4.98 -16.03
CA HIS D 218 -23.77 -4.27 -17.29
C HIS D 218 -23.92 -5.23 -18.46
N ALA D 219 -23.98 -4.65 -19.66
CA ALA D 219 -23.99 -5.44 -20.88
C ALA D 219 -22.74 -6.32 -20.95
N ASN D 220 -22.81 -7.34 -21.81
CA ASN D 220 -21.68 -8.25 -21.81
C ASN D 220 -20.50 -7.70 -22.61
N THR D 221 -20.59 -6.48 -23.14
CA THR D 221 -19.45 -5.74 -23.70
C THR D 221 -19.55 -4.30 -23.22
N GLY D 222 -18.46 -3.54 -23.39
CA GLY D 222 -18.50 -2.14 -23.06
C GLY D 222 -19.24 -1.26 -24.06
N THR D 223 -19.88 -1.84 -25.06
CA THR D 223 -20.42 -1.06 -26.15
C THR D 223 -21.63 -1.76 -26.75
N GLY D 224 -22.43 -2.40 -25.89
CA GLY D 224 -23.70 -3.00 -26.28
C GLY D 224 -23.80 -4.48 -25.92
N TRP D 225 -25.03 -5.00 -25.84
CA TRP D 225 -25.27 -6.43 -25.73
C TRP D 225 -25.08 -7.14 -27.07
N THR D 226 -24.50 -8.34 -27.04
CA THR D 226 -24.21 -9.09 -28.26
C THR D 226 -25.45 -9.79 -28.80
N SER D 227 -25.44 -10.06 -30.11
CA SER D 227 -26.52 -10.77 -30.80
C SER D 227 -26.26 -12.27 -30.94
N TYR D 228 -25.17 -12.65 -31.59
CA TYR D 228 -24.96 -14.01 -32.07
C TYR D 228 -23.96 -14.73 -31.18
N HIS D 229 -23.99 -16.05 -31.25
CA HIS D 229 -23.26 -16.81 -30.26
C HIS D 229 -21.76 -16.64 -30.44
N THR D 230 -21.31 -16.35 -31.66
CA THR D 230 -19.91 -15.98 -31.86
C THR D 230 -19.56 -14.77 -31.01
N GLU D 231 -20.40 -13.73 -31.06
CA GLU D 231 -20.17 -12.54 -30.26
C GLU D 231 -20.20 -12.86 -28.77
N TYR D 232 -21.21 -13.62 -28.35
CA TYR D 232 -21.38 -14.01 -26.95
C TYR D 232 -20.14 -14.71 -26.43
N HIS D 233 -19.69 -15.76 -27.13
CA HIS D 233 -18.65 -16.61 -26.60
C HIS D 233 -17.25 -16.05 -26.82
N THR D 234 -16.99 -15.40 -27.96
CA THR D 234 -15.73 -14.68 -28.09
C THR D 234 -15.64 -13.54 -27.06
N GLY D 235 -16.76 -12.87 -26.82
CA GLY D 235 -16.79 -11.68 -25.99
C GLY D 235 -16.51 -11.89 -24.53
N HIS D 236 -16.57 -13.13 -24.04
CA HIS D 236 -16.19 -13.41 -22.65
C HIS D 236 -14.76 -12.98 -22.37
N VAL D 237 -13.89 -13.07 -23.38
CA VAL D 237 -12.51 -12.59 -23.27
C VAL D 237 -12.45 -11.16 -22.71
N GLN D 238 -13.39 -10.30 -23.13
CA GLN D 238 -13.34 -8.86 -22.88
C GLN D 238 -13.48 -8.52 -21.39
N SER D 239 -14.35 -9.23 -20.67
CA SER D 239 -14.44 -9.08 -19.23
C SER D 239 -13.08 -9.21 -18.56
N PHE D 240 -12.33 -10.25 -18.94
CA PHE D 240 -11.05 -10.57 -18.31
C PHE D 240 -9.96 -9.55 -18.67
N GLN D 241 -9.95 -9.06 -19.91
CA GLN D 241 -9.09 -7.93 -20.24
C GLN D 241 -9.37 -6.76 -19.33
N SER D 242 -10.65 -6.40 -19.20
CA SER D 242 -11.03 -5.28 -18.35
C SER D 242 -10.62 -5.50 -16.90
N GLN D 243 -10.76 -6.72 -16.39
CA GLN D 243 -10.46 -6.96 -14.97
C GLN D 243 -8.97 -6.92 -14.72
N LEU D 244 -8.17 -7.44 -15.65
CA LEU D 244 -6.73 -7.40 -15.48
C LEU D 244 -6.24 -5.96 -15.40
N LEU D 245 -6.73 -5.11 -16.31
CA LEU D 245 -6.36 -3.70 -16.27
C LEU D 245 -6.74 -3.05 -14.95
N SER D 246 -7.88 -3.44 -14.39
CA SER D 246 -8.32 -2.83 -13.13
C SER D 246 -7.52 -3.35 -11.95
N LEU D 247 -7.37 -4.68 -11.84
CA LEU D 247 -6.52 -5.24 -10.80
C LEU D 247 -5.11 -4.66 -10.83
N VAL D 248 -4.52 -4.56 -12.01
CA VAL D 248 -3.12 -4.12 -12.11
C VAL D 248 -3.00 -2.63 -11.83
N LEU D 249 -3.72 -1.80 -12.58
CA LEU D 249 -3.49 -0.36 -12.48
C LEU D 249 -4.07 0.23 -11.21
N SER D 250 -4.97 -0.48 -10.52
CA SER D 250 -5.53 0.05 -9.28
C SER D 250 -4.52 0.11 -8.15
N GLY D 251 -3.37 -0.52 -8.31
CA GLY D 251 -2.46 -0.72 -7.20
C GLY D 251 -2.87 -1.81 -6.25
N THR D 252 -3.86 -2.64 -6.62
CA THR D 252 -4.39 -3.63 -5.70
C THR D 252 -3.27 -4.50 -5.13
N PHE D 253 -2.36 -4.97 -5.99
CA PHE D 253 -1.25 -5.82 -5.56
C PHE D 253 -0.15 -5.04 -4.81
N ASP D 254 -0.14 -3.71 -4.87
CA ASP D 254 0.68 -2.98 -3.89
C ASP D 254 0.09 -3.13 -2.50
N ARG D 255 -1.23 -2.94 -2.35
CA ARG D 255 -1.86 -3.11 -1.04
C ARG D 255 -1.77 -4.54 -0.53
N PHE D 256 -1.80 -5.52 -1.42
CA PHE D 256 -1.76 -6.94 -1.06
C PHE D 256 -0.71 -7.66 -1.90
N PRO D 257 0.57 -7.55 -1.52
CA PRO D 257 1.64 -8.11 -2.38
C PRO D 257 1.71 -9.65 -2.40
N THR D 258 0.97 -10.37 -1.57
CA THR D 258 0.97 -11.83 -1.68
C THR D 258 -0.29 -12.38 -2.29
N LEU D 259 -1.20 -11.52 -2.72
CA LEU D 259 -2.42 -11.94 -3.40
C LEU D 259 -2.07 -12.53 -4.76
N LYS D 260 -2.67 -13.68 -5.06
CA LYS D 260 -2.64 -14.29 -6.38
C LYS D 260 -4.07 -14.42 -6.85
N VAL D 261 -4.34 -13.96 -8.05
CA VAL D 261 -5.66 -14.21 -8.63
C VAL D 261 -5.45 -14.96 -9.93
N MET D 262 -6.44 -15.76 -10.31
CA MET D 262 -6.39 -16.49 -11.57
C MET D 262 -7.65 -16.24 -12.39
N PHE D 263 -7.46 -15.97 -13.66
CA PHE D 263 -8.56 -15.85 -14.60
C PHE D 263 -8.81 -17.23 -15.18
N VAL D 264 -10.07 -17.68 -15.16
CA VAL D 264 -10.43 -19.05 -15.51
C VAL D 264 -11.40 -19.01 -16.66
N GLU D 265 -10.98 -19.61 -17.78
CA GLU D 265 -11.77 -19.71 -19.01
C GLU D 265 -11.91 -18.37 -19.72
N GLY D 266 -10.92 -17.49 -19.61
CA GLY D 266 -10.94 -16.27 -20.40
C GLY D 266 -9.94 -16.23 -21.53
N ASN D 267 -9.43 -17.42 -21.90
CA ASN D 267 -8.32 -17.65 -22.83
C ASN D 267 -7.03 -17.09 -22.26
N VAL D 268 -5.90 -17.32 -22.92
CA VAL D 268 -4.62 -16.84 -22.44
C VAL D 268 -3.94 -15.89 -23.40
N ALA D 269 -4.03 -16.17 -24.71
CA ALA D 269 -3.13 -15.54 -25.67
C ALA D 269 -3.33 -14.03 -25.70
N HIS D 270 -4.59 -13.58 -25.65
CA HIS D 270 -4.95 -12.16 -25.72
C HIS D 270 -4.38 -11.33 -24.57
N PHE D 271 -4.08 -11.92 -23.42
CA PHE D 271 -3.54 -11.08 -22.34
C PHE D 271 -2.18 -10.51 -22.71
N ALA D 272 -1.39 -11.24 -23.51
CA ALA D 272 -0.02 -10.80 -23.78
C ALA D 272 0.03 -9.49 -24.57
N PRO D 273 -0.60 -9.37 -25.75
CA PRO D 273 -0.62 -8.05 -26.40
C PRO D 273 -1.52 -7.06 -25.70
N LEU D 274 -2.34 -7.47 -24.72
CA LEU D 274 -3.01 -6.51 -23.85
C LEU D 274 -2.02 -5.89 -22.86
N ILE D 275 -1.19 -6.74 -22.25
CA ILE D 275 -0.22 -6.27 -21.29
C ILE D 275 0.82 -5.44 -22.00
N GLN D 276 1.06 -5.74 -23.27
CA GLN D 276 2.05 -5.00 -24.04
C GLN D 276 1.54 -3.62 -24.36
N ARG D 277 0.24 -3.53 -24.70
CA ARG D 277 -0.41 -2.24 -24.89
C ARG D 277 -0.36 -1.42 -23.60
N MET D 278 -0.58 -2.07 -22.46
CA MET D 278 -0.64 -1.41 -21.16
C MET D 278 0.69 -0.71 -20.83
N ASP D 279 1.83 -1.41 -20.87
CA ASP D 279 3.13 -0.77 -20.67
C ASP D 279 3.34 0.40 -21.63
N TYR D 280 3.23 0.13 -22.93
CA TYR D 280 3.43 1.16 -23.94
C TYR D 280 2.65 2.43 -23.62
N THR D 281 1.36 2.28 -23.29
CA THR D 281 0.54 3.44 -22.98
C THR D 281 0.97 4.08 -21.67
N TRP D 282 1.25 3.25 -20.66
CA TRP D 282 1.66 3.72 -19.34
C TRP D 282 2.95 4.53 -19.41
N GLU D 283 3.82 4.20 -20.37
CA GLU D 283 5.06 4.96 -20.54
C GLU D 283 4.74 6.43 -20.72
N THR D 284 3.64 6.74 -21.41
CA THR D 284 3.25 8.13 -21.65
C THR D 284 2.38 8.68 -20.54
N LEU D 285 1.41 7.89 -20.07
CA LEU D 285 0.35 8.40 -19.21
C LEU D 285 0.52 8.01 -17.76
N ARG D 286 1.66 7.42 -17.39
CA ARG D 286 1.96 7.07 -15.99
C ARG D 286 1.76 8.22 -15.01
N GLY D 287 1.85 9.47 -15.46
CA GLY D 287 1.66 10.58 -14.56
C GLY D 287 0.33 10.55 -13.83
N GLU D 288 -0.70 9.96 -14.44
CA GLU D 288 -2.03 9.91 -13.82
C GLU D 288 -2.05 8.98 -12.62
N LEU D 289 -1.21 7.96 -12.60
CA LEU D 289 -1.16 6.99 -11.51
C LEU D 289 0.22 7.05 -10.85
N PRO D 290 0.53 8.14 -10.14
CA PRO D 290 1.85 8.23 -9.50
C PRO D 290 2.05 7.24 -8.35
N ASP D 291 0.97 6.78 -7.68
CA ASP D 291 1.12 5.88 -6.53
C ASP D 291 1.56 4.48 -6.92
N LEU D 292 1.41 4.10 -8.19
CA LEU D 292 1.63 2.74 -8.63
C LEU D 292 3.11 2.39 -8.55
N GLN D 293 3.43 1.30 -7.87
CA GLN D 293 4.81 1.10 -7.47
C GLN D 293 5.65 0.38 -8.50
N ARG D 294 5.05 -0.29 -9.46
CA ARG D 294 5.82 -0.99 -10.47
C ARG D 294 5.30 -0.61 -11.85
N LYS D 295 6.06 -1.00 -12.87
CA LYS D 295 5.52 -0.98 -14.23
C LYS D 295 4.43 -2.03 -14.37
N PRO D 296 3.30 -1.69 -14.98
CA PRO D 296 2.14 -2.61 -15.00
C PRO D 296 2.41 -4.06 -15.41
N SER D 297 3.28 -4.36 -16.38
CA SER D 297 3.54 -5.76 -16.73
C SER D 297 4.31 -6.49 -15.64
N GLU D 298 5.06 -5.78 -14.81
CA GLU D 298 5.84 -6.43 -13.76
C GLU D 298 4.97 -6.98 -12.65
N TYR D 299 3.65 -6.78 -12.71
CA TYR D 299 2.73 -7.34 -11.73
C TYR D 299 2.35 -8.76 -12.10
N ILE D 300 2.33 -9.05 -13.41
CA ILE D 300 1.78 -10.31 -13.91
C ILE D 300 2.48 -11.49 -13.25
N ARG D 301 3.82 -11.55 -13.34
CA ARG D 301 4.56 -12.74 -12.89
C ARG D 301 4.17 -13.16 -11.49
N ASP D 302 4.01 -12.20 -10.59
CA ASP D 302 3.77 -12.50 -9.18
C ASP D 302 2.30 -12.51 -8.79
N HIS D 303 1.40 -12.15 -9.69
CA HIS D 303 0.04 -11.90 -9.24
C HIS D 303 -1.04 -12.47 -10.13
N ILE D 304 -0.76 -12.77 -11.39
CA ILE D 304 -1.78 -13.07 -12.39
C ILE D 304 -1.47 -14.40 -13.05
N TRP D 305 -2.33 -15.37 -12.83
CA TRP D 305 -2.29 -16.67 -13.46
C TRP D 305 -3.47 -16.80 -14.42
N ALA D 306 -3.34 -17.70 -15.39
CA ALA D 306 -4.46 -17.91 -16.30
C ALA D 306 -4.60 -19.38 -16.62
N SER D 307 -5.83 -19.83 -16.84
CA SER D 307 -6.10 -21.21 -17.18
C SER D 307 -6.40 -21.36 -18.67
N THR D 308 -6.09 -22.55 -19.19
CA THR D 308 -5.90 -22.77 -20.63
C THR D 308 -7.18 -23.09 -21.39
N GLN D 309 -8.18 -23.70 -20.75
CA GLN D 309 -9.33 -24.07 -21.57
C GLN D 309 -10.23 -22.85 -21.76
N PRO D 310 -10.74 -22.63 -22.97
CA PRO D 310 -10.53 -23.36 -24.21
C PRO D 310 -9.23 -22.96 -24.95
N ILE D 311 -8.35 -23.94 -25.18
CA ILE D 311 -7.01 -23.64 -25.68
C ILE D 311 -7.06 -22.74 -26.91
N ASP D 312 -6.18 -21.76 -26.96
CA ASP D 312 -6.03 -20.93 -28.13
C ASP D 312 -5.51 -21.78 -29.27
N GLU D 313 -5.95 -21.49 -30.48
CA GLU D 313 -5.52 -22.24 -31.68
C GLU D 313 -5.05 -21.25 -32.73
N PRO D 314 -3.78 -20.83 -32.66
CA PRO D 314 -3.23 -19.99 -33.74
C PRO D 314 -3.29 -20.71 -35.07
N GLU D 315 -3.26 -19.92 -36.14
CA GLU D 315 -3.16 -20.54 -37.45
C GLU D 315 -1.78 -21.19 -37.61
N LYS D 316 -0.73 -20.54 -37.09
CA LYS D 316 0.50 -21.31 -37.03
C LYS D 316 0.84 -21.60 -35.58
N PRO D 317 0.93 -22.90 -35.33
CA PRO D 317 0.95 -23.37 -33.93
C PRO D 317 2.20 -22.97 -33.16
N GLU D 318 3.27 -22.60 -33.86
CA GLU D 318 4.45 -22.01 -33.23
C GLU D 318 4.07 -20.81 -32.34
N HIS D 319 2.94 -20.15 -32.66
CA HIS D 319 2.62 -18.87 -32.03
C HIS D 319 2.12 -19.03 -30.60
N LEU D 320 1.38 -20.10 -30.32
CA LEU D 320 0.88 -20.34 -28.97
C LEU D 320 1.97 -20.20 -27.93
N ALA D 321 2.99 -21.05 -28.00
CA ALA D 321 4.06 -21.00 -27.00
C ALA D 321 4.69 -19.62 -26.95
N GLU D 322 4.87 -18.98 -28.11
CA GLU D 322 5.34 -17.59 -28.13
C GLU D 322 4.42 -16.70 -27.31
N LEU D 323 3.13 -16.72 -27.63
CA LEU D 323 2.19 -15.83 -26.95
C LEU D 323 2.06 -16.16 -25.47
N LEU D 324 2.21 -17.43 -25.10
CA LEU D 324 2.08 -17.81 -23.69
C LEU D 324 3.31 -17.41 -22.90
N GLU D 325 4.50 -17.43 -23.51
CA GLU D 325 5.67 -16.92 -22.82
C GLU D 325 5.61 -15.41 -22.68
N GLU D 326 5.05 -14.72 -23.69
CA GLU D 326 4.94 -13.26 -23.60
C GLU D 326 3.95 -12.83 -22.52
N PHE D 327 3.00 -13.68 -22.13
CA PHE D 327 2.12 -13.41 -21.03
C PHE D 327 2.90 -13.60 -19.75
N CYS D 328 3.32 -14.83 -19.53
CA CYS D 328 4.14 -15.42 -18.47
C CYS D 328 4.02 -16.91 -18.50
N GLY D 329 5.08 -17.57 -18.91
CA GLY D 329 5.15 -19.00 -18.98
C GLY D 329 4.95 -19.74 -17.68
N ASP D 330 5.28 -19.15 -16.57
CA ASP D 330 5.06 -19.77 -15.32
C ASP D 330 3.67 -19.56 -14.72
N ASN D 331 2.81 -18.79 -15.35
CA ASN D 331 1.52 -18.43 -14.77
C ASN D 331 0.35 -18.95 -15.59
N VAL D 332 0.61 -19.98 -16.40
CA VAL D 332 -0.39 -20.65 -17.20
C VAL D 332 -0.64 -22.00 -16.55
N VAL D 333 -1.92 -22.34 -16.38
CA VAL D 333 -2.34 -23.49 -15.57
C VAL D 333 -3.41 -24.25 -16.33
N PHE D 334 -3.26 -25.58 -16.41
CA PHE D 334 -4.15 -26.38 -17.25
C PHE D 334 -5.55 -26.55 -16.65
N ALA D 335 -6.54 -26.70 -17.53
CA ALA D 335 -7.88 -27.07 -17.11
C ALA D 335 -8.60 -27.80 -18.23
N THR D 336 -9.53 -28.69 -17.84
CA THR D 336 -10.33 -29.47 -18.79
C THR D 336 -11.65 -28.80 -19.10
N ASP D 337 -12.31 -28.26 -18.08
CA ASP D 337 -13.68 -27.74 -18.14
C ASP D 337 -14.69 -28.87 -18.22
N TYR D 338 -14.43 -29.95 -17.50
CA TYR D 338 -15.40 -31.01 -17.42
C TYR D 338 -16.69 -30.51 -16.75
N PRO D 339 -17.87 -30.74 -17.36
CA PRO D 339 -18.01 -31.49 -18.59
C PRO D 339 -18.55 -30.71 -19.78
N HIS D 340 -18.03 -29.50 -20.00
CA HIS D 340 -18.60 -28.66 -21.03
C HIS D 340 -18.08 -29.07 -22.40
N PHE D 341 -18.78 -28.64 -23.45
CA PHE D 341 -18.56 -29.23 -24.78
C PHE D 341 -17.17 -28.91 -25.31
N ASP D 342 -16.63 -27.71 -25.02
CA ASP D 342 -15.27 -27.42 -25.44
C ASP D 342 -14.23 -27.91 -24.44
N PHE D 343 -14.54 -29.02 -23.75
CA PHE D 343 -13.58 -29.74 -22.91
C PHE D 343 -12.25 -29.93 -23.64
N ASP D 344 -11.16 -29.63 -22.92
CA ASP D 344 -9.81 -29.84 -23.42
C ASP D 344 -9.26 -31.16 -22.88
N ASP D 345 -8.83 -32.03 -23.78
CA ASP D 345 -8.14 -33.24 -23.40
C ASP D 345 -6.68 -32.91 -23.19
N PRO D 346 -6.11 -33.14 -22.00
CA PRO D 346 -4.68 -32.86 -21.80
C PRO D 346 -3.76 -33.59 -22.76
N GLU D 347 -4.23 -34.68 -23.36
CA GLU D 347 -3.41 -35.41 -24.33
C GLU D 347 -3.29 -34.63 -25.64
N THR D 348 -4.39 -34.11 -26.16
CA THR D 348 -4.47 -33.62 -27.53
C THR D 348 -4.72 -32.12 -27.63
N ALA D 349 -4.67 -31.38 -26.52
CA ALA D 349 -5.08 -29.98 -26.53
C ALA D 349 -3.96 -29.06 -27.02
N PHE D 350 -2.71 -29.44 -26.81
CA PHE D 350 -1.60 -28.61 -27.27
C PHE D 350 -1.30 -28.93 -28.74
N PRO D 351 -0.60 -28.03 -29.44
CA PRO D 351 -0.31 -28.28 -30.85
C PRO D 351 1.00 -29.03 -31.07
N ARG D 352 1.11 -29.60 -32.28
CA ARG D 352 2.19 -30.47 -32.74
C ARG D 352 3.55 -30.20 -32.09
N SER D 353 4.00 -28.94 -32.20
CA SER D 353 5.35 -28.50 -31.89
C SER D 353 5.49 -27.82 -30.53
N PHE D 354 4.41 -27.77 -29.74
CA PHE D 354 4.47 -27.17 -28.42
C PHE D 354 5.55 -27.87 -27.58
N PRO D 355 6.36 -27.12 -26.82
CA PRO D 355 7.49 -27.73 -26.11
C PRO D 355 7.09 -28.34 -24.77
N VAL D 356 7.63 -29.54 -24.53
CA VAL D 356 7.20 -30.37 -23.41
C VAL D 356 7.47 -29.67 -22.09
N ASP D 357 8.50 -28.84 -22.01
CA ASP D 357 8.80 -28.29 -20.69
C ASP D 357 7.82 -27.18 -20.33
N LEU D 358 7.34 -26.43 -21.33
CA LEU D 358 6.28 -25.47 -21.04
C LEU D 358 4.99 -26.19 -20.69
N ARG D 359 4.63 -27.23 -21.46
CA ARG D 359 3.40 -27.96 -21.19
C ARG D 359 3.47 -28.69 -19.85
N ASP D 360 4.65 -29.18 -19.49
CA ASP D 360 4.53 -29.87 -18.21
C ASP D 360 4.49 -28.89 -17.05
N LYS D 361 5.10 -27.72 -17.06
CA LYS D 361 4.83 -26.84 -15.94
C LYS D 361 3.42 -26.27 -15.97
N ILE D 362 2.78 -26.19 -17.14
CA ILE D 362 1.35 -25.87 -17.19
C ILE D 362 0.53 -26.96 -16.50
N LEU D 363 0.92 -28.23 -16.68
CA LEU D 363 0.10 -29.31 -16.14
C LEU D 363 0.44 -29.64 -14.70
N ARG D 364 1.56 -29.13 -14.19
CA ARG D 364 1.93 -29.41 -12.81
C ARG D 364 2.48 -28.17 -12.12
N GLY D 365 3.72 -27.80 -12.43
CA GLY D 365 4.43 -26.84 -11.57
C GLY D 365 3.69 -25.52 -11.38
N ASN D 366 3.07 -25.01 -12.43
CA ASN D 366 2.48 -23.68 -12.35
C ASN D 366 1.22 -23.71 -11.47
N GLY D 367 0.32 -24.68 -11.74
CA GLY D 367 -0.86 -24.85 -10.89
C GLY D 367 -0.50 -25.13 -9.44
N MET D 368 0.45 -26.03 -9.22
CA MET D 368 0.95 -26.26 -7.87
C MET D 368 1.37 -24.96 -7.21
N ARG D 369 2.03 -24.08 -7.96
CA ARG D 369 2.51 -22.84 -7.37
C ARG D 369 1.34 -21.96 -7.00
N PHE D 370 0.36 -21.86 -7.89
CA PHE D 370 -0.81 -21.03 -7.63
C PHE D 370 -1.55 -21.47 -6.39
N PHE D 371 -1.76 -22.77 -6.23
CA PHE D 371 -2.59 -23.30 -5.15
C PHE D 371 -1.81 -23.61 -3.87
N GLY D 372 -0.54 -23.23 -3.79
CA GLY D 372 0.20 -23.41 -2.55
C GLY D 372 0.56 -24.84 -2.21
N VAL D 373 0.62 -25.74 -3.20
CA VAL D 373 0.82 -27.17 -2.94
C VAL D 373 2.13 -27.45 -2.17
N VAL E 36 60.14 -19.80 47.95
CA VAL E 36 59.11 -20.66 47.35
C VAL E 36 57.88 -19.86 46.93
N PRO E 37 57.58 -19.91 45.62
CA PRO E 37 56.44 -19.14 45.09
C PRO E 37 55.15 -19.58 45.73
N ALA E 38 54.31 -18.60 46.06
CA ALA E 38 53.15 -18.81 46.89
C ALA E 38 51.98 -19.33 46.08
N VAL E 39 51.07 -20.00 46.77
CA VAL E 39 49.79 -20.39 46.19
C VAL E 39 48.94 -19.13 46.15
N VAL E 40 48.83 -18.54 44.97
CA VAL E 40 48.08 -17.32 44.73
C VAL E 40 46.75 -17.71 44.09
N ASP E 41 45.66 -17.33 44.74
CA ASP E 41 44.31 -17.45 44.14
C ASP E 41 44.10 -16.18 43.33
N CYS E 42 44.21 -16.29 41.99
CA CYS E 42 44.38 -15.10 41.15
C CYS E 42 43.09 -14.38 40.82
N ASP E 43 41.94 -14.82 41.35
CA ASP E 43 40.68 -14.16 41.02
C ASP E 43 39.68 -14.48 42.14
N VAL E 44 39.48 -13.51 43.04
CA VAL E 44 38.38 -13.56 43.99
C VAL E 44 37.72 -12.17 43.95
N HIS E 45 36.58 -12.03 44.64
CA HIS E 45 35.80 -10.80 44.51
C HIS E 45 35.39 -10.23 45.84
N ALA E 46 35.56 -8.90 45.95
CA ALA E 46 34.88 -8.09 46.93
C ALA E 46 33.65 -7.46 46.29
N VAL E 47 32.52 -7.50 47.00
CA VAL E 47 31.25 -7.02 46.47
C VAL E 47 30.85 -5.79 47.29
N LEU E 48 30.67 -4.66 46.62
CA LEU E 48 30.37 -3.42 47.34
C LEU E 48 28.96 -3.47 47.91
N PRO E 49 28.79 -3.22 49.21
CA PRO E 49 27.45 -3.32 49.82
C PRO E 49 26.45 -2.32 49.25
N SER E 50 26.83 -1.05 49.12
CA SER E 50 26.02 -0.08 48.39
C SER E 50 26.93 1.08 48.00
N PRO E 51 26.46 1.99 47.13
CA PRO E 51 27.28 3.18 46.85
C PRO E 51 27.51 4.04 48.09
N HIS E 52 26.76 3.82 49.18
CA HIS E 52 27.01 4.53 50.43
C HIS E 52 28.35 4.16 51.02
N SER E 53 28.85 2.95 50.72
CA SER E 53 30.14 2.54 51.22
C SER E 53 31.29 3.37 50.64
N LEU E 54 31.03 4.16 49.60
CA LEU E 54 32.05 5.01 49.01
C LEU E 54 32.11 6.38 49.66
N ILE E 55 31.06 6.77 50.41
CA ILE E 55 30.99 8.14 50.94
C ILE E 55 32.18 8.52 51.81
N PRO E 56 32.73 7.63 52.67
CA PRO E 56 33.99 7.96 53.38
C PRO E 56 35.16 8.30 52.47
N TYR E 57 35.13 7.89 51.21
CA TYR E 57 36.28 8.04 50.33
C TYR E 57 36.02 9.01 49.20
N LEU E 58 34.94 9.77 49.27
CA LEU E 58 34.61 10.76 48.25
C LEU E 58 34.75 12.15 48.81
N ASP E 59 35.16 13.07 47.94
CA ASP E 59 35.21 14.49 48.23
C ASP E 59 33.82 15.02 48.56
N GLU E 60 33.77 16.13 49.33
CA GLU E 60 32.50 16.73 49.73
C GLU E 60 31.53 16.91 48.58
N TYR E 61 32.03 17.27 47.39
CA TYR E 61 31.16 17.48 46.23
C TYR E 61 30.49 16.18 45.79
N TRP E 62 31.28 15.11 45.62
CA TRP E 62 30.76 13.85 45.13
C TRP E 62 29.88 13.16 46.17
N ALA E 63 30.33 13.14 47.44
CA ALA E 63 29.51 12.61 48.53
C ALA E 63 28.15 13.29 48.60
N ASP E 64 28.13 14.62 48.69
CA ASP E 64 26.87 15.35 48.69
C ASP E 64 26.00 14.99 47.49
N GLN E 65 26.60 15.04 46.29
CA GLN E 65 25.83 14.74 45.07
C GLN E 65 25.27 13.33 45.10
N LEU E 66 26.07 12.36 45.53
CA LEU E 66 25.64 10.97 45.59
C LEU E 66 24.43 10.78 46.49
N VAL E 67 24.33 11.59 47.56
CA VAL E 67 23.19 11.45 48.46
C VAL E 67 21.97 12.18 47.90
N ALA E 68 22.17 13.31 47.21
CA ALA E 68 21.07 14.04 46.60
C ALA E 68 20.52 13.30 45.39
N GLN E 69 21.31 12.39 44.81
CA GLN E 69 20.89 11.55 43.71
C GLN E 69 20.09 10.35 44.20
N LEU E 70 19.84 10.25 45.51
CA LEU E 70 19.26 9.05 46.13
C LEU E 70 20.12 7.81 45.87
N ALA E 71 21.44 8.03 45.83
CA ALA E 71 22.51 7.06 45.63
C ALA E 71 22.08 5.89 44.75
N PRO E 72 21.98 6.08 43.44
CA PRO E 72 21.75 4.92 42.58
C PRO E 72 22.96 4.00 42.59
N THR E 73 22.69 2.69 42.62
CA THR E 73 23.76 1.71 42.66
C THR E 73 24.13 1.25 41.27
N TYR E 74 25.43 1.20 41.00
CA TYR E 74 25.97 0.62 39.79
C TYR E 74 26.36 -0.83 39.98
N GLU E 75 25.64 -1.55 40.84
CA GLU E 75 25.79 -3.00 40.92
C GLU E 75 25.58 -3.58 39.54
N PRO E 76 26.51 -4.35 39.01
CA PRO E 76 26.41 -4.81 37.63
C PRO E 76 25.62 -6.11 37.54
N ASN E 77 25.33 -6.52 36.30
CA ASN E 77 24.56 -7.71 36.05
C ASN E 77 25.43 -8.86 35.54
N TYR E 78 26.75 -8.77 35.71
CA TYR E 78 27.59 -9.85 35.20
C TYR E 78 27.37 -11.12 36.01
N HIS E 79 27.05 -11.00 37.29
CA HIS E 79 26.76 -12.12 38.19
C HIS E 79 25.48 -11.74 38.95
N PRO E 80 24.32 -11.91 38.33
CA PRO E 80 23.07 -11.40 38.94
C PRO E 80 22.84 -11.99 40.32
N ARG E 81 22.50 -11.12 41.28
CA ARG E 81 22.68 -11.47 42.68
C ARG E 81 21.85 -12.68 43.12
N GLY E 82 20.69 -12.90 42.53
CA GLY E 82 19.93 -14.09 42.90
C GLY E 82 20.07 -15.29 41.99
N SER E 83 20.99 -15.27 41.02
CA SER E 83 21.24 -16.38 40.12
C SER E 83 22.23 -17.37 40.72
N ALA E 84 22.26 -18.57 40.15
CA ALA E 84 23.01 -19.64 40.77
C ALA E 84 24.52 -19.40 40.73
N ILE E 85 25.00 -18.45 39.94
CA ILE E 85 26.43 -18.22 39.87
C ILE E 85 26.92 -17.22 40.92
N ALA E 86 26.02 -16.44 41.53
CA ALA E 86 26.45 -15.33 42.38
C ALA E 86 27.32 -15.81 43.54
N GLN E 87 26.84 -16.77 44.31
CA GLN E 87 27.60 -17.20 45.48
C GLN E 87 27.27 -18.64 45.85
N HIS E 88 28.21 -19.28 46.54
CA HIS E 88 28.01 -20.64 47.01
C HIS E 88 26.97 -20.69 48.12
N SER E 89 26.11 -21.70 48.07
CA SER E 89 25.16 -22.01 49.13
C SER E 89 25.71 -21.84 50.53
N ASP E 90 26.97 -22.25 50.73
CA ASP E 90 27.59 -22.27 52.04
C ASP E 90 28.62 -21.16 52.23
N ALA E 91 28.64 -20.16 51.35
CA ALA E 91 29.51 -19.00 51.55
C ALA E 91 29.12 -18.27 52.83
N SER E 92 30.09 -17.62 53.45
CA SER E 92 29.75 -16.75 54.55
C SER E 92 29.02 -15.51 54.02
N VAL E 93 27.95 -15.12 54.72
CA VAL E 93 27.10 -14.03 54.24
C VAL E 93 26.90 -13.00 55.35
N ASP E 94 26.26 -11.89 54.98
CA ASP E 94 25.99 -10.80 55.89
C ASP E 94 24.51 -10.78 56.29
N GLU E 95 24.12 -9.69 56.96
CA GLU E 95 22.74 -9.49 57.44
C GLU E 95 21.70 -9.46 56.31
N ASN E 96 22.12 -9.33 55.04
CA ASN E 96 21.19 -9.41 53.92
C ASN E 96 21.40 -10.66 53.08
N GLY E 97 22.19 -11.62 53.57
CA GLY E 97 22.40 -12.86 52.85
C GLY E 97 23.28 -12.76 51.63
N ARG E 98 24.06 -11.69 51.48
CA ARG E 98 24.96 -11.56 50.35
C ARG E 98 26.37 -11.96 50.77
N ALA E 99 27.04 -12.73 49.91
CA ALA E 99 28.43 -13.11 50.18
C ALA E 99 29.42 -12.02 49.73
N ALA E 100 30.60 -12.01 50.36
CA ALA E 100 31.78 -11.26 49.93
C ALA E 100 31.57 -9.74 49.97
N THR E 101 30.76 -9.25 50.92
CA THR E 101 30.64 -7.82 51.15
C THR E 101 31.51 -7.32 52.31
N THR E 102 32.26 -8.19 52.98
CA THR E 102 33.24 -7.77 53.98
C THR E 102 34.45 -8.69 53.86
N ALA E 103 35.63 -8.13 54.13
CA ALA E 103 36.85 -8.95 54.09
C ALA E 103 36.77 -10.08 55.11
N GLU E 104 36.18 -9.79 56.27
CA GLU E 104 35.94 -10.80 57.30
C GLU E 104 35.30 -12.05 56.70
N ASN E 105 34.14 -11.88 56.08
CA ASN E 105 33.44 -13.02 55.48
C ASN E 105 34.29 -13.70 54.41
N LEU E 106 34.88 -12.93 53.49
CA LEU E 106 35.68 -13.51 52.41
C LEU E 106 36.89 -14.26 52.93
N VAL E 107 37.58 -13.69 53.91
CA VAL E 107 38.80 -14.29 54.45
C VAL E 107 38.48 -15.64 55.09
N LYS E 108 37.50 -15.65 55.99
CA LYS E 108 37.02 -16.88 56.60
C LYS E 108 36.81 -17.99 55.59
N ASP E 109 36.26 -17.67 54.41
CA ASP E 109 35.96 -18.74 53.45
C ASP E 109 37.20 -19.14 52.65
N VAL E 110 37.88 -18.19 52.01
CA VAL E 110 38.91 -18.52 51.02
C VAL E 110 40.12 -19.20 51.67
N PHE E 111 40.47 -18.83 52.90
CA PHE E 111 41.65 -19.30 53.60
C PHE E 111 41.33 -20.36 54.66
N ALA E 112 40.07 -20.83 54.74
CA ALA E 112 39.66 -21.71 55.82
C ALA E 112 40.51 -22.98 55.88
N ASP E 113 40.91 -23.52 54.73
CA ASP E 113 41.53 -24.84 54.69
C ASP E 113 43.05 -24.80 54.55
N GLY E 114 43.68 -23.62 54.72
CA GLY E 114 45.13 -23.51 54.70
C GLY E 114 45.81 -23.66 53.35
N PHE E 115 45.08 -24.00 52.29
CA PHE E 115 45.71 -24.25 50.99
C PHE E 115 46.24 -22.98 50.34
N THR E 116 45.52 -21.86 50.49
CA THR E 116 45.80 -20.65 49.73
C THR E 116 46.67 -19.68 50.54
N ASP E 117 47.71 -19.16 49.88
CA ASP E 117 48.60 -18.16 50.50
C ASP E 117 48.14 -16.72 50.27
N PHE E 118 47.64 -16.39 49.09
CA PHE E 118 47.21 -15.02 48.79
C PHE E 118 46.05 -15.05 47.82
N ALA E 119 45.20 -14.02 47.90
CA ALA E 119 44.05 -13.90 47.01
C ALA E 119 44.04 -12.52 46.39
N VAL E 120 43.94 -12.47 45.06
CA VAL E 120 43.87 -11.22 44.31
C VAL E 120 42.41 -10.82 44.23
N VAL E 121 42.06 -9.74 44.94
CA VAL E 121 40.69 -9.25 45.02
C VAL E 121 40.40 -8.40 43.79
N ASN E 122 39.23 -8.64 43.18
CA ASN E 122 38.67 -7.85 42.09
C ASN E 122 37.27 -7.41 42.50
N CYS E 123 37.05 -6.10 42.57
CA CYS E 123 35.72 -5.54 42.78
C CYS E 123 35.15 -5.10 41.44
N LEU E 124 34.03 -5.70 41.04
CA LEU E 124 33.44 -5.47 39.73
C LEU E 124 32.39 -4.38 39.72
N TYR E 125 32.10 -3.76 40.86
CA TYR E 125 31.15 -2.66 40.94
C TYR E 125 31.33 -1.71 39.76
N GLY E 126 30.22 -1.42 39.07
CA GLY E 126 30.28 -0.93 37.71
C GLY E 126 30.60 0.54 37.46
N VAL E 127 31.65 1.08 38.11
CA VAL E 127 32.04 2.48 37.86
C VAL E 127 32.37 2.70 36.40
N GLN E 128 32.72 1.63 35.65
CA GLN E 128 33.02 1.78 34.24
C GLN E 128 31.76 2.05 33.41
N GLN E 129 30.58 1.77 33.95
CA GLN E 129 29.35 2.05 33.24
C GLN E 129 28.76 3.42 33.62
N ILE E 130 29.49 4.22 34.40
CA ILE E 130 29.17 5.59 34.76
C ILE E 130 29.56 6.49 33.58
N HIS E 131 28.57 7.01 32.85
CA HIS E 131 28.90 7.77 31.65
C HIS E 131 29.57 9.11 31.98
N GLN E 132 29.12 9.78 33.04
CA GLN E 132 29.69 11.06 33.42
C GLN E 132 31.17 10.85 33.72
N PRO E 133 32.09 11.41 32.92
CA PRO E 133 33.50 10.99 33.04
C PRO E 133 34.13 11.35 34.36
N ARG E 134 33.72 12.46 34.97
CA ARG E 134 34.33 12.86 36.22
C ARG E 134 33.73 12.14 37.41
N ARG E 135 32.46 11.73 37.32
CA ARG E 135 31.94 10.85 38.35
C ARG E 135 32.59 9.49 38.25
N GLU E 136 32.82 9.03 37.02
CA GLU E 136 33.51 7.78 36.80
C GLU E 136 34.88 7.79 37.46
N MET E 137 35.65 8.87 37.25
CA MET E 137 36.96 8.97 37.88
C MET E 137 36.84 8.94 39.39
N ALA E 138 35.92 9.76 39.93
CA ALA E 138 35.79 9.90 41.37
C ALA E 138 35.41 8.59 42.03
N HIS E 139 34.47 7.84 41.44
CA HIS E 139 33.98 6.61 42.08
C HIS E 139 34.97 5.47 41.94
N ALA E 140 35.70 5.41 40.84
CA ALA E 140 36.77 4.42 40.73
C ALA E 140 37.81 4.63 41.83
N ARG E 141 38.38 5.84 41.90
CA ARG E 141 39.34 6.16 42.96
C ARG E 141 38.77 5.88 44.36
N ALA E 142 37.48 6.20 44.56
CA ALA E 142 36.85 5.89 45.84
C ALA E 142 36.76 4.39 46.08
N LEU E 143 36.51 3.62 45.02
CA LEU E 143 36.42 2.17 45.17
C LEU E 143 37.77 1.57 45.56
N ASN E 144 38.86 2.02 44.91
CA ASN E 144 40.18 1.54 45.29
C ASN E 144 40.53 1.94 46.72
N HIS E 145 40.06 3.11 47.17
CA HIS E 145 40.24 3.47 48.57
C HIS E 145 39.53 2.47 49.47
N TRP E 146 38.29 2.13 49.11
CA TRP E 146 37.53 1.19 49.91
C TRP E 146 38.21 -0.17 49.94
N ILE E 147 38.77 -0.59 48.81
CA ILE E 147 39.53 -1.83 48.77
C ILE E 147 40.79 -1.71 49.63
N ALA E 148 41.52 -0.59 49.51
CA ALA E 148 42.72 -0.40 50.31
C ALA E 148 42.39 -0.40 51.81
N ASN E 149 41.47 0.49 52.23
CA ASN E 149 41.19 0.72 53.65
C ASN E 149 40.36 -0.38 54.31
N GLU E 150 39.51 -1.08 53.56
CA GLU E 150 38.63 -2.09 54.15
C GLU E 150 38.91 -3.51 53.70
N TRP E 151 39.90 -3.74 52.85
CA TRP E 151 40.25 -5.10 52.47
C TRP E 151 41.73 -5.33 52.66
N LEU E 152 42.57 -4.58 51.92
CA LEU E 152 44.02 -4.74 51.99
C LEU E 152 44.57 -4.40 53.37
N ASP E 153 43.93 -3.49 54.12
CA ASP E 153 44.38 -3.19 55.47
C ASP E 153 43.95 -4.22 56.52
N LYS E 154 43.03 -5.13 56.19
CA LYS E 154 42.48 -6.07 57.17
C LYS E 154 43.20 -7.41 57.17
N ASP E 155 44.01 -7.67 56.15
CA ASP E 155 44.65 -8.96 56.02
C ASP E 155 45.75 -8.88 54.97
N ASP E 156 46.99 -9.10 55.39
CA ASP E 156 48.10 -9.01 54.46
C ASP E 156 48.14 -10.17 53.49
N ARG E 157 47.22 -11.12 53.55
CA ARG E 157 47.14 -12.14 52.51
C ARG E 157 46.36 -11.66 51.31
N LEU E 158 45.76 -10.46 51.35
CA LEU E 158 44.95 -9.93 50.25
C LEU E 158 45.77 -9.01 49.36
N ARG E 159 45.72 -9.25 48.06
CA ARG E 159 46.15 -8.30 47.03
C ARG E 159 44.92 -7.90 46.23
N ALA E 160 45.12 -7.01 45.24
CA ALA E 160 43.96 -6.42 44.60
C ALA E 160 44.34 -5.79 43.27
N SER E 161 43.36 -5.73 42.38
CA SER E 161 43.47 -4.99 41.13
C SER E 161 43.08 -3.53 41.33
N ILE E 162 43.61 -2.69 40.45
CA ILE E 162 43.22 -1.27 40.42
C ILE E 162 42.05 -1.12 39.46
N VAL E 163 40.91 -0.68 39.99
CA VAL E 163 39.78 -0.27 39.17
C VAL E 163 40.10 1.09 38.57
N VAL E 164 39.91 1.22 37.27
CA VAL E 164 40.30 2.47 36.59
C VAL E 164 39.14 3.00 35.77
N PRO E 165 39.02 4.33 35.59
CA PRO E 165 37.95 4.86 34.72
C PRO E 165 38.34 4.77 33.25
N GLN E 166 37.99 3.65 32.59
CA GLN E 166 38.40 3.39 31.22
C GLN E 166 37.60 4.15 30.17
N GLY E 167 36.59 4.93 30.56
CA GLY E 167 36.02 5.89 29.62
C GLY E 167 36.99 7.00 29.22
N SER E 168 38.03 7.26 30.02
CA SER E 168 39.03 8.28 29.73
C SER E 168 40.42 7.69 29.96
N PRO E 169 41.05 7.12 28.91
CA PRO E 169 42.35 6.46 29.11
C PRO E 169 43.42 7.32 29.80
N ARG E 170 43.41 8.64 29.60
CA ARG E 170 44.37 9.43 30.37
C ARG E 170 44.01 9.43 31.84
N ALA E 171 42.74 9.57 32.19
CA ALA E 171 42.41 9.49 33.60
C ALA E 171 42.54 8.06 34.11
N ALA E 172 42.38 7.07 33.22
CA ALA E 172 42.68 5.69 33.59
C ALA E 172 44.16 5.50 33.86
N ALA E 173 45.02 6.02 32.97
CA ALA E 173 46.45 6.01 33.21
C ALA E 173 46.81 6.65 34.54
N GLU E 174 46.13 7.74 34.89
CA GLU E 174 46.46 8.45 36.11
C GLU E 174 46.00 7.71 37.35
N GLU E 175 44.98 6.84 37.23
CA GLU E 175 44.55 6.06 38.39
C GLU E 175 45.55 4.95 38.70
N ILE E 176 46.12 4.36 37.66
CA ILE E 176 47.24 3.43 37.84
C ILE E 176 48.39 4.13 38.56
N ASP E 177 48.84 5.27 38.01
CA ASP E 177 49.88 6.06 38.65
C ASP E 177 49.55 6.34 40.10
N PHE E 178 48.28 6.62 40.39
CA PHE E 178 47.89 6.98 41.75
C PHE E 178 48.08 5.82 42.72
N TRP E 179 48.04 4.57 42.25
CA TRP E 179 48.17 3.40 43.11
C TRP E 179 49.45 2.63 42.84
N SER E 180 50.33 3.13 41.97
CA SER E 180 51.56 2.41 41.68
C SER E 180 52.44 2.22 42.90
N GLY E 181 52.32 3.09 43.92
CA GLY E 181 53.16 3.00 45.10
C GLY E 181 52.66 2.09 46.20
N ASP E 182 51.46 1.51 46.06
CA ASP E 182 50.90 0.54 47.00
C ASP E 182 50.98 -0.84 46.33
N LYS E 183 52.10 -1.53 46.55
CA LYS E 183 52.29 -2.82 45.92
C LYS E 183 51.33 -3.89 46.44
N ARG E 184 50.46 -3.56 47.40
CA ARG E 184 49.34 -4.46 47.64
C ARG E 184 48.40 -4.49 46.45
N PHE E 185 48.46 -3.47 45.58
CA PHE E 185 47.78 -3.47 44.29
C PHE E 185 48.72 -4.07 43.25
N VAL E 186 48.34 -5.22 42.67
CA VAL E 186 49.26 -6.04 41.89
C VAL E 186 48.87 -6.15 40.42
N GLN E 187 47.78 -5.53 39.99
CA GLN E 187 47.37 -5.56 38.59
C GLN E 187 46.33 -4.49 38.31
N VAL E 188 46.06 -4.28 37.02
CA VAL E 188 45.09 -3.30 36.54
C VAL E 188 43.84 -4.04 36.05
N LEU E 189 42.67 -3.66 36.58
CA LEU E 189 41.41 -4.23 36.12
C LEU E 189 40.85 -3.49 34.91
N LEU E 190 40.59 -4.25 33.84
CA LEU E 190 39.87 -3.80 32.67
C LEU E 190 38.77 -4.80 32.36
N LEU E 191 37.67 -4.30 31.81
CA LEU E 191 36.53 -5.14 31.47
C LEU E 191 36.75 -5.82 30.11
N GLY E 192 36.15 -7.02 29.97
CA GLY E 192 36.24 -7.76 28.72
C GLY E 192 35.67 -7.01 27.53
N GLN E 193 34.55 -6.34 27.72
CA GLN E 193 34.00 -5.49 26.68
C GLN E 193 34.26 -4.04 27.06
N SER E 194 34.87 -3.30 26.16
CA SER E 194 35.25 -1.91 26.33
C SER E 194 34.52 -1.06 25.30
N GLU E 195 34.86 0.23 25.26
CA GLU E 195 34.24 1.15 24.32
C GLU E 195 34.90 1.03 22.95
N LEU E 196 36.22 1.22 22.90
CA LEU E 196 37.05 0.88 21.75
C LEU E 196 38.01 -0.24 22.15
N LEU E 197 38.40 -1.05 21.17
CA LEU E 197 39.35 -2.12 21.38
C LEU E 197 40.59 -1.60 22.11
N TYR E 198 41.17 -2.47 22.95
CA TYR E 198 42.23 -2.03 23.84
C TYR E 198 43.54 -1.78 23.10
N GLY E 199 43.71 -2.30 21.91
CA GLY E 199 44.93 -2.00 21.20
C GLY E 199 44.93 -0.70 20.44
N ARG E 200 43.83 0.04 20.40
CA ARG E 200 43.81 1.30 19.67
C ARG E 200 44.61 2.35 20.41
N GLU E 201 45.30 3.20 19.66
CA GLU E 201 46.21 4.20 20.24
C GLU E 201 45.56 4.92 21.40
N ILE E 202 44.28 5.25 21.26
CA ILE E 202 43.45 5.84 22.30
C ILE E 202 43.66 5.19 23.66
N ASN E 203 43.98 3.89 23.70
CA ASN E 203 44.10 3.15 24.95
C ASN E 203 45.54 2.91 25.38
N TRP E 204 46.52 3.30 24.56
CA TRP E 204 47.90 3.06 24.93
C TRP E 204 48.32 3.71 26.24
N PRO E 205 47.73 4.80 26.70
CA PRO E 205 48.08 5.27 28.06
C PRO E 205 47.82 4.23 29.14
N ILE E 206 46.82 3.37 28.96
CA ILE E 206 46.57 2.33 29.95
C ILE E 206 47.72 1.32 29.95
N TRP E 207 48.14 0.88 28.76
CA TRP E 207 49.24 -0.10 28.69
C TRP E 207 50.55 0.50 29.14
N GLU E 208 50.82 1.74 28.74
CA GLU E 208 52.04 2.41 29.15
C GLU E 208 52.10 2.52 30.67
N ALA E 209 50.99 2.90 31.29
CA ALA E 209 51.06 3.17 32.73
C ALA E 209 51.24 1.88 33.52
N ALA E 210 50.73 0.75 32.99
CA ALA E 210 50.86 -0.55 33.64
C ALA E 210 52.27 -1.10 33.54
N GLU E 211 52.87 -1.04 32.36
CA GLU E 211 54.27 -1.43 32.22
C GLU E 211 55.18 -0.53 33.05
N ALA E 212 54.90 0.78 33.09
CA ALA E 212 55.68 1.69 33.94
C ALA E 212 55.56 1.31 35.42
N ALA E 213 54.40 0.84 35.83
CA ALA E 213 54.18 0.44 37.21
C ALA E 213 54.62 -0.99 37.49
N GLY E 214 55.06 -1.74 36.48
CA GLY E 214 55.27 -3.16 36.64
C GLY E 214 54.02 -3.98 36.91
N LEU E 215 52.86 -3.47 36.55
CA LEU E 215 51.61 -4.15 36.87
C LEU E 215 51.10 -4.89 35.65
N PRO E 216 50.73 -6.16 35.80
CA PRO E 216 49.98 -6.82 34.73
C PRO E 216 48.61 -6.18 34.54
N VAL E 217 48.05 -6.40 33.37
CA VAL E 217 46.71 -5.95 33.07
C VAL E 217 45.82 -7.19 33.00
N THR E 218 44.71 -7.17 33.74
CA THR E 218 43.77 -8.27 33.63
C THR E 218 42.51 -7.80 32.92
N LEU E 219 42.03 -8.63 32.00
CA LEU E 219 40.67 -8.50 31.49
C LEU E 219 39.79 -9.43 32.32
N HIS E 220 38.70 -8.90 32.85
CA HIS E 220 37.74 -9.72 33.57
C HIS E 220 36.41 -9.74 32.82
N ILE E 221 35.64 -10.82 32.99
CA ILE E 221 34.35 -10.91 32.32
C ILE E 221 33.46 -9.77 32.78
N GLY E 222 32.72 -9.18 31.84
CA GLY E 222 31.97 -7.97 32.06
C GLY E 222 32.21 -6.96 30.95
N GLY E 223 31.48 -5.85 31.03
CA GLY E 223 31.56 -4.91 29.92
C GLY E 223 31.03 -3.54 30.23
N VAL E 224 31.37 -2.59 29.35
CA VAL E 224 30.81 -1.27 29.46
C VAL E 224 29.47 -1.17 28.74
N PHE E 225 29.18 -2.10 27.84
CA PHE E 225 27.87 -2.18 27.18
C PHE E 225 27.53 -0.90 26.44
N ARG E 226 28.51 -0.37 25.72
CA ARG E 226 28.30 0.82 24.90
C ARG E 226 28.14 0.45 23.44
N GLN E 227 28.16 -0.84 23.13
CA GLN E 227 27.58 -1.42 21.91
C GLN E 227 26.95 -2.74 22.30
N ALA E 228 26.35 -3.41 21.34
CA ALA E 228 25.89 -4.76 21.58
C ALA E 228 27.08 -5.60 22.01
N PRO E 229 26.89 -6.55 22.93
CA PRO E 229 28.00 -7.39 23.39
C PRO E 229 28.44 -8.45 22.39
N THR E 230 27.79 -8.59 21.24
CA THR E 230 28.26 -9.44 20.17
C THR E 230 28.18 -8.66 18.87
N SER E 231 28.93 -9.13 17.87
CA SER E 231 28.86 -8.45 16.58
C SER E 231 27.52 -8.69 15.87
N VAL E 232 26.56 -9.37 16.52
CA VAL E 232 25.30 -9.71 15.87
C VAL E 232 24.13 -9.31 16.78
N GLY E 233 24.41 -8.50 17.80
CA GLY E 233 23.36 -7.85 18.58
C GLY E 233 23.36 -8.26 20.03
N TRP E 234 22.27 -7.91 20.69
CA TRP E 234 22.10 -8.03 22.14
C TRP E 234 21.71 -9.43 22.58
N PRO E 235 22.57 -10.14 23.29
CA PRO E 235 22.15 -11.42 23.90
C PRO E 235 21.00 -11.21 24.87
N ALA E 236 19.95 -12.01 24.70
CA ALA E 236 18.70 -11.84 25.43
C ALA E 236 18.68 -12.53 26.79
N SER E 237 19.61 -13.43 27.07
CA SER E 237 19.73 -14.00 28.41
C SER E 237 21.12 -13.72 28.96
N HIS E 238 21.21 -13.66 30.29
CA HIS E 238 22.53 -13.61 30.92
C HIS E 238 23.35 -14.83 30.56
N LEU E 239 22.74 -16.01 30.55
CA LEU E 239 23.44 -17.23 30.16
C LEU E 239 24.13 -17.06 28.80
N GLU E 240 23.39 -16.58 27.80
CA GLU E 240 23.92 -16.45 26.46
C GLU E 240 25.00 -15.38 26.40
N TRP E 241 24.87 -14.36 27.25
CA TRP E 241 25.86 -13.30 27.33
C TRP E 241 27.14 -13.79 28.00
N TYR E 242 26.99 -14.44 29.14
CA TYR E 242 28.12 -14.97 29.86
C TYR E 242 28.95 -15.90 28.97
N VAL E 243 28.32 -16.86 28.29
CA VAL E 243 29.08 -17.80 27.47
C VAL E 243 29.78 -17.08 26.33
N GLY E 244 29.07 -16.14 25.68
CA GLY E 244 29.53 -15.55 24.45
C GLY E 244 30.71 -14.61 24.58
N GLN E 245 31.06 -14.17 25.80
CA GLN E 245 32.04 -13.11 25.96
C GLN E 245 33.47 -13.58 25.66
N GLN E 246 33.72 -14.89 25.60
CA GLN E 246 34.97 -15.37 25.02
C GLN E 246 35.27 -14.71 23.68
N SER E 247 34.24 -14.47 22.86
CA SER E 247 34.47 -13.96 21.51
C SER E 247 35.13 -12.60 21.56
N ASN E 248 34.74 -11.80 22.55
CA ASN E 248 35.28 -10.46 22.72
C ASN E 248 36.74 -10.53 23.16
N ILE E 249 37.13 -11.60 23.84
CA ILE E 249 38.52 -11.65 24.26
C ILE E 249 39.41 -11.95 23.07
N GLU E 250 38.95 -12.84 22.18
CA GLU E 250 39.59 -12.99 20.89
C GLU E 250 39.81 -11.63 20.25
N ALA E 251 38.76 -10.81 20.19
CA ALA E 251 38.89 -9.48 19.60
C ALA E 251 39.94 -8.64 20.34
N GLN E 252 39.92 -8.67 21.67
CA GLN E 252 40.82 -7.82 22.43
C GLN E 252 42.27 -8.29 22.26
N LEU E 253 42.48 -9.61 22.19
CA LEU E 253 43.83 -10.13 22.05
C LEU E 253 44.41 -9.80 20.70
N ASN E 254 43.63 -9.99 19.64
CA ASN E 254 44.09 -9.64 18.30
C ASN E 254 44.37 -8.15 18.20
N SER E 255 43.45 -7.34 18.73
CA SER E 255 43.67 -5.90 18.74
C SER E 255 44.96 -5.54 19.46
N ILE E 256 45.19 -6.12 20.64
CA ILE E 256 46.39 -5.83 21.41
C ILE E 256 47.63 -6.24 20.63
N ILE E 257 47.58 -7.39 19.97
CA ILE E 257 48.78 -7.89 19.31
C ILE E 257 48.94 -7.22 17.95
N SER E 258 47.87 -7.18 17.17
CA SER E 258 47.96 -6.61 15.82
C SER E 258 48.44 -5.16 15.85
N GLU E 259 47.94 -4.36 16.80
CA GLU E 259 48.33 -2.96 16.89
C GLU E 259 49.71 -2.76 17.51
N GLY E 260 50.37 -3.81 17.99
CA GLY E 260 51.74 -3.70 18.44
C GLY E 260 51.92 -3.26 19.88
N ILE E 261 50.96 -3.54 20.75
CA ILE E 261 51.15 -3.34 22.19
C ILE E 261 52.37 -4.10 22.70
N LEU E 262 52.58 -5.32 22.18
CA LEU E 262 53.64 -6.18 22.70
C LEU E 262 55.02 -5.80 22.21
N GLN E 263 55.12 -4.96 21.18
CA GLN E 263 56.40 -4.38 20.78
C GLN E 263 56.61 -2.98 21.36
N LYS E 264 55.55 -2.18 21.48
CA LYS E 264 55.65 -0.88 22.15
C LYS E 264 55.85 -1.05 23.65
N PHE E 265 55.19 -2.00 24.28
CA PHE E 265 55.29 -2.20 25.73
C PHE E 265 55.67 -3.65 26.01
N PRO E 266 56.90 -4.04 25.66
CA PRO E 266 57.24 -5.47 25.58
C PRO E 266 57.36 -6.17 26.93
N LYS E 267 57.25 -5.47 28.06
CA LYS E 267 57.13 -6.14 29.36
C LYS E 267 55.69 -6.44 29.73
N THR E 268 54.74 -6.19 28.83
CA THR E 268 53.33 -6.29 29.20
C THR E 268 52.94 -7.75 29.51
N LYS E 269 52.18 -7.92 30.59
CA LYS E 269 51.58 -9.22 30.82
C LYS E 269 50.09 -9.03 31.04
N ILE E 270 49.35 -9.90 30.35
CA ILE E 270 47.89 -9.90 30.35
C ILE E 270 47.40 -11.13 31.09
N LEU E 271 46.46 -10.94 32.01
CA LEU E 271 45.75 -12.01 32.68
C LEU E 271 44.30 -11.99 32.22
N LEU E 272 43.85 -13.10 31.65
CA LEU E 272 42.42 -13.30 31.37
C LEU E 272 41.77 -13.94 32.60
N SER E 273 41.00 -13.14 33.34
CA SER E 273 40.35 -13.56 34.57
C SER E 273 38.89 -13.92 34.32
N GLU E 274 38.53 -15.18 34.57
CA GLU E 274 37.16 -15.65 34.53
C GLU E 274 36.58 -15.59 33.11
N LEU E 275 37.40 -15.92 32.12
CA LEU E 275 36.94 -15.90 30.74
C LEU E 275 37.14 -17.22 30.04
N GLY E 276 37.39 -18.31 30.79
CA GLY E 276 37.75 -19.56 30.15
C GLY E 276 39.13 -19.49 29.52
N PHE E 277 39.39 -20.44 28.61
CA PHE E 277 40.70 -20.57 27.98
C PHE E 277 40.73 -21.66 26.93
N ASN E 278 39.84 -22.66 27.07
CA ASN E 278 39.75 -23.72 26.10
C ASN E 278 39.55 -23.19 24.68
N TRP E 279 39.02 -21.97 24.53
CA TRP E 279 38.84 -21.35 23.23
C TRP E 279 40.15 -20.82 22.64
N LEU E 280 41.18 -20.60 23.46
CA LEU E 280 42.42 -20.01 22.94
C LEU E 280 43.06 -20.76 21.77
N PRO E 281 43.30 -22.07 21.80
CA PRO E 281 44.10 -22.70 20.73
C PRO E 281 43.49 -22.55 19.34
N PRO E 282 42.20 -22.86 19.12
CA PRO E 282 41.63 -22.58 17.79
C PRO E 282 41.81 -21.14 17.33
N PHE E 283 41.80 -20.20 18.29
CA PHE E 283 41.97 -18.79 17.95
C PHE E 283 43.43 -18.50 17.61
N MET E 284 44.35 -19.03 18.42
CA MET E 284 45.78 -18.90 18.13
C MET E 284 46.12 -19.45 16.74
N TRP E 285 45.59 -20.63 16.41
CA TRP E 285 45.91 -21.25 15.12
C TRP E 285 45.45 -20.41 13.94
N LYS E 286 44.26 -19.81 14.02
CA LYS E 286 43.80 -19.01 12.88
C LYS E 286 44.52 -17.66 12.82
N PHE E 287 44.68 -16.99 13.97
CA PHE E 287 45.52 -15.79 14.05
C PHE E 287 46.90 -16.05 13.46
N ASP E 288 47.49 -17.21 13.78
CA ASP E 288 48.79 -17.56 13.27
C ASP E 288 48.76 -17.75 11.76
N LYS E 289 47.82 -18.56 11.27
CA LYS E 289 47.67 -18.74 9.84
C LYS E 289 47.59 -17.40 9.11
N LEU E 290 46.66 -16.53 9.54
CA LEU E 290 46.40 -15.32 8.80
C LEU E 290 47.49 -14.27 8.98
N TRP E 291 48.20 -14.29 10.12
CA TRP E 291 49.37 -13.43 10.27
C TRP E 291 50.43 -13.76 9.22
N LYS E 292 50.57 -15.03 8.88
CA LYS E 292 51.53 -15.40 7.84
C LYS E 292 51.11 -14.83 6.48
N SER E 293 49.82 -14.61 6.28
CA SER E 293 49.36 -13.94 5.08
C SER E 293 49.49 -12.41 5.17
N TYR E 294 49.22 -11.83 6.34
CA TYR E 294 49.06 -10.39 6.48
C TYR E 294 50.20 -9.71 7.26
N ARG E 295 51.33 -10.40 7.44
CA ARG E 295 52.47 -9.78 8.13
C ARG E 295 52.86 -8.41 7.57
N PRO E 296 52.92 -8.18 6.25
CA PRO E 296 53.30 -6.83 5.77
C PRO E 296 52.33 -5.72 6.14
N ASP E 297 51.10 -6.04 6.55
CA ASP E 297 50.14 -5.06 7.07
C ASP E 297 50.44 -4.69 8.53
N ILE E 298 51.15 -5.57 9.24
CA ILE E 298 51.49 -5.35 10.65
C ILE E 298 52.95 -5.77 10.83
N PRO E 299 53.90 -5.11 10.15
CA PRO E 299 55.27 -5.63 10.11
C PRO E 299 56.04 -5.49 11.42
N TRP E 300 55.56 -4.71 12.39
CA TRP E 300 56.18 -4.73 13.71
C TRP E 300 55.97 -6.05 14.44
N VAL E 301 55.23 -7.01 13.87
CA VAL E 301 54.94 -8.29 14.52
C VAL E 301 55.77 -9.34 13.80
N GLN E 302 56.95 -9.64 14.33
CA GLN E 302 57.83 -10.61 13.67
C GLN E 302 57.81 -11.97 14.34
N GLU E 303 57.37 -12.06 15.59
CA GLU E 303 57.09 -13.33 16.25
C GLU E 303 55.67 -13.78 15.93
N SER E 304 55.48 -15.09 15.92
CA SER E 304 54.14 -15.63 15.73
C SER E 304 53.22 -15.22 16.89
N PRO E 305 51.97 -14.86 16.61
CA PRO E 305 50.98 -14.73 17.68
C PRO E 305 50.83 -15.97 18.55
N LEU E 306 51.15 -17.16 18.04
CA LEU E 306 51.25 -18.32 18.93
C LEU E 306 52.22 -18.05 20.04
N GLU E 307 53.48 -17.78 19.66
CA GLU E 307 54.52 -17.55 20.66
C GLU E 307 54.20 -16.33 21.50
N LEU E 308 53.76 -15.24 20.87
CA LEU E 308 53.44 -14.02 21.60
C LEU E 308 52.44 -14.28 22.70
N ILE E 309 51.35 -14.98 22.37
CA ILE E 309 50.32 -15.30 23.35
C ILE E 309 50.87 -16.22 24.45
N ARG E 310 51.62 -17.26 24.07
CA ARG E 310 52.23 -18.15 25.06
C ARG E 310 53.04 -17.39 26.10
N GLU E 311 53.76 -16.34 25.67
CA GLU E 311 54.69 -15.65 26.57
C GLU E 311 54.03 -14.52 27.35
N HIS E 312 52.98 -13.91 26.82
CA HIS E 312 52.45 -12.71 27.42
C HIS E 312 51.08 -12.90 28.05
N VAL E 313 50.36 -13.95 27.70
CA VAL E 313 48.98 -14.14 28.13
C VAL E 313 48.92 -15.27 29.14
N ARG E 314 48.24 -15.04 30.25
CA ARG E 314 47.92 -16.03 31.26
C ARG E 314 46.41 -16.05 31.46
N VAL E 315 45.92 -17.09 32.14
CA VAL E 315 44.48 -17.28 32.29
C VAL E 315 44.19 -17.96 33.63
N THR E 316 43.09 -17.51 34.22
CA THR E 316 42.64 -18.13 35.47
C THR E 316 41.85 -19.39 35.16
N THR E 317 41.79 -20.28 36.15
CA THR E 317 41.27 -21.63 35.98
C THR E 317 39.80 -21.79 36.37
N SER E 318 39.19 -20.77 36.95
CA SER E 318 37.80 -20.80 37.37
CA SER E 318 37.78 -20.82 37.35
C SER E 318 37.00 -19.82 36.52
N PRO E 319 36.06 -20.26 35.66
CA PRO E 319 35.66 -21.65 35.35
C PRO E 319 36.67 -22.39 34.48
N SER E 320 36.70 -23.71 34.60
CA SER E 320 37.57 -24.55 33.80
C SER E 320 36.88 -25.04 32.53
N ASP E 321 35.58 -24.79 32.42
CA ASP E 321 34.82 -25.03 31.19
C ASP E 321 35.03 -26.44 30.64
N GLY E 322 35.26 -27.42 31.53
CA GLY E 322 35.37 -28.81 31.13
C GLY E 322 36.78 -29.38 31.07
N ALA E 323 37.82 -28.56 31.20
CA ALA E 323 39.17 -29.09 31.26
C ALA E 323 39.43 -29.85 32.55
N GLU E 324 38.52 -29.76 33.52
CA GLU E 324 38.62 -30.58 34.72
C GLU E 324 38.23 -32.03 34.45
N GLU E 325 37.65 -32.30 33.28
CA GLU E 325 37.29 -33.65 32.87
C GLU E 325 38.55 -34.45 32.55
N ALA E 326 38.47 -35.77 32.81
CA ALA E 326 39.62 -36.68 32.77
C ALA E 326 40.46 -36.50 31.50
N GLY E 327 41.75 -36.24 31.69
CA GLY E 327 42.65 -36.04 30.58
C GLY E 327 42.57 -34.68 29.91
N ARG E 328 41.51 -33.89 30.14
CA ARG E 328 41.28 -32.72 29.30
C ARG E 328 42.13 -31.53 29.69
N LEU E 329 42.62 -31.49 30.94
CA LEU E 329 43.62 -30.49 31.29
C LEU E 329 44.95 -30.80 30.59
N ASP E 330 45.33 -32.07 30.51
CA ASP E 330 46.52 -32.40 29.73
C ASP E 330 46.32 -32.03 28.27
N SER E 331 45.10 -32.23 27.77
CA SER E 331 44.83 -31.96 26.37
C SER E 331 44.95 -30.47 26.05
N ILE E 332 44.33 -29.60 26.85
CA ILE E 332 44.28 -28.18 26.50
C ILE E 332 45.69 -27.57 26.62
N VAL E 333 46.46 -28.02 27.60
CA VAL E 333 47.86 -27.66 27.71
C VAL E 333 48.62 -28.00 26.45
N ASP E 334 48.42 -29.21 25.92
CA ASP E 334 49.03 -29.62 24.66
C ASP E 334 48.55 -28.74 23.52
N ARG E 335 47.24 -28.48 23.44
CA ARG E 335 46.69 -27.60 22.41
C ARG E 335 47.22 -26.17 22.55
N LEU E 336 47.41 -25.72 23.80
CA LEU E 336 48.02 -24.42 24.05
C LEU E 336 49.49 -24.38 23.64
N GLY E 337 50.19 -25.51 23.68
CA GLY E 337 51.62 -25.49 23.43
C GLY E 337 52.43 -24.87 24.56
N SER E 338 51.83 -24.73 25.74
CA SER E 338 52.52 -24.18 26.90
C SER E 338 51.85 -24.65 28.18
N ASP E 339 52.67 -24.96 29.17
CA ASP E 339 52.22 -25.20 30.53
C ASP E 339 52.45 -24.00 31.42
N ARG E 340 52.74 -22.85 30.82
CA ARG E 340 53.04 -21.63 31.57
C ARG E 340 51.84 -20.72 31.72
N MET E 341 50.75 -20.98 31.01
CA MET E 341 49.69 -19.97 30.88
C MET E 341 48.66 -20.02 32.00
N LEU E 342 48.26 -21.22 32.44
CA LEU E 342 47.18 -21.35 33.41
C LEU E 342 47.66 -21.01 34.82
N VAL E 343 46.84 -20.25 35.54
CA VAL E 343 47.12 -19.91 36.93
C VAL E 343 45.85 -20.16 37.74
N TYR E 344 46.04 -20.63 38.97
CA TYR E 344 44.91 -21.09 39.77
C TYR E 344 44.06 -19.92 40.23
N SER E 345 42.75 -20.12 40.20
CA SER E 345 41.80 -19.22 40.85
C SER E 345 40.60 -20.04 41.30
N SER E 346 39.90 -19.54 42.32
CA SER E 346 38.63 -20.12 42.72
C SER E 346 37.43 -19.31 42.26
N ASP E 347 37.66 -18.05 41.86
CA ASP E 347 36.60 -17.11 41.52
C ASP E 347 35.60 -16.93 42.66
N TYR E 348 36.08 -17.05 43.89
CA TYR E 348 35.22 -16.83 45.04
C TYR E 348 34.50 -15.49 44.90
N PRO E 349 33.20 -15.42 45.22
CA PRO E 349 32.39 -16.53 45.73
C PRO E 349 31.50 -17.21 44.69
N HIS E 350 31.81 -17.08 43.41
CA HIS E 350 30.93 -17.59 42.37
C HIS E 350 30.89 -19.11 42.34
N LYS E 351 29.70 -19.65 42.07
CA LYS E 351 29.49 -21.08 41.97
C LYS E 351 29.62 -21.46 40.51
N HIS E 352 30.65 -22.22 40.17
CA HIS E 352 30.78 -22.80 38.85
C HIS E 352 30.42 -24.29 38.90
N HIS E 353 30.40 -24.92 37.74
CA HIS E 353 29.97 -26.30 37.66
C HIS E 353 30.98 -27.24 38.30
N SER E 354 32.27 -26.95 38.12
CA SER E 354 33.32 -27.69 38.82
C SER E 354 34.06 -26.75 39.78
N GLY E 355 34.65 -27.36 40.81
CA GLY E 355 35.23 -26.61 41.90
C GLY E 355 36.65 -26.14 41.66
N PRO E 356 37.16 -25.33 42.61
CA PRO E 356 38.52 -24.79 42.47
C PRO E 356 39.60 -25.85 42.27
N ARG E 357 39.51 -27.01 42.91
CA ARG E 357 40.57 -27.99 42.77
C ARG E 357 40.17 -29.22 41.97
N ASP E 358 38.95 -29.24 41.42
CA ASP E 358 38.60 -30.28 40.47
C ASP E 358 39.49 -30.27 39.24
N ILE E 359 40.32 -29.24 39.06
CA ILE E 359 41.25 -29.21 37.93
C ILE E 359 42.27 -30.34 38.03
N GLU E 360 42.51 -30.87 39.24
CA GLU E 360 43.42 -31.99 39.42
C GLU E 360 42.94 -33.27 38.72
N ASN E 361 41.63 -33.41 38.45
CA ASN E 361 41.13 -34.57 37.72
C ASN E 361 41.35 -34.48 36.21
N GLY E 362 41.78 -33.34 35.70
CA GLY E 362 42.09 -33.24 34.29
C GLY E 362 43.49 -33.62 33.91
N THR E 363 44.36 -33.89 34.88
CA THR E 363 45.74 -34.19 34.57
C THR E 363 46.24 -35.33 35.45
N HIS E 364 47.30 -35.98 34.96
CA HIS E 364 48.08 -36.95 35.71
C HIS E 364 49.45 -36.42 36.09
N SER E 365 49.68 -35.11 35.94
CA SER E 365 51.02 -34.54 36.16
C SER E 365 51.05 -33.66 37.40
N PRO E 366 51.72 -34.07 38.48
CA PRO E 366 51.86 -33.17 39.63
C PRO E 366 52.69 -31.95 39.32
N GLU E 367 53.53 -31.98 38.28
CA GLU E 367 54.34 -30.80 37.98
C GLU E 367 53.52 -29.74 37.27
N LEU E 368 52.59 -30.15 36.42
CA LEU E 368 51.65 -29.20 35.84
C LEU E 368 50.79 -28.55 36.90
N LEU E 369 50.42 -29.33 37.93
CA LEU E 369 49.64 -28.74 39.01
C LEU E 369 50.48 -27.80 39.84
N ASP E 370 51.79 -28.03 39.86
CA ASP E 370 52.67 -27.11 40.57
C ASP E 370 52.72 -25.78 39.85
N ARG E 371 52.78 -25.81 38.51
CA ARG E 371 52.80 -24.56 37.76
C ARG E 371 51.49 -23.81 37.92
N ILE E 372 50.36 -24.53 37.82
CA ILE E 372 49.04 -23.91 37.95
C ILE E 372 48.83 -23.37 39.35
N TYR E 373 49.25 -24.12 40.37
CA TYR E 373 48.96 -23.72 41.73
C TYR E 373 49.87 -22.60 42.24
N ARG E 374 51.11 -22.51 41.75
CA ARG E 374 51.99 -21.49 42.32
C ARG E 374 52.97 -20.89 41.31
N ARG E 375 53.58 -21.69 40.44
CA ARG E 375 54.74 -21.19 39.71
C ARG E 375 54.35 -20.22 38.61
N ASN E 376 53.26 -20.50 37.89
CA ASN E 376 52.89 -19.63 36.77
C ASN E 376 52.51 -18.23 37.24
N ALA E 377 51.86 -18.12 38.39
CA ALA E 377 51.45 -16.82 38.91
C ALA E 377 52.60 -16.04 39.49
N PHE E 378 53.72 -16.72 39.78
CA PHE E 378 54.91 -16.00 40.20
C PHE E 378 55.38 -15.06 39.10
N ASP E 379 55.12 -15.43 37.84
CA ASP E 379 55.37 -14.55 36.70
C ASP E 379 54.63 -13.22 36.85
N LEU E 380 53.46 -13.24 37.48
CA LEU E 380 52.62 -12.04 37.55
C LEU E 380 52.86 -11.20 38.80
N TYR E 381 53.10 -11.84 39.94
CA TYR E 381 53.03 -11.19 41.23
C TYR E 381 54.31 -11.32 42.04
N ASN E 382 55.16 -12.30 41.74
CA ASN E 382 56.43 -12.46 42.44
C ASN E 382 56.22 -12.62 43.93
N LEU E 383 55.15 -13.31 44.31
CA LEU E 383 54.94 -13.45 45.75
C LEU E 383 55.41 -14.83 46.21
N VAL E 384 55.88 -14.83 47.46
CA VAL E 384 56.60 -15.93 48.08
C VAL E 384 55.97 -16.32 49.41
N VAL E 385 56.32 -17.51 49.89
CA VAL E 385 55.94 -17.94 51.24
C VAL E 385 57.08 -17.66 52.20
N LEU F 12 13.66 -31.42 -13.11
CA LEU F 12 15.09 -31.59 -12.87
C LEU F 12 15.39 -32.67 -11.83
N PRO F 13 16.39 -33.50 -12.12
CA PRO F 13 16.67 -34.65 -11.27
C PRO F 13 17.24 -34.25 -9.91
N ALA F 14 16.81 -34.96 -8.88
CA ALA F 14 17.39 -34.75 -7.56
C ALA F 14 18.89 -35.02 -7.62
N PRO F 15 19.71 -34.26 -6.89
CA PRO F 15 21.15 -34.49 -6.95
C PRO F 15 21.49 -35.90 -6.47
N SER F 16 22.67 -36.35 -6.87
CA SER F 16 23.13 -37.71 -6.58
C SER F 16 24.63 -37.66 -6.34
N VAL F 17 25.09 -38.24 -5.22
CA VAL F 17 26.51 -38.28 -4.92
C VAL F 17 26.92 -39.74 -4.74
N THR F 18 27.81 -40.19 -5.63
CA THR F 18 28.31 -41.55 -5.67
C THR F 18 29.80 -41.56 -5.39
N THR F 19 30.62 -41.44 -6.43
CA THR F 19 32.06 -41.44 -6.27
C THR F 19 32.67 -40.04 -6.33
N GLY F 20 31.86 -39.03 -6.64
CA GLY F 20 32.30 -37.65 -6.54
C GLY F 20 32.20 -37.15 -5.12
N ILE F 21 32.25 -35.82 -4.96
CA ILE F 21 32.25 -35.22 -3.64
C ILE F 21 31.23 -34.08 -3.58
N VAL F 22 31.10 -33.52 -2.37
CA VAL F 22 30.24 -32.38 -2.08
C VAL F 22 31.13 -31.17 -1.83
N ASP F 23 30.80 -30.04 -2.46
CA ASP F 23 31.43 -28.75 -2.20
C ASP F 23 30.33 -27.77 -1.81
N ALA F 24 30.31 -27.37 -0.53
CA ALA F 24 29.24 -26.56 0.04
C ALA F 24 29.47 -25.06 -0.04
N ASP F 25 30.51 -24.60 -0.72
CA ASP F 25 30.75 -23.15 -0.75
C ASP F 25 31.44 -22.80 -2.06
N ILE F 26 30.63 -22.41 -3.05
CA ILE F 26 31.13 -21.94 -4.34
C ILE F 26 30.53 -20.56 -4.60
N HIS F 27 31.36 -19.64 -5.09
CA HIS F 27 30.98 -18.24 -5.26
C HIS F 27 30.98 -17.85 -6.73
N PRO F 28 29.85 -17.99 -7.42
CA PRO F 28 29.72 -17.36 -8.74
C PRO F 28 29.39 -15.88 -8.58
N VAL F 29 29.70 -15.13 -9.62
CA VAL F 29 29.31 -13.73 -9.71
C VAL F 29 28.59 -13.54 -11.04
N PRO F 30 27.51 -12.77 -11.08
CA PRO F 30 26.92 -12.43 -12.37
C PRO F 30 27.84 -11.51 -13.16
N GLN F 31 27.93 -11.77 -14.46
CA GLN F 31 28.60 -10.83 -15.34
C GLN F 31 27.90 -9.47 -15.27
N ASP F 32 28.58 -8.45 -15.78
CA ASP F 32 28.05 -7.10 -15.67
C ASP F 32 26.77 -6.98 -16.50
N GLY F 33 25.68 -6.59 -15.84
CA GLY F 33 24.39 -6.51 -16.48
C GLY F 33 23.61 -7.79 -16.51
N ALA F 34 24.14 -8.88 -15.94
CA ALA F 34 23.50 -10.19 -16.07
C ALA F 34 22.19 -10.29 -15.31
N LEU F 35 22.03 -9.52 -14.24
CA LEU F 35 20.81 -9.63 -13.43
C LEU F 35 19.65 -8.79 -13.95
N GLU F 36 19.92 -7.82 -14.84
CA GLU F 36 18.88 -6.87 -15.23
C GLU F 36 17.66 -7.48 -15.91
N PRO F 37 17.77 -8.59 -16.68
CA PRO F 37 16.55 -9.25 -17.16
C PRO F 37 15.55 -9.60 -16.07
N TYR F 38 16.02 -9.71 -14.83
CA TYR F 38 15.20 -10.14 -13.72
C TYR F 38 14.89 -9.02 -12.75
N LEU F 39 15.12 -7.78 -13.15
CA LEU F 39 14.95 -6.61 -12.29
C LEU F 39 13.84 -5.74 -12.83
N ASP F 40 12.93 -5.34 -11.94
CA ASP F 40 12.01 -4.27 -12.25
C ASP F 40 12.79 -3.06 -12.75
N ASP F 41 12.15 -2.27 -13.61
CA ASP F 41 12.76 -1.04 -14.09
C ASP F 41 13.06 -0.07 -12.95
N ARG F 42 12.22 -0.05 -11.91
CA ARG F 42 12.43 0.85 -10.77
C ARG F 42 13.78 0.61 -10.11
N TRP F 43 14.25 -0.63 -10.08
CA TRP F 43 15.49 -0.94 -9.39
C TRP F 43 16.72 -0.77 -10.26
N LYS F 44 16.61 -0.99 -11.58
CA LYS F 44 17.70 -0.58 -12.45
C LYS F 44 17.90 0.92 -12.38
N LYS F 45 16.84 1.65 -12.29
CA LYS F 45 16.99 3.03 -12.21
C LYS F 45 17.57 3.43 -10.86
N HIS F 46 17.06 2.87 -9.82
CA HIS F 46 17.54 3.21 -8.47
C HIS F 46 19.05 3.01 -8.37
N ILE F 47 19.54 1.89 -8.90
CA ILE F 47 20.95 1.56 -8.80
C ILE F 47 21.79 2.53 -9.61
N ARG F 48 21.32 2.94 -10.79
CA ARG F 48 22.08 3.90 -11.59
C ARG F 48 22.28 5.19 -10.82
N GLU F 49 21.22 5.68 -10.15
CA GLU F 49 21.28 6.96 -9.47
C GLU F 49 21.81 6.85 -8.04
N TYR F 50 21.64 5.70 -7.36
CA TYR F 50 21.97 5.59 -5.95
C TYR F 50 22.98 4.50 -5.59
N GLY F 51 23.30 3.59 -6.50
CA GLY F 51 24.07 2.41 -6.12
C GLY F 51 23.23 1.58 -5.16
N VAL F 52 23.92 0.78 -4.35
CA VAL F 52 23.27 -0.09 -3.37
C VAL F 52 23.75 0.30 -1.97
N ARG F 53 23.10 1.30 -1.39
CA ARG F 53 23.42 1.74 -0.04
C ARG F 53 23.33 0.58 0.95
N THR F 54 24.21 0.59 1.94
CA THR F 54 24.23 -0.46 2.95
C THR F 54 24.71 0.16 4.25
N THR F 55 25.17 -0.65 5.19
CA THR F 55 25.53 -0.14 6.52
C THR F 55 26.95 0.39 6.54
N THR F 56 27.25 1.28 5.60
CA THR F 56 28.54 1.93 5.44
C THR F 56 28.28 3.36 5.06
N GLY F 57 29.35 4.15 4.98
CA GLY F 57 29.22 5.48 4.44
C GLY F 57 29.93 5.56 3.11
N LEU F 58 30.11 4.40 2.50
CA LEU F 58 30.95 4.23 1.34
C LEU F 58 30.10 3.90 0.12
N GLN F 59 30.41 4.55 -1.01
CA GLN F 59 29.59 4.38 -2.21
C GLN F 59 29.72 2.98 -2.81
N PHE F 60 30.94 2.46 -2.95
CA PHE F 60 31.17 1.30 -3.80
C PHE F 60 31.72 0.06 -3.09
N ILE F 61 32.38 0.20 -1.96
CA ILE F 61 33.07 -0.91 -1.32
C ILE F 61 32.48 -1.15 0.06
N SER F 62 32.79 -2.31 0.63
CA SER F 62 32.45 -2.55 2.02
C SER F 62 33.49 -1.92 2.96
N GLU F 63 33.17 -1.90 4.27
CA GLU F 63 33.98 -1.22 5.28
C GLU F 63 35.33 -1.90 5.55
N TYR F 64 35.52 -3.13 5.09
CA TYR F 64 36.84 -3.75 5.03
C TYR F 64 36.97 -4.29 3.62
N PRO F 65 37.48 -3.50 2.69
CA PRO F 65 37.70 -4.00 1.34
C PRO F 65 38.80 -5.05 1.32
N GLN F 66 38.77 -5.92 0.32
CA GLN F 66 39.67 -7.07 0.28
C GLN F 66 41.10 -6.61 0.04
N MET F 67 42.04 -7.31 0.67
CA MET F 67 43.38 -6.76 0.89
C MET F 67 44.29 -6.98 -0.32
N TYR F 68 44.47 -8.23 -0.74
CA TYR F 68 45.42 -8.55 -1.80
C TYR F 68 44.63 -9.05 -3.02
N GLY F 69 44.66 -8.25 -4.09
CA GLY F 69 44.00 -8.60 -5.34
C GLY F 69 42.55 -8.99 -5.23
N GLY F 70 41.80 -8.38 -4.31
CA GLY F 70 40.41 -8.77 -4.13
C GLY F 70 40.19 -10.10 -3.44
N ALA F 71 41.21 -10.60 -2.72
CA ALA F 71 41.16 -11.88 -2.00
C ALA F 71 40.91 -13.06 -2.92
N MET F 72 41.21 -12.91 -4.21
CA MET F 72 40.93 -13.93 -5.21
C MET F 72 42.19 -14.71 -5.56
N ARG F 73 42.00 -15.97 -5.93
CA ARG F 73 43.08 -16.75 -6.55
C ARG F 73 43.59 -16.03 -7.80
N ALA F 74 44.92 -16.01 -7.96
CA ALA F 74 45.52 -15.36 -9.11
C ALA F 74 45.15 -16.08 -10.41
N ASP F 75 44.86 -17.39 -10.34
CA ASP F 75 44.67 -18.24 -11.49
C ASP F 75 43.21 -18.41 -11.90
N ALA F 76 42.29 -17.69 -11.24
CA ALA F 76 40.86 -17.88 -11.45
C ALA F 76 40.21 -16.71 -12.19
N TRP F 77 41.01 -15.86 -12.85
CA TRP F 77 40.51 -14.67 -13.53
C TRP F 77 40.18 -15.02 -14.98
N PRO F 78 38.92 -14.99 -15.39
CA PRO F 78 38.58 -15.32 -16.78
C PRO F 78 39.05 -14.25 -17.74
N GLU F 79 38.96 -14.58 -19.04
CA GLU F 79 39.36 -13.67 -20.11
C GLU F 79 38.65 -12.32 -20.03
N SER F 80 37.49 -12.26 -19.38
CA SER F 80 36.84 -10.99 -19.05
C SER F 80 36.15 -11.13 -17.70
N GLY F 81 36.11 -10.03 -16.97
CA GLY F 81 35.36 -9.97 -15.74
C GLY F 81 36.08 -10.48 -14.50
N TYR F 82 35.27 -10.64 -13.45
CA TYR F 82 35.67 -11.08 -12.12
C TYR F 82 35.85 -12.60 -12.10
N PRO F 83 36.62 -13.13 -11.14
CA PRO F 83 36.64 -14.59 -10.96
C PRO F 83 35.26 -15.09 -10.56
N GLY F 84 34.97 -16.35 -10.91
CA GLY F 84 33.64 -16.87 -10.67
C GLY F 84 32.57 -16.28 -11.55
N SER F 85 32.94 -15.52 -12.57
CA SER F 85 32.00 -14.95 -13.53
C SER F 85 32.01 -15.69 -14.86
N ASP F 86 32.79 -16.77 -14.98
CA ASP F 86 32.85 -17.57 -16.20
C ASP F 86 32.27 -18.94 -15.92
N ARG F 87 31.21 -19.29 -16.65
CA ARG F 87 30.50 -20.54 -16.45
C ARG F 87 31.35 -21.73 -16.88
N GLU F 88 32.06 -21.60 -18.01
CA GLU F 88 32.87 -22.70 -18.52
C GLU F 88 34.10 -22.92 -17.66
N LEU F 89 34.79 -21.83 -17.29
CA LEU F 89 35.93 -21.88 -16.37
C LEU F 89 35.58 -22.53 -15.03
N LEU F 90 34.34 -22.34 -14.56
CA LEU F 90 33.96 -22.98 -13.32
C LEU F 90 33.73 -24.48 -13.48
N ARG F 91 33.31 -24.92 -14.67
CA ARG F 91 33.09 -26.35 -14.79
C ARG F 91 34.37 -27.11 -15.10
N THR F 92 35.26 -26.56 -15.94
CA THR F 92 36.54 -27.22 -16.17
C THR F 92 37.42 -27.17 -14.93
N GLN F 93 37.67 -25.96 -14.41
CA GLN F 93 38.65 -25.76 -13.35
C GLN F 93 38.18 -26.25 -11.99
N LEU F 94 36.88 -26.28 -11.71
CA LEU F 94 36.46 -26.71 -10.37
C LEU F 94 35.63 -27.97 -10.38
N LEU F 95 34.58 -28.04 -11.21
CA LEU F 95 33.64 -29.16 -11.14
C LEU F 95 34.22 -30.43 -11.75
N ASP F 96 34.68 -30.35 -13.00
CA ASP F 96 35.37 -31.49 -13.60
C ASP F 96 36.65 -31.80 -12.83
N LYS F 97 37.55 -30.84 -12.74
CA LYS F 97 38.85 -30.99 -12.08
C LYS F 97 38.79 -31.80 -10.79
N HIS F 98 37.73 -31.65 -10.01
CA HIS F 98 37.66 -32.32 -8.71
C HIS F 98 36.51 -33.30 -8.62
N ASN F 99 35.83 -33.59 -9.74
CA ASN F 99 34.63 -34.41 -9.75
C ASN F 99 33.74 -34.05 -8.56
N ILE F 100 33.20 -32.84 -8.60
CA ILE F 100 32.24 -32.40 -7.59
C ILE F 100 30.85 -32.71 -8.13
N GLN F 101 30.13 -33.57 -7.42
CA GLN F 101 28.81 -33.96 -7.89
C GLN F 101 27.68 -33.17 -7.25
N LEU F 102 27.96 -32.42 -6.18
CA LEU F 102 27.03 -31.46 -5.60
C LEU F 102 27.83 -30.21 -5.24
N GLY F 103 27.65 -29.16 -6.04
CA GLY F 103 28.32 -27.91 -5.76
C GLY F 103 27.29 -26.87 -5.40
N VAL F 104 27.37 -26.33 -4.19
CA VAL F 104 26.36 -25.41 -3.67
C VAL F 104 26.83 -23.98 -3.95
N LEU F 105 26.09 -23.31 -4.83
CA LEU F 105 26.36 -21.92 -5.15
C LEU F 105 25.91 -20.99 -4.01
N GLN F 106 26.77 -20.05 -3.63
CA GLN F 106 26.46 -19.07 -2.60
C GLN F 106 26.81 -17.70 -3.15
N CYS F 107 25.87 -17.10 -3.88
CA CYS F 107 26.13 -15.83 -4.54
C CYS F 107 26.29 -14.72 -3.49
N LEU F 108 27.54 -14.26 -3.37
CA LEU F 108 27.95 -13.21 -2.46
C LEU F 108 27.45 -11.84 -2.90
N ALA F 109 27.40 -11.58 -4.21
CA ALA F 109 27.19 -10.22 -4.69
C ALA F 109 26.59 -10.26 -6.08
N PRO F 110 25.81 -9.25 -6.45
CA PRO F 110 25.45 -9.07 -7.86
C PRO F 110 26.61 -8.62 -8.74
N GLY F 111 27.72 -8.18 -8.16
CA GLY F 111 28.92 -7.87 -8.92
C GLY F 111 28.84 -6.67 -9.86
N GLY F 112 29.97 -6.04 -10.12
CA GLY F 112 29.98 -4.80 -10.87
C GLY F 112 29.91 -3.57 -9.98
N GLN F 113 28.72 -3.25 -9.49
CA GLN F 113 28.59 -2.12 -8.59
C GLN F 113 29.17 -2.45 -7.22
N THR F 114 28.79 -3.59 -6.64
CA THR F 114 29.11 -3.87 -5.24
C THR F 114 29.39 -5.35 -5.02
N LEU F 115 30.26 -5.62 -4.03
CA LEU F 115 30.39 -6.98 -3.51
C LEU F 115 29.59 -7.19 -2.23
N ASN F 116 28.68 -6.22 -1.89
CA ASN F 116 28.08 -6.63 -0.64
C ASN F 116 26.84 -7.49 -0.88
N PRO F 117 26.55 -8.39 0.06
CA PRO F 117 25.37 -9.27 -0.08
C PRO F 117 24.10 -8.50 -0.42
N ALA F 118 23.32 -9.06 -1.34
CA ALA F 118 22.11 -8.40 -1.80
C ALA F 118 21.14 -8.16 -0.66
N GLY F 119 21.06 -9.11 0.29
CA GLY F 119 20.11 -8.98 1.39
C GLY F 119 20.42 -7.84 2.33
N GLN F 120 21.63 -7.29 2.28
CA GLN F 120 22.06 -6.28 3.22
C GLN F 120 21.91 -4.86 2.67
N ALA F 121 21.20 -4.67 1.57
CA ALA F 121 20.89 -3.31 1.16
C ALA F 121 19.99 -2.66 2.20
N LEU F 122 20.26 -1.39 2.54
CA LEU F 122 19.42 -0.75 3.53
C LEU F 122 17.98 -0.58 3.04
N ASN F 123 17.80 -0.27 1.77
CA ASN F 123 16.48 -0.40 1.16
C ASN F 123 16.13 -1.88 1.02
N GLN F 124 15.20 -2.37 1.83
CA GLN F 124 14.93 -3.80 1.84
C GLN F 124 14.04 -4.24 0.70
N GLU F 125 13.32 -3.33 0.07
CA GLU F 125 12.60 -3.71 -1.14
C GLU F 125 13.59 -3.97 -2.28
N LEU F 126 14.61 -3.11 -2.40
CA LEU F 126 15.72 -3.35 -3.32
C LEU F 126 16.46 -4.62 -2.98
N ALA F 127 16.84 -4.78 -1.72
CA ALA F 127 17.41 -6.04 -1.26
C ALA F 127 16.64 -7.25 -1.79
N ALA F 128 15.33 -7.32 -1.55
CA ALA F 128 14.56 -8.44 -2.04
C ALA F 128 14.62 -8.53 -3.56
N ALA F 129 14.53 -7.38 -4.25
CA ALA F 129 14.68 -7.39 -5.71
C ALA F 129 15.99 -8.06 -6.13
N LEU F 130 17.09 -7.66 -5.50
CA LEU F 130 18.39 -8.23 -5.82
C LEU F 130 18.46 -9.72 -5.49
N CYS F 131 17.80 -10.16 -4.44
CA CYS F 131 17.85 -11.58 -4.11
C CYS F 131 17.05 -12.41 -5.10
N ARG F 132 15.88 -11.93 -5.49
CA ARG F 132 15.12 -12.63 -6.49
C ARG F 132 15.87 -12.66 -7.81
N ALA F 133 16.52 -11.56 -8.18
CA ALA F 133 17.26 -11.50 -9.43
C ALA F 133 18.42 -12.48 -9.41
N THR F 134 19.15 -12.52 -8.31
CA THR F 134 20.22 -13.50 -8.18
C THR F 134 19.68 -14.91 -8.31
N ASN F 135 18.46 -15.15 -7.86
CA ASN F 135 17.93 -16.50 -7.80
C ASN F 135 17.41 -16.99 -9.14
N ASP F 136 16.67 -16.13 -9.86
CA ASP F 136 16.31 -16.49 -11.22
C ASP F 136 17.56 -16.67 -12.08
N TRP F 137 18.57 -15.84 -11.84
CA TRP F 137 19.80 -15.90 -12.61
C TRP F 137 20.51 -17.21 -12.38
N GLN F 138 21.05 -17.40 -11.17
CA GLN F 138 21.83 -18.59 -10.92
C GLN F 138 21.08 -19.87 -11.30
N LEU F 139 19.76 -19.91 -11.13
CA LEU F 139 19.02 -21.10 -11.52
C LEU F 139 19.03 -21.29 -13.03
N GLU F 140 18.89 -20.21 -13.79
CA GLU F 140 18.86 -20.37 -15.23
C GLU F 140 20.26 -20.43 -15.84
N HIS F 141 21.25 -19.76 -15.25
CA HIS F 141 22.55 -19.60 -15.93
C HIS F 141 23.59 -20.63 -15.49
N LEU F 142 23.35 -21.33 -14.38
CA LEU F 142 24.33 -22.30 -13.90
C LEU F 142 23.67 -23.62 -13.54
N VAL F 143 22.65 -23.58 -12.68
CA VAL F 143 22.08 -24.81 -12.15
C VAL F 143 21.46 -25.62 -13.27
N TYR F 144 20.63 -24.99 -14.10
CA TYR F 144 19.93 -25.79 -15.08
C TYR F 144 20.85 -26.22 -16.23
N PRO F 145 21.78 -25.39 -16.72
CA PRO F 145 22.76 -25.89 -17.70
C PRO F 145 23.76 -26.88 -17.14
N ASP F 146 23.92 -26.98 -15.83
CA ASP F 146 24.94 -27.89 -15.33
C ASP F 146 24.57 -28.35 -13.94
N PRO F 147 23.51 -29.16 -13.79
CA PRO F 147 22.96 -29.44 -12.45
C PRO F 147 23.84 -30.23 -11.48
N ARG F 148 25.14 -30.31 -11.75
CA ARG F 148 26.02 -30.66 -10.65
C ARG F 148 26.04 -29.55 -9.62
N MET F 149 25.74 -28.33 -10.07
CA MET F 149 25.51 -27.12 -9.28
C MET F 149 24.10 -27.08 -8.74
N ARG F 150 23.92 -26.73 -7.48
CA ARG F 150 22.64 -26.33 -6.95
C ARG F 150 22.82 -25.03 -6.19
N ALA F 151 21.72 -24.31 -6.00
CA ALA F 151 21.77 -22.98 -5.41
C ALA F 151 21.37 -23.02 -3.94
N ALA F 152 22.12 -22.28 -3.11
CA ALA F 152 21.61 -21.84 -1.82
C ALA F 152 21.04 -20.44 -2.03
N ILE F 153 19.73 -20.28 -1.87
CA ILE F 153 19.06 -19.08 -2.36
C ILE F 153 19.17 -17.94 -1.35
N PRO F 154 19.79 -16.81 -1.72
CA PRO F 154 19.89 -15.68 -0.79
C PRO F 154 18.53 -15.01 -0.59
N VAL F 155 18.27 -14.64 0.66
CA VAL F 155 17.01 -14.01 1.03
C VAL F 155 17.30 -12.94 2.06
N THR F 156 16.31 -12.05 2.22
CA THR F 156 16.41 -10.91 3.12
C THR F 156 16.00 -11.34 4.51
N PHE F 157 16.98 -11.74 5.30
CA PHE F 157 16.69 -12.15 6.66
C PHE F 157 16.16 -11.00 7.51
N GLU F 158 16.51 -9.75 7.18
CA GLU F 158 16.05 -8.60 7.96
C GLU F 158 14.65 -8.14 7.60
N THR F 159 14.02 -8.70 6.57
CA THR F 159 12.60 -8.51 6.31
C THR F 159 11.99 -9.90 6.10
N PRO F 160 11.61 -10.58 7.19
CA PRO F 160 11.11 -11.95 7.06
C PRO F 160 9.94 -12.10 6.09
N ASP F 161 9.00 -11.15 6.07
CA ASP F 161 7.93 -11.13 5.06
C ASP F 161 8.46 -11.46 3.67
N TYR F 162 9.53 -10.75 3.26
CA TYR F 162 10.04 -10.88 1.90
C TYR F 162 10.82 -12.15 1.72
N ALA F 163 11.54 -12.57 2.78
CA ALA F 163 12.23 -13.84 2.76
C ALA F 163 11.25 -14.98 2.53
N VAL F 164 10.15 -14.99 3.28
CA VAL F 164 9.14 -16.03 3.13
C VAL F 164 8.59 -16.02 1.70
N ALA F 165 8.22 -14.83 1.20
CA ALA F 165 7.74 -14.75 -0.18
C ALA F 165 8.71 -15.41 -1.15
N GLU F 166 10.00 -15.26 -0.92
CA GLU F 166 10.98 -15.76 -1.89
C GLU F 166 11.22 -17.26 -1.72
N ILE F 167 11.26 -17.73 -0.47
CA ILE F 167 11.27 -19.17 -0.22
C ILE F 167 10.03 -19.83 -0.78
N GLU F 168 8.90 -19.14 -0.73
CA GLU F 168 7.69 -19.75 -1.26
C GLU F 168 7.69 -19.76 -2.78
N ARG F 169 8.48 -18.89 -3.42
CA ARG F 169 8.42 -18.75 -4.87
C ARG F 169 9.31 -19.76 -5.60
N VAL F 170 10.54 -19.98 -5.13
CA VAL F 170 11.68 -20.75 -5.64
C VAL F 170 11.99 -21.97 -4.81
N GLY F 171 11.55 -21.96 -3.55
CA GLY F 171 12.14 -22.90 -2.62
C GLY F 171 11.83 -24.34 -2.94
N ALA F 172 10.79 -24.58 -3.72
CA ALA F 172 10.41 -25.94 -4.06
C ALA F 172 11.13 -26.46 -5.29
N ASP F 173 11.68 -25.57 -6.08
CA ASP F 173 12.52 -25.88 -7.22
C ASP F 173 13.50 -27.01 -6.91
N PRO F 174 13.65 -27.98 -7.81
CA PRO F 174 14.63 -29.05 -7.59
C PRO F 174 16.10 -28.59 -7.68
N GLY F 175 16.38 -27.47 -8.35
CA GLY F 175 17.70 -26.86 -8.40
C GLY F 175 18.10 -25.99 -7.20
N VAL F 176 17.24 -25.93 -6.17
CA VAL F 176 17.51 -25.19 -4.95
C VAL F 176 17.74 -26.20 -3.83
N VAL F 177 18.86 -26.08 -3.13
CA VAL F 177 19.20 -27.03 -2.08
C VAL F 177 19.23 -26.42 -0.69
N ALA F 178 19.14 -25.08 -0.58
CA ALA F 178 19.31 -24.44 0.72
C ALA F 178 18.89 -22.98 0.63
N VAL F 179 18.74 -22.39 1.81
CA VAL F 179 18.43 -20.97 1.97
C VAL F 179 19.68 -20.30 2.54
N LEU F 180 20.05 -19.14 1.96
CA LEU F 180 21.32 -18.48 2.25
C LEU F 180 21.08 -17.18 3.01
N GLY F 181 21.51 -17.13 4.28
CA GLY F 181 21.68 -15.90 5.02
C GLY F 181 23.14 -15.59 5.33
N THR F 182 23.35 -14.61 6.21
CA THR F 182 24.66 -14.07 6.54
C THR F 182 25.00 -14.29 8.00
N SER F 183 26.31 -14.22 8.29
CA SER F 183 26.79 -14.51 9.63
C SER F 183 26.45 -13.38 10.60
N LYS F 184 26.27 -12.17 10.10
CA LYS F 184 25.97 -11.02 10.94
C LYS F 184 24.58 -10.51 10.63
N THR F 185 23.91 -10.06 11.68
CA THR F 185 22.50 -9.73 11.60
C THR F 185 22.25 -8.68 12.67
N LEU F 186 21.10 -7.99 12.55
CA LEU F 186 20.75 -6.96 13.51
C LEU F 186 20.49 -7.53 14.88
N GLU F 187 19.87 -8.71 14.94
CA GLU F 187 19.71 -9.41 16.20
C GLU F 187 20.17 -10.85 16.02
N PRO F 188 20.56 -11.52 17.10
CA PRO F 188 21.09 -12.87 16.96
C PRO F 188 20.06 -13.83 16.38
N LEU F 189 20.56 -14.85 15.66
CA LEU F 189 19.73 -15.62 14.74
C LEU F 189 18.68 -16.49 15.43
N GLY F 190 18.84 -16.75 16.72
CA GLY F 190 17.80 -17.43 17.46
C GLY F 190 16.63 -16.54 17.86
N SER F 191 16.65 -15.26 17.50
CA SER F 191 15.57 -14.35 17.88
C SER F 191 14.29 -14.69 17.12
N ARG F 192 13.15 -14.41 17.76
CA ARG F 192 11.84 -14.65 17.16
C ARG F 192 11.66 -13.93 15.82
N LYS F 193 12.39 -12.85 15.58
CA LYS F 193 12.27 -12.13 14.31
C LYS F 193 12.39 -13.07 13.11
N TYR F 194 13.32 -14.02 13.18
CA TYR F 194 13.71 -14.88 12.07
C TYR F 194 12.91 -16.18 11.98
N TRP F 195 12.08 -16.46 12.98
CA TRP F 195 11.31 -17.70 12.99
C TRP F 195 10.41 -17.86 11.77
N PRO F 196 9.72 -16.83 11.25
CA PRO F 196 8.94 -17.05 10.03
C PRO F 196 9.78 -17.59 8.89
N ILE F 197 11.06 -17.22 8.83
CA ILE F 197 11.94 -17.73 7.79
C ILE F 197 12.25 -19.20 8.04
N TYR F 198 12.56 -19.54 9.27
CA TYR F 198 12.80 -20.95 9.62
C TYR F 198 11.58 -21.79 9.29
N GLU F 199 10.38 -21.24 9.57
CA GLU F 199 9.15 -21.97 9.30
C GLU F 199 8.95 -22.21 7.82
N ALA F 200 9.24 -21.20 6.99
CA ALA F 200 9.09 -21.42 5.56
C ALA F 200 10.15 -22.38 5.05
N SER F 201 11.37 -22.24 5.56
CA SER F 201 12.42 -23.18 5.18
C SER F 201 11.98 -24.61 5.49
N VAL F 202 11.64 -24.87 6.76
CA VAL F 202 11.17 -26.20 7.15
C VAL F 202 10.03 -26.65 6.24
N ALA F 203 9.05 -25.77 6.02
CA ALA F 203 7.92 -26.14 5.17
C ALA F 203 8.37 -26.61 3.80
N GLN F 204 9.41 -25.98 3.24
CA GLN F 204 9.96 -26.42 1.95
C GLN F 204 10.96 -27.56 2.08
N ASN F 205 11.22 -28.05 3.29
CA ASN F 205 12.21 -29.09 3.52
C ASN F 205 13.59 -28.60 3.08
N LEU F 206 13.94 -27.39 3.50
CA LEU F 206 15.16 -26.71 3.08
C LEU F 206 16.07 -26.40 4.25
N PRO F 207 17.32 -26.84 4.23
CA PRO F 207 18.27 -26.41 5.27
C PRO F 207 18.73 -24.98 5.02
N ILE F 208 19.34 -24.39 6.05
CA ILE F 208 19.80 -23.00 6.00
C ILE F 208 21.31 -22.93 6.16
N GLN F 209 21.96 -22.14 5.31
CA GLN F 209 23.39 -21.88 5.35
C GLN F 209 23.65 -20.41 5.63
N PHE F 210 24.47 -20.14 6.65
CA PHE F 210 24.88 -18.79 6.97
C PHE F 210 26.35 -18.63 6.61
N HIS F 211 26.63 -17.72 5.68
CA HIS F 211 27.97 -17.46 5.18
C HIS F 211 28.60 -16.26 5.87
N LEU F 212 29.93 -16.31 6.01
CA LEU F 212 30.84 -15.20 6.26
C LEU F 212 30.28 -13.87 5.76
N SER F 213 30.20 -12.82 6.56
CA SER F 213 29.74 -11.54 6.05
C SER F 213 30.28 -10.41 6.91
N GLN F 214 30.35 -9.23 6.30
CA GLN F 214 30.50 -7.96 7.00
C GLN F 214 29.08 -7.47 7.33
N GLY F 215 28.92 -6.18 7.62
CA GLY F 215 27.60 -5.56 7.87
C GLY F 215 26.86 -6.10 9.07
N GLY F 216 25.53 -6.06 9.01
CA GLY F 216 24.65 -6.49 10.05
C GLY F 216 24.02 -5.36 10.85
N GLY F 217 24.71 -4.24 10.99
CA GLY F 217 24.22 -3.11 11.76
C GLY F 217 25.01 -2.82 13.01
N HIS F 218 25.83 -3.75 13.48
CA HIS F 218 26.70 -3.60 14.61
C HIS F 218 28.16 -3.76 14.16
N ALA F 219 29.09 -3.34 15.02
CA ALA F 219 30.51 -3.50 14.74
C ALA F 219 30.86 -4.97 14.46
N ASN F 220 32.03 -5.22 13.89
CA ASN F 220 32.39 -6.59 13.53
C ASN F 220 32.93 -7.42 14.69
N THR F 221 33.05 -6.83 15.88
CA THR F 221 33.26 -7.58 17.12
C THR F 221 32.33 -6.99 18.17
N GLY F 222 32.13 -7.72 19.27
CA GLY F 222 31.21 -7.29 20.29
C GLY F 222 31.80 -6.21 21.18
N THR F 223 32.91 -5.62 20.74
CA THR F 223 33.62 -4.65 21.56
C THR F 223 34.46 -3.69 20.71
N GLY F 224 33.99 -3.35 19.53
CA GLY F 224 34.65 -2.29 18.79
C GLY F 224 34.96 -2.73 17.39
N TRP F 225 35.16 -1.79 16.47
CA TRP F 225 35.59 -2.15 15.13
C TRP F 225 37.09 -2.41 15.10
N THR F 226 37.49 -3.43 14.34
CA THR F 226 38.87 -3.84 14.20
C THR F 226 39.65 -2.87 13.32
N SER F 227 40.97 -2.83 13.51
CA SER F 227 41.86 -1.97 12.75
C SER F 227 42.55 -2.69 11.61
N TYR F 228 43.21 -3.82 11.88
CA TYR F 228 44.11 -4.45 10.91
C TYR F 228 43.46 -5.68 10.28
N HIS F 229 44.11 -6.18 9.23
CA HIS F 229 43.49 -7.26 8.45
C HIS F 229 43.48 -8.58 9.20
N THR F 230 44.44 -8.82 10.10
CA THR F 230 44.39 -10.04 10.90
C THR F 230 43.19 -10.02 11.83
N GLU F 231 42.99 -8.90 12.53
CA GLU F 231 41.79 -8.69 13.35
C GLU F 231 40.52 -8.86 12.54
N TYR F 232 40.43 -8.16 11.40
CA TYR F 232 39.29 -8.31 10.50
C TYR F 232 39.00 -9.78 10.21
N HIS F 233 39.97 -10.48 9.59
CA HIS F 233 39.73 -11.80 9.02
C HIS F 233 39.62 -12.88 10.08
N THR F 234 40.40 -12.81 11.15
CA THR F 234 40.21 -13.77 12.23
C THR F 234 38.89 -13.50 12.94
N GLY F 235 38.48 -12.22 12.95
CA GLY F 235 37.31 -11.76 13.66
C GLY F 235 36.01 -12.37 13.20
N HIS F 236 35.97 -12.92 11.98
CA HIS F 236 34.74 -13.51 11.46
C HIS F 236 34.25 -14.67 12.33
N VAL F 237 35.15 -15.42 12.99
CA VAL F 237 34.69 -16.57 13.78
C VAL F 237 33.82 -16.10 14.92
N GLN F 238 34.06 -14.90 15.44
CA GLN F 238 33.29 -14.40 16.56
C GLN F 238 31.79 -14.34 16.24
N SER F 239 31.42 -13.85 15.05
CA SER F 239 30.01 -13.77 14.68
C SER F 239 29.35 -15.14 14.70
N PHE F 240 30.02 -16.16 14.13
CA PHE F 240 29.47 -17.52 14.13
C PHE F 240 29.38 -18.09 15.53
N GLN F 241 30.28 -17.66 16.43
CA GLN F 241 30.22 -18.13 17.81
C GLN F 241 28.99 -17.57 18.51
N SER F 242 28.64 -16.33 18.19
CA SER F 242 27.46 -15.70 18.79
C SER F 242 26.18 -16.27 18.21
N GLN F 243 26.18 -16.54 16.91
CA GLN F 243 24.98 -17.08 16.29
C GLN F 243 24.71 -18.51 16.75
N LEU F 244 25.75 -19.34 16.90
CA LEU F 244 25.53 -20.68 17.40
C LEU F 244 24.86 -20.66 18.76
N LEU F 245 25.38 -19.85 19.68
CA LEU F 245 24.82 -19.79 21.03
C LEU F 245 23.40 -19.26 21.02
N SER F 246 23.13 -18.25 20.19
CA SER F 246 21.78 -17.73 20.08
C SER F 246 20.83 -18.82 19.60
N LEU F 247 21.13 -19.39 18.43
CA LEU F 247 20.26 -20.38 17.80
C LEU F 247 19.95 -21.51 18.78
N VAL F 248 20.96 -22.00 19.49
CA VAL F 248 20.74 -23.12 20.40
C VAL F 248 19.94 -22.68 21.62
N LEU F 249 20.43 -21.65 22.33
CA LEU F 249 19.90 -21.28 23.64
C LEU F 249 18.55 -20.56 23.54
N SER F 250 18.15 -20.09 22.36
CA SER F 250 16.82 -19.51 22.18
C SER F 250 15.71 -20.56 22.18
N GLY F 251 16.05 -21.85 22.14
CA GLY F 251 15.04 -22.86 21.91
C GLY F 251 14.55 -22.92 20.49
N THR F 252 15.24 -22.24 19.56
CA THR F 252 14.77 -22.21 18.18
C THR F 252 14.59 -23.61 17.64
N PHE F 253 15.45 -24.54 18.06
CA PHE F 253 15.44 -25.91 17.59
C PHE F 253 14.44 -26.80 18.32
N ASP F 254 13.93 -26.35 19.48
CA ASP F 254 12.71 -26.90 20.05
C ASP F 254 11.48 -26.50 19.22
N ARG F 255 11.52 -25.30 18.64
CA ARG F 255 10.38 -24.82 17.87
C ARG F 255 10.38 -25.42 16.47
N PHE F 256 11.55 -25.55 15.87
CA PHE F 256 11.72 -26.15 14.54
C PHE F 256 12.65 -27.36 14.68
N PRO F 257 12.14 -28.46 15.24
CA PRO F 257 13.01 -29.60 15.56
C PRO F 257 13.57 -30.33 14.34
N THR F 258 13.13 -30.00 13.12
CA THR F 258 13.72 -30.50 11.88
C THR F 258 14.63 -29.48 11.19
N LEU F 259 14.76 -28.28 11.73
CA LEU F 259 15.58 -27.25 11.09
C LEU F 259 17.06 -27.65 11.11
N LYS F 260 17.71 -27.62 9.95
CA LYS F 260 19.15 -27.81 9.84
C LYS F 260 19.83 -26.50 9.47
N VAL F 261 20.90 -26.15 10.18
CA VAL F 261 21.63 -24.92 9.91
CA VAL F 261 21.65 -24.91 9.96
C VAL F 261 23.12 -25.25 9.77
N MET F 262 23.75 -24.64 8.75
CA MET F 262 25.19 -24.80 8.51
C MET F 262 25.89 -23.44 8.51
N PHE F 263 27.07 -23.40 9.12
CA PHE F 263 27.89 -22.21 9.23
C PHE F 263 29.01 -22.29 8.20
N VAL F 264 28.94 -21.42 7.19
CA VAL F 264 29.82 -21.50 6.03
C VAL F 264 30.95 -20.50 6.19
N GLU F 265 32.18 -21.02 6.25
CA GLU F 265 33.42 -20.24 6.26
C GLU F 265 33.62 -19.50 7.59
N GLY F 266 33.10 -20.06 8.67
CA GLY F 266 33.42 -19.59 9.99
C GLY F 266 34.40 -20.45 10.74
N ASN F 267 35.09 -21.37 10.05
CA ASN F 267 35.97 -22.37 10.64
C ASN F 267 35.17 -23.37 11.49
N VAL F 268 35.82 -24.41 12.02
CA VAL F 268 35.10 -25.49 12.69
C VAL F 268 35.56 -25.69 14.13
N ALA F 269 36.89 -25.82 14.33
CA ALA F 269 37.41 -26.28 15.62
C ALA F 269 37.01 -25.38 16.77
N HIS F 270 36.87 -24.08 16.53
CA HIS F 270 36.53 -23.19 17.62
C HIS F 270 35.14 -23.48 18.18
N PHE F 271 34.25 -24.03 17.36
CA PHE F 271 32.91 -24.40 17.84
C PHE F 271 32.97 -25.44 18.95
N ALA F 272 34.03 -26.27 19.02
CA ALA F 272 34.03 -27.40 19.95
C ALA F 272 34.28 -26.97 21.39
N PRO F 273 35.26 -26.10 21.70
CA PRO F 273 35.29 -25.49 23.04
C PRO F 273 34.25 -24.38 23.28
N LEU F 274 33.64 -23.83 22.24
CA LEU F 274 32.47 -22.99 22.48
C LEU F 274 31.34 -23.81 23.09
N ILE F 275 30.89 -24.84 22.35
CA ILE F 275 29.90 -25.79 22.84
C ILE F 275 30.26 -26.32 24.23
N GLN F 276 31.53 -26.71 24.41
CA GLN F 276 31.95 -27.24 25.70
C GLN F 276 31.85 -26.20 26.81
N ARG F 277 32.10 -24.93 26.49
CA ARG F 277 31.86 -23.87 27.47
C ARG F 277 30.37 -23.60 27.64
N MET F 278 29.61 -23.69 26.55
CA MET F 278 28.18 -23.51 26.66
C MET F 278 27.57 -24.51 27.66
N ASP F 279 27.92 -25.81 27.52
CA ASP F 279 27.36 -26.81 28.44
C ASP F 279 27.79 -26.54 29.87
N TYR F 280 29.07 -26.21 30.07
CA TYR F 280 29.59 -26.05 31.43
C TYR F 280 28.86 -24.94 32.16
N THR F 281 28.76 -23.76 31.52
CA THR F 281 27.98 -22.66 32.07
C THR F 281 26.52 -23.07 32.34
N TRP F 282 25.86 -23.63 31.32
CA TRP F 282 24.47 -24.07 31.43
C TRP F 282 24.22 -24.96 32.65
N GLU F 283 25.20 -25.79 33.02
CA GLU F 283 25.05 -26.65 34.20
C GLU F 283 24.65 -25.85 35.44
N THR F 284 25.22 -24.65 35.61
CA THR F 284 24.84 -23.78 36.72
C THR F 284 23.62 -22.90 36.44
N LEU F 285 23.53 -22.30 35.25
CA LEU F 285 22.59 -21.21 34.99
C LEU F 285 21.37 -21.64 34.18
N ARG F 286 21.15 -22.96 34.01
CA ARG F 286 20.02 -23.41 33.20
C ARG F 286 18.67 -22.89 33.70
N GLY F 287 18.58 -22.54 34.97
CA GLY F 287 17.29 -22.11 35.52
C GLY F 287 16.76 -20.84 34.89
N GLU F 288 17.65 -20.00 34.35
CA GLU F 288 17.21 -18.83 33.61
C GLU F 288 16.38 -19.23 32.39
N LEU F 289 16.66 -20.41 31.83
CA LEU F 289 16.09 -20.84 30.57
C LEU F 289 15.33 -22.15 30.76
N PRO F 290 14.29 -22.14 31.60
CA PRO F 290 13.66 -23.41 32.01
C PRO F 290 12.91 -24.09 30.90
N ASP F 291 12.71 -23.45 29.76
CA ASP F 291 11.98 -24.08 28.66
C ASP F 291 12.91 -24.68 27.62
N LEU F 292 14.22 -24.50 27.75
CA LEU F 292 15.14 -25.17 26.84
C LEU F 292 15.03 -26.67 27.07
N GLN F 293 14.58 -27.41 26.05
CA GLN F 293 14.21 -28.80 26.25
C GLN F 293 15.41 -29.74 26.40
N ARG F 294 16.59 -29.41 25.87
CA ARG F 294 17.75 -30.28 25.93
C ARG F 294 18.98 -29.56 26.48
N LYS F 295 19.97 -30.34 26.88
CA LYS F 295 21.29 -29.79 27.16
C LYS F 295 21.85 -29.14 25.90
N PRO F 296 22.46 -27.93 26.00
CA PRO F 296 22.86 -27.21 24.78
C PRO F 296 23.65 -28.03 23.76
N SER F 297 24.59 -28.89 24.16
CA SER F 297 25.32 -29.63 23.16
C SER F 297 24.48 -30.71 22.47
N GLU F 298 23.37 -31.13 23.06
CA GLU F 298 22.54 -32.17 22.46
C GLU F 298 21.83 -31.72 21.18
N TYR F 299 21.85 -30.43 20.87
CA TYR F 299 21.25 -29.96 19.62
C TYR F 299 22.19 -30.05 18.44
N ILE F 300 23.50 -30.23 18.67
CA ILE F 300 24.47 -30.10 17.59
C ILE F 300 24.20 -31.12 16.48
N ARG F 301 24.05 -32.41 16.84
CA ARG F 301 24.08 -33.45 15.81
C ARG F 301 22.91 -33.34 14.84
N ASP F 302 21.73 -32.95 15.32
CA ASP F 302 20.53 -32.84 14.50
C ASP F 302 20.36 -31.47 13.84
N HIS F 303 21.13 -30.44 14.21
CA HIS F 303 20.80 -29.10 13.74
C HIS F 303 21.98 -28.28 13.25
N ILE F 304 23.20 -28.48 13.75
CA ILE F 304 24.34 -27.60 13.50
C ILE F 304 25.39 -28.35 12.68
N TRP F 305 25.66 -27.87 11.46
CA TRP F 305 26.73 -28.31 10.56
C TRP F 305 27.70 -27.14 10.32
N ALA F 306 28.87 -27.45 9.75
CA ALA F 306 29.88 -26.44 9.47
C ALA F 306 30.67 -26.83 8.23
N SER F 307 30.94 -25.84 7.38
CA SER F 307 31.84 -26.07 6.24
C SER F 307 33.28 -26.00 6.74
N THR F 308 34.19 -26.63 5.99
CA THR F 308 35.56 -26.84 6.46
C THR F 308 36.48 -25.66 6.14
N GLN F 309 36.30 -25.01 4.99
CA GLN F 309 37.18 -23.96 4.52
C GLN F 309 36.96 -22.67 5.30
N PRO F 310 38.04 -21.97 5.72
CA PRO F 310 39.44 -22.37 5.57
C PRO F 310 39.85 -23.43 6.59
N ILE F 311 40.39 -24.57 6.14
CA ILE F 311 40.74 -25.64 7.06
C ILE F 311 41.52 -25.07 8.24
N ASP F 312 41.11 -25.49 9.45
CA ASP F 312 41.88 -25.23 10.65
C ASP F 312 43.22 -25.97 10.56
N GLU F 313 44.28 -25.27 10.95
CA GLU F 313 45.65 -25.79 10.87
C GLU F 313 46.24 -25.71 12.26
N PRO F 314 45.99 -26.71 13.11
CA PRO F 314 46.64 -26.75 14.42
C PRO F 314 48.16 -26.88 14.26
N GLU F 315 48.89 -26.48 15.30
CA GLU F 315 50.32 -26.74 15.31
C GLU F 315 50.62 -28.24 15.29
N LYS F 316 49.82 -29.04 16.00
CA LYS F 316 49.96 -30.49 15.93
C LYS F 316 48.88 -31.07 15.02
N PRO F 317 49.23 -31.55 13.82
CA PRO F 317 48.18 -32.00 12.88
C PRO F 317 47.15 -32.97 13.47
N GLU F 318 47.47 -33.75 14.50
CA GLU F 318 46.49 -34.69 15.01
C GLU F 318 45.38 -34.02 15.80
N HIS F 319 45.52 -32.74 16.17
CA HIS F 319 44.48 -32.00 16.88
C HIS F 319 43.29 -31.63 15.99
N LEU F 320 43.49 -31.53 14.69
CA LEU F 320 42.37 -31.28 13.80
C LEU F 320 41.28 -32.34 13.97
N ALA F 321 41.64 -33.61 13.76
CA ALA F 321 40.66 -34.68 13.81
C ALA F 321 39.97 -34.73 15.15
N GLU F 322 40.74 -34.62 16.24
CA GLU F 322 40.22 -34.56 17.59
C GLU F 322 39.14 -33.48 17.72
N LEU F 323 39.49 -32.25 17.36
CA LEU F 323 38.58 -31.12 17.58
C LEU F 323 37.32 -31.23 16.71
N LEU F 324 37.47 -31.71 15.48
CA LEU F 324 36.29 -31.92 14.64
C LEU F 324 35.37 -32.96 15.24
N GLU F 325 35.94 -34.04 15.80
CA GLU F 325 35.10 -35.04 16.47
C GLU F 325 34.40 -34.44 17.68
N GLU F 326 35.04 -33.48 18.34
CA GLU F 326 34.47 -32.89 19.54
C GLU F 326 33.34 -31.93 19.20
N PHE F 327 33.42 -31.27 18.05
CA PHE F 327 32.29 -30.52 17.51
C PHE F 327 31.19 -31.50 17.26
N CSO F 328 31.40 -32.35 16.25
CA CSO F 328 30.50 -33.44 15.85
CB CSO F 328 29.02 -33.00 15.79
SG CSO F 328 27.92 -34.25 15.05
C CSO F 328 31.00 -33.93 14.49
O CSO F 328 30.84 -33.25 13.48
N GLY F 329 31.64 -35.10 14.47
CA GLY F 329 32.25 -35.60 13.25
C GLY F 329 31.30 -35.89 12.09
N ASP F 330 30.00 -35.97 12.36
CA ASP F 330 29.04 -36.18 11.27
C ASP F 330 28.63 -34.89 10.58
N ASN F 331 28.88 -33.75 11.20
CA ASN F 331 28.26 -32.50 10.78
C ASN F 331 29.28 -31.56 10.15
N VAL F 332 30.35 -32.13 9.59
CA VAL F 332 31.44 -31.39 8.99
C VAL F 332 31.45 -31.68 7.50
N VAL F 333 31.34 -30.64 6.67
CA VAL F 333 31.06 -30.80 5.25
C VAL F 333 32.14 -30.09 4.45
N PHE F 334 32.68 -30.78 3.45
CA PHE F 334 33.76 -30.18 2.67
C PHE F 334 33.28 -28.95 1.91
N ALA F 335 34.19 -28.00 1.67
CA ALA F 335 33.93 -26.83 0.82
C ALA F 335 35.24 -26.29 0.25
N THR F 336 35.21 -25.83 -1.01
CA THR F 336 36.41 -25.32 -1.67
C THR F 336 36.56 -23.83 -1.54
N ASP F 337 35.46 -23.10 -1.41
CA ASP F 337 35.48 -21.66 -1.49
C ASP F 337 36.07 -21.18 -2.82
N TYR F 338 35.97 -21.99 -3.85
CA TYR F 338 36.32 -21.52 -5.16
C TYR F 338 35.56 -20.23 -5.46
N PRO F 339 36.23 -19.17 -5.96
CA PRO F 339 37.67 -19.12 -6.23
C PRO F 339 38.46 -18.18 -5.33
N HIS F 340 38.18 -18.12 -4.04
CA HIS F 340 38.85 -17.15 -3.17
C HIS F 340 40.27 -17.59 -2.87
N PHE F 341 41.05 -16.68 -2.29
CA PHE F 341 42.49 -16.89 -2.17
C PHE F 341 42.82 -18.05 -1.26
N ASP F 342 42.15 -18.15 -0.10
CA ASP F 342 42.41 -19.29 0.79
C ASP F 342 41.58 -20.51 0.38
N PHE F 343 41.37 -20.69 -0.92
CA PHE F 343 40.74 -21.88 -1.47
C PHE F 343 41.36 -23.15 -0.88
N ASP F 344 40.52 -24.19 -0.74
CA ASP F 344 40.94 -25.49 -0.24
C ASP F 344 40.72 -26.52 -1.34
N ASP F 345 41.66 -27.46 -1.43
CA ASP F 345 41.67 -28.56 -2.39
C ASP F 345 41.36 -29.85 -1.66
N PRO F 346 40.45 -30.69 -2.16
CA PRO F 346 40.12 -31.93 -1.44
C PRO F 346 41.30 -32.87 -1.24
N GLU F 347 42.28 -32.85 -2.15
CA GLU F 347 43.36 -33.78 -1.87
C GLU F 347 44.27 -33.22 -0.76
N THR F 348 44.60 -31.93 -0.71
CA THR F 348 45.66 -31.41 0.13
C THR F 348 45.20 -30.77 1.44
N ALA F 349 43.89 -30.56 1.63
CA ALA F 349 43.43 -29.81 2.78
C ALA F 349 43.70 -30.54 4.09
N PHE F 350 43.45 -31.84 4.13
CA PHE F 350 43.52 -32.58 5.39
C PHE F 350 44.96 -33.00 5.69
N PRO F 351 45.36 -32.99 6.97
CA PRO F 351 46.73 -33.38 7.32
C PRO F 351 46.99 -34.85 7.00
N ARG F 352 48.28 -35.18 6.88
CA ARG F 352 48.66 -36.50 6.40
C ARG F 352 48.21 -37.63 7.34
N SER F 353 48.01 -37.35 8.63
CA SER F 353 47.56 -38.35 9.59
C SER F 353 46.04 -38.39 9.75
N PHE F 354 45.29 -37.77 8.86
CA PHE F 354 43.86 -37.57 9.09
C PHE F 354 43.07 -38.85 8.82
N PRO F 355 42.30 -39.35 9.78
CA PRO F 355 41.56 -40.61 9.59
C PRO F 355 40.75 -40.62 8.31
N VAL F 356 40.96 -41.66 7.49
CA VAL F 356 40.34 -41.75 6.16
C VAL F 356 38.82 -41.78 6.26
N ASP F 357 38.29 -42.39 7.33
CA ASP F 357 36.84 -42.54 7.46
C ASP F 357 36.17 -41.20 7.74
N LEU F 358 36.71 -40.45 8.69
CA LEU F 358 36.26 -39.08 8.86
C LEU F 358 36.33 -38.32 7.53
N ARG F 359 37.46 -38.45 6.84
CA ARG F 359 37.69 -37.66 5.65
C ARG F 359 36.73 -38.02 4.52
N ASP F 360 36.43 -39.32 4.35
CA ASP F 360 35.47 -39.71 3.32
CA ASP F 360 35.48 -39.71 3.32
C ASP F 360 34.09 -39.13 3.61
N LYS F 361 33.68 -39.12 4.88
CA LYS F 361 32.32 -38.66 5.14
C LYS F 361 32.24 -37.14 5.19
N ILE F 362 33.32 -36.46 5.57
CA ILE F 362 33.40 -35.03 5.33
C ILE F 362 33.24 -34.72 3.84
N LEU F 363 33.72 -35.61 2.98
CA LEU F 363 33.66 -35.33 1.55
C LEU F 363 32.32 -35.72 0.95
N ARG F 364 31.63 -36.69 1.54
CA ARG F 364 30.47 -37.28 0.88
C ARG F 364 29.27 -37.41 1.81
N GLY F 365 29.32 -38.35 2.77
CA GLY F 365 28.14 -38.67 3.54
C GLY F 365 27.56 -37.49 4.30
N ASN F 366 28.43 -36.64 4.84
CA ASN F 366 27.96 -35.55 5.71
C ASN F 366 27.21 -34.49 4.93
N GLY F 367 27.69 -34.14 3.75
CA GLY F 367 26.97 -33.18 2.94
C GLY F 367 25.68 -33.76 2.39
N MET F 368 25.69 -35.04 2.05
CA MET F 368 24.47 -35.65 1.52
C MET F 368 23.37 -35.60 2.56
N ARG F 369 23.71 -35.87 3.81
CA ARG F 369 22.74 -35.77 4.90
C ARG F 369 22.22 -34.34 5.03
N PHE F 370 23.13 -33.39 5.25
CA PHE F 370 22.71 -31.99 5.45
C PHE F 370 21.85 -31.49 4.31
N PHE F 371 22.19 -31.82 3.07
CA PHE F 371 21.43 -31.32 1.94
C PHE F 371 20.26 -32.20 1.56
N GLY F 372 20.04 -33.30 2.27
CA GLY F 372 18.97 -34.22 1.95
C GLY F 372 19.20 -35.13 0.76
N VAL F 373 20.44 -35.53 0.47
CA VAL F 373 20.71 -36.46 -0.62
C VAL F 373 20.81 -37.88 -0.05
N THR F 374 20.02 -38.79 -0.61
CA THR F 374 19.93 -40.16 -0.11
C THR F 374 20.18 -41.22 -1.19
N GLY G 35 -76.73 -1.50 -31.30
CA GLY G 35 -75.30 -1.40 -31.03
C GLY G 35 -74.96 -0.65 -29.74
N VAL G 36 -74.33 -1.35 -28.82
CA VAL G 36 -73.88 -0.76 -27.55
C VAL G 36 -72.43 -1.18 -27.36
N PRO G 37 -71.55 -0.28 -26.90
CA PRO G 37 -70.15 -0.66 -26.70
C PRO G 37 -70.02 -1.74 -25.62
N ALA G 38 -69.11 -2.68 -25.87
CA ALA G 38 -69.00 -3.91 -25.08
C ALA G 38 -68.15 -3.69 -23.83
N VAL G 39 -68.42 -4.50 -22.82
CA VAL G 39 -67.49 -4.66 -21.71
C VAL G 39 -66.29 -5.43 -22.22
N VAL G 40 -65.13 -4.77 -22.27
CA VAL G 40 -63.90 -5.36 -22.76
C VAL G 40 -62.90 -5.42 -21.62
N ASP G 41 -62.49 -6.64 -21.26
CA ASP G 41 -61.38 -6.87 -20.33
C ASP G 41 -60.09 -6.60 -21.11
N CYS G 42 -59.47 -5.45 -20.85
CA CYS G 42 -58.39 -4.99 -21.72
C CYS G 42 -57.05 -5.63 -21.43
N ASP G 43 -56.96 -6.61 -20.53
CA ASP G 43 -55.68 -7.23 -20.18
C ASP G 43 -55.89 -8.57 -19.46
N VAL G 44 -55.81 -9.67 -20.20
CA VAL G 44 -55.70 -11.00 -19.60
C VAL G 44 -54.51 -11.69 -20.24
N HIS G 45 -54.12 -12.82 -19.66
CA HIS G 45 -52.85 -13.41 -20.03
C HIS G 45 -53.02 -14.84 -20.48
N ALA G 46 -52.26 -15.18 -21.52
CA ALA G 46 -52.01 -16.54 -21.94
C ALA G 46 -50.59 -16.89 -21.52
N VAL G 47 -50.41 -18.09 -20.97
CA VAL G 47 -49.09 -18.53 -20.53
C VAL G 47 -48.67 -19.68 -21.41
N LEU G 48 -47.51 -19.53 -22.06
CA LEU G 48 -47.04 -20.57 -22.97
C LEU G 48 -46.60 -21.78 -22.15
N PRO G 49 -47.20 -22.96 -22.35
CA PRO G 49 -46.83 -24.13 -21.55
C PRO G 49 -45.33 -24.33 -21.53
N SER G 50 -44.73 -24.58 -22.71
CA SER G 50 -43.28 -24.67 -22.84
C SER G 50 -42.86 -24.07 -24.19
N PRO G 51 -41.56 -23.93 -24.47
CA PRO G 51 -41.16 -23.52 -25.82
C PRO G 51 -41.43 -24.57 -26.89
N HIS G 52 -41.74 -25.81 -26.51
CA HIS G 52 -42.17 -26.83 -27.46
C HIS G 52 -43.54 -26.52 -28.04
N SER G 53 -44.35 -25.74 -27.35
CA SER G 53 -45.64 -25.36 -27.90
C SER G 53 -45.49 -24.48 -29.14
N LEU G 54 -44.32 -23.89 -29.36
CA LEU G 54 -44.10 -23.08 -30.55
C LEU G 54 -43.75 -23.93 -31.77
N ILE G 55 -43.32 -25.18 -31.57
CA ILE G 55 -42.74 -25.99 -32.65
C ILE G 55 -43.63 -26.07 -33.90
N PRO G 56 -44.94 -26.38 -33.79
CA PRO G 56 -45.74 -26.49 -35.01
C PRO G 56 -45.73 -25.23 -35.86
N TYR G 57 -45.29 -24.09 -35.32
CA TYR G 57 -45.36 -22.82 -36.01
C TYR G 57 -44.00 -22.25 -36.36
N LEU G 58 -42.97 -23.09 -36.42
CA LEU G 58 -41.60 -22.65 -36.70
C LEU G 58 -41.06 -23.38 -37.92
N ASP G 59 -40.35 -22.64 -38.76
CA ASP G 59 -39.69 -23.27 -39.88
C ASP G 59 -38.80 -24.42 -39.40
N GLU G 60 -38.49 -25.36 -40.29
CA GLU G 60 -37.69 -26.52 -39.90
C GLU G 60 -36.36 -26.11 -39.28
N TYR G 61 -35.77 -25.00 -39.73
CA TYR G 61 -34.51 -24.55 -39.14
C TYR G 61 -34.66 -24.22 -37.66
N TRP G 62 -35.70 -23.46 -37.30
CA TRP G 62 -35.88 -23.03 -35.90
C TRP G 62 -36.41 -24.15 -35.00
N ALA G 63 -37.27 -25.03 -35.51
CA ALA G 63 -37.79 -26.11 -34.69
C ALA G 63 -36.74 -27.20 -34.47
N ASP G 64 -36.00 -27.57 -35.53
CA ASP G 64 -34.84 -28.43 -35.33
C ASP G 64 -33.85 -27.77 -34.38
N GLN G 65 -33.68 -26.45 -34.52
CA GLN G 65 -32.81 -25.65 -33.65
C GLN G 65 -33.29 -25.68 -32.21
N LEU G 66 -34.60 -25.74 -32.05
CA LEU G 66 -35.12 -25.61 -30.69
C LEU G 66 -35.07 -26.92 -29.92
N VAL G 67 -35.18 -28.08 -30.58
CA VAL G 67 -35.10 -29.32 -29.82
C VAL G 67 -33.64 -29.65 -29.49
N ALA G 68 -32.70 -29.30 -30.38
CA ALA G 68 -31.28 -29.50 -30.10
C ALA G 68 -30.82 -28.63 -28.93
N GLN G 69 -31.34 -27.38 -28.84
CA GLN G 69 -30.99 -26.50 -27.73
C GLN G 69 -31.59 -26.97 -26.38
N LEU G 70 -32.19 -28.16 -26.38
CA LEU G 70 -32.97 -28.71 -25.26
C LEU G 70 -34.01 -27.71 -24.79
N ALA G 71 -34.55 -26.96 -25.77
CA ALA G 71 -35.55 -25.90 -25.62
C ALA G 71 -35.43 -25.15 -24.30
N PRO G 72 -34.49 -24.21 -24.17
CA PRO G 72 -34.53 -23.31 -23.01
C PRO G 72 -35.80 -22.49 -23.06
N THR G 73 -36.41 -22.27 -21.89
CA THR G 73 -37.64 -21.50 -21.87
C THR G 73 -37.33 -20.05 -21.51
N TYR G 74 -37.93 -19.13 -22.27
CA TYR G 74 -37.92 -17.70 -21.95
C TYR G 74 -39.14 -17.29 -21.13
N GLU G 75 -39.65 -18.17 -20.28
CA GLU G 75 -40.66 -17.79 -19.30
C GLU G 75 -40.09 -16.65 -18.46
N PRO G 76 -40.74 -15.50 -18.41
CA PRO G 76 -40.18 -14.35 -17.71
C PRO G 76 -40.35 -14.48 -16.20
N ASN G 77 -39.68 -13.56 -15.49
CA ASN G 77 -39.85 -13.43 -14.05
C ASN G 77 -40.72 -12.24 -13.66
N TYR G 78 -41.54 -11.73 -14.57
CA TYR G 78 -42.37 -10.59 -14.19
C TYR G 78 -43.44 -10.99 -13.18
N HIS G 79 -43.91 -12.23 -13.25
CA HIS G 79 -44.89 -12.75 -12.30
C HIS G 79 -44.40 -14.13 -11.92
N PRO G 80 -43.47 -14.23 -10.96
CA PRO G 80 -42.85 -15.53 -10.65
C PRO G 80 -43.86 -16.62 -10.38
N ARG G 81 -43.79 -17.70 -11.17
CA ARG G 81 -44.85 -18.71 -11.19
C ARG G 81 -45.22 -19.17 -9.79
N GLY G 82 -44.25 -19.17 -8.87
CA GLY G 82 -44.50 -19.57 -7.50
C GLY G 82 -44.96 -18.48 -6.55
N SER G 83 -45.03 -17.23 -6.97
CA SER G 83 -45.38 -16.15 -6.05
C SER G 83 -46.90 -15.96 -5.98
N ALA G 84 -47.32 -15.24 -4.95
CA ALA G 84 -48.74 -15.02 -4.73
C ALA G 84 -49.41 -14.34 -5.92
N ILE G 85 -48.65 -13.57 -6.71
CA ILE G 85 -49.24 -12.77 -7.78
C ILE G 85 -49.51 -13.58 -9.03
N ALA G 86 -48.91 -14.76 -9.17
CA ALA G 86 -48.89 -15.44 -10.46
C ALA G 86 -50.29 -15.88 -10.89
N GLN G 87 -51.09 -16.43 -9.98
CA GLN G 87 -52.40 -16.91 -10.36
C GLN G 87 -53.27 -17.10 -9.13
N HIS G 88 -54.54 -16.69 -9.23
CA HIS G 88 -55.54 -16.92 -8.19
C HIS G 88 -55.65 -18.38 -7.77
N SER G 89 -56.20 -18.63 -6.58
CA SER G 89 -56.35 -19.95 -6.01
C SER G 89 -57.47 -20.74 -6.65
N ASP G 90 -58.49 -20.05 -7.16
CA ASP G 90 -59.64 -20.70 -7.76
C ASP G 90 -59.60 -20.68 -9.27
N ALA G 91 -58.53 -20.15 -9.88
CA ALA G 91 -58.39 -20.19 -11.33
C ALA G 91 -58.10 -21.62 -11.81
N SER G 92 -58.78 -22.00 -12.88
CA SER G 92 -58.59 -23.32 -13.46
C SER G 92 -57.12 -23.55 -13.80
N VAL G 93 -56.68 -24.80 -13.65
CA VAL G 93 -55.28 -25.14 -13.86
C VAL G 93 -55.16 -26.34 -14.81
N ASP G 94 -54.05 -26.37 -15.54
CA ASP G 94 -53.74 -27.53 -16.35
C ASP G 94 -53.22 -28.67 -15.48
N GLU G 95 -52.82 -29.75 -16.14
CA GLU G 95 -52.27 -30.92 -15.46
C GLU G 95 -51.08 -30.59 -14.57
N ASN G 96 -50.41 -29.46 -14.78
CA ASN G 96 -49.20 -29.12 -14.03
C ASN G 96 -49.45 -28.08 -12.95
N GLY G 97 -50.70 -27.65 -12.74
CA GLY G 97 -51.01 -26.69 -11.72
C GLY G 97 -51.06 -25.25 -12.17
N ARG G 98 -50.79 -24.99 -13.45
CA ARG G 98 -50.67 -23.61 -13.92
C ARG G 98 -51.98 -23.11 -14.52
N ALA G 99 -52.27 -21.84 -14.24
CA ALA G 99 -53.42 -21.18 -14.82
C ALA G 99 -53.12 -20.66 -16.23
N ALA G 100 -54.17 -20.63 -17.07
CA ALA G 100 -54.17 -19.89 -18.34
C ALA G 100 -53.10 -20.40 -19.32
N THR G 101 -52.88 -21.72 -19.34
CA THR G 101 -52.09 -22.37 -20.38
C THR G 101 -52.93 -22.83 -21.56
N THR G 102 -54.26 -22.77 -21.45
CA THR G 102 -55.14 -23.15 -22.53
C THR G 102 -56.28 -22.16 -22.58
N ALA G 103 -56.75 -21.89 -23.81
CA ALA G 103 -57.93 -21.04 -23.98
C ALA G 103 -59.15 -21.66 -23.32
N GLU G 104 -59.21 -22.99 -23.36
CA GLU G 104 -60.38 -23.59 -22.72
C GLU G 104 -60.37 -23.33 -21.22
N ASN G 105 -59.24 -23.34 -20.50
CA ASN G 105 -59.27 -22.91 -19.09
C ASN G 105 -59.57 -21.41 -18.95
N LEU G 106 -58.95 -20.55 -19.76
CA LEU G 106 -59.13 -19.12 -19.56
C LEU G 106 -60.55 -18.68 -19.87
N VAL G 107 -61.15 -19.27 -20.91
CA VAL G 107 -62.51 -18.92 -21.27
C VAL G 107 -63.47 -19.27 -20.14
N LYS G 108 -63.37 -20.52 -19.67
CA LYS G 108 -64.17 -20.99 -18.53
C LYS G 108 -64.10 -20.01 -17.36
N ASP G 109 -62.88 -19.60 -16.99
CA ASP G 109 -62.73 -18.72 -15.84
C ASP G 109 -63.21 -17.30 -16.14
N VAL G 110 -62.73 -16.70 -17.23
CA VAL G 110 -62.92 -15.27 -17.45
C VAL G 110 -64.38 -14.94 -17.74
N PHE G 111 -65.07 -15.78 -18.52
CA PHE G 111 -66.45 -15.49 -18.90
C PHE G 111 -67.46 -16.24 -18.04
N ALA G 112 -67.08 -16.66 -16.83
CA ALA G 112 -67.96 -17.45 -15.99
C ALA G 112 -69.25 -16.68 -15.68
N ASP G 113 -69.13 -15.48 -15.11
CA ASP G 113 -70.31 -14.76 -14.65
C ASP G 113 -71.00 -13.95 -15.75
N GLY G 114 -70.58 -14.10 -17.01
CA GLY G 114 -71.26 -13.49 -18.14
C GLY G 114 -71.10 -12.00 -18.35
N PHE G 115 -70.57 -11.26 -17.36
CA PHE G 115 -70.52 -9.80 -17.40
C PHE G 115 -69.68 -9.24 -18.54
N THR G 116 -68.74 -10.02 -19.05
CA THR G 116 -67.69 -9.53 -19.92
C THR G 116 -67.84 -10.08 -21.34
N ASP G 117 -67.80 -9.18 -22.33
CA ASP G 117 -68.07 -9.49 -23.72
C ASP G 117 -66.82 -9.92 -24.48
N PHE G 118 -65.73 -9.16 -24.33
CA PHE G 118 -64.48 -9.51 -24.99
C PHE G 118 -63.33 -9.41 -24.01
N ALA G 119 -62.29 -10.18 -24.29
CA ALA G 119 -61.10 -10.23 -23.46
C ALA G 119 -59.90 -10.08 -24.38
N VAL G 120 -58.97 -9.19 -24.03
CA VAL G 120 -57.77 -8.94 -24.81
C VAL G 120 -56.62 -9.76 -24.20
N VAL G 121 -56.06 -10.66 -24.97
CA VAL G 121 -55.05 -11.59 -24.47
C VAL G 121 -53.66 -11.02 -24.71
N ASN G 122 -52.85 -10.95 -23.64
CA ASN G 122 -51.43 -10.58 -23.71
C ASN G 122 -50.60 -11.76 -23.21
N CYS G 123 -49.73 -12.29 -24.06
CA CYS G 123 -48.80 -13.35 -23.69
C CYS G 123 -47.43 -12.73 -23.45
N LEU G 124 -46.95 -12.84 -22.21
CA LEU G 124 -45.71 -12.20 -21.79
C LEU G 124 -44.48 -13.06 -22.03
N TYR G 125 -44.60 -14.16 -22.77
CA TYR G 125 -43.44 -15.02 -23.05
C TYR G 125 -42.28 -14.20 -23.61
N GLY G 126 -41.12 -14.30 -22.96
CA GLY G 126 -40.05 -13.33 -23.16
C GLY G 126 -39.27 -13.47 -24.45
N VAL G 127 -39.95 -13.36 -25.62
CA VAL G 127 -39.23 -13.36 -26.90
C VAL G 127 -38.33 -12.13 -26.98
N GLN G 128 -38.78 -11.02 -26.43
CA GLN G 128 -38.01 -9.78 -26.42
C GLN G 128 -36.69 -9.91 -25.68
N GLN G 129 -36.46 -11.00 -24.95
CA GLN G 129 -35.20 -11.15 -24.23
C GLN G 129 -34.27 -12.15 -24.89
N ILE G 130 -34.63 -12.66 -26.07
CA ILE G 130 -33.71 -13.41 -26.94
C ILE G 130 -32.83 -12.40 -27.66
N HIS G 131 -31.52 -12.45 -27.40
CA HIS G 131 -30.66 -11.46 -28.01
C HIS G 131 -30.48 -11.75 -29.50
N GLN G 132 -30.38 -13.03 -29.86
CA GLN G 132 -30.19 -13.42 -31.26
C GLN G 132 -31.37 -12.88 -32.06
N PRO G 133 -31.16 -11.86 -32.90
CA PRO G 133 -32.32 -11.14 -33.47
C PRO G 133 -33.16 -12.00 -34.39
N ARG G 134 -32.56 -12.92 -35.12
CA ARG G 134 -33.36 -13.78 -35.99
C ARG G 134 -34.23 -14.71 -35.16
N ARG G 135 -33.65 -15.33 -34.12
CA ARG G 135 -34.43 -16.22 -33.26
C ARG G 135 -35.55 -15.45 -32.58
N GLU G 136 -35.30 -14.19 -32.23
CA GLU G 136 -36.33 -13.34 -31.64
C GLU G 136 -37.44 -13.03 -32.63
N MET G 137 -37.08 -12.86 -33.91
CA MET G 137 -38.09 -12.61 -34.93
C MET G 137 -38.92 -13.87 -35.16
N ALA G 138 -38.26 -15.00 -35.31
CA ALA G 138 -38.95 -16.25 -35.53
C ALA G 138 -39.83 -16.64 -34.35
N HIS G 139 -39.43 -16.30 -33.12
CA HIS G 139 -40.19 -16.78 -31.96
C HIS G 139 -41.34 -15.85 -31.61
N ALA G 140 -41.18 -14.55 -31.83
CA ALA G 140 -42.34 -13.65 -31.73
C ALA G 140 -43.42 -14.04 -32.74
N ARG G 141 -43.01 -14.30 -33.98
CA ARG G 141 -43.97 -14.77 -34.99
C ARG G 141 -44.62 -16.08 -34.56
N ALA G 142 -43.82 -17.10 -34.22
CA ALA G 142 -44.38 -18.38 -33.82
C ALA G 142 -45.29 -18.24 -32.60
N LEU G 143 -44.91 -17.37 -31.67
CA LEU G 143 -45.81 -17.07 -30.56
C LEU G 143 -47.12 -16.52 -31.07
N ASN G 144 -47.07 -15.65 -32.09
CA ASN G 144 -48.29 -15.04 -32.60
C ASN G 144 -49.16 -16.07 -33.31
N HIS G 145 -48.54 -16.95 -34.11
CA HIS G 145 -49.29 -18.09 -34.66
C HIS G 145 -49.98 -18.87 -33.53
N TRP G 146 -49.25 -19.15 -32.44
CA TRP G 146 -49.80 -19.97 -31.36
C TRP G 146 -51.05 -19.34 -30.79
N ILE G 147 -51.06 -18.01 -30.66
CA ILE G 147 -52.20 -17.29 -30.10
C ILE G 147 -53.36 -17.28 -31.10
N ALA G 148 -53.06 -17.36 -32.39
CA ALA G 148 -54.11 -17.30 -33.39
C ALA G 148 -54.79 -18.64 -33.54
N ASN G 149 -54.02 -19.71 -33.77
CA ASN G 149 -54.60 -21.03 -33.96
C ASN G 149 -55.19 -21.58 -32.66
N GLU G 150 -54.42 -21.52 -31.56
CA GLU G 150 -54.82 -22.17 -30.32
C GLU G 150 -55.53 -21.25 -29.34
N TRP G 151 -55.75 -19.99 -29.69
CA TRP G 151 -56.52 -19.13 -28.80
C TRP G 151 -57.64 -18.43 -29.55
N LEU G 152 -57.30 -17.61 -30.54
CA LEU G 152 -58.33 -16.80 -31.19
C LEU G 152 -59.31 -17.67 -31.97
N ASP G 153 -58.83 -18.68 -32.67
CA ASP G 153 -59.71 -19.57 -33.41
C ASP G 153 -60.63 -20.36 -32.50
N LYS G 154 -60.35 -20.42 -31.20
CA LYS G 154 -61.18 -21.27 -30.36
C LYS G 154 -62.27 -20.51 -29.62
N ASP G 155 -62.22 -19.18 -29.57
CA ASP G 155 -63.32 -18.44 -28.99
C ASP G 155 -63.33 -17.03 -29.56
N ASP G 156 -64.49 -16.60 -30.04
CA ASP G 156 -64.60 -15.32 -30.69
C ASP G 156 -64.81 -14.17 -29.72
N ARG G 157 -64.91 -14.45 -28.42
CA ARG G 157 -64.81 -13.36 -27.47
C ARG G 157 -63.37 -12.95 -27.24
N LEU G 158 -62.41 -13.67 -27.81
CA LEU G 158 -60.99 -13.41 -27.59
C LEU G 158 -60.43 -12.49 -28.67
N ARG G 159 -59.68 -11.48 -28.23
CA ARG G 159 -58.77 -10.70 -29.05
C ARG G 159 -57.36 -10.87 -28.47
N ALA G 160 -56.38 -10.24 -29.11
CA ALA G 160 -55.01 -10.34 -28.62
C ALA G 160 -54.17 -9.20 -29.19
N SER G 161 -53.06 -8.93 -28.50
CA SER G 161 -52.05 -8.00 -28.94
C SER G 161 -51.02 -8.70 -29.84
N ILE G 162 -50.32 -7.90 -30.63
CA ILE G 162 -49.26 -8.44 -31.48
C ILE G 162 -47.96 -8.31 -30.70
N VAL G 163 -47.35 -9.45 -30.43
CA VAL G 163 -46.03 -9.50 -29.83
C VAL G 163 -44.99 -9.23 -30.91
N VAL G 164 -44.03 -8.36 -30.62
CA VAL G 164 -43.07 -7.96 -31.65
C VAL G 164 -41.62 -8.01 -31.19
N PRO G 165 -40.67 -8.35 -32.10
CA PRO G 165 -39.24 -8.40 -31.78
C PRO G 165 -38.62 -7.01 -31.72
N GLN G 166 -38.83 -6.35 -30.58
CA GLN G 166 -38.49 -4.95 -30.48
C GLN G 166 -36.98 -4.70 -30.46
N GLY G 167 -36.17 -5.74 -30.37
CA GLY G 167 -34.74 -5.57 -30.59
C GLY G 167 -34.37 -5.11 -32.00
N SER G 168 -35.25 -5.35 -32.98
CA SER G 168 -35.05 -4.92 -34.37
C SER G 168 -36.30 -4.17 -34.79
N PRO G 169 -36.37 -2.85 -34.53
CA PRO G 169 -37.61 -2.11 -34.81
C PRO G 169 -38.14 -2.25 -36.22
N ARG G 170 -37.28 -2.41 -37.22
CA ARG G 170 -37.79 -2.71 -38.55
C ARG G 170 -38.54 -4.05 -38.56
N ALA G 171 -37.92 -5.14 -38.12
CA ALA G 171 -38.63 -6.42 -38.01
C ALA G 171 -39.87 -6.32 -37.13
N ALA G 172 -39.84 -5.45 -36.12
CA ALA G 172 -41.04 -5.19 -35.32
C ALA G 172 -42.16 -4.63 -36.19
N ALA G 173 -41.82 -3.74 -37.13
CA ALA G 173 -42.83 -3.14 -38.01
C ALA G 173 -43.42 -4.18 -38.95
N GLU G 174 -42.58 -5.05 -39.51
CA GLU G 174 -43.07 -6.09 -40.41
CA GLU G 174 -43.09 -6.08 -40.42
C GLU G 174 -43.99 -7.08 -39.71
N GLU G 175 -43.79 -7.28 -38.41
CA GLU G 175 -44.67 -8.16 -37.65
C GLU G 175 -46.04 -7.52 -37.44
N ILE G 176 -46.06 -6.22 -37.18
CA ILE G 176 -47.32 -5.48 -37.14
C ILE G 176 -48.02 -5.55 -38.50
N ASP G 177 -47.24 -5.51 -39.59
CA ASP G 177 -47.79 -5.67 -40.94
C ASP G 177 -48.43 -7.04 -41.11
N PHE G 178 -47.69 -8.09 -40.72
CA PHE G 178 -48.14 -9.47 -40.88
C PHE G 178 -49.53 -9.73 -40.25
N TRP G 179 -49.91 -8.98 -39.21
CA TRP G 179 -51.19 -9.23 -38.52
C TRP G 179 -52.18 -8.09 -38.69
N SER G 180 -51.84 -7.09 -39.52
CA SER G 180 -52.72 -5.94 -39.72
C SER G 180 -54.03 -6.32 -40.41
N GLY G 181 -54.02 -7.33 -41.28
CA GLY G 181 -55.27 -7.77 -41.89
C GLY G 181 -56.15 -8.65 -41.02
N ASP G 182 -55.59 -9.22 -39.95
CA ASP G 182 -56.37 -10.02 -39.02
C ASP G 182 -56.79 -9.10 -37.88
N LYS G 183 -58.02 -8.61 -37.95
CA LYS G 183 -58.39 -7.67 -36.91
C LYS G 183 -58.88 -8.36 -35.63
N ARG G 184 -58.63 -9.66 -35.50
CA ARG G 184 -58.69 -10.25 -34.16
C ARG G 184 -57.51 -9.79 -33.31
N PHE G 185 -56.43 -9.34 -33.93
CA PHE G 185 -55.35 -8.64 -33.23
C PHE G 185 -55.71 -7.16 -33.18
N VAL G 186 -55.77 -6.61 -31.97
CA VAL G 186 -56.39 -5.32 -31.71
C VAL G 186 -55.41 -4.27 -31.18
N GLN G 187 -54.13 -4.63 -30.98
CA GLN G 187 -53.17 -3.68 -30.46
C GLN G 187 -51.77 -4.28 -30.54
N VAL G 188 -50.77 -3.44 -30.31
CA VAL G 188 -49.37 -3.82 -30.35
C VAL G 188 -48.86 -3.80 -28.91
N LEU G 189 -48.12 -4.83 -28.54
CA LEU G 189 -47.60 -4.96 -27.18
C LEU G 189 -46.11 -4.64 -27.15
N LEU G 190 -45.74 -3.71 -26.31
CA LEU G 190 -44.36 -3.35 -26.06
C LEU G 190 -44.10 -3.50 -24.57
N LEU G 191 -42.86 -3.85 -24.22
CA LEU G 191 -42.52 -3.95 -22.81
C LEU G 191 -42.29 -2.55 -22.25
N GLY G 192 -42.57 -2.40 -20.95
CA GLY G 192 -42.32 -1.13 -20.29
C GLY G 192 -40.86 -0.72 -20.36
N GLN G 193 -39.96 -1.63 -20.00
CA GLN G 193 -38.53 -1.37 -20.08
C GLN G 193 -38.06 -1.87 -21.43
N SER G 194 -37.65 -0.95 -22.30
CA SER G 194 -37.08 -1.30 -23.58
C SER G 194 -35.57 -1.06 -23.58
N GLU G 195 -34.97 -1.34 -24.72
CA GLU G 195 -33.54 -1.13 -24.90
C GLU G 195 -33.23 0.37 -25.05
N LEU G 196 -33.85 1.02 -26.02
CA LEU G 196 -33.89 2.48 -26.10
C LEU G 196 -35.31 2.96 -25.88
N LEU G 197 -35.44 4.13 -25.27
CA LEU G 197 -36.75 4.76 -25.07
C LEU G 197 -37.54 4.81 -26.38
N TYR G 198 -38.86 4.71 -26.27
CA TYR G 198 -39.71 4.47 -27.44
C TYR G 198 -39.83 5.68 -28.36
N GLY G 199 -39.51 6.87 -27.90
CA GLY G 199 -39.61 8.00 -28.79
C GLY G 199 -38.38 8.29 -29.61
N ARG G 200 -37.30 7.53 -29.46
CA ARG G 200 -36.13 7.72 -30.29
C ARG G 200 -36.44 7.31 -31.73
N GLU G 201 -35.93 8.11 -32.69
CA GLU G 201 -36.29 7.87 -34.09
C GLU G 201 -35.98 6.44 -34.50
N ILE G 202 -35.01 5.82 -33.84
CA ILE G 202 -34.74 4.40 -33.99
C ILE G 202 -36.02 3.57 -33.86
N ASN G 203 -36.95 4.01 -33.02
CA ASN G 203 -38.15 3.24 -32.72
C ASN G 203 -39.39 3.74 -33.44
N TRP G 204 -39.27 4.82 -34.20
CA TRP G 204 -40.41 5.31 -34.97
C TRP G 204 -41.02 4.28 -35.92
N PRO G 205 -40.27 3.40 -36.57
CA PRO G 205 -40.94 2.38 -37.39
C PRO G 205 -42.04 1.61 -36.68
N ILE G 206 -41.98 1.47 -35.34
CA ILE G 206 -43.03 0.71 -34.66
C ILE G 206 -44.28 1.54 -34.55
N TRP G 207 -44.15 2.84 -34.24
CA TRP G 207 -45.33 3.70 -34.20
C TRP G 207 -45.94 3.88 -35.59
N GLU G 208 -45.11 4.02 -36.62
CA GLU G 208 -45.63 4.17 -37.97
C GLU G 208 -46.44 2.94 -38.38
N ALA G 209 -45.88 1.74 -38.18
CA ALA G 209 -46.57 0.52 -38.57
C ALA G 209 -47.84 0.30 -37.77
N ALA G 210 -47.88 0.81 -36.53
CA ALA G 210 -49.05 0.61 -35.68
C ALA G 210 -50.16 1.60 -36.03
N GLU G 211 -49.83 2.87 -36.23
CA GLU G 211 -50.84 3.81 -36.72
C GLU G 211 -51.38 3.39 -38.10
N ALA G 212 -50.50 2.97 -39.01
CA ALA G 212 -50.95 2.51 -40.34
C ALA G 212 -51.90 1.31 -40.24
N ALA G 213 -51.75 0.48 -39.21
CA ALA G 213 -52.61 -0.67 -39.00
C ALA G 213 -53.88 -0.33 -38.20
N GLY G 214 -54.05 0.92 -37.78
CA GLY G 214 -55.18 1.32 -36.96
C GLY G 214 -55.17 0.73 -35.55
N LEU G 215 -54.00 0.45 -34.99
CA LEU G 215 -53.86 -0.29 -33.73
C LEU G 215 -53.25 0.58 -32.64
N PRO G 216 -53.82 0.61 -31.44
CA PRO G 216 -53.09 1.21 -30.32
C PRO G 216 -51.81 0.44 -30.01
N VAL G 217 -50.98 1.07 -29.19
CA VAL G 217 -49.80 0.45 -28.64
C VAL G 217 -50.02 0.33 -27.14
N THR G 218 -49.86 -0.87 -26.61
CA THR G 218 -49.91 -1.04 -25.16
C THR G 218 -48.50 -1.21 -24.62
N LEU G 219 -48.20 -0.50 -23.56
CA LEU G 219 -47.04 -0.81 -22.75
C LEU G 219 -47.50 -1.68 -21.58
N HIS G 220 -46.87 -2.86 -21.43
CA HIS G 220 -47.19 -3.77 -20.32
C HIS G 220 -45.98 -3.96 -19.42
N ILE G 221 -46.23 -4.08 -18.12
CA ILE G 221 -45.14 -4.24 -17.15
C ILE G 221 -44.28 -5.44 -17.54
N GLY G 222 -42.96 -5.26 -17.43
CA GLY G 222 -42.05 -6.18 -18.08
C GLY G 222 -40.93 -5.42 -18.74
N GLY G 223 -39.93 -6.12 -19.26
CA GLY G 223 -38.76 -5.44 -19.76
C GLY G 223 -37.79 -6.38 -20.44
N VAL G 224 -36.93 -5.80 -21.27
CA VAL G 224 -35.87 -6.54 -21.90
C VAL G 224 -34.63 -6.64 -21.01
N PHE G 225 -34.55 -5.84 -19.95
CA PHE G 225 -33.48 -5.95 -18.96
C PHE G 225 -32.10 -5.77 -19.59
N ARG G 226 -31.97 -4.82 -20.50
CA ARG G 226 -30.62 -4.64 -21.03
C ARG G 226 -29.95 -3.39 -20.46
N GLN G 227 -30.53 -2.85 -19.39
CA GLN G 227 -29.84 -2.04 -18.39
C GLN G 227 -30.54 -2.28 -17.08
N ALA G 228 -29.94 -1.77 -16.01
CA ALA G 228 -30.60 -1.77 -14.72
C ALA G 228 -32.03 -1.23 -14.88
N PRO G 229 -33.01 -1.84 -14.21
CA PRO G 229 -34.40 -1.37 -14.33
C PRO G 229 -34.70 -0.03 -13.66
N THR G 230 -33.76 0.52 -12.90
CA THR G 230 -33.86 1.88 -12.40
C THR G 230 -32.64 2.67 -12.83
N SER G 231 -32.70 3.97 -12.59
CA SER G 231 -31.57 4.83 -12.89
C SER G 231 -30.53 4.78 -11.79
N VAL G 232 -30.76 3.99 -10.74
CA VAL G 232 -29.86 3.92 -9.60
C VAL G 232 -29.45 2.48 -9.31
N GLY G 233 -29.62 1.59 -10.29
CA GLY G 233 -29.12 0.23 -10.26
C GLY G 233 -30.20 -0.85 -10.21
N TRP G 234 -29.78 -2.03 -9.79
CA TRP G 234 -30.61 -3.22 -9.91
C TRP G 234 -31.47 -3.44 -8.67
N PRO G 235 -32.79 -3.36 -8.76
CA PRO G 235 -33.63 -3.70 -7.61
C PRO G 235 -33.41 -5.14 -7.16
N ALA G 236 -33.30 -5.32 -5.85
CA ALA G 236 -32.91 -6.59 -5.28
C ALA G 236 -34.06 -7.57 -5.09
N SER G 237 -35.32 -7.13 -5.17
CA SER G 237 -36.46 -8.02 -5.02
C SER G 237 -37.46 -7.83 -6.16
N HIS G 238 -38.19 -8.91 -6.44
CA HIS G 238 -39.30 -8.80 -7.37
C HIS G 238 -40.24 -7.70 -6.94
N LEU G 239 -40.60 -7.70 -5.65
CA LEU G 239 -41.52 -6.70 -5.10
C LEU G 239 -41.05 -5.27 -5.40
N GLU G 240 -39.78 -4.96 -5.10
CA GLU G 240 -39.25 -3.62 -5.39
C GLU G 240 -39.21 -3.33 -6.89
N TRP G 241 -38.74 -4.30 -7.68
CA TRP G 241 -38.79 -4.17 -9.13
C TRP G 241 -40.20 -3.81 -9.60
N TYR G 242 -41.17 -4.64 -9.19
CA TYR G 242 -42.54 -4.53 -9.65
C TYR G 242 -43.14 -3.17 -9.33
N VAL G 243 -42.97 -2.69 -8.10
CA VAL G 243 -43.51 -1.39 -7.74
C VAL G 243 -42.93 -0.28 -8.61
N GLY G 244 -41.61 -0.28 -8.79
CA GLY G 244 -40.87 0.83 -9.38
C GLY G 244 -40.89 0.93 -10.89
N GLN G 245 -41.50 -0.03 -11.60
CA GLN G 245 -41.56 0.09 -13.04
C GLN G 245 -42.51 1.21 -13.49
N GLN G 246 -43.27 1.81 -12.58
CA GLN G 246 -43.97 3.04 -12.92
C GLN G 246 -43.00 4.13 -13.35
N SER G 247 -41.76 4.10 -12.83
CA SER G 247 -40.82 5.17 -13.15
C SER G 247 -40.42 5.10 -14.60
N ASN G 248 -40.29 3.89 -15.12
CA ASN G 248 -39.95 3.72 -16.53
C ASN G 248 -41.07 4.20 -17.44
N ILE G 249 -42.31 4.13 -16.98
CA ILE G 249 -43.39 4.55 -17.84
C ILE G 249 -43.47 6.05 -17.93
N GLU G 250 -43.15 6.74 -16.83
CA GLU G 250 -42.96 8.19 -16.91
C GLU G 250 -41.91 8.51 -17.96
N ALA G 251 -40.81 7.75 -17.97
CA ALA G 251 -39.76 7.94 -18.96
C ALA G 251 -40.28 7.72 -20.37
N GLN G 252 -41.06 6.65 -20.59
CA GLN G 252 -41.48 6.34 -21.96
C GLN G 252 -42.46 7.39 -22.48
N LEU G 253 -43.35 7.91 -21.61
CA LEU G 253 -44.35 8.91 -22.00
C LEU G 253 -43.70 10.24 -22.35
N ASN G 254 -42.91 10.80 -21.43
CA ASN G 254 -42.13 11.98 -21.76
C ASN G 254 -41.38 11.82 -23.09
N SER G 255 -40.77 10.64 -23.31
CA SER G 255 -39.95 10.44 -24.50
C SER G 255 -40.79 10.39 -25.77
N ILE G 256 -41.87 9.60 -25.75
CA ILE G 256 -42.82 9.56 -26.87
C ILE G 256 -43.33 10.96 -27.19
N ILE G 257 -43.73 11.70 -26.15
CA ILE G 257 -44.29 13.03 -26.39
C ILE G 257 -43.19 14.01 -26.82
N SER G 258 -42.09 14.06 -26.09
CA SER G 258 -41.08 15.07 -26.35
C SER G 258 -40.45 14.88 -27.72
N GLU G 259 -40.20 13.63 -28.10
CA GLU G 259 -39.64 13.38 -29.43
C GLU G 259 -40.66 13.62 -30.54
N GLY G 260 -41.93 13.80 -30.22
CA GLY G 260 -42.90 14.24 -31.20
C GLY G 260 -43.66 13.14 -31.90
N ILE G 261 -43.89 12.01 -31.24
CA ILE G 261 -44.68 10.94 -31.85
C ILE G 261 -46.11 11.41 -32.08
N LEU G 262 -46.66 12.15 -31.13
CA LEU G 262 -48.06 12.52 -31.21
C LEU G 262 -48.34 13.51 -32.34
N GLN G 263 -47.33 14.23 -32.84
CA GLN G 263 -47.46 15.05 -34.03
C GLN G 263 -46.96 14.36 -35.30
N LYS G 264 -46.11 13.35 -35.19
CA LYS G 264 -45.72 12.65 -36.39
C LYS G 264 -46.67 11.51 -36.72
N PHE G 265 -47.36 10.98 -35.72
CA PHE G 265 -48.34 9.90 -35.90
C PHE G 265 -49.55 10.22 -35.06
N PRO G 266 -50.29 11.28 -35.42
CA PRO G 266 -51.30 11.82 -34.49
C PRO G 266 -52.53 10.93 -34.28
N LYS G 267 -52.74 9.85 -35.04
CA LYS G 267 -53.79 8.91 -34.66
C LYS G 267 -53.36 7.96 -33.53
N THR G 268 -52.17 8.13 -32.98
CA THR G 268 -51.60 7.20 -32.01
C THR G 268 -52.44 7.10 -30.75
N LYS G 269 -52.66 5.87 -30.31
CA LYS G 269 -53.30 5.56 -29.04
C LYS G 269 -52.36 4.70 -28.19
N ILE G 270 -52.14 5.09 -26.93
CA ILE G 270 -51.24 4.38 -26.04
C ILE G 270 -52.02 3.82 -24.86
N LEU G 271 -51.92 2.51 -24.63
CA LEU G 271 -52.60 1.83 -23.53
C LEU G 271 -51.58 1.35 -22.51
N LEU G 272 -51.67 1.85 -21.29
CA LEU G 272 -50.80 1.40 -20.21
C LEU G 272 -51.48 0.23 -19.51
N SER G 273 -50.89 -0.97 -19.63
CA SER G 273 -51.47 -2.22 -19.11
C SER G 273 -50.71 -2.67 -17.87
N GLU G 274 -51.43 -2.83 -16.76
CA GLU G 274 -50.88 -3.36 -15.52
C GLU G 274 -49.63 -2.59 -15.10
N LEU G 275 -49.75 -1.25 -15.14
CA LEU G 275 -48.68 -0.38 -14.67
C LEU G 275 -49.19 0.68 -13.69
N GLY G 276 -50.36 0.49 -13.10
CA GLY G 276 -50.90 1.50 -12.21
C GLY G 276 -51.30 2.73 -13.00
N PHE G 277 -51.58 3.81 -12.27
CA PHE G 277 -52.04 5.05 -12.91
C PHE G 277 -52.12 6.19 -11.92
N ASN G 278 -52.15 5.90 -10.61
CA ASN G 278 -52.23 7.00 -9.65
C ASN G 278 -50.99 7.87 -9.69
N TRP G 279 -49.88 7.35 -10.21
CA TRP G 279 -48.67 8.13 -10.45
C TRP G 279 -48.79 9.11 -11.63
N LEU G 280 -49.85 9.03 -12.44
CA LEU G 280 -49.92 9.89 -13.62
C LEU G 280 -50.07 11.37 -13.27
N PRO G 281 -51.01 11.78 -12.41
CA PRO G 281 -51.24 13.23 -12.20
C PRO G 281 -49.99 14.01 -11.79
N PRO G 282 -49.28 13.64 -10.71
CA PRO G 282 -48.10 14.45 -10.35
C PRO G 282 -47.02 14.46 -11.44
N PHE G 283 -46.98 13.43 -12.29
CA PHE G 283 -46.05 13.41 -13.41
C PHE G 283 -46.46 14.40 -14.50
N MET G 284 -47.74 14.36 -14.89
CA MET G 284 -48.26 15.32 -15.86
C MET G 284 -48.03 16.77 -15.40
N TRP G 285 -48.17 17.06 -14.10
CA TRP G 285 -48.02 18.43 -13.60
C TRP G 285 -46.57 18.92 -13.68
N LYS G 286 -45.60 18.06 -13.34
CA LYS G 286 -44.21 18.48 -13.54
C LYS G 286 -43.89 18.56 -15.02
N PHE G 287 -44.41 17.61 -15.80
CA PHE G 287 -44.15 17.58 -17.23
C PHE G 287 -44.73 18.82 -17.93
N ASP G 288 -45.95 19.23 -17.55
CA ASP G 288 -46.49 20.46 -18.13
C ASP G 288 -45.70 21.68 -17.67
N LYS G 289 -45.35 21.75 -16.38
CA LYS G 289 -44.58 22.87 -15.88
C LYS G 289 -43.26 23.05 -16.65
N LEU G 290 -42.55 21.94 -16.94
CA LEU G 290 -41.24 22.02 -17.60
C LEU G 290 -41.32 22.13 -19.12
N TRP G 291 -42.40 21.66 -19.74
CA TRP G 291 -42.64 21.98 -21.14
C TRP G 291 -42.69 23.49 -21.34
N LYS G 292 -43.38 24.20 -20.44
CA LYS G 292 -43.45 25.65 -20.58
C LYS G 292 -42.08 26.29 -20.40
N SER G 293 -41.23 25.73 -19.54
CA SER G 293 -39.87 26.23 -19.43
C SER G 293 -39.04 25.89 -20.67
N TYR G 294 -39.20 24.70 -21.22
CA TYR G 294 -38.27 24.21 -22.22
C TYR G 294 -38.89 24.08 -23.61
N ARG G 295 -40.06 24.68 -23.85
CA ARG G 295 -40.77 24.47 -25.11
C ARG G 295 -39.92 24.73 -26.35
N PRO G 296 -39.01 25.72 -26.39
CA PRO G 296 -38.20 25.89 -27.60
C PRO G 296 -37.30 24.69 -27.90
N ASP G 297 -36.97 23.85 -26.93
CA ASP G 297 -36.23 22.63 -27.21
C ASP G 297 -37.09 21.62 -27.97
N ILE G 298 -38.39 21.59 -27.69
CA ILE G 298 -39.33 20.69 -28.36
C ILE G 298 -40.43 21.52 -29.01
N PRO G 299 -40.11 22.37 -29.99
CA PRO G 299 -41.10 23.36 -30.48
C PRO G 299 -42.21 22.78 -31.34
N TRP G 300 -42.12 21.51 -31.77
CA TRP G 300 -43.27 20.83 -32.37
C TRP G 300 -44.34 20.48 -31.35
N VAL G 301 -44.12 20.73 -30.07
CA VAL G 301 -45.12 20.41 -29.03
C VAL G 301 -45.77 21.74 -28.67
N GLN G 302 -46.88 22.05 -29.33
CA GLN G 302 -47.57 23.30 -29.05
C GLN G 302 -48.83 23.10 -28.21
N GLU G 303 -49.22 21.86 -27.93
CA GLU G 303 -50.19 21.59 -26.88
C GLU G 303 -49.47 21.07 -25.64
N SER G 304 -50.03 21.37 -24.47
CA SER G 304 -49.46 20.89 -23.23
C SER G 304 -49.44 19.36 -23.20
N PRO G 305 -48.43 18.76 -22.55
CA PRO G 305 -48.50 17.31 -22.25
C PRO G 305 -49.78 16.89 -21.57
N LEU G 306 -50.30 17.70 -20.64
CA LEU G 306 -51.52 17.40 -19.91
C LEU G 306 -52.65 17.01 -20.87
N GLU G 307 -52.89 17.84 -21.89
CA GLU G 307 -53.93 17.50 -22.86
C GLU G 307 -53.49 16.35 -23.76
N LEU G 308 -52.24 16.35 -24.23
CA LEU G 308 -51.78 15.25 -25.06
C LEU G 308 -52.00 13.89 -24.37
N ILE G 309 -51.74 13.84 -23.06
CA ILE G 309 -51.87 12.58 -22.33
C ILE G 309 -53.35 12.18 -22.16
N ARG G 310 -54.23 13.14 -21.89
CA ARG G 310 -55.64 12.81 -21.69
C ARG G 310 -56.29 12.25 -22.94
N GLU G 311 -55.79 12.63 -24.11
CA GLU G 311 -56.39 12.24 -25.37
C GLU G 311 -55.81 10.94 -25.91
N HIS G 312 -54.52 10.72 -25.72
CA HIS G 312 -53.81 9.61 -26.32
C HIS G 312 -53.51 8.47 -25.36
N VAL G 313 -53.51 8.72 -24.06
CA VAL G 313 -53.11 7.70 -23.07
C VAL G 313 -54.34 7.14 -22.38
N ARG G 314 -54.47 5.82 -22.38
CA ARG G 314 -55.42 5.13 -21.52
C ARG G 314 -54.68 4.10 -20.68
N VAL G 315 -55.29 3.71 -19.56
CA VAL G 315 -54.65 2.83 -18.59
C VAL G 315 -55.63 1.75 -18.11
N THR G 316 -55.13 0.52 -17.95
CA THR G 316 -55.99 -0.49 -17.36
C THR G 316 -56.06 -0.30 -15.86
N THR G 317 -57.10 -0.88 -15.26
CA THR G 317 -57.45 -0.62 -13.86
C THR G 317 -56.90 -1.63 -12.87
N SER G 318 -56.26 -2.70 -13.33
CA SER G 318 -55.79 -3.77 -12.46
CA SER G 318 -55.79 -3.77 -12.45
C SER G 318 -54.28 -3.93 -12.58
N PRO G 319 -53.49 -3.61 -11.54
CA PRO G 319 -53.95 -3.16 -10.21
C PRO G 319 -54.50 -1.75 -10.13
N SER G 320 -55.46 -1.56 -9.22
CA SER G 320 -55.96 -0.24 -8.91
C SER G 320 -55.08 0.51 -7.92
N ASP G 321 -54.06 -0.16 -7.35
CA ASP G 321 -53.07 0.47 -6.47
C ASP G 321 -53.68 1.44 -5.47
N GLY G 322 -54.85 1.09 -4.90
CA GLY G 322 -55.51 1.86 -3.87
C GLY G 322 -56.61 2.79 -4.35
N ALA G 323 -56.86 2.86 -5.65
CA ALA G 323 -57.96 3.67 -6.14
C ALA G 323 -59.32 3.00 -5.94
N GLU G 324 -59.35 1.73 -5.54
CA GLU G 324 -60.59 1.05 -5.20
C GLU G 324 -61.16 1.47 -3.83
N GLU G 325 -60.44 2.27 -3.06
CA GLU G 325 -60.87 2.67 -1.73
C GLU G 325 -61.88 3.80 -1.81
N ALA G 326 -62.71 3.90 -0.76
CA ALA G 326 -63.79 4.88 -0.66
C ALA G 326 -63.38 6.24 -1.20
N GLY G 327 -64.01 6.66 -2.30
CA GLY G 327 -63.80 7.95 -2.90
C GLY G 327 -62.51 8.12 -3.67
N ARG G 328 -61.67 7.09 -3.72
CA ARG G 328 -60.34 7.15 -4.33
C ARG G 328 -60.40 7.09 -5.84
N LEU G 329 -61.45 6.49 -6.40
CA LEU G 329 -61.54 6.50 -7.84
C LEU G 329 -62.07 7.84 -8.35
N ASP G 330 -63.12 8.37 -7.71
CA ASP G 330 -63.51 9.75 -7.95
C ASP G 330 -62.28 10.66 -7.87
N SER G 331 -61.43 10.47 -6.86
CA SER G 331 -60.31 11.38 -6.61
C SER G 331 -59.26 11.30 -7.72
N ILE G 332 -59.05 10.13 -8.31
CA ILE G 332 -57.98 10.06 -9.30
C ILE G 332 -58.50 10.51 -10.68
N VAL G 333 -59.79 10.40 -10.95
CA VAL G 333 -60.31 11.04 -12.17
C VAL G 333 -60.15 12.55 -12.05
N ASP G 334 -60.47 13.11 -10.89
CA ASP G 334 -60.29 14.53 -10.69
C ASP G 334 -58.82 14.92 -10.90
N ARG G 335 -57.90 14.09 -10.44
CA ARG G 335 -56.49 14.45 -10.55
C ARG G 335 -55.98 14.22 -11.95
N LEU G 336 -56.55 13.27 -12.68
CA LEU G 336 -56.23 13.10 -14.09
C LEU G 336 -56.82 14.21 -14.94
N GLY G 337 -57.89 14.87 -14.48
CA GLY G 337 -58.54 15.88 -15.27
C GLY G 337 -59.33 15.32 -16.43
N SER G 338 -59.52 14.00 -16.48
CA SER G 338 -60.28 13.34 -17.53
C SER G 338 -60.87 12.05 -16.99
N ASP G 339 -62.00 11.65 -17.56
CA ASP G 339 -62.64 10.38 -17.23
C ASP G 339 -62.63 9.40 -18.41
N ARG G 340 -61.81 9.68 -19.42
CA ARG G 340 -61.72 8.87 -20.62
C ARG G 340 -60.56 7.88 -20.61
N MET G 341 -59.73 7.91 -19.57
CA MET G 341 -58.44 7.23 -19.57
C MET G 341 -58.46 5.83 -18.96
N LEU G 342 -59.24 5.62 -17.91
CA LEU G 342 -59.30 4.31 -17.26
C LEU G 342 -60.08 3.30 -18.10
N VAL G 343 -59.53 2.10 -18.28
CA VAL G 343 -60.20 1.03 -19.01
C VAL G 343 -60.16 -0.24 -18.17
N TYR G 344 -61.33 -0.86 -17.98
CA TYR G 344 -61.45 -2.03 -17.13
C TYR G 344 -60.56 -3.18 -17.59
N SER G 345 -59.87 -3.80 -16.63
CA SER G 345 -59.18 -5.07 -16.86
C SER G 345 -59.29 -5.92 -15.60
N SER G 346 -59.22 -7.24 -15.78
CA SER G 346 -59.13 -8.21 -14.68
C SER G 346 -57.70 -8.62 -14.36
N ASP G 347 -56.81 -8.53 -15.36
CA ASP G 347 -55.45 -9.06 -15.30
C ASP G 347 -55.43 -10.54 -15.00
N TYR G 348 -56.45 -11.25 -15.45
CA TYR G 348 -56.49 -12.69 -15.29
C TYR G 348 -55.19 -13.30 -15.81
N PRO G 349 -54.58 -14.27 -15.09
CA PRO G 349 -55.00 -14.90 -13.83
C PRO G 349 -54.35 -14.31 -12.58
N HIS G 350 -53.85 -13.08 -12.65
CA HIS G 350 -53.00 -12.55 -11.59
C HIS G 350 -53.80 -12.16 -10.35
N LYS G 351 -53.28 -12.57 -9.19
CA LYS G 351 -53.83 -12.16 -7.90
C LYS G 351 -53.28 -10.80 -7.52
N HIS G 352 -54.17 -9.82 -7.36
CA HIS G 352 -53.84 -8.52 -6.80
C HIS G 352 -54.57 -8.35 -5.48
N HIS G 353 -54.19 -7.31 -4.73
CA HIS G 353 -54.79 -7.06 -3.42
C HIS G 353 -56.28 -6.73 -3.51
N SER G 354 -56.73 -6.08 -4.59
CA SER G 354 -58.15 -5.88 -4.79
C SER G 354 -58.57 -6.53 -6.10
N GLY G 355 -59.89 -6.74 -6.23
CA GLY G 355 -60.46 -7.46 -7.35
C GLY G 355 -60.83 -6.57 -8.53
N PRO G 356 -61.04 -7.20 -9.68
CA PRO G 356 -61.32 -6.43 -10.90
C PRO G 356 -62.59 -5.59 -10.83
N ARG G 357 -63.55 -5.99 -10.01
CA ARG G 357 -64.77 -5.23 -9.89
C ARG G 357 -64.87 -4.46 -8.58
N ASP G 358 -63.84 -4.51 -7.74
CA ASP G 358 -63.85 -3.70 -6.52
C ASP G 358 -63.74 -2.21 -6.80
N ILE G 359 -63.32 -1.81 -8.00
CA ILE G 359 -63.19 -0.41 -8.38
C ILE G 359 -64.48 0.36 -8.19
N GLU G 360 -65.61 -0.36 -8.09
CA GLU G 360 -66.90 0.27 -7.87
C GLU G 360 -67.04 0.84 -6.47
N ASN G 361 -66.24 0.36 -5.52
CA ASN G 361 -66.28 0.86 -4.14
C ASN G 361 -65.60 2.22 -3.98
N GLY G 362 -64.79 2.64 -4.93
CA GLY G 362 -64.12 3.90 -4.78
C GLY G 362 -64.75 5.05 -5.53
N THR G 363 -66.02 4.94 -5.91
CA THR G 363 -66.71 5.96 -6.69
C THR G 363 -68.17 6.00 -6.28
N HIS G 364 -68.79 7.17 -6.46
N HIS G 364 -68.79 7.18 -6.44
CA HIS G 364 -70.22 7.31 -6.27
CA HIS G 364 -70.22 7.31 -6.27
C HIS G 364 -70.96 7.51 -7.59
C HIS G 364 -70.96 7.47 -7.59
N SER G 365 -70.25 7.60 -8.72
CA SER G 365 -70.86 7.88 -10.01
C SER G 365 -71.06 6.60 -10.80
N PRO G 366 -72.29 6.11 -10.98
CA PRO G 366 -72.51 5.04 -11.96
C PRO G 366 -72.05 5.40 -13.35
N GLU G 367 -72.20 6.68 -13.74
CA GLU G 367 -71.75 7.12 -15.06
C GLU G 367 -70.26 6.85 -15.25
N LEU G 368 -69.42 7.26 -14.28
CA LEU G 368 -67.99 6.99 -14.39
C LEU G 368 -67.74 5.50 -14.63
N LEU G 369 -68.39 4.64 -13.87
CA LEU G 369 -68.17 3.21 -14.00
C LEU G 369 -68.57 2.70 -15.37
N ASP G 370 -69.61 3.29 -15.95
CA ASP G 370 -69.99 2.91 -17.30
C ASP G 370 -68.88 3.27 -18.29
N ARG G 371 -68.25 4.44 -18.11
CA ARG G 371 -67.11 4.81 -18.94
C ARG G 371 -65.99 3.79 -18.83
N ILE G 372 -65.59 3.48 -17.58
CA ILE G 372 -64.49 2.54 -17.34
C ILE G 372 -64.84 1.15 -17.85
N TYR G 373 -66.10 0.74 -17.69
CA TYR G 373 -66.44 -0.65 -18.01
C TYR G 373 -66.62 -0.89 -19.51
N ARG G 374 -67.08 0.10 -20.29
CA ARG G 374 -67.18 -0.23 -21.71
C ARG G 374 -66.86 0.94 -22.64
N ARG G 375 -67.10 2.19 -22.21
CA ARG G 375 -67.05 3.31 -23.14
C ARG G 375 -65.63 3.78 -23.44
N ASN G 376 -64.76 3.80 -22.42
CA ASN G 376 -63.39 4.25 -22.66
C ASN G 376 -62.65 3.31 -23.59
N ALA G 377 -62.83 2.00 -23.41
CA ALA G 377 -62.20 1.02 -24.29
C ALA G 377 -62.79 1.02 -25.69
N PHE G 378 -63.92 1.70 -25.90
CA PHE G 378 -64.42 1.81 -27.26
C PHE G 378 -63.48 2.65 -28.12
N ASP G 379 -62.86 3.67 -27.51
CA ASP G 379 -61.86 4.48 -28.19
C ASP G 379 -60.75 3.63 -28.77
N LEU G 380 -60.37 2.55 -28.07
CA LEU G 380 -59.30 1.66 -28.47
C LEU G 380 -59.74 0.62 -29.49
N TYR G 381 -60.87 -0.05 -29.27
CA TYR G 381 -61.17 -1.27 -30.02
C TYR G 381 -62.41 -1.22 -30.89
N ASN G 382 -63.35 -0.31 -30.63
CA ASN G 382 -64.60 -0.23 -31.37
C ASN G 382 -65.32 -1.58 -31.36
N LEU G 383 -65.55 -2.10 -30.16
CA LEU G 383 -66.14 -3.42 -29.96
C LEU G 383 -67.54 -3.26 -29.36
N VAL G 384 -68.58 -3.71 -30.08
CA VAL G 384 -69.98 -3.61 -29.67
C VAL G 384 -70.51 -4.99 -29.31
N VAL G 385 -71.47 -5.03 -28.39
CA VAL G 385 -72.22 -6.24 -28.07
C VAL G 385 -73.31 -6.49 -29.13
N LEU H 12 -19.74 26.52 18.72
CA LEU H 12 -20.73 27.30 17.96
C LEU H 12 -22.13 27.00 18.53
N PRO H 13 -23.04 27.99 18.46
CA PRO H 13 -24.41 27.74 18.92
C PRO H 13 -25.15 26.77 18.00
N ALA H 14 -25.85 25.83 18.61
CA ALA H 14 -26.78 24.99 17.86
C ALA H 14 -27.78 25.91 17.16
N PRO H 15 -28.23 25.55 15.95
CA PRO H 15 -29.12 26.44 15.22
C PRO H 15 -30.44 26.64 15.95
N SER H 16 -31.01 27.85 15.78
CA SER H 16 -32.22 28.25 16.48
C SER H 16 -33.19 28.86 15.48
N VAL H 17 -34.42 28.34 15.46
CA VAL H 17 -35.43 28.75 14.48
C VAL H 17 -36.69 29.22 15.22
N THR H 18 -37.16 30.42 14.89
CA THR H 18 -38.27 31.06 15.58
C THR H 18 -39.20 31.80 14.60
N THR H 19 -38.96 33.10 14.41
CA THR H 19 -39.81 33.87 13.53
C THR H 19 -39.46 33.70 12.05
N GLY H 20 -38.25 33.26 11.74
CA GLY H 20 -37.83 33.02 10.37
C GLY H 20 -38.19 31.62 9.91
N ILE H 21 -37.62 31.26 8.76
CA ILE H 21 -37.91 29.99 8.11
C ILE H 21 -36.63 29.17 7.97
N VAL H 22 -36.83 27.90 7.60
CA VAL H 22 -35.77 26.95 7.30
C VAL H 22 -35.63 26.88 5.78
N ASP H 23 -34.39 26.90 5.28
CA ASP H 23 -34.09 26.68 3.87
C ASP H 23 -33.20 25.45 3.80
N ALA H 24 -33.76 24.36 3.25
CA ALA H 24 -33.07 23.09 3.21
C ALA H 24 -32.09 22.98 2.04
N ASP H 25 -32.08 23.94 1.12
CA ASP H 25 -31.34 23.75 -0.11
C ASP H 25 -30.80 25.09 -0.61
N ILE H 26 -29.54 25.38 -0.28
CA ILE H 26 -28.83 26.54 -0.82
C ILE H 26 -27.53 26.03 -1.48
N HIS H 27 -27.20 26.60 -2.64
CA HIS H 27 -26.12 26.09 -3.47
C HIS H 27 -24.96 27.08 -3.54
N PRO H 28 -24.02 27.02 -2.60
CA PRO H 28 -22.81 27.83 -2.73
C PRO H 28 -21.84 27.18 -3.71
N VAL H 29 -21.04 28.03 -4.36
CA VAL H 29 -20.02 27.60 -5.30
C VAL H 29 -18.70 28.22 -4.85
N PRO H 30 -17.65 27.44 -4.62
CA PRO H 30 -16.37 28.06 -4.25
C PRO H 30 -15.80 28.86 -5.42
N GLN H 31 -15.38 30.09 -5.13
CA GLN H 31 -14.50 30.96 -5.88
C GLN H 31 -13.51 30.13 -6.69
N ASP H 32 -13.05 30.54 -7.87
CA ASP H 32 -11.91 29.89 -8.49
C ASP H 32 -10.72 29.93 -7.55
N GLY H 33 -10.12 28.76 -7.32
CA GLY H 33 -8.94 28.64 -6.47
C GLY H 33 -9.19 28.65 -4.97
N ALA H 34 -10.43 28.83 -4.52
CA ALA H 34 -10.74 28.96 -3.10
C ALA H 34 -10.51 27.68 -2.30
N LEU H 35 -10.47 26.50 -2.96
CA LEU H 35 -10.23 25.26 -2.24
C LEU H 35 -8.76 24.87 -2.19
N GLU H 36 -7.93 25.49 -3.03
CA GLU H 36 -6.53 25.09 -3.11
C GLU H 36 -5.75 25.23 -1.82
N PRO H 37 -6.06 26.15 -0.89
CA PRO H 37 -5.43 26.07 0.45
C PRO H 37 -5.70 24.76 1.16
N TYR H 38 -6.70 24.00 0.71
CA TYR H 38 -7.21 22.88 1.48
C TYR H 38 -6.89 21.52 0.90
N LEU H 39 -6.13 21.47 -0.20
CA LEU H 39 -5.83 20.26 -0.94
C LEU H 39 -4.34 20.02 -0.93
N ASP H 40 -3.93 18.76 -0.76
CA ASP H 40 -2.52 18.42 -0.98
C ASP H 40 -2.06 18.88 -2.36
N ASP H 41 -0.73 19.07 -2.52
CA ASP H 41 -0.18 19.40 -3.82
C ASP H 41 -0.62 18.41 -4.89
N ARG H 42 -0.54 17.11 -4.58
CA ARG H 42 -0.76 16.07 -5.58
C ARG H 42 -2.16 16.15 -6.19
N TRP H 43 -3.13 16.69 -5.46
CA TRP H 43 -4.46 16.82 -6.02
C TRP H 43 -4.57 18.04 -6.93
N LYS H 44 -3.83 19.11 -6.61
CA LYS H 44 -3.83 20.27 -7.48
C LYS H 44 -3.14 19.95 -8.80
N LYS H 45 -2.04 19.19 -8.75
CA LYS H 45 -1.35 18.78 -9.98
C LYS H 45 -2.23 17.85 -10.81
N HIS H 46 -2.87 16.86 -10.17
CA HIS H 46 -3.74 15.95 -10.89
C HIS H 46 -4.86 16.69 -11.63
N ILE H 47 -5.51 17.65 -10.95
CA ILE H 47 -6.60 18.43 -11.52
C ILE H 47 -6.11 19.32 -12.66
N ARG H 48 -4.92 19.90 -12.54
CA ARG H 48 -4.32 20.61 -13.70
C ARG H 48 -4.11 19.67 -14.87
N GLU H 49 -3.71 18.42 -14.59
CA GLU H 49 -3.33 17.55 -15.68
C GLU H 49 -4.52 16.81 -16.27
N TYR H 50 -5.48 16.39 -15.44
CA TYR H 50 -6.55 15.51 -15.86
C TYR H 50 -7.96 16.07 -15.69
N GLY H 51 -8.14 17.19 -14.98
CA GLY H 51 -9.48 17.61 -14.59
C GLY H 51 -10.07 16.63 -13.58
N VAL H 52 -11.40 16.65 -13.47
CA VAL H 52 -12.11 15.78 -12.54
C VAL H 52 -12.97 14.81 -13.34
N ARG H 53 -12.35 13.74 -13.83
CA ARG H 53 -13.04 12.75 -14.65
C ARG H 53 -14.18 12.10 -13.88
N THR H 54 -15.30 11.89 -14.56
CA THR H 54 -16.50 11.31 -13.95
C THR H 54 -17.12 10.41 -15.00
N THR H 55 -18.35 9.99 -14.76
CA THR H 55 -19.02 9.03 -15.64
C THR H 55 -19.56 9.66 -16.92
N THR H 56 -18.69 10.33 -17.69
CA THR H 56 -18.97 10.84 -19.02
C THR H 56 -17.71 10.72 -19.87
N GLY H 57 -17.83 11.07 -21.14
CA GLY H 57 -16.65 11.17 -21.98
C GLY H 57 -16.28 12.60 -22.29
N LEU H 58 -16.62 13.52 -21.38
CA LEU H 58 -16.48 14.96 -21.58
C LEU H 58 -15.45 15.54 -20.63
N GLN H 59 -14.64 16.47 -21.14
CA GLN H 59 -13.59 17.08 -20.34
C GLN H 59 -14.17 17.96 -19.24
N PHE H 60 -15.10 18.86 -19.59
CA PHE H 60 -15.55 19.84 -18.61
C PHE H 60 -16.97 19.67 -18.15
N ILE H 61 -17.93 19.39 -19.04
CA ILE H 61 -19.33 19.51 -18.64
C ILE H 61 -19.89 18.16 -18.23
N SER H 62 -21.14 18.17 -17.77
CA SER H 62 -21.90 16.97 -17.49
C SER H 62 -22.68 16.55 -18.74
N GLU H 63 -23.13 15.30 -18.73
CA GLU H 63 -23.73 14.70 -19.91
C GLU H 63 -25.00 15.43 -20.35
N TYR H 64 -25.66 16.16 -19.44
CA TYR H 64 -26.83 17.01 -19.72
C TYR H 64 -26.50 18.41 -19.24
N PRO H 65 -25.82 19.22 -20.07
CA PRO H 65 -25.46 20.57 -19.62
C PRO H 65 -26.68 21.47 -19.54
N GLN H 66 -26.58 22.49 -18.71
CA GLN H 66 -27.73 23.34 -18.40
C GLN H 66 -28.15 24.15 -19.63
N MET H 67 -29.47 24.36 -19.76
CA MET H 67 -30.07 24.81 -21.02
C MET H 67 -30.09 26.32 -21.21
N TYR H 68 -30.64 27.08 -20.25
CA TYR H 68 -30.80 28.52 -20.40
C TYR H 68 -30.02 29.25 -19.31
N GLY H 69 -28.97 29.96 -19.73
CA GLY H 69 -28.13 30.74 -18.86
C GLY H 69 -27.58 29.97 -17.68
N GLY H 70 -27.05 28.77 -17.94
CA GLY H 70 -26.51 27.94 -16.88
C GLY H 70 -27.55 27.44 -15.89
N ALA H 71 -28.83 27.59 -16.26
CA ALA H 71 -29.95 27.27 -15.38
C ALA H 71 -29.91 28.08 -14.09
N MET H 72 -29.41 29.31 -14.19
CA MET H 72 -29.39 30.17 -13.02
C MET H 72 -30.36 31.33 -13.18
N ARG H 73 -30.68 31.93 -12.03
CA ARG H 73 -31.45 33.15 -12.03
C ARG H 73 -30.63 34.27 -12.69
N ALA H 74 -31.24 34.95 -13.67
CA ALA H 74 -30.54 36.00 -14.40
C ALA H 74 -29.97 37.07 -13.47
N ASP H 75 -30.65 37.32 -12.35
CA ASP H 75 -30.31 38.41 -11.45
C ASP H 75 -29.37 38.00 -10.31
N ALA H 76 -28.78 36.82 -10.42
CA ALA H 76 -27.86 36.39 -9.38
C ALA H 76 -26.40 36.34 -9.78
N TRP H 77 -26.06 36.86 -10.95
CA TRP H 77 -24.69 36.91 -11.35
C TRP H 77 -24.19 38.20 -10.70
N PRO H 78 -23.08 38.14 -9.96
CA PRO H 78 -22.43 39.11 -9.07
C PRO H 78 -21.24 40.05 -9.40
N GLU H 79 -20.96 40.40 -10.64
CA GLU H 79 -19.81 41.20 -11.16
C GLU H 79 -18.61 40.32 -11.41
N SER H 80 -18.28 39.43 -10.52
CA SER H 80 -17.22 38.49 -10.84
C SER H 80 -17.43 37.17 -10.16
N GLY H 81 -17.94 36.22 -10.90
CA GLY H 81 -18.13 34.92 -10.33
C GLY H 81 -19.39 34.25 -10.75
N TYR H 82 -19.50 32.99 -10.37
CA TYR H 82 -20.68 32.20 -10.62
C TYR H 82 -21.76 32.54 -9.59
N PRO H 83 -23.03 32.47 -9.97
CA PRO H 83 -24.10 32.55 -8.98
C PRO H 83 -23.83 31.60 -7.82
N GLY H 84 -24.00 32.11 -6.60
CA GLY H 84 -23.63 31.35 -5.43
C GLY H 84 -22.18 31.44 -5.03
N SER H 85 -21.40 32.33 -5.64
CA SER H 85 -19.98 32.47 -5.32
C SER H 85 -19.66 33.74 -4.53
N ASP H 86 -20.67 34.55 -4.19
CA ASP H 86 -20.46 35.78 -3.42
C ASP H 86 -21.16 35.64 -2.09
N ARG H 87 -20.37 35.66 -1.01
CA ARG H 87 -20.89 35.46 0.34
C ARG H 87 -21.79 36.61 0.77
N GLU H 88 -21.37 37.84 0.49
CA GLU H 88 -22.20 38.98 0.86
C GLU H 88 -23.50 38.99 0.08
N LEU H 89 -23.44 38.67 -1.23
CA LEU H 89 -24.63 38.71 -2.06
C LEU H 89 -25.64 37.66 -1.63
N LEU H 90 -25.17 36.47 -1.24
CA LEU H 90 -26.08 35.45 -0.75
C LEU H 90 -26.70 35.86 0.58
N ARG H 91 -25.97 36.66 1.37
CA ARG H 91 -26.50 37.13 2.65
C ARG H 91 -27.72 38.03 2.46
N THR H 92 -27.74 38.84 1.41
CA THR H 92 -28.77 39.88 1.28
C THR H 92 -29.89 39.50 0.31
N GLN H 93 -29.57 38.82 -0.79
CA GLN H 93 -30.56 38.44 -1.79
C GLN H 93 -31.34 37.19 -1.40
N LEU H 94 -31.01 36.58 -0.26
CA LEU H 94 -31.70 35.35 0.15
C LEU H 94 -31.95 35.35 1.65
N LEU H 95 -30.88 35.29 2.45
CA LEU H 95 -31.02 35.14 3.89
C LEU H 95 -31.81 36.31 4.48
N ASP H 96 -31.29 37.53 4.35
CA ASP H 96 -31.99 38.69 4.89
C ASP H 96 -33.34 38.88 4.21
N LYS H 97 -33.35 38.83 2.88
CA LYS H 97 -34.59 39.19 2.19
C LYS H 97 -35.71 38.20 2.49
N HIS H 98 -35.43 36.93 2.77
CA HIS H 98 -36.46 35.95 3.10
C HIS H 98 -36.36 35.44 4.54
N ASN H 99 -35.72 36.19 5.43
CA ASN H 99 -35.44 35.82 6.83
C ASN H 99 -35.30 34.32 7.07
N ILE H 100 -34.26 33.72 6.50
CA ILE H 100 -33.92 32.34 6.75
C ILE H 100 -33.07 32.29 8.00
N GLN H 101 -33.51 31.51 8.99
CA GLN H 101 -32.73 31.31 10.20
C GLN H 101 -32.00 29.97 10.19
N LEU H 102 -32.34 29.07 9.26
CA LEU H 102 -31.56 27.86 9.00
C LEU H 102 -31.52 27.63 7.49
N GLY H 103 -30.40 28.01 6.88
CA GLY H 103 -30.18 27.73 5.48
C GLY H 103 -29.10 26.67 5.32
N VAL H 104 -29.44 25.57 4.64
CA VAL H 104 -28.54 24.41 4.57
C VAL H 104 -27.76 24.50 3.29
N LEU H 105 -26.44 24.60 3.41
CA LEU H 105 -25.61 24.60 2.22
C LEU H 105 -25.41 23.17 1.74
N GLN H 106 -25.68 22.99 0.45
CA GLN H 106 -25.47 21.73 -0.26
C GLN H 106 -24.55 22.07 -1.42
N CYS H 107 -23.24 21.88 -1.21
CA CYS H 107 -22.25 22.29 -2.19
C CYS H 107 -22.10 21.22 -3.28
N LEU H 108 -22.41 21.60 -4.53
CA LEU H 108 -22.60 20.65 -5.63
C LEU H 108 -21.49 20.67 -6.67
N ALA H 109 -20.44 21.43 -6.45
CA ALA H 109 -19.41 21.59 -7.44
C ALA H 109 -18.22 22.13 -6.71
N PRO H 110 -17.01 21.68 -7.04
CA PRO H 110 -15.81 22.39 -6.55
C PRO H 110 -15.66 23.78 -7.14
N GLY H 111 -16.33 24.07 -8.24
CA GLY H 111 -16.25 25.38 -8.84
C GLY H 111 -15.06 25.48 -9.79
N GLY H 112 -14.73 26.72 -10.13
CA GLY H 112 -13.67 26.94 -11.10
C GLY H 112 -14.07 26.32 -12.43
N GLN H 113 -13.26 25.40 -12.92
CA GLN H 113 -13.52 24.73 -14.20
C GLN H 113 -14.34 23.46 -14.06
N THR H 114 -14.33 22.83 -12.88
CA THR H 114 -15.00 21.55 -12.67
C THR H 114 -16.44 21.78 -12.21
N LEU H 115 -17.40 21.54 -13.10
CA LEU H 115 -18.77 21.32 -12.69
C LEU H 115 -18.85 19.95 -12.04
N ASN H 116 -20.07 19.50 -11.72
CA ASN H 116 -20.37 18.13 -11.26
C ASN H 116 -19.94 17.88 -9.82
N PRO H 117 -20.71 17.09 -9.08
CA PRO H 117 -20.40 16.84 -7.67
C PRO H 117 -19.04 16.20 -7.45
N ALA H 118 -18.39 16.60 -6.35
CA ALA H 118 -17.08 16.06 -5.98
C ALA H 118 -17.14 14.56 -5.73
N GLY H 119 -18.20 14.09 -5.06
CA GLY H 119 -18.33 12.68 -4.76
C GLY H 119 -18.35 11.76 -5.98
N GLN H 120 -18.61 12.29 -7.17
CA GLN H 120 -18.79 11.46 -8.37
C GLN H 120 -17.55 11.41 -9.27
N ALA H 121 -16.42 11.95 -8.81
CA ALA H 121 -15.15 11.76 -9.50
C ALA H 121 -14.82 10.29 -9.55
N LEU H 122 -14.50 9.78 -10.74
CA LEU H 122 -14.15 8.36 -10.89
C LEU H 122 -12.96 7.99 -10.02
N ASN H 123 -11.95 8.84 -9.94
CA ASN H 123 -10.89 8.66 -8.95
C ASN H 123 -11.48 9.02 -7.61
N GLN H 124 -11.78 8.00 -6.78
CA GLN H 124 -12.42 8.24 -5.50
C GLN H 124 -11.47 8.75 -4.42
N GLU H 125 -10.16 8.66 -4.63
CA GLU H 125 -9.25 9.37 -3.72
C GLU H 125 -9.33 10.87 -3.97
N LEU H 126 -9.33 11.30 -5.25
CA LEU H 126 -9.50 12.71 -5.53
C LEU H 126 -10.88 13.17 -5.05
N ALA H 127 -11.90 12.35 -5.28
CA ALA H 127 -13.25 12.67 -4.82
C ALA H 127 -13.27 13.01 -3.33
N ALA H 128 -12.60 12.19 -2.52
CA ALA H 128 -12.60 12.39 -1.08
C ALA H 128 -11.90 13.69 -0.70
N ALA H 129 -10.75 13.97 -1.33
CA ALA H 129 -10.05 15.22 -1.11
C ALA H 129 -10.93 16.44 -1.46
N LEU H 130 -11.61 16.38 -2.60
CA LEU H 130 -12.47 17.50 -2.99
C LEU H 130 -13.62 17.66 -2.00
N CYS H 131 -14.19 16.56 -1.51
CA CYS H 131 -15.20 16.67 -0.47
C CYS H 131 -14.63 17.32 0.78
N ARG H 132 -13.49 16.81 1.24
CA ARG H 132 -12.92 17.33 2.48
C ARG H 132 -12.60 18.82 2.36
N ALA H 133 -11.95 19.22 1.26
CA ALA H 133 -11.67 20.63 1.06
C ALA H 133 -12.96 21.42 1.02
N THR H 134 -13.94 20.93 0.25
CA THR H 134 -15.27 21.52 0.27
C THR H 134 -15.76 21.76 1.69
N ASN H 135 -15.58 20.77 2.57
CA ASN H 135 -16.15 20.86 3.91
C ASN H 135 -15.43 21.91 4.76
N ASP H 136 -14.10 21.89 4.74
CA ASP H 136 -13.32 22.94 5.42
C ASP H 136 -13.65 24.31 4.89
N TRP H 137 -13.69 24.45 3.57
CA TRP H 137 -13.97 25.73 2.95
C TRP H 137 -15.28 26.32 3.48
N GLN H 138 -16.38 25.62 3.23
CA GLN H 138 -17.68 26.17 3.55
C GLN H 138 -17.82 26.46 5.04
N LEU H 139 -17.13 25.72 5.89
CA LEU H 139 -17.31 25.97 7.32
C LEU H 139 -16.64 27.26 7.74
N GLU H 140 -15.51 27.59 7.11
CA GLU H 140 -14.71 28.77 7.43
C GLU H 140 -15.16 29.99 6.64
N HIS H 141 -15.40 29.85 5.35
CA HIS H 141 -15.82 30.97 4.53
C HIS H 141 -17.28 31.33 4.76
N LEU H 142 -18.11 30.35 5.12
CA LEU H 142 -19.57 30.55 5.15
C LEU H 142 -20.14 30.36 6.54
N VAL H 143 -20.13 29.15 7.09
CA VAL H 143 -20.94 28.81 8.25
C VAL H 143 -20.55 29.70 9.43
N TYR H 144 -19.34 29.50 9.95
CA TYR H 144 -18.91 30.27 11.11
C TYR H 144 -19.04 31.78 10.91
N PRO H 145 -18.72 32.37 9.76
CA PRO H 145 -18.98 33.81 9.60
C PRO H 145 -20.46 34.21 9.66
N ASP H 146 -21.39 33.27 9.50
CA ASP H 146 -22.82 33.58 9.53
C ASP H 146 -23.60 32.31 9.84
N PRO H 147 -23.60 31.83 11.09
CA PRO H 147 -24.18 30.51 11.36
C PRO H 147 -25.69 30.38 11.19
N ARG H 148 -26.34 31.34 10.51
CA ARG H 148 -27.65 31.05 9.93
C ARG H 148 -27.54 29.95 8.87
N MET H 149 -26.41 29.90 8.18
CA MET H 149 -26.11 28.82 7.24
C MET H 149 -25.45 27.68 8.00
N ARG H 150 -25.89 26.47 7.71
CA ARG H 150 -25.23 25.28 8.21
C ARG H 150 -24.96 24.36 7.02
N ALA H 151 -23.97 23.49 7.18
CA ALA H 151 -23.39 22.74 6.08
C ALA H 151 -23.87 21.29 6.09
N ALA H 152 -24.49 20.86 4.96
CA ALA H 152 -24.67 19.45 4.66
C ALA H 152 -23.43 18.97 3.91
N ILE H 153 -22.65 18.11 4.54
CA ILE H 153 -21.28 17.85 4.14
C ILE H 153 -21.29 16.78 3.06
N PRO H 154 -20.86 17.09 1.84
CA PRO H 154 -20.76 16.05 0.81
C PRO H 154 -19.76 14.98 1.24
N VAL H 155 -20.04 13.74 0.86
CA VAL H 155 -19.13 12.63 1.07
C VAL H 155 -19.19 11.72 -0.14
N THR H 156 -18.25 10.78 -0.22
CA THR H 156 -18.16 9.84 -1.33
C THR H 156 -18.96 8.60 -0.96
N PHE H 157 -20.25 8.62 -1.31
CA PHE H 157 -21.10 7.50 -0.96
C PHE H 157 -20.68 6.21 -1.66
N GLU H 158 -20.01 6.29 -2.83
CA GLU H 158 -19.57 5.07 -3.53
C GLU H 158 -18.29 4.47 -2.97
N THR H 159 -17.62 5.13 -2.02
CA THR H 159 -16.50 4.58 -1.25
C THR H 159 -16.76 4.80 0.23
N PRO H 160 -17.45 3.85 0.89
CA PRO H 160 -17.90 4.11 2.27
C PRO H 160 -16.79 4.36 3.28
N ASP H 161 -15.62 3.74 3.12
CA ASP H 161 -14.50 4.01 4.01
C ASP H 161 -14.18 5.50 4.09
N TYR H 162 -13.98 6.12 2.91
CA TYR H 162 -13.61 7.53 2.89
C TYR H 162 -14.72 8.38 3.46
N ALA H 163 -15.96 7.96 3.28
CA ALA H 163 -17.09 8.73 3.78
C ALA H 163 -17.20 8.61 5.29
N VAL H 164 -17.00 7.39 5.83
CA VAL H 164 -17.00 7.22 7.27
C VAL H 164 -15.92 8.09 7.90
N ALA H 165 -14.71 8.02 7.35
CA ALA H 165 -13.61 8.86 7.81
C ALA H 165 -14.01 10.33 7.86
N GLU H 166 -14.58 10.86 6.77
CA GLU H 166 -14.92 12.27 6.75
C GLU H 166 -16.04 12.59 7.73
N ILE H 167 -17.07 11.74 7.79
CA ILE H 167 -18.11 11.91 8.81
C ILE H 167 -17.49 11.82 10.21
N GLU H 168 -16.54 10.92 10.41
CA GLU H 168 -15.80 10.93 11.65
C GLU H 168 -14.97 12.19 11.82
N ARG H 169 -14.62 12.88 10.73
CA ARG H 169 -13.69 14.00 10.85
C ARG H 169 -14.40 15.30 11.20
N VAL H 170 -15.44 15.67 10.45
CA VAL H 170 -16.17 16.89 10.75
C VAL H 170 -17.64 16.61 11.10
N GLY H 171 -17.98 15.40 11.54
CA GLY H 171 -19.38 15.12 11.79
C GLY H 171 -19.93 15.88 12.97
N ALA H 172 -19.13 16.04 14.04
CA ALA H 172 -19.56 16.60 15.31
C ALA H 172 -19.62 18.12 15.31
N ASP H 173 -19.14 18.75 14.26
CA ASP H 173 -19.00 20.19 14.24
C ASP H 173 -20.38 20.85 14.23
N PRO H 174 -20.70 21.72 15.18
CA PRO H 174 -22.01 22.38 15.16
C PRO H 174 -22.30 23.14 13.88
N GLY H 175 -21.31 23.36 13.01
CA GLY H 175 -21.58 23.92 11.70
C GLY H 175 -22.28 22.96 10.75
N VAL H 176 -22.26 21.66 11.06
CA VAL H 176 -22.80 20.61 10.19
C VAL H 176 -24.16 20.20 10.72
N VAL H 177 -25.14 20.09 9.81
CA VAL H 177 -26.47 19.61 10.15
C VAL H 177 -26.88 18.36 9.37
N ALA H 178 -26.13 17.97 8.33
CA ALA H 178 -26.54 16.85 7.50
C ALA H 178 -25.31 16.25 6.82
N VAL H 179 -25.49 15.03 6.29
CA VAL H 179 -24.56 14.41 5.35
C VAL H 179 -25.18 14.49 3.96
N LEU H 180 -24.36 14.77 2.96
CA LEU H 180 -24.85 15.12 1.62
C LEU H 180 -24.45 14.03 0.65
N GLY H 181 -25.44 13.31 0.11
CA GLY H 181 -25.26 12.42 -1.01
C GLY H 181 -26.05 12.88 -2.22
N THR H 182 -26.00 12.07 -3.28
CA THR H 182 -26.65 12.32 -4.56
C THR H 182 -27.85 11.41 -4.76
N SER H 183 -28.65 11.75 -5.75
CA SER H 183 -29.86 10.99 -6.02
C SER H 183 -29.56 9.76 -6.85
N LYS H 184 -28.54 9.82 -7.71
CA LYS H 184 -28.15 8.69 -8.52
C LYS H 184 -26.98 7.98 -7.87
N THR H 185 -27.07 6.64 -7.83
CA THR H 185 -26.02 5.82 -7.26
C THR H 185 -25.80 4.59 -8.13
N LEU H 186 -24.70 3.88 -7.86
CA LEU H 186 -24.39 2.67 -8.60
C LEU H 186 -25.27 1.52 -8.18
N GLU H 187 -25.69 1.49 -6.93
CA GLU H 187 -26.67 0.56 -6.40
C GLU H 187 -27.71 1.38 -5.68
N PRO H 188 -28.92 0.87 -5.52
CA PRO H 188 -29.92 1.63 -4.78
C PRO H 188 -29.53 1.77 -3.32
N LEU H 189 -29.92 2.90 -2.72
CA LEU H 189 -29.38 3.33 -1.44
C LEU H 189 -29.80 2.46 -0.27
N GLY H 190 -30.77 1.55 -0.44
CA GLY H 190 -31.07 0.57 0.58
C GLY H 190 -30.03 -0.54 0.67
N SER H 191 -29.11 -0.58 -0.30
CA SER H 191 -28.07 -1.60 -0.39
C SER H 191 -27.08 -1.51 0.76
N ARG H 192 -26.66 -2.68 1.24
CA ARG H 192 -25.76 -2.78 2.38
C ARG H 192 -24.44 -2.06 2.16
N LYS H 193 -24.07 -1.79 0.91
CA LYS H 193 -22.83 -1.07 0.66
C LYS H 193 -22.80 0.23 1.43
N TYR H 194 -23.96 0.87 1.58
CA TYR H 194 -24.07 2.22 2.15
C TYR H 194 -24.35 2.22 3.64
N TRP H 195 -24.70 1.07 4.22
CA TRP H 195 -24.98 1.01 5.66
C TRP H 195 -23.85 1.55 6.52
N PRO H 196 -22.56 1.32 6.26
CA PRO H 196 -21.54 1.96 7.10
C PRO H 196 -21.69 3.46 7.19
N ILE H 197 -22.17 4.10 6.13
CA ILE H 197 -22.34 5.55 6.18
C ILE H 197 -23.55 5.91 7.05
N TYR H 198 -24.63 5.15 6.94
CA TYR H 198 -25.77 5.37 7.82
C TYR H 198 -25.39 5.11 9.26
N GLU H 199 -24.55 4.11 9.51
CA GLU H 199 -24.07 3.91 10.87
C GLU H 199 -23.30 5.13 11.34
N ALA H 200 -22.30 5.55 10.56
CA ALA H 200 -21.49 6.68 10.98
C ALA H 200 -22.33 7.94 11.14
N SER H 201 -23.28 8.19 10.24
CA SER H 201 -24.12 9.39 10.35
C SER H 201 -24.91 9.36 11.66
N VAL H 202 -25.56 8.23 11.93
CA VAL H 202 -26.33 8.08 13.17
C VAL H 202 -25.43 8.21 14.39
N ALA H 203 -24.23 7.64 14.35
CA ALA H 203 -23.32 7.81 15.49
C ALA H 203 -23.04 9.29 15.78
N GLN H 204 -23.14 10.15 14.76
CA GLN H 204 -22.97 11.58 14.94
C GLN H 204 -24.29 12.32 15.02
N ASN H 205 -25.39 11.60 15.25
CA ASN H 205 -26.72 12.18 15.30
C ASN H 205 -26.94 13.12 14.11
N LEU H 206 -26.54 12.64 12.92
CA LEU H 206 -26.65 13.41 11.70
C LEU H 206 -27.72 12.84 10.79
N PRO H 207 -28.63 13.65 10.27
CA PRO H 207 -29.51 13.20 9.19
C PRO H 207 -28.79 13.29 7.85
N ILE H 208 -29.41 12.70 6.84
CA ILE H 208 -28.82 12.59 5.51
C ILE H 208 -29.75 13.26 4.50
N GLN H 209 -29.15 14.00 3.57
CA GLN H 209 -29.87 14.60 2.47
C GLN H 209 -29.29 14.06 1.17
N PHE H 210 -30.16 13.77 0.21
CA PHE H 210 -29.78 13.31 -1.12
C PHE H 210 -30.29 14.31 -2.14
N HIS H 211 -29.40 15.04 -2.77
CA HIS H 211 -29.79 16.04 -3.75
C HIS H 211 -29.87 15.45 -5.16
N LEU H 212 -30.74 16.04 -5.98
CA LEU H 212 -30.84 15.70 -7.39
C LEU H 212 -29.47 15.73 -8.05
N SER H 213 -29.17 14.73 -8.88
CA SER H 213 -27.88 14.63 -9.52
C SER H 213 -28.02 13.97 -10.87
N GLN H 214 -27.00 14.19 -11.72
CA GLN H 214 -26.77 13.32 -12.86
C GLN H 214 -25.83 12.22 -12.40
N GLY H 215 -25.02 11.66 -13.31
CA GLY H 215 -24.05 10.59 -13.00
C GLY H 215 -24.66 9.37 -12.33
N GLY H 216 -23.89 8.78 -11.40
CA GLY H 216 -24.25 7.57 -10.67
C GLY H 216 -23.77 6.26 -11.27
N GLY H 217 -23.54 6.21 -12.58
CA GLY H 217 -23.07 5.00 -13.23
C GLY H 217 -24.07 4.34 -14.18
N HIS H 218 -25.35 4.69 -14.11
CA HIS H 218 -26.36 4.19 -15.02
C HIS H 218 -27.00 5.35 -15.79
N ALA H 219 -27.80 5.00 -16.79
CA ALA H 219 -28.55 6.00 -17.55
C ALA H 219 -29.54 6.72 -16.63
N ASN H 220 -30.06 7.86 -17.08
CA ASN H 220 -30.82 8.70 -16.16
C ASN H 220 -32.27 8.27 -15.98
N THR H 221 -32.73 7.31 -16.78
CA THR H 221 -33.93 6.54 -16.49
C THR H 221 -33.56 5.06 -16.51
N GLY H 222 -34.50 4.22 -16.05
CA GLY H 222 -34.35 2.77 -16.05
C GLY H 222 -34.56 2.09 -17.38
N THR H 223 -34.59 2.86 -18.48
CA THR H 223 -35.00 2.34 -19.77
C THR H 223 -34.39 3.21 -20.88
N GLY H 224 -33.42 4.03 -20.54
CA GLY H 224 -32.53 4.63 -21.52
C GLY H 224 -32.25 6.08 -21.22
N TRP H 225 -31.24 6.61 -21.90
CA TRP H 225 -30.89 8.02 -21.79
C TRP H 225 -31.91 8.90 -22.48
N THR H 226 -32.38 9.93 -21.78
CA THR H 226 -33.34 10.89 -22.32
C THR H 226 -32.74 11.69 -23.47
N SER H 227 -33.62 12.26 -24.28
CA SER H 227 -33.23 13.04 -25.45
C SER H 227 -33.32 14.53 -25.16
N TYR H 228 -34.49 15.00 -24.78
CA TYR H 228 -34.77 16.43 -24.71
C TYR H 228 -34.81 16.91 -23.26
N HIS H 229 -34.83 18.24 -23.12
CA HIS H 229 -34.62 18.64 -21.74
C HIS H 229 -35.91 18.56 -20.94
N THR H 230 -37.09 18.48 -21.55
CA THR H 230 -38.25 18.06 -20.79
C THR H 230 -38.00 16.70 -20.14
N GLU H 231 -37.63 15.69 -20.95
CA GLU H 231 -37.32 14.36 -20.43
C GLU H 231 -36.26 14.41 -19.34
N TYR H 232 -35.18 15.16 -19.58
CA TYR H 232 -34.09 15.20 -18.62
C TYR H 232 -34.54 15.75 -17.27
N HIS H 233 -35.15 16.94 -17.26
CA HIS H 233 -35.46 17.57 -15.99
C HIS H 233 -36.67 16.91 -15.33
N THR H 234 -37.63 16.43 -16.12
CA THR H 234 -38.75 15.70 -15.52
C THR H 234 -38.30 14.35 -14.99
N GLY H 235 -37.31 13.74 -15.63
CA GLY H 235 -36.88 12.41 -15.25
C GLY H 235 -36.16 12.34 -13.91
N HIS H 236 -35.81 13.48 -13.31
CA HIS H 236 -35.12 13.44 -12.02
C HIS H 236 -35.97 12.78 -10.93
N VAL H 237 -37.30 12.94 -10.97
CA VAL H 237 -38.13 12.34 -9.94
C VAL H 237 -38.01 10.82 -9.98
N GLN H 238 -37.68 10.26 -11.15
CA GLN H 238 -37.55 8.81 -11.28
C GLN H 238 -36.48 8.25 -10.36
N SER H 239 -35.32 8.92 -10.27
CA SER H 239 -34.26 8.47 -9.38
C SER H 239 -34.75 8.38 -7.96
N PHE H 240 -35.42 9.45 -7.50
CA PHE H 240 -35.90 9.52 -6.13
C PHE H 240 -36.94 8.44 -5.84
N GLN H 241 -37.75 8.07 -6.85
CA GLN H 241 -38.74 7.02 -6.64
C GLN H 241 -38.06 5.68 -6.40
N SER H 242 -37.13 5.31 -7.29
CA SER H 242 -36.35 4.10 -7.10
C SER H 242 -35.66 4.10 -5.73
N GLN H 243 -35.08 5.24 -5.33
CA GLN H 243 -34.34 5.30 -4.07
C GLN H 243 -35.26 5.14 -2.86
N LEU H 244 -36.42 5.79 -2.88
CA LEU H 244 -37.37 5.57 -1.81
C LEU H 244 -37.71 4.10 -1.69
N LEU H 245 -38.06 3.46 -2.82
CA LEU H 245 -38.47 2.06 -2.80
C LEU H 245 -37.40 1.16 -2.19
N SER H 246 -36.13 1.43 -2.48
CA SER H 246 -35.04 0.63 -1.95
C SER H 246 -34.80 0.92 -0.48
N LEU H 247 -34.78 2.21 -0.12
CA LEU H 247 -34.47 2.56 1.26
C LEU H 247 -35.49 1.93 2.20
N VAL H 248 -36.76 1.99 1.83
CA VAL H 248 -37.81 1.46 2.71
C VAL H 248 -37.79 -0.06 2.73
N LEU H 249 -37.73 -0.68 1.55
CA LEU H 249 -38.00 -2.10 1.46
C LEU H 249 -36.76 -2.95 1.73
N SER H 250 -35.56 -2.38 1.62
CA SER H 250 -34.34 -3.03 2.05
C SER H 250 -34.30 -3.29 3.54
N GLY H 251 -35.19 -2.69 4.32
CA GLY H 251 -35.10 -2.76 5.75
C GLY H 251 -34.11 -1.80 6.36
N THR H 252 -33.55 -0.89 5.56
CA THR H 252 -32.54 0.03 6.07
C THR H 252 -32.99 0.70 7.35
N PHE H 253 -34.26 1.16 7.38
CA PHE H 253 -34.80 1.85 8.53
C PHE H 253 -35.15 0.90 9.68
N ASP H 254 -35.30 -0.39 9.41
CA ASP H 254 -35.30 -1.37 10.50
C ASP H 254 -33.91 -1.48 11.11
N ARG H 255 -32.87 -1.49 10.27
CA ARG H 255 -31.52 -1.64 10.78
C ARG H 255 -31.04 -0.38 11.50
N PHE H 256 -31.49 0.80 11.03
CA PHE H 256 -31.14 2.09 11.63
C PHE H 256 -32.45 2.79 12.01
N PRO H 257 -33.04 2.40 13.14
CA PRO H 257 -34.35 2.93 13.52
C PRO H 257 -34.35 4.42 13.83
N THR H 258 -33.19 5.07 13.93
CA THR H 258 -33.12 6.51 14.13
C THR H 258 -32.61 7.25 12.89
N LEU H 259 -32.46 6.57 11.76
CA LEU H 259 -31.96 7.22 10.56
C LEU H 259 -33.04 8.11 9.92
N LYS H 260 -32.66 9.36 9.60
CA LYS H 260 -33.52 10.32 8.92
C LYS H 260 -32.91 10.72 7.58
N VAL H 261 -33.70 10.61 6.52
CA VAL H 261 -33.26 10.90 5.16
CA VAL H 261 -33.28 10.87 5.15
C VAL H 261 -34.26 11.84 4.49
N MET H 262 -33.75 12.75 3.66
CA MET H 262 -34.56 13.76 2.97
C MET H 262 -34.24 13.77 1.49
N PHE H 263 -35.28 13.77 0.67
CA PHE H 263 -35.12 13.79 -0.78
C PHE H 263 -35.23 15.24 -1.23
N VAL H 264 -34.07 15.85 -1.54
CA VAL H 264 -33.95 17.26 -1.85
C VAL H 264 -34.02 17.42 -3.36
N GLU H 265 -35.06 18.13 -3.82
CA GLU H 265 -35.27 18.49 -5.23
C GLU H 265 -35.75 17.30 -6.07
N GLY H 266 -36.49 16.39 -5.48
CA GLY H 266 -37.20 15.39 -6.25
C GLY H 266 -38.68 15.59 -6.34
N ASN H 267 -39.20 16.77 -5.96
CA ASN H 267 -40.63 17.03 -5.80
C ASN H 267 -41.17 16.17 -4.66
N VAL H 268 -42.48 16.27 -4.39
CA VAL H 268 -43.05 15.63 -3.21
C VAL H 268 -44.31 14.86 -3.58
N ALA H 269 -45.14 15.44 -4.43
CA ALA H 269 -46.46 14.87 -4.66
C ALA H 269 -46.39 13.44 -5.14
N HIS H 270 -45.51 13.17 -6.11
CA HIS H 270 -45.44 11.84 -6.72
C HIS H 270 -45.14 10.77 -5.70
N PHE H 271 -44.44 11.13 -4.61
CA PHE H 271 -44.13 10.15 -3.58
C PHE H 271 -45.40 9.50 -3.04
N ALA H 272 -46.50 10.26 -2.92
CA ALA H 272 -47.69 9.71 -2.28
C ALA H 272 -48.31 8.59 -3.10
N PRO H 273 -48.69 8.80 -4.37
CA PRO H 273 -49.18 7.66 -5.16
C PRO H 273 -48.13 6.55 -5.39
N LEU H 274 -46.83 6.87 -5.33
CA LEU H 274 -45.83 5.80 -5.34
C LEU H 274 -45.93 4.94 -4.08
N ILE H 275 -46.01 5.58 -2.92
CA ILE H 275 -46.08 4.84 -1.66
C ILE H 275 -47.39 4.05 -1.58
N GLN H 276 -48.47 4.63 -2.11
CA GLN H 276 -49.75 3.94 -2.19
C GLN H 276 -49.64 2.67 -3.01
N ARG H 277 -48.93 2.75 -4.14
CA ARG H 277 -48.67 1.57 -4.97
C ARG H 277 -47.76 0.57 -4.28
N MET H 278 -46.83 1.07 -3.47
CA MET H 278 -45.95 0.18 -2.72
C MET H 278 -46.77 -0.64 -1.73
N ASP H 279 -47.70 0.00 -1.02
CA ASP H 279 -48.52 -0.69 -0.03
C ASP H 279 -49.41 -1.73 -0.67
N TYR H 280 -50.08 -1.37 -1.76
CA TYR H 280 -51.02 -2.30 -2.40
C TYR H 280 -50.33 -3.51 -3.02
N THR H 281 -49.12 -3.32 -3.56
CA THR H 281 -48.32 -4.46 -4.05
C THR H 281 -47.87 -5.32 -2.88
N TRP H 282 -47.37 -4.68 -1.82
CA TRP H 282 -46.87 -5.37 -0.64
C TRP H 282 -47.93 -6.31 -0.07
N GLU H 283 -49.17 -5.83 0.05
CA GLU H 283 -50.29 -6.59 0.57
C GLU H 283 -50.31 -7.99 -0.01
N THR H 284 -49.99 -8.13 -1.31
CA THR H 284 -49.90 -9.44 -1.92
C THR H 284 -48.52 -10.10 -1.75
N LEU H 285 -47.45 -9.34 -1.90
CA LEU H 285 -46.13 -9.91 -2.09
C LEU H 285 -45.23 -9.77 -0.88
N ARG H 286 -45.80 -9.37 0.26
CA ARG H 286 -45.02 -9.17 1.47
C ARG H 286 -44.19 -10.41 1.83
N GLY H 287 -44.63 -11.59 1.39
CA GLY H 287 -43.93 -12.81 1.74
C GLY H 287 -42.51 -12.88 1.20
N GLU H 288 -42.18 -12.05 0.20
CA GLU H 288 -40.82 -12.00 -0.32
C GLU H 288 -39.85 -11.29 0.63
N LEU H 289 -40.35 -10.40 1.50
CA LEU H 289 -39.44 -9.77 2.44
C LEU H 289 -39.91 -10.01 3.86
N PRO H 290 -39.58 -11.23 4.30
CA PRO H 290 -40.04 -11.68 5.61
C PRO H 290 -39.45 -10.89 6.79
N ASP H 291 -38.36 -10.16 6.60
CA ASP H 291 -37.78 -9.41 7.68
C ASP H 291 -38.28 -7.97 7.75
N LEU H 292 -38.96 -7.45 6.73
CA LEU H 292 -39.42 -6.07 6.80
C LEU H 292 -40.49 -5.97 7.88
N GLN H 293 -40.20 -5.21 8.94
CA GLN H 293 -41.03 -5.26 10.14
C GLN H 293 -42.38 -4.55 9.96
N ARG H 294 -42.41 -3.41 9.26
CA ARG H 294 -43.61 -2.58 9.21
C ARG H 294 -44.21 -2.59 7.81
N LYS H 295 -45.46 -2.17 7.72
CA LYS H 295 -46.00 -1.89 6.39
C LYS H 295 -45.15 -0.79 5.76
N PRO H 296 -44.79 -0.91 4.49
CA PRO H 296 -43.89 0.08 3.87
C PRO H 296 -44.27 1.54 4.09
N SER H 297 -45.55 1.93 4.01
CA SER H 297 -45.93 3.33 4.18
C SER H 297 -45.69 3.82 5.60
N GLU H 298 -45.72 2.92 6.57
CA GLU H 298 -45.55 3.27 7.97
C GLU H 298 -44.14 3.75 8.28
N TYR H 299 -43.21 3.66 7.32
CA TYR H 299 -41.86 4.13 7.52
C TYR H 299 -41.66 5.59 7.20
N ILE H 300 -42.65 6.24 6.58
CA ILE H 300 -42.43 7.57 6.05
C ILE H 300 -42.29 8.60 7.18
N ARG H 301 -43.17 8.53 8.18
CA ARG H 301 -43.22 9.59 9.19
C ARG H 301 -41.94 9.67 10.01
N ASP H 302 -41.34 8.53 10.31
CA ASP H 302 -40.13 8.50 11.13
C ASP H 302 -38.83 8.70 10.35
N HIS H 303 -38.85 8.53 9.02
CA HIS H 303 -37.59 8.36 8.29
C HIS H 303 -37.44 9.15 6.99
N ILE H 304 -38.51 9.54 6.31
CA ILE H 304 -38.40 10.04 4.95
C ILE H 304 -38.98 11.44 4.90
N TRP H 305 -38.12 12.42 4.61
CA TRP H 305 -38.47 13.82 4.46
C TRP H 305 -38.28 14.22 3.00
N ALA H 306 -38.94 15.32 2.62
CA ALA H 306 -38.89 15.81 1.26
C ALA H 306 -38.90 17.34 1.27
N SER H 307 -38.10 17.94 0.41
CA SER H 307 -38.11 19.39 0.24
C SER H 307 -39.03 19.77 -0.93
N THR H 308 -39.47 21.04 -0.91
CA THR H 308 -40.57 21.45 -1.77
C THR H 308 -40.10 21.86 -3.16
N GLN H 309 -39.02 22.63 -3.25
CA GLN H 309 -38.64 23.20 -4.54
C GLN H 309 -38.19 22.10 -5.50
N PRO H 310 -38.70 22.07 -6.74
CA PRO H 310 -39.64 23.09 -7.25
C PRO H 310 -41.09 22.72 -6.95
N ILE H 311 -41.79 23.53 -6.17
CA ILE H 311 -43.16 23.27 -5.69
C ILE H 311 -43.99 22.57 -6.74
N ASP H 312 -44.74 21.56 -6.33
CA ASP H 312 -45.65 20.93 -7.25
C ASP H 312 -46.74 21.92 -7.62
N GLU H 313 -47.33 21.72 -8.79
CA GLU H 313 -48.24 22.68 -9.38
C GLU H 313 -49.37 21.91 -10.04
N PRO H 314 -50.34 21.44 -9.25
CA PRO H 314 -51.50 20.76 -9.81
C PRO H 314 -52.33 21.72 -10.64
N GLU H 315 -53.24 21.16 -11.42
CA GLU H 315 -54.12 22.03 -12.17
C GLU H 315 -55.19 22.64 -11.27
N LYS H 316 -55.58 21.94 -10.21
CA LYS H 316 -56.42 22.50 -9.15
C LYS H 316 -55.60 22.57 -7.87
N PRO H 317 -55.31 23.78 -7.38
CA PRO H 317 -54.32 23.91 -6.29
C PRO H 317 -54.71 23.24 -4.98
N GLU H 318 -55.97 22.85 -4.80
CA GLU H 318 -56.32 22.08 -3.61
C GLU H 318 -55.68 20.69 -3.63
N HIS H 319 -55.35 20.17 -4.81
CA HIS H 319 -54.66 18.89 -4.90
C HIS H 319 -53.27 18.91 -4.28
N LEU H 320 -52.68 20.11 -4.09
CA LEU H 320 -51.34 20.19 -3.52
C LEU H 320 -51.33 19.68 -2.08
N ALA H 321 -52.12 20.31 -1.20
CA ALA H 321 -52.14 19.91 0.21
C ALA H 321 -52.66 18.48 0.39
N GLU H 322 -53.58 18.04 -0.46
CA GLU H 322 -54.07 16.67 -0.41
C GLU H 322 -52.94 15.68 -0.59
N LEU H 323 -52.08 15.90 -1.58
CA LEU H 323 -51.02 14.95 -1.86
C LEU H 323 -49.88 15.05 -0.86
N LEU H 324 -49.50 16.25 -0.43
CA LEU H 324 -48.50 16.39 0.62
C LEU H 324 -48.93 15.67 1.89
N GLU H 325 -50.21 15.80 2.26
CA GLU H 325 -50.69 15.09 3.44
C GLU H 325 -50.66 13.59 3.22
N GLU H 326 -51.02 13.14 2.00
CA GLU H 326 -50.99 11.71 1.70
C GLU H 326 -49.55 11.18 1.74
N PHE H 327 -48.59 11.98 1.26
CA PHE H 327 -47.19 11.73 1.54
C PHE H 327 -47.00 11.71 3.06
N CSO H 328 -47.00 12.89 3.68
CA CSO H 328 -46.91 13.05 5.15
CB CSO H 328 -45.76 12.22 5.76
SG CSO H 328 -45.61 12.57 7.56
C CSO H 328 -46.69 14.52 5.45
O CSO H 328 -45.64 15.08 5.10
N GLY H 329 -47.67 15.12 6.10
CA GLY H 329 -47.67 16.54 6.37
C GLY H 329 -46.51 17.07 7.19
N ASP H 330 -46.03 16.26 8.13
CA ASP H 330 -44.95 16.63 9.03
C ASP H 330 -43.58 16.51 8.39
N ASN H 331 -43.48 15.96 7.17
CA ASN H 331 -42.18 15.59 6.62
C ASN H 331 -41.87 16.35 5.35
N VAL H 332 -42.54 17.47 5.12
CA VAL H 332 -42.34 18.34 3.98
C VAL H 332 -41.65 19.61 4.48
N VAL H 333 -40.48 19.89 3.95
CA VAL H 333 -39.63 20.98 4.42
C VAL H 333 -39.44 21.98 3.29
N PHE H 334 -39.65 23.26 3.56
CA PHE H 334 -39.48 24.28 2.53
C PHE H 334 -38.01 24.44 2.15
N ALA H 335 -37.78 24.67 0.86
CA ALA H 335 -36.46 25.08 0.37
C ALA H 335 -36.63 26.04 -0.79
N THR H 336 -35.61 26.90 -0.97
CA THR H 336 -35.53 27.80 -2.13
C THR H 336 -34.83 27.16 -3.32
N ASP H 337 -33.66 26.58 -3.07
CA ASP H 337 -32.75 26.01 -4.04
C ASP H 337 -32.00 27.17 -4.70
N TYR H 338 -31.94 28.28 -3.96
CA TYR H 338 -31.18 29.43 -4.41
C TYR H 338 -29.78 28.97 -4.81
N PRO H 339 -29.19 29.52 -5.89
CA PRO H 339 -29.65 30.61 -6.76
C PRO H 339 -30.04 30.16 -8.15
N HIS H 340 -30.81 29.10 -8.25
CA HIS H 340 -31.10 28.47 -9.54
C HIS H 340 -32.26 29.19 -10.25
N PHE H 341 -32.65 28.67 -11.41
CA PHE H 341 -33.63 29.33 -12.25
C PHE H 341 -35.06 28.99 -11.88
N ASP H 342 -35.30 27.80 -11.32
CA ASP H 342 -36.64 27.44 -10.84
C ASP H 342 -36.81 27.71 -9.35
N PHE H 343 -36.09 28.71 -8.84
CA PHE H 343 -36.16 29.14 -7.45
C PHE H 343 -37.60 29.38 -7.00
N ASP H 344 -37.87 29.00 -5.75
CA ASP H 344 -39.17 29.18 -5.11
C ASP H 344 -39.07 30.26 -4.05
N ASP H 345 -40.03 31.20 -4.07
CA ASP H 345 -40.12 32.27 -3.09
C ASP H 345 -41.11 31.87 -1.99
N PRO H 346 -40.73 31.98 -0.71
CA PRO H 346 -41.64 31.52 0.35
C PRO H 346 -42.95 32.29 0.38
N GLU H 347 -42.98 33.48 -0.23
CA GLU H 347 -44.20 34.27 -0.26
C GLU H 347 -45.13 33.86 -1.40
N THR H 348 -44.59 33.31 -2.48
CA THR H 348 -45.35 32.98 -3.68
C THR H 348 -45.48 31.49 -3.95
N ALA H 349 -44.81 30.63 -3.19
CA ALA H 349 -44.73 29.21 -3.57
C ALA H 349 -46.06 28.50 -3.35
N PHE H 350 -46.87 28.94 -2.35
CA PHE H 350 -48.00 28.07 -2.05
C PHE H 350 -49.28 28.62 -2.64
N PRO H 351 -50.15 27.73 -3.09
CA PRO H 351 -51.40 28.15 -3.71
C PRO H 351 -52.23 29.09 -2.86
N ARG H 352 -53.18 29.74 -3.54
CA ARG H 352 -54.11 30.68 -2.91
C ARG H 352 -54.68 30.11 -1.61
N SER H 353 -55.27 28.91 -1.68
CA SER H 353 -55.99 28.33 -0.58
C SER H 353 -55.20 27.24 0.15
N PHE H 354 -53.87 27.31 0.10
CA PHE H 354 -53.07 26.34 0.84
C PHE H 354 -53.30 26.53 2.34
N PRO H 355 -53.57 25.46 3.10
CA PRO H 355 -53.86 25.62 4.53
C PRO H 355 -52.76 26.41 5.23
N VAL H 356 -53.18 27.23 6.18
CA VAL H 356 -52.26 28.17 6.82
C VAL H 356 -51.33 27.45 7.76
N ASP H 357 -51.77 26.32 8.31
CA ASP H 357 -50.96 25.61 9.28
C ASP H 357 -50.04 24.57 8.64
N LEU H 358 -50.50 23.90 7.59
CA LEU H 358 -49.57 23.09 6.82
C LEU H 358 -48.41 23.95 6.32
N ARG H 359 -48.71 25.14 5.83
CA ARG H 359 -47.68 26.02 5.31
C ARG H 359 -46.70 26.41 6.41
N ASP H 360 -47.20 26.73 7.61
CA ASP H 360 -46.30 27.24 8.66
CA ASP H 360 -46.30 27.26 8.64
C ASP H 360 -45.27 26.21 9.06
N LYS H 361 -45.71 24.97 9.29
CA LYS H 361 -44.75 23.97 9.74
C LYS H 361 -43.90 23.43 8.60
N ILE H 362 -44.34 23.60 7.35
CA ILE H 362 -43.44 23.36 6.23
C ILE H 362 -42.28 24.36 6.24
N LEU H 363 -42.58 25.61 6.59
CA LEU H 363 -41.55 26.65 6.64
C LEU H 363 -40.69 26.58 7.90
N ARG H 364 -41.21 25.98 8.98
CA ARG H 364 -40.49 25.99 10.25
C ARG H 364 -40.43 24.60 10.89
N GLY H 365 -41.52 24.16 11.52
CA GLY H 365 -41.45 23.02 12.43
C GLY H 365 -40.94 21.74 11.78
N ASN H 366 -41.41 21.45 10.56
CA ASN H 366 -41.02 20.20 9.90
C ASN H 366 -39.50 20.07 9.78
N GLY H 367 -38.85 21.14 9.28
CA GLY H 367 -37.41 21.10 9.12
C GLY H 367 -36.65 21.18 10.44
N MET H 368 -37.23 21.86 11.44
CA MET H 368 -36.64 21.88 12.78
C MET H 368 -36.56 20.49 13.40
N ARG H 369 -37.46 19.58 12.96
CA ARG H 369 -37.50 18.19 13.40
C ARG H 369 -36.52 17.32 12.61
N PHE H 370 -36.34 17.61 11.33
CA PHE H 370 -35.42 16.82 10.54
C PHE H 370 -33.99 17.02 11.04
N PHE H 371 -33.56 18.27 11.07
CA PHE H 371 -32.18 18.61 11.40
C PHE H 371 -31.89 18.56 12.88
N GLY H 372 -32.85 18.11 13.68
CA GLY H 372 -32.65 17.97 15.11
C GLY H 372 -32.54 19.29 15.84
N VAL H 373 -33.36 20.27 15.45
CA VAL H 373 -33.31 21.59 16.07
C VAL H 373 -34.32 21.63 17.21
N THR H 374 -33.84 21.98 18.40
CA THR H 374 -34.70 21.95 19.58
C THR H 374 -34.97 23.37 20.08
FE FE I . 29.13 21.01 1.63
C1 GOL J . 12.58 14.37 32.85
O1 GOL J . 11.23 14.57 33.22
C2 GOL J . 12.99 12.91 33.19
O2 GOL J . 12.42 12.48 34.37
C3 GOL J . 12.47 12.03 32.02
O3 GOL J . 12.30 10.69 32.54
FE FE K . 9.76 13.06 32.62
FE FE L . 6.65 11.61 30.85
MG MG M . 4.94 7.18 -7.20
FE FE N . -5.97 9.41 -33.31
C1 GOL O . -19.44 -22.67 -22.93
O1 GOL O . -18.46 -23.64 -22.67
C2 GOL O . -19.34 -21.63 -21.79
O2 GOL O . -18.59 -22.12 -20.72
C3 GOL O . -20.80 -21.41 -21.32
O3 GOL O . -20.91 -22.01 -20.03
FE FE P . -17.44 -23.73 -20.39
FE FE Q . -15.43 -23.54 -16.76
FE FE R . 35.98 -13.51 38.67
FE FE S . 32.92 -18.64 1.03
FE FE T . 35.69 -16.53 1.07
FE FE U . -51.36 -7.77 -17.27
FE FE V . -30.88 22.24 -5.60
FE FE W . -31.66 22.92 -9.24
#